data_9JVZ
#
_entry.id   9JVZ
#
_cell.length_a   1.00
_cell.length_b   1.00
_cell.length_c   1.00
_cell.angle_alpha   90.00
_cell.angle_beta   90.00
_cell.angle_gamma   90.00
#
_symmetry.space_group_name_H-M   'P 1'
#
loop_
_entity.id
_entity.type
_entity.pdbx_description
1 polymer 'ATP-dependent Clp protease proteolytic subunit 1'
2 polymer 'ATP-dependent Clp protease proteolytic subunit 2'
3 non-polymer N-[(1R)-1-(DIHYDROXYBORYL)-3-METHYLBUTYL]-N-(PYRAZIN-2-YLCARBONYL)-L-PHENYLALANINAMIDE
#
loop_
_entity_poly.entity_id
_entity_poly.type
_entity_poly.pdbx_seq_one_letter_code
_entity_poly.pdbx_strand_id
1 'polypeptide(L)'
;SLTDSVYERLLSERIIFLGSEVNDEIANRLCAQILLLAAEDASKDISLYINSPGGSISAGMAIYDTMVLAPCDIATYAMG
MAASMGEFLLAAGTKGKRYALPHARILMHQPLGGVTGSAADIAIQAEQFAVIKKEMFRLNAEFTGQPIERIEADSDRDRW
FTAAEALEYGFVDHIITR
;
A,B,C,D,E,F,H
2 'polypeptide(L)'
;LPSFIEHSSFGVKESNPYNKLFEERIIFLGVQVDDASANDIMAQLLVLESLDPDRDITMYINSPGGGFTSLMAIYDTMQY
VRADIQTVCLGQAASAAAVLLAAGTPGKRMALPNARVLIHQPSLSGVIQGQFSDLEIQAAEIERMRTLMETTLARHTGKD
AGVIRKDTDRDKILTAEEAKDYGIIDTVLEYRKLS
;
G,I,J,K,L,M,N
#
loop_
_chem_comp.id
_chem_comp.type
_chem_comp.name
_chem_comp.formula
BO2 non-polymer N-[(1R)-1-(DIHYDROXYBORYL)-3-METHYLBUTYL]-N-(PYRAZIN-2-YLCARBONYL)-L-PHENYLALANINAMIDE 'C19 H25 B N4 O4'
#
# COMPACT_ATOMS: atom_id res chain seq x y z
N SER A 1 15.26 5.29 28.74
CA SER A 1 15.45 6.28 27.69
C SER A 1 16.34 7.43 28.17
N LEU A 2 17.33 7.78 27.34
CA LEU A 2 18.24 8.86 27.69
C LEU A 2 17.56 10.21 27.61
N THR A 3 16.72 10.41 26.58
CA THR A 3 16.03 11.68 26.40
C THR A 3 15.06 11.95 27.54
N ASP A 4 14.25 10.94 27.90
CA ASP A 4 13.37 11.08 29.06
C ASP A 4 14.16 11.28 30.35
N SER A 5 15.33 10.65 30.45
CA SER A 5 16.14 10.79 31.66
C SER A 5 16.64 12.23 31.82
N VAL A 6 17.19 12.81 30.76
CA VAL A 6 17.67 14.19 30.87
C VAL A 6 16.50 15.16 30.98
N TYR A 7 15.35 14.81 30.41
CA TYR A 7 14.17 15.66 30.57
C TYR A 7 13.68 15.66 32.01
N GLU A 8 13.67 14.51 32.67
CA GLU A 8 13.27 14.48 34.09
C GLU A 8 14.33 15.14 34.97
N ARG A 9 15.61 14.99 34.61
CA ARG A 9 16.66 15.64 35.39
C ARG A 9 16.59 17.16 35.27
N LEU A 10 16.18 17.68 34.11
CA LEU A 10 15.98 19.12 33.99
C LEU A 10 14.63 19.56 34.54
N LEU A 11 13.66 18.65 34.61
CA LEU A 11 12.41 18.94 35.30
C LEU A 11 12.63 19.08 36.79
N SER A 12 13.57 18.31 37.35
CA SER A 12 13.94 18.50 38.75
C SER A 12 14.58 19.86 38.97
N GLU A 13 15.20 20.42 37.93
CA GLU A 13 15.75 21.76 37.98
C GLU A 13 14.79 22.81 37.43
N ARG A 14 13.51 22.45 37.28
CA ARG A 14 12.45 23.34 36.81
C ARG A 14 12.73 23.89 35.41
N ILE A 15 13.17 23.02 34.51
CA ILE A 15 13.41 23.36 33.11
C ILE A 15 12.61 22.38 32.26
N ILE A 16 11.52 22.85 31.66
CA ILE A 16 10.68 22.02 30.79
C ILE A 16 10.96 22.38 29.34
N PHE A 17 10.54 21.50 28.43
CA PHE A 17 10.87 21.61 27.02
C PHE A 17 9.63 21.40 26.17
N LEU A 18 9.34 22.37 25.29
CA LEU A 18 8.35 22.20 24.24
C LEU A 18 9.10 21.93 22.93
N GLY A 19 9.53 20.68 22.78
CA GLY A 19 10.45 20.30 21.73
C GLY A 19 9.87 19.59 20.53
N SER A 20 8.56 19.62 20.33
CA SER A 20 7.94 18.96 19.20
C SER A 20 6.71 19.75 18.77
N GLU A 21 5.95 19.20 17.83
CA GLU A 21 4.69 19.82 17.43
C GLU A 21 3.70 19.78 18.58
N VAL A 22 3.01 20.89 18.79
CA VAL A 22 2.14 21.04 19.96
C VAL A 22 0.82 20.34 19.67
N ASN A 23 0.76 19.05 19.98
CA ASN A 23 -0.48 18.29 19.94
C ASN A 23 -1.01 18.13 21.36
N ASP A 24 -2.17 17.49 21.48
CA ASP A 24 -2.84 17.41 22.78
C ASP A 24 -2.05 16.58 23.79
N GLU A 25 -1.32 15.55 23.32
CA GLU A 25 -0.57 14.69 24.23
C GLU A 25 0.63 15.40 24.84
N ILE A 26 1.45 16.03 23.99
CA ILE A 26 2.58 16.82 24.47
C ILE A 26 2.10 17.99 25.32
N ALA A 27 0.94 18.55 24.97
CA ALA A 27 0.37 19.63 25.76
C ALA A 27 0.00 19.16 27.16
N ASN A 28 -0.65 17.99 27.27
CA ASN A 28 -0.98 17.48 28.61
C ASN A 28 0.27 17.11 29.39
N ARG A 29 1.31 16.62 28.71
CA ARG A 29 2.57 16.37 29.38
C ARG A 29 3.16 17.67 29.95
N LEU A 30 3.13 18.73 29.15
CA LEU A 30 3.69 20.01 29.61
C LEU A 30 2.86 20.61 30.74
N CYS A 31 1.53 20.50 30.66
CA CYS A 31 0.68 20.99 31.74
C CYS A 31 0.87 20.18 33.02
N ALA A 32 1.09 18.86 32.88
CA ALA A 32 1.38 18.05 34.06
C ALA A 32 2.71 18.44 34.68
N GLN A 33 3.72 18.72 33.85
CA GLN A 33 5.00 19.18 34.37
C GLN A 33 4.86 20.53 35.07
N ILE A 34 4.08 21.44 34.50
CA ILE A 34 3.85 22.75 35.11
C ILE A 34 3.12 22.62 36.44
N LEU A 35 2.09 21.77 36.49
CA LEU A 35 1.36 21.56 37.73
C LEU A 35 2.23 20.91 38.79
N LEU A 36 3.10 19.98 38.40
CA LEU A 36 4.03 19.38 39.35
C LEU A 36 5.02 20.40 39.88
N LEU A 37 5.57 21.24 39.01
CA LEU A 37 6.53 22.25 39.45
C LEU A 37 5.86 23.32 40.32
N ALA A 38 4.58 23.60 40.07
CA ALA A 38 3.86 24.54 40.91
C ALA A 38 3.51 23.92 42.26
N ALA A 39 3.27 22.60 42.31
CA ALA A 39 3.00 21.94 43.57
C ALA A 39 4.29 21.78 44.39
N GLU A 40 5.44 21.65 43.74
CA GLU A 40 6.71 21.56 44.46
C GLU A 40 7.09 22.90 45.08
N ASP A 41 7.17 23.94 44.26
CA ASP A 41 7.54 25.28 44.71
C ASP A 41 6.79 26.28 43.85
N ALA A 42 5.93 27.09 44.47
CA ALA A 42 5.13 28.06 43.74
C ALA A 42 5.78 29.43 43.63
N SER A 43 7.04 29.56 44.06
CA SER A 43 7.74 30.85 44.04
C SER A 43 8.96 30.85 43.15
N LYS A 44 9.34 29.69 42.61
CA LYS A 44 10.51 29.59 41.75
C LYS A 44 10.08 29.55 40.29
N ASP A 45 10.92 30.10 39.41
CA ASP A 45 10.54 30.24 38.01
C ASP A 45 10.53 28.88 37.31
N ILE A 46 9.61 28.72 36.37
CA ILE A 46 9.57 27.56 35.49
C ILE A 46 10.11 27.97 34.13
N SER A 47 11.22 27.36 33.72
CA SER A 47 11.87 27.68 32.46
C SER A 47 11.32 26.75 31.38
N LEU A 48 10.66 27.34 30.37
CA LEU A 48 10.08 26.58 29.27
C LEU A 48 10.85 26.91 28.00
N TYR A 49 11.72 26.00 27.58
CA TYR A 49 12.45 26.15 26.33
C TYR A 49 11.58 25.62 25.19
N ILE A 50 11.31 26.46 24.20
CA ILE A 50 10.35 26.16 23.14
C ILE A 50 11.12 26.01 21.84
N ASN A 51 11.15 24.78 21.31
CA ASN A 51 11.61 24.50 19.96
C ASN A 51 10.49 23.70 19.28
N SER A 52 9.51 24.41 18.73
CA SER A 52 8.29 23.79 18.25
C SER A 52 7.92 24.28 16.86
N PRO A 53 7.47 23.40 15.97
CA PRO A 53 7.01 23.84 14.65
C PRO A 53 5.53 24.22 14.62
N GLY A 54 4.93 24.48 15.78
CA GLY A 54 3.53 24.80 15.87
C GLY A 54 2.71 23.64 16.43
N GLY A 55 1.42 23.62 16.10
CA GLY A 55 0.58 22.52 16.49
C GLY A 55 -0.87 22.97 16.64
N SER A 56 -1.55 22.38 17.63
CA SER A 56 -2.98 22.69 17.90
C SER A 56 -3.14 23.95 18.75
N ILE A 57 -4.20 24.72 18.50
CA ILE A 57 -4.51 25.91 19.34
C ILE A 57 -5.04 25.41 20.68
N SER A 58 -6.07 24.57 20.64
CA SER A 58 -6.61 23.99 21.90
C SER A 58 -5.45 23.55 22.78
N ALA A 59 -4.51 22.80 22.21
CA ALA A 59 -3.33 22.38 22.97
C ALA A 59 -2.56 23.60 23.48
N GLY A 60 -2.34 24.58 22.61
CA GLY A 60 -1.71 25.82 23.02
C GLY A 60 -2.52 26.58 24.05
N MET A 61 -3.86 26.52 23.93
CA MET A 61 -4.70 27.16 24.94
C MET A 61 -4.56 26.50 26.30
N ALA A 62 -4.49 25.16 26.32
CA ALA A 62 -4.29 24.43 27.57
C ALA A 62 -2.95 24.78 28.20
N ILE A 63 -1.88 24.77 27.40
CA ILE A 63 -0.56 25.10 27.90
C ILE A 63 -0.52 26.54 28.42
N TYR A 64 -1.16 27.46 27.69
CA TYR A 64 -1.18 28.86 28.09
C TYR A 64 -1.92 29.06 29.41
N ASP A 65 -3.09 28.43 29.55
CA ASP A 65 -3.85 28.55 30.79
C ASP A 65 -3.09 27.96 31.97
N THR A 66 -2.44 26.80 31.76
CA THR A 66 -1.60 26.22 32.80
C THR A 66 -0.41 27.11 33.12
N MET A 67 0.07 27.88 32.14
CA MET A 67 1.21 28.77 32.39
C MET A 67 0.81 29.95 33.26
N VAL A 68 -0.30 30.59 32.88
CA VAL A 68 -0.80 31.79 33.62
C VAL A 68 -1.25 31.38 35.02
N LEU A 69 -2.21 30.46 35.11
CA LEU A 69 -2.79 30.10 36.44
C LEU A 69 -1.71 29.52 37.34
N ALA A 70 -0.59 29.06 36.78
CA ALA A 70 0.52 28.58 37.63
C ALA A 70 1.05 29.76 38.47
N PRO A 71 1.13 29.63 39.81
CA PRO A 71 1.62 30.71 40.66
C PRO A 71 3.03 31.12 40.21
N CYS A 72 3.82 30.17 39.74
CA CYS A 72 5.18 30.45 39.30
C CYS A 72 5.17 31.32 38.05
N ASP A 73 6.22 32.13 37.91
CA ASP A 73 6.37 32.98 36.72
C ASP A 73 7.06 32.17 35.62
N ILE A 74 6.33 31.92 34.54
CA ILE A 74 6.80 31.04 33.46
C ILE A 74 7.74 31.84 32.58
N ALA A 75 9.03 31.57 32.68
CA ALA A 75 10.03 32.20 31.83
C ALA A 75 10.17 31.36 30.56
N THR A 76 9.73 31.91 29.44
CA THR A 76 9.82 31.21 28.17
C THR A 76 11.12 31.57 27.46
N TYR A 77 11.66 30.60 26.72
CA TYR A 77 12.94 30.73 26.03
C TYR A 77 12.76 30.26 24.59
N ALA A 78 12.74 31.21 23.65
CA ALA A 78 12.71 30.87 22.24
C ALA A 78 14.03 30.21 21.85
N MET A 79 13.99 28.92 21.58
CA MET A 79 15.19 28.12 21.31
C MET A 79 15.11 27.58 19.89
N GLY A 80 15.73 28.29 18.95
CA GLY A 80 15.80 27.84 17.58
C GLY A 80 14.57 28.15 16.74
N MET A 81 13.44 27.54 17.09
CA MET A 81 12.21 27.70 16.32
C MET A 81 11.05 27.95 17.26
N ALA A 82 10.26 28.98 16.99
CA ALA A 82 9.01 29.25 17.68
C ALA A 82 7.98 29.62 16.61
N ALA A 83 7.28 28.61 16.12
CA ALA A 83 6.35 28.88 15.04
C ALA A 83 4.94 28.70 15.57
N SER A 84 4.00 29.49 15.05
CA SER A 84 2.57 29.32 15.41
C SER A 84 2.40 29.23 16.93
N MET A 85 2.06 28.06 17.45
CA MET A 85 1.79 27.86 18.89
C MET A 85 3.11 27.96 19.67
N GLY A 86 4.27 27.73 19.03
CA GLY A 86 5.50 27.97 19.77
C GLY A 86 5.67 29.44 20.12
N GLU A 87 5.46 30.34 19.15
CA GLU A 87 5.57 31.77 19.45
C GLU A 87 4.43 32.24 20.34
N PHE A 88 3.24 31.63 20.22
CA PHE A 88 2.13 32.03 21.07
C PHE A 88 2.41 31.68 22.53
N LEU A 89 3.02 30.52 22.76
CA LEU A 89 3.34 30.12 24.13
C LEU A 89 4.62 30.79 24.61
N LEU A 90 5.49 31.21 23.70
CA LEU A 90 6.68 31.97 24.08
C LEU A 90 6.30 33.37 24.56
N ALA A 91 5.46 34.05 23.79
CA ALA A 91 4.98 35.38 24.21
C ALA A 91 4.00 35.29 25.38
N ALA A 92 3.48 34.10 25.67
CA ALA A 92 2.58 33.89 26.79
C ALA A 92 3.29 33.92 28.14
N GLY A 93 4.61 33.98 28.16
CA GLY A 93 5.35 34.00 29.41
C GLY A 93 5.16 35.28 30.19
N THR A 94 5.76 35.29 31.37
CA THR A 94 5.67 36.45 32.25
C THR A 94 6.41 37.64 31.65
N LYS A 95 5.80 38.82 31.76
CA LYS A 95 6.41 40.03 31.22
C LYS A 95 7.70 40.36 31.97
N GLY A 96 8.74 40.68 31.21
CA GLY A 96 10.07 40.85 31.76
C GLY A 96 10.87 39.58 31.89
N LYS A 97 10.26 38.41 31.63
CA LYS A 97 10.95 37.12 31.74
C LYS A 97 10.78 36.27 30.49
N ARG A 98 10.41 36.88 29.37
CA ARG A 98 10.34 36.18 28.09
C ARG A 98 11.63 36.47 27.34
N TYR A 99 12.36 35.41 26.98
CA TYR A 99 13.66 35.54 26.34
C TYR A 99 13.69 34.81 25.01
N ALA A 100 14.58 35.26 24.14
CA ALA A 100 14.86 34.60 22.87
C ALA A 100 16.37 34.40 22.75
N LEU A 101 16.77 33.18 22.40
CA LEU A 101 18.17 32.93 22.10
C LEU A 101 18.56 33.69 20.82
N PRO A 102 19.81 34.15 20.71
CA PRO A 102 20.14 35.16 19.69
C PRO A 102 19.97 34.73 18.25
N HIS A 103 19.72 33.44 17.98
CA HIS A 103 19.53 32.97 16.62
C HIS A 103 18.25 32.15 16.47
N ALA A 104 17.30 32.31 17.38
CA ALA A 104 16.01 31.65 17.25
C ALA A 104 15.17 32.34 16.18
N ARG A 105 14.34 31.54 15.50
CA ARG A 105 13.47 32.03 14.45
C ARG A 105 12.02 31.88 14.88
N ILE A 106 11.27 32.98 14.85
CA ILE A 106 9.94 33.05 15.43
C ILE A 106 8.94 33.32 14.31
N LEU A 107 7.97 32.41 14.14
CA LEU A 107 6.98 32.56 13.05
C LEU A 107 5.61 32.85 13.64
N MET A 108 5.02 34.00 13.31
CA MET A 108 3.65 34.32 13.78
C MET A 108 2.73 34.40 12.56
N HIS A 109 1.85 33.42 12.38
CA HIS A 109 0.89 33.46 11.25
C HIS A 109 -0.53 33.17 11.76
N GLN A 110 -1.54 33.51 10.95
CA GLN A 110 -2.95 33.28 11.36
C GLN A 110 -3.14 31.79 11.61
N PRO A 111 -4.04 31.40 12.54
CA PRO A 111 -4.20 30.00 12.85
C PRO A 111 -4.65 29.29 11.56
N LEU A 112 -4.21 28.05 11.37
CA LEU A 112 -4.63 27.27 10.18
C LEU A 112 -5.55 26.15 10.66
N GLY A 113 -6.24 25.49 9.73
CA GLY A 113 -7.20 24.45 10.16
C GLY A 113 -7.87 23.77 8.98
N GLY A 114 -9.08 23.24 9.19
CA GLY A 114 -9.77 22.53 8.12
C GLY A 114 -11.28 22.56 8.30
N VAL A 115 -12.02 22.62 7.21
CA VAL A 115 -13.48 22.61 7.25
C VAL A 115 -13.97 21.31 6.64
N THR A 116 -15.05 20.78 7.21
CA THR A 116 -15.63 19.53 6.73
C THR A 116 -17.09 19.46 7.17
N GLY A 117 -17.82 18.52 6.58
CA GLY A 117 -19.21 18.34 6.91
C GLY A 117 -20.13 19.13 5.99
N SER A 118 -21.39 19.23 6.41
CA SER A 118 -22.39 19.94 5.64
C SER A 118 -22.16 21.45 5.70
N ALA A 119 -23.00 22.19 4.98
CA ALA A 119 -22.85 23.64 4.90
C ALA A 119 -23.09 24.31 6.26
N ALA A 120 -24.05 23.81 7.04
CA ALA A 120 -24.26 24.35 8.37
C ALA A 120 -23.10 24.01 9.30
N ASP A 121 -22.52 22.81 9.15
CA ASP A 121 -21.36 22.43 9.94
C ASP A 121 -20.16 23.29 9.58
N ILE A 122 -19.95 23.57 8.30
CA ILE A 122 -18.84 24.40 7.88
C ILE A 122 -19.07 25.86 8.30
N ALA A 123 -20.33 26.31 8.33
CA ALA A 123 -20.62 27.65 8.83
C ALA A 123 -20.34 27.76 10.32
N ILE A 124 -20.71 26.73 11.09
CA ILE A 124 -20.40 26.70 12.51
C ILE A 124 -18.89 26.69 12.73
N GLN A 125 -18.16 25.89 11.94
CA GLN A 125 -16.71 25.89 12.00
C GLN A 125 -16.14 27.26 11.61
N ALA A 126 -16.82 27.99 10.73
CA ALA A 126 -16.40 29.34 10.39
C ALA A 126 -16.56 30.29 11.56
N GLU A 127 -17.70 30.25 12.26
CA GLU A 127 -17.84 31.07 13.46
C GLU A 127 -16.77 30.70 14.50
N GLN A 128 -16.51 29.41 14.68
CA GLN A 128 -15.53 28.98 15.66
C GLN A 128 -14.11 29.41 15.26
N PHE A 129 -13.78 29.33 13.97
CA PHE A 129 -12.46 29.75 13.52
C PHE A 129 -12.29 31.26 13.64
N ALA A 130 -13.36 32.02 13.40
CA ALA A 130 -13.29 33.47 13.59
C ALA A 130 -13.08 33.82 15.05
N VAL A 131 -13.80 33.16 15.96
CA VAL A 131 -13.63 33.41 17.39
C VAL A 131 -12.23 33.00 17.84
N ILE A 132 -11.73 31.87 17.33
CA ILE A 132 -10.39 31.40 17.68
C ILE A 132 -9.34 32.40 17.21
N LYS A 133 -9.47 32.89 15.97
CA LYS A 133 -8.50 33.83 15.42
C LYS A 133 -8.55 35.16 16.17
N LYS A 134 -9.75 35.64 16.52
CA LYS A 134 -9.86 36.87 17.27
C LYS A 134 -9.26 36.73 18.66
N GLU A 135 -9.50 35.59 19.32
CA GLU A 135 -8.93 35.37 20.64
C GLU A 135 -7.40 35.28 20.59
N MET A 136 -6.87 34.54 19.62
CA MET A 136 -5.42 34.42 19.48
C MET A 136 -4.78 35.77 19.16
N PHE A 137 -5.44 36.58 18.33
CA PHE A 137 -4.86 37.88 17.97
C PHE A 137 -4.95 38.86 19.13
N ARG A 138 -6.05 38.83 19.89
CA ARG A 138 -6.15 39.66 21.08
C ARG A 138 -5.11 39.27 22.12
N LEU A 139 -4.86 37.96 22.26
CA LEU A 139 -3.86 37.52 23.22
C LEU A 139 -2.45 37.88 22.77
N ASN A 140 -2.16 37.79 21.47
CA ASN A 140 -0.87 38.21 20.96
C ASN A 140 -0.68 39.73 21.10
N ALA A 141 -1.76 40.50 20.96
CA ALA A 141 -1.69 41.93 21.21
C ALA A 141 -1.47 42.23 22.68
N GLU A 142 -2.04 41.41 23.56
CA GLU A 142 -1.79 41.55 24.99
C GLU A 142 -0.34 41.23 25.33
N PHE A 143 0.23 40.22 24.66
CA PHE A 143 1.60 39.82 24.94
C PHE A 143 2.59 40.85 24.41
N THR A 144 2.52 41.15 23.11
CA THR A 144 3.51 42.00 22.46
C THR A 144 3.29 43.48 22.70
N GLY A 145 2.13 43.87 23.22
CA GLY A 145 1.82 45.28 23.39
C GLY A 145 1.48 46.00 22.10
N GLN A 146 1.36 45.29 20.99
CA GLN A 146 1.01 45.86 19.70
C GLN A 146 -0.51 45.96 19.57
N PRO A 147 -1.01 46.83 18.70
CA PRO A 147 -2.44 46.84 18.42
C PRO A 147 -2.90 45.55 17.75
N ILE A 148 -4.16 45.20 17.97
CA ILE A 148 -4.71 43.96 17.43
C ILE A 148 -4.81 44.02 15.90
N GLU A 149 -5.00 45.22 15.35
CA GLU A 149 -5.06 45.36 13.90
C GLU A 149 -3.70 45.10 13.26
N ARG A 150 -2.62 45.55 13.89
CA ARG A 150 -1.28 45.24 13.39
C ARG A 150 -0.99 43.75 13.53
N ILE A 151 -1.46 43.13 14.61
CA ILE A 151 -1.30 41.68 14.78
C ILE A 151 -1.99 40.93 13.65
N GLU A 152 -3.23 41.31 13.33
CA GLU A 152 -3.98 40.61 12.30
C GLU A 152 -3.41 40.88 10.90
N ALA A 153 -2.93 42.10 10.66
CA ALA A 153 -2.35 42.42 9.37
C ALA A 153 -1.01 41.73 9.17
N ASP A 154 -0.26 41.52 10.26
CA ASP A 154 1.03 40.85 10.14
C ASP A 154 0.89 39.34 10.10
N SER A 155 0.00 38.77 10.92
CA SER A 155 -0.21 37.33 10.94
C SER A 155 -1.25 36.87 9.93
N ASP A 156 -1.56 37.68 8.91
CA ASP A 156 -2.42 37.23 7.83
C ASP A 156 -1.78 36.09 7.07
N ARG A 157 -0.46 36.15 6.90
CA ARG A 157 0.33 35.05 6.34
C ARG A 157 1.50 34.79 7.28
N ASP A 158 2.43 33.96 6.81
CA ASP A 158 3.63 33.66 7.59
C ASP A 158 4.45 34.91 7.82
N ARG A 159 4.64 35.28 9.08
CA ARG A 159 5.42 36.46 9.46
C ARG A 159 6.61 36.01 10.28
N TRP A 160 7.82 36.30 9.78
CA TRP A 160 9.04 35.81 10.39
C TRP A 160 9.73 36.90 11.19
N PHE A 161 10.37 36.49 12.29
CA PHE A 161 11.12 37.38 13.16
C PHE A 161 12.40 36.71 13.60
N THR A 162 13.48 37.47 13.64
CA THR A 162 14.71 37.03 14.30
C THR A 162 14.61 37.31 15.79
N ALA A 163 15.74 37.21 16.49
CA ALA A 163 15.76 37.52 17.91
C ALA A 163 15.51 39.01 18.15
N ALA A 164 16.23 39.87 17.44
CA ALA A 164 16.06 41.31 17.62
C ALA A 164 14.71 41.78 17.09
N GLU A 165 14.22 41.17 16.01
CA GLU A 165 12.92 41.54 15.47
C GLU A 165 11.80 41.17 16.43
N ALA A 166 11.90 39.99 17.07
CA ALA A 166 10.90 39.61 18.05
C ALA A 166 11.03 40.42 19.34
N LEU A 167 12.24 40.88 19.66
CA LEU A 167 12.39 41.77 20.80
C LEU A 167 11.75 43.12 20.54
N GLU A 168 11.87 43.61 19.31
CA GLU A 168 11.23 44.86 18.92
C GLU A 168 9.72 44.72 18.83
N TYR A 169 9.23 43.56 18.41
CA TYR A 169 7.79 43.38 18.26
C TYR A 169 7.11 43.18 19.62
N GLY A 170 7.72 42.40 20.50
CA GLY A 170 7.20 42.20 21.85
C GLY A 170 6.97 40.77 22.25
N PHE A 171 7.38 39.78 21.46
CA PHE A 171 7.23 38.38 21.88
C PHE A 171 8.12 38.07 23.07
N VAL A 172 9.33 38.62 23.09
CA VAL A 172 10.27 38.40 24.19
C VAL A 172 10.65 39.76 24.76
N ASP A 173 11.29 39.73 25.94
CA ASP A 173 11.69 40.94 26.63
C ASP A 173 13.19 41.16 26.67
N HIS A 174 13.98 40.10 26.56
CA HIS A 174 15.43 40.23 26.52
C HIS A 174 15.99 39.22 25.52
N ILE A 175 17.19 39.50 25.06
CA ILE A 175 17.95 38.59 24.21
C ILE A 175 19.12 38.10 25.04
N ILE A 176 19.14 36.80 25.34
CA ILE A 176 20.21 36.25 26.15
C ILE A 176 21.51 36.30 25.34
N THR A 177 22.51 37.00 25.87
CA THR A 177 23.82 37.11 25.24
C THR A 177 24.89 36.98 26.31
N ARG A 178 26.00 36.34 25.94
CA ARG A 178 27.14 36.21 26.85
C ARG A 178 28.31 37.05 26.39
N SER B 1 9.34 6.33 31.07
CA SER B 1 8.64 7.39 30.36
C SER B 1 8.44 8.61 31.24
N LEU B 2 8.76 9.79 30.70
CA LEU B 2 8.61 11.03 31.45
C LEU B 2 7.15 11.40 31.64
N THR B 3 6.34 11.20 30.59
CA THR B 3 4.92 11.55 30.67
C THR B 3 4.20 10.67 31.68
N ASP B 4 4.44 9.36 31.65
CA ASP B 4 3.86 8.48 32.65
C ASP B 4 4.38 8.80 34.05
N SER B 5 5.63 9.24 34.15
CA SER B 5 6.21 9.58 35.45
C SER B 5 5.51 10.78 36.06
N VAL B 6 5.32 11.85 35.28
CA VAL B 6 4.66 13.03 35.83
C VAL B 6 3.17 12.76 36.04
N TYR B 7 2.59 11.86 35.23
CA TYR B 7 1.21 11.47 35.43
C TYR B 7 1.02 10.72 36.75
N GLU B 8 1.93 9.79 37.06
CA GLU B 8 1.84 9.09 38.34
C GLU B 8 2.16 10.01 39.51
N ARG B 9 3.08 10.96 39.32
CA ARG B 9 3.39 11.91 40.38
C ARG B 9 2.22 12.84 40.67
N LEU B 10 1.43 13.18 39.65
CA LEU B 10 0.24 13.99 39.89
C LEU B 10 -0.94 13.11 40.34
N LEU B 11 -0.91 11.81 40.02
CA LEU B 11 -1.89 10.89 40.58
C LEU B 11 -1.69 10.71 42.07
N SER B 12 -0.43 10.76 42.53
CA SER B 12 -0.17 10.74 43.96
C SER B 12 -0.72 11.99 44.63
N GLU B 13 -0.82 13.09 43.88
CA GLU B 13 -1.43 14.32 44.36
C GLU B 13 -2.91 14.42 43.98
N ARG B 14 -3.51 13.31 43.55
CA ARG B 14 -4.94 13.23 43.20
C ARG B 14 -5.30 14.17 42.06
N ILE B 15 -4.46 14.22 41.03
CA ILE B 15 -4.71 14.99 39.81
C ILE B 15 -4.61 14.04 38.63
N ILE B 16 -5.75 13.72 38.02
CA ILE B 16 -5.80 12.84 36.87
C ILE B 16 -6.02 13.68 35.61
N PHE B 17 -5.75 13.08 34.45
CA PHE B 17 -5.76 13.79 33.18
C PHE B 17 -6.54 13.00 32.14
N LEU B 18 -7.53 13.64 31.53
CA LEU B 18 -8.19 13.13 30.33
C LEU B 18 -7.62 13.87 29.12
N GLY B 19 -6.43 13.45 28.70
CA GLY B 19 -5.64 14.18 27.74
C GLY B 19 -5.64 13.67 26.31
N SER B 20 -6.56 12.79 25.95
CA SER B 20 -6.62 12.25 24.60
C SER B 20 -8.07 11.98 24.24
N GLU B 21 -8.27 11.34 23.09
CA GLU B 21 -9.61 10.93 22.68
C GLU B 21 -10.13 9.85 23.62
N VAL B 22 -11.39 9.98 24.03
CA VAL B 22 -11.95 9.11 25.05
C VAL B 22 -12.35 7.79 24.41
N ASN B 23 -11.40 6.85 24.35
CA ASN B 23 -11.68 5.49 23.92
C ASN B 23 -11.77 4.60 25.16
N ASP B 24 -12.07 3.31 24.93
CA ASP B 24 -12.32 2.41 26.04
C ASP B 24 -11.07 2.18 26.90
N GLU B 25 -9.88 2.20 26.28
CA GLU B 25 -8.64 1.94 27.02
C GLU B 25 -8.30 3.10 27.97
N ILE B 26 -8.31 4.33 27.45
CA ILE B 26 -8.07 5.51 28.28
C ILE B 26 -9.17 5.65 29.33
N ALA B 27 -10.40 5.25 28.98
CA ALA B 27 -11.49 5.27 29.95
C ALA B 27 -11.24 4.32 31.11
N ASN B 28 -10.80 3.09 30.81
CA ASN B 28 -10.51 2.15 31.89
C ASN B 28 -9.31 2.59 32.71
N ARG B 29 -8.33 3.24 32.07
CA ARG B 29 -7.22 3.81 32.83
C ARG B 29 -7.72 4.89 33.80
N LEU B 30 -8.61 5.77 33.34
CA LEU B 30 -9.13 6.83 34.19
C LEU B 30 -10.00 6.27 35.31
N CYS B 31 -10.82 5.27 35.01
CA CYS B 31 -11.63 4.64 36.06
C CYS B 31 -10.77 3.91 37.07
N ALA B 32 -9.67 3.30 36.63
CA ALA B 32 -8.76 2.66 37.57
C ALA B 32 -8.09 3.69 38.46
N GLN B 33 -7.70 4.84 37.89
CA GLN B 33 -7.13 5.92 38.70
C GLN B 33 -8.14 6.45 39.70
N ILE B 34 -9.40 6.61 39.28
CA ILE B 34 -10.44 7.09 40.18
C ILE B 34 -10.70 6.10 41.31
N LEU B 35 -10.75 4.80 40.98
CA LEU B 35 -10.97 3.78 42.01
C LEU B 35 -9.79 3.71 42.98
N LEU B 36 -8.56 3.87 42.46
CA LEU B 36 -7.40 3.90 43.34
C LEU B 36 -7.43 5.10 44.28
N LEU B 37 -7.76 6.29 43.74
CA LEU B 37 -7.82 7.48 44.58
C LEU B 37 -8.95 7.41 45.59
N ALA B 38 -10.05 6.73 45.25
CA ALA B 38 -11.13 6.54 46.20
C ALA B 38 -10.78 5.52 47.27
N ALA B 39 -9.97 4.52 46.92
CA ALA B 39 -9.52 3.55 47.92
C ALA B 39 -8.45 4.14 48.83
N GLU B 40 -7.65 5.10 48.34
CA GLU B 40 -6.66 5.74 49.18
C GLU B 40 -7.31 6.69 50.19
N ASP B 41 -8.11 7.63 49.70
CA ASP B 41 -8.81 8.61 50.55
C ASP B 41 -10.14 8.93 49.88
N ALA B 42 -11.23 8.63 50.58
CA ALA B 42 -12.57 8.85 50.03
C ALA B 42 -13.15 10.21 50.39
N SER B 43 -12.36 11.10 50.99
CA SER B 43 -12.84 12.40 51.43
C SER B 43 -12.11 13.55 50.76
N LYS B 44 -11.07 13.27 49.98
CA LYS B 44 -10.30 14.30 49.31
C LYS B 44 -10.72 14.38 47.85
N ASP B 45 -10.65 15.58 47.27
CA ASP B 45 -11.15 15.79 45.93
C ASP B 45 -10.23 15.14 44.89
N ILE B 46 -10.84 14.64 43.82
CA ILE B 46 -10.10 14.13 42.66
C ILE B 46 -10.19 15.17 41.56
N SER B 47 -9.04 15.72 41.17
CA SER B 47 -8.98 16.75 40.15
C SER B 47 -8.78 16.08 38.79
N LEU B 48 -9.74 16.25 37.89
CA LEU B 48 -9.70 15.66 36.56
C LEU B 48 -9.57 16.80 35.54
N TYR B 49 -8.36 16.99 35.02
CA TYR B 49 -8.12 17.97 33.98
C TYR B 49 -8.42 17.33 32.62
N ILE B 50 -9.34 17.95 31.87
CA ILE B 50 -9.86 17.37 30.64
C ILE B 50 -9.39 18.20 29.47
N ASN B 51 -8.52 17.61 28.64
CA ASN B 51 -8.14 18.15 27.33
C ASN B 51 -8.38 17.04 26.32
N SER B 52 -9.62 16.92 25.85
CA SER B 52 -10.02 15.78 25.05
C SER B 52 -10.79 16.22 23.81
N PRO B 53 -10.54 15.60 22.66
CA PRO B 53 -11.32 15.91 21.45
C PRO B 53 -12.58 15.08 21.32
N GLY B 54 -13.04 14.47 22.40
CA GLY B 54 -14.21 13.61 22.37
C GLY B 54 -13.85 12.15 22.48
N GLY B 55 -14.74 11.30 21.98
CA GLY B 55 -14.46 9.88 21.93
C GLY B 55 -15.74 9.05 21.99
N SER B 56 -15.65 7.91 22.66
CA SER B 56 -16.81 6.99 22.78
C SER B 56 -17.76 7.42 23.91
N ILE B 57 -19.06 7.17 23.74
CA ILE B 57 -20.05 7.47 24.81
C ILE B 57 -19.91 6.38 25.88
N SER B 58 -19.97 5.12 25.47
CA SER B 58 -19.77 4.01 26.43
C SER B 58 -18.58 4.34 27.33
N ALA B 59 -17.46 4.71 26.72
CA ALA B 59 -16.28 5.10 27.50
C ALA B 59 -16.60 6.26 28.42
N GLY B 60 -17.26 7.29 27.88
CA GLY B 60 -17.72 8.40 28.70
C GLY B 60 -18.70 7.99 29.77
N MET B 61 -19.58 7.01 29.46
CA MET B 61 -20.50 6.50 30.46
C MET B 61 -19.77 5.82 31.60
N ALA B 62 -18.74 5.02 31.27
CA ALA B 62 -17.94 4.35 32.30
C ALA B 62 -17.23 5.37 33.18
N ILE B 63 -16.59 6.38 32.57
CA ILE B 63 -15.89 7.40 33.33
C ILE B 63 -16.87 8.18 34.21
N TYR B 64 -18.05 8.49 33.68
CA TYR B 64 -19.06 9.23 34.43
C TYR B 64 -19.56 8.44 35.63
N ASP B 65 -19.86 7.16 35.43
CA ASP B 65 -20.33 6.32 36.54
C ASP B 65 -19.25 6.17 37.60
N THR B 66 -17.99 5.99 37.18
CA THR B 66 -16.89 5.93 38.14
C THR B 66 -16.71 7.26 38.86
N MET B 67 -17.06 8.38 38.20
CA MET B 67 -16.92 9.68 38.85
C MET B 67 -17.97 9.88 39.93
N VAL B 68 -19.22 9.55 39.60
CA VAL B 68 -20.35 9.76 40.55
C VAL B 68 -20.28 8.75 41.70
N LEU B 69 -20.01 7.48 41.41
CA LEU B 69 -20.07 6.44 42.48
C LEU B 69 -18.87 6.53 43.43
N ALA B 70 -17.76 7.10 43.00
CA ALA B 70 -16.59 7.27 43.91
C ALA B 70 -16.98 8.24 45.03
N PRO B 71 -16.73 7.94 46.33
CA PRO B 71 -17.17 8.86 47.39
C PRO B 71 -16.51 10.23 47.32
N CYS B 72 -15.41 10.37 46.59
CA CYS B 72 -14.76 11.66 46.44
C CYS B 72 -15.54 12.55 45.49
N ASP B 73 -15.45 13.85 45.72
CA ASP B 73 -16.09 14.83 44.84
C ASP B 73 -15.16 15.14 43.67
N ILE B 74 -15.57 14.77 42.47
CA ILE B 74 -14.74 14.86 41.28
C ILE B 74 -14.79 16.30 40.78
N ALA B 75 -13.71 17.04 40.99
CA ALA B 75 -13.59 18.41 40.49
C ALA B 75 -13.02 18.35 39.08
N THR B 76 -13.83 18.69 38.09
CA THR B 76 -13.40 18.69 36.71
C THR B 76 -12.86 20.06 36.32
N TYR B 77 -11.87 20.06 35.44
CA TYR B 77 -11.19 21.27 35.00
C TYR B 77 -11.12 21.25 33.47
N ALA B 78 -11.92 22.10 32.83
CA ALA B 78 -11.84 22.27 31.39
C ALA B 78 -10.53 22.94 31.03
N MET B 79 -9.62 22.18 30.41
CA MET B 79 -8.26 22.62 30.12
C MET B 79 -8.07 22.65 28.61
N GLY B 80 -8.28 23.81 28.00
CA GLY B 80 -8.04 23.97 26.58
C GLY B 80 -9.19 23.50 25.69
N MET B 81 -9.45 22.20 25.69
CA MET B 81 -10.49 21.63 24.83
C MET B 81 -11.34 20.66 25.63
N ALA B 82 -12.66 20.82 25.53
CA ALA B 82 -13.62 19.87 26.08
C ALA B 82 -14.70 19.64 25.02
N ALA B 83 -14.52 18.59 24.25
CA ALA B 83 -15.49 18.42 23.17
C ALA B 83 -16.22 17.09 23.37
N SER B 84 -17.50 17.06 23.05
CA SER B 84 -18.22 15.77 23.07
C SER B 84 -18.11 15.13 24.45
N MET B 85 -17.36 14.04 24.57
CA MET B 85 -17.23 13.32 25.86
C MET B 85 -16.47 14.18 26.88
N GLY B 86 -15.46 14.97 26.49
CA GLY B 86 -14.81 15.92 27.42
C GLY B 86 -15.85 16.77 28.13
N GLU B 87 -16.61 17.57 27.38
CA GLU B 87 -17.63 18.46 27.99
C GLU B 87 -18.57 17.61 28.83
N PHE B 88 -18.97 16.44 28.31
CA PHE B 88 -19.91 15.62 29.07
C PHE B 88 -19.31 15.20 30.41
N LEU B 89 -18.03 14.84 30.40
CA LEU B 89 -17.37 14.45 31.64
C LEU B 89 -16.95 15.65 32.47
N LEU B 90 -16.77 16.81 31.83
CA LEU B 90 -16.50 18.04 32.58
C LEU B 90 -17.73 18.49 33.36
N ALA B 91 -18.88 18.53 32.68
CA ALA B 91 -20.13 18.88 33.36
C ALA B 91 -20.59 17.79 34.32
N ALA B 92 -20.03 16.58 34.20
CA ALA B 92 -20.37 15.48 35.09
C ALA B 92 -19.76 15.62 36.48
N GLY B 93 -18.93 16.63 36.70
CA GLY B 93 -18.31 16.81 38.00
C GLY B 93 -19.29 17.25 39.06
N THR B 94 -18.77 17.36 40.28
CA THR B 94 -19.59 17.76 41.42
C THR B 94 -20.04 19.20 41.27
N LYS B 95 -21.30 19.48 41.61
CA LYS B 95 -21.83 20.82 41.51
C LYS B 95 -21.14 21.75 42.49
N GLY B 96 -20.75 22.93 42.00
CA GLY B 96 -19.92 23.84 42.76
C GLY B 96 -18.44 23.59 42.66
N LYS B 97 -18.02 22.51 42.02
CA LYS B 97 -16.60 22.17 41.88
C LYS B 97 -16.22 21.88 40.43
N ARG B 98 -17.03 22.29 39.47
CA ARG B 98 -16.71 22.17 38.06
C ARG B 98 -16.14 23.51 37.59
N TYR B 99 -14.92 23.48 37.08
CA TYR B 99 -14.20 24.70 36.69
C TYR B 99 -13.79 24.64 35.23
N ALA B 100 -13.61 25.82 34.64
CA ALA B 100 -13.07 25.98 33.31
C ALA B 100 -11.94 26.98 33.35
N LEU B 101 -10.80 26.63 32.75
CA LEU B 101 -9.71 27.57 32.60
C LEU B 101 -10.15 28.69 31.64
N PRO B 102 -9.65 29.92 31.84
CA PRO B 102 -10.29 31.08 31.19
C PRO B 102 -10.24 31.10 29.67
N HIS B 103 -9.49 30.20 29.05
CA HIS B 103 -9.42 30.15 27.59
C HIS B 103 -9.69 28.75 27.04
N ALA B 104 -10.35 27.89 27.81
CA ALA B 104 -10.74 26.59 27.32
C ALA B 104 -11.92 26.70 26.37
N ARG B 105 -11.97 25.80 25.39
CA ARG B 105 -13.02 25.77 24.39
C ARG B 105 -13.83 24.49 24.56
N ILE B 106 -15.14 24.65 24.73
CA ILE B 106 -16.03 23.55 25.08
C ILE B 106 -17.02 23.31 23.95
N LEU B 107 -17.03 22.09 23.43
CA LEU B 107 -17.82 21.73 22.26
C LEU B 107 -18.88 20.71 22.63
N MET B 108 -20.14 21.13 22.67
CA MET B 108 -21.25 20.19 22.96
C MET B 108 -22.01 19.94 21.66
N HIS B 109 -22.08 18.68 21.22
CA HIS B 109 -22.85 18.35 19.98
C HIS B 109 -23.55 17.01 20.16
N GLN B 110 -24.50 16.71 19.28
CA GLN B 110 -25.26 15.44 19.37
C GLN B 110 -24.28 14.27 19.27
N PRO B 111 -24.53 13.13 19.96
CA PRO B 111 -23.66 11.98 19.82
C PRO B 111 -23.57 11.63 18.33
N LEU B 112 -22.38 11.21 17.88
CA LEU B 112 -22.21 10.80 16.47
C LEU B 112 -21.80 9.33 16.47
N GLY B 113 -21.99 8.64 15.34
CA GLY B 113 -21.68 7.20 15.31
C GLY B 113 -21.75 6.63 13.90
N GLY B 114 -22.23 5.38 13.79
CA GLY B 114 -22.28 4.73 12.47
C GLY B 114 -23.30 3.60 12.44
N VAL B 115 -23.96 3.42 11.31
CA VAL B 115 -24.93 2.34 11.14
C VAL B 115 -24.37 1.34 10.14
N THR B 116 -24.64 0.06 10.37
CA THR B 116 -24.16 -1.00 9.50
C THR B 116 -25.04 -2.23 9.70
N GLY B 117 -24.91 -3.18 8.78
CA GLY B 117 -25.68 -4.40 8.83
C GLY B 117 -26.96 -4.32 8.04
N SER B 118 -27.84 -5.29 8.29
CA SER B 118 -29.11 -5.36 7.60
C SER B 118 -30.05 -4.27 8.09
N ALA B 119 -31.24 -4.21 7.48
CA ALA B 119 -32.21 -3.18 7.83
C ALA B 119 -32.71 -3.32 9.26
N ALA B 120 -32.90 -4.55 9.73
CA ALA B 120 -33.30 -4.75 11.12
C ALA B 120 -32.18 -4.37 12.08
N ASP B 121 -30.93 -4.67 11.70
CA ASP B 121 -29.79 -4.28 12.52
C ASP B 121 -29.66 -2.77 12.58
N ILE B 122 -29.86 -2.08 11.46
CA ILE B 122 -29.78 -0.63 11.45
C ILE B 122 -30.95 -0.01 12.21
N ALA B 123 -32.12 -0.65 12.17
CA ALA B 123 -33.25 -0.18 12.97
C ALA B 123 -32.98 -0.33 14.47
N ILE B 124 -32.38 -1.45 14.87
CA ILE B 124 -32.00 -1.66 16.25
C ILE B 124 -30.96 -0.63 16.67
N GLN B 125 -29.98 -0.37 15.81
CA GLN B 125 -29.00 0.68 16.07
C GLN B 125 -29.66 2.05 16.15
N ALA B 126 -30.75 2.26 15.42
CA ALA B 126 -31.49 3.51 15.51
C ALA B 126 -32.18 3.65 16.86
N GLU B 127 -32.83 2.60 17.36
CA GLU B 127 -33.39 2.66 18.70
C GLU B 127 -32.31 2.92 19.74
N GLN B 128 -31.16 2.24 19.60
CA GLN B 128 -30.08 2.42 20.57
C GLN B 128 -29.48 3.82 20.50
N PHE B 129 -29.35 4.38 19.30
CA PHE B 129 -28.82 5.74 19.17
C PHE B 129 -29.80 6.76 19.73
N ALA B 130 -31.10 6.53 19.54
CA ALA B 130 -32.10 7.42 20.11
C ALA B 130 -32.06 7.38 21.64
N VAL B 131 -31.96 6.19 22.22
CA VAL B 131 -31.88 6.07 23.67
C VAL B 131 -30.60 6.70 24.20
N ILE B 132 -29.48 6.49 23.48
CA ILE B 132 -28.21 7.09 23.88
C ILE B 132 -28.29 8.61 23.85
N LYS B 133 -28.86 9.16 22.78
CA LYS B 133 -28.96 10.62 22.66
C LYS B 133 -29.89 11.20 23.71
N LYS B 134 -31.00 10.51 24.00
CA LYS B 134 -31.91 10.99 25.03
C LYS B 134 -31.26 10.95 26.40
N GLU B 135 -30.50 9.88 26.70
CA GLU B 135 -29.82 9.78 27.98
C GLU B 135 -28.73 10.84 28.12
N MET B 136 -27.93 11.05 27.07
CA MET B 136 -26.90 12.08 27.11
C MET B 136 -27.49 13.47 27.27
N PHE B 137 -28.61 13.74 26.60
CA PHE B 137 -29.21 15.05 26.69
C PHE B 137 -29.88 15.28 28.04
N ARG B 138 -30.51 14.25 28.60
CA ARG B 138 -31.07 14.35 29.95
C ARG B 138 -29.97 14.56 30.98
N LEU B 139 -28.83 13.89 30.81
CA LEU B 139 -27.73 14.06 31.74
C LEU B 139 -27.10 15.45 31.61
N ASN B 140 -26.99 15.97 30.39
CA ASN B 140 -26.48 17.33 30.20
C ASN B 140 -27.44 18.36 30.76
N ALA B 141 -28.75 18.09 30.68
CA ALA B 141 -29.73 18.96 31.31
C ALA B 141 -29.64 18.90 32.84
N GLU B 142 -29.33 17.71 33.37
CA GLU B 142 -29.11 17.57 34.80
C GLU B 142 -27.87 18.34 35.25
N PHE B 143 -26.82 18.33 34.42
CA PHE B 143 -25.57 18.99 34.78
C PHE B 143 -25.72 20.50 34.69
N THR B 144 -26.12 21.00 33.53
CA THR B 144 -26.16 22.44 33.28
C THR B 144 -27.37 23.13 33.87
N GLY B 145 -28.38 22.39 34.31
CA GLY B 145 -29.61 22.99 34.79
C GLY B 145 -30.50 23.56 33.72
N GLN B 146 -30.17 23.34 32.46
CA GLN B 146 -30.96 23.82 31.33
C GLN B 146 -32.07 22.81 31.02
N PRO B 147 -33.14 23.24 30.34
CA PRO B 147 -34.14 22.27 29.87
C PRO B 147 -33.56 21.33 28.82
N ILE B 148 -34.13 20.12 28.76
CA ILE B 148 -33.64 19.12 27.83
C ILE B 148 -33.92 19.52 26.39
N GLU B 149 -34.99 20.28 26.15
CA GLU B 149 -35.28 20.74 24.79
C GLU B 149 -34.25 21.74 24.31
N ARG B 150 -33.79 22.64 25.19
CA ARG B 150 -32.72 23.56 24.83
C ARG B 150 -31.41 22.81 24.59
N ILE B 151 -31.16 21.76 25.39
CA ILE B 151 -29.97 20.93 25.19
C ILE B 151 -30.00 20.28 23.81
N GLU B 152 -31.15 19.71 23.43
CA GLU B 152 -31.24 19.02 22.15
C GLU B 152 -31.21 20.00 20.98
N ALA B 153 -31.81 21.19 21.14
CA ALA B 153 -31.79 22.17 20.08
C ALA B 153 -30.41 22.78 19.90
N ASP B 154 -29.64 22.88 20.99
CA ASP B 154 -28.29 23.44 20.88
C ASP B 154 -27.28 22.40 20.41
N SER B 155 -27.37 21.17 20.91
CA SER B 155 -26.45 20.12 20.51
C SER B 155 -26.92 19.35 19.27
N ASP B 156 -27.84 19.92 18.49
CA ASP B 156 -28.20 19.33 17.21
C ASP B 156 -27.00 19.30 16.27
N ARG B 157 -26.18 20.35 16.31
CA ARG B 157 -24.91 20.40 15.60
C ARG B 157 -23.83 20.82 16.58
N ASP B 158 -22.65 21.13 16.05
CA ASP B 158 -21.54 21.57 16.89
C ASP B 158 -21.89 22.90 17.56
N ARG B 159 -21.89 22.90 18.88
CA ARG B 159 -22.19 24.09 19.67
C ARG B 159 -20.97 24.45 20.51
N TRP B 160 -20.45 25.65 20.29
CA TRP B 160 -19.20 26.06 20.90
C TRP B 160 -19.44 27.02 22.07
N PHE B 161 -18.60 26.91 23.08
CA PHE B 161 -18.67 27.77 24.26
C PHE B 161 -17.26 28.15 24.69
N THR B 162 -17.09 29.40 25.09
CA THR B 162 -15.88 29.83 25.77
C THR B 162 -15.99 29.50 27.26
N ALA B 163 -15.08 30.07 28.06
CA ALA B 163 -15.15 29.87 29.50
C ALA B 163 -16.38 30.54 30.09
N ALA B 164 -16.61 31.81 29.74
CA ALA B 164 -17.76 32.54 30.28
C ALA B 164 -19.07 31.99 29.71
N GLU B 165 -19.07 31.58 28.44
CA GLU B 165 -20.27 31.01 27.85
C GLU B 165 -20.64 29.68 28.50
N ALA B 166 -19.64 28.85 28.81
CA ALA B 166 -19.92 27.59 29.49
C ALA B 166 -20.30 27.82 30.95
N LEU B 167 -19.78 28.90 31.56
CA LEU B 167 -20.21 29.24 32.92
C LEU B 167 -21.66 29.69 32.93
N GLU B 168 -22.07 30.44 31.90
CA GLU B 168 -23.46 30.86 31.79
C GLU B 168 -24.38 29.70 31.44
N TYR B 169 -23.91 28.73 30.65
CA TYR B 169 -24.75 27.61 30.27
C TYR B 169 -24.91 26.61 31.40
N GLY B 170 -23.84 26.32 32.13
CA GLY B 170 -23.91 25.44 33.27
C GLY B 170 -22.96 24.25 33.24
N PHE B 171 -22.03 24.16 32.28
CA PHE B 171 -21.07 23.06 32.28
C PHE B 171 -20.12 23.17 33.46
N VAL B 172 -19.70 24.39 33.81
CA VAL B 172 -18.81 24.64 34.92
C VAL B 172 -19.49 25.59 35.89
N ASP B 173 -18.91 25.70 37.09
CA ASP B 173 -19.46 26.54 38.14
C ASP B 173 -18.61 27.77 38.44
N HIS B 174 -17.31 27.71 38.18
CA HIS B 174 -16.44 28.86 38.38
C HIS B 174 -15.44 28.92 37.23
N ILE B 175 -14.88 30.10 37.04
CA ILE B 175 -13.79 30.33 36.09
C ILE B 175 -12.56 30.65 36.92
N ILE B 176 -11.56 29.77 36.87
CA ILE B 176 -10.35 29.97 37.64
C ILE B 176 -9.60 31.17 37.06
N THR B 177 -9.39 32.18 37.91
CA THR B 177 -8.67 33.40 37.53
C THR B 177 -7.73 33.78 38.66
N ARG B 178 -6.56 34.30 38.30
CA ARG B 178 -5.60 34.78 39.29
C ARG B 178 -5.48 36.30 39.24
N SER C 1 15.93 -5.96 27.94
CA SER C 1 16.36 -6.70 26.76
C SER C 1 17.51 -7.63 27.07
N LEU C 2 17.41 -8.88 26.62
CA LEU C 2 18.47 -9.86 26.87
C LEU C 2 19.70 -9.56 26.03
N THR C 3 19.49 -9.16 24.78
CA THR C 3 20.62 -8.88 23.89
C THR C 3 21.42 -7.68 24.38
N ASP C 4 20.73 -6.60 24.74
CA ASP C 4 21.42 -5.45 25.33
C ASP C 4 22.08 -5.80 26.65
N SER C 5 21.48 -6.71 27.42
CA SER C 5 22.07 -7.11 28.70
C SER C 5 23.39 -7.85 28.50
N VAL C 6 23.42 -8.83 27.59
CA VAL C 6 24.67 -9.55 27.36
C VAL C 6 25.68 -8.66 26.65
N TYR C 7 25.21 -7.70 25.85
CA TYR C 7 26.12 -6.75 25.22
C TYR C 7 26.78 -5.86 26.25
N GLU C 8 26.03 -5.36 27.23
CA GLU C 8 26.64 -4.54 28.28
C GLU C 8 27.53 -5.38 29.19
N ARG C 9 27.16 -6.66 29.43
CA ARG C 9 27.99 -7.52 30.25
C ARG C 9 29.32 -7.84 29.57
N LEU C 10 29.32 -7.95 28.23
CA LEU C 10 30.58 -8.14 27.52
C LEU C 10 31.31 -6.82 27.30
N LEU C 11 30.59 -5.70 27.32
CA LEU C 11 31.25 -4.39 27.33
C LEU C 11 32.00 -4.16 28.62
N SER C 12 31.48 -4.66 29.74
CA SER C 12 32.21 -4.60 31.00
C SER C 12 33.49 -5.43 30.92
N GLU C 13 33.49 -6.47 30.08
CA GLU C 13 34.68 -7.27 29.82
C GLU C 13 35.46 -6.79 28.60
N ARG C 14 35.16 -5.58 28.12
CA ARG C 14 35.86 -4.95 26.98
C ARG C 14 35.72 -5.79 25.70
N ILE C 15 34.52 -6.28 25.44
CA ILE C 15 34.21 -7.02 24.21
C ILE C 15 33.02 -6.33 23.55
N ILE C 16 33.27 -5.63 22.45
CA ILE C 16 32.22 -4.94 21.70
C ILE C 16 31.89 -5.74 20.45
N PHE C 17 30.74 -5.44 19.86
CA PHE C 17 30.20 -6.21 18.74
C PHE C 17 29.76 -5.29 17.62
N LEU C 18 30.27 -5.52 16.41
CA LEU C 18 29.74 -4.91 15.19
C LEU C 18 28.87 -5.96 14.49
N GLY C 19 27.65 -6.11 14.99
CA GLY C 19 26.79 -7.20 14.60
C GLY C 19 25.68 -6.90 13.62
N SER C 20 25.72 -5.75 12.94
CA SER C 20 24.69 -5.39 11.98
C SER C 20 25.32 -4.58 10.86
N GLU C 21 24.48 -4.04 9.98
CA GLU C 21 24.95 -3.17 8.93
C GLU C 21 25.49 -1.87 9.53
N VAL C 22 26.64 -1.42 9.03
CA VAL C 22 27.33 -0.29 9.63
C VAL C 22 26.68 1.00 9.15
N ASN C 23 25.66 1.44 9.86
CA ASN C 23 25.06 2.75 9.63
C ASN C 23 25.55 3.72 10.68
N ASP C 24 25.12 4.98 10.58
CA ASP C 24 25.65 6.02 11.45
C ASP C 24 25.29 5.80 12.92
N GLU C 25 24.11 5.22 13.18
CA GLU C 25 23.65 5.02 14.56
C GLU C 25 24.47 3.94 15.26
N ILE C 26 24.62 2.78 14.63
CA ILE C 26 25.44 1.71 15.17
C ILE C 26 26.89 2.15 15.27
N ALA C 27 27.33 2.98 14.33
CA ALA C 27 28.69 3.50 14.38
C ALA C 27 28.90 4.39 15.59
N ASN C 28 27.95 5.30 15.88
CA ASN C 28 28.09 6.15 17.05
C ASN C 28 27.98 5.33 18.34
N ARG C 29 27.18 4.27 18.35
CA ARG C 29 27.15 3.38 19.50
C ARG C 29 28.50 2.71 19.72
N LEU C 30 29.13 2.25 18.64
CA LEU C 30 30.43 1.58 18.77
C LEU C 30 31.52 2.57 19.18
N CYS C 31 31.49 3.79 18.65
CA CYS C 31 32.46 4.80 19.05
C CYS C 31 32.26 5.21 20.50
N ALA C 32 31.00 5.27 20.97
CA ALA C 32 30.75 5.56 22.37
C ALA C 32 31.27 4.45 23.27
N GLN C 33 31.08 3.19 22.85
CA GLN C 33 31.63 2.07 23.61
C GLN C 33 33.16 2.11 23.65
N ILE C 34 33.79 2.46 22.52
CA ILE C 34 35.25 2.54 22.46
C ILE C 34 35.76 3.67 23.35
N LEU C 35 35.09 4.82 23.32
CA LEU C 35 35.49 5.95 24.17
C LEU C 35 35.30 5.63 25.64
N LEU C 36 34.22 4.92 25.98
CA LEU C 36 34.02 4.51 27.37
C LEU C 36 35.09 3.52 27.82
N LEU C 37 35.43 2.54 26.98
CA LEU C 37 36.46 1.58 27.35
C LEU C 37 37.84 2.22 27.43
N ALA C 38 38.08 3.25 26.63
CA ALA C 38 39.35 3.98 26.71
C ALA C 38 39.40 4.87 27.94
N ALA C 39 38.25 5.40 28.38
CA ALA C 39 38.22 6.19 29.59
C ALA C 39 38.33 5.31 30.84
N GLU C 40 37.83 4.07 30.77
CA GLU C 40 37.98 3.16 31.91
C GLU C 40 39.41 2.69 32.09
N ASP C 41 40.00 2.11 31.03
CA ASP C 41 41.36 1.62 31.06
C ASP C 41 41.95 1.81 29.67
N ALA C 42 43.01 2.61 29.57
CA ALA C 42 43.63 2.89 28.28
C ALA C 42 44.78 1.94 27.94
N SER C 43 44.98 0.88 28.72
CA SER C 43 46.07 -0.05 28.50
C SER C 43 45.60 -1.47 28.22
N LYS C 44 44.29 -1.72 28.34
CA LYS C 44 43.75 -3.05 28.10
C LYS C 44 43.12 -3.10 26.70
N ASP C 45 43.16 -4.28 26.08
CA ASP C 45 42.71 -4.41 24.71
C ASP C 45 41.19 -4.31 24.61
N ILE C 46 40.71 -3.72 23.52
CA ILE C 46 39.29 -3.68 23.20
C ILE C 46 39.04 -4.71 22.10
N SER C 47 38.24 -5.73 22.41
CA SER C 47 37.93 -6.80 21.47
C SER C 47 36.67 -6.42 20.69
N LEU C 48 36.81 -6.27 19.38
CA LEU C 48 35.70 -5.90 18.50
C LEU C 48 35.41 -7.10 17.60
N TYR C 49 34.34 -7.82 17.92
CA TYR C 49 33.87 -8.93 17.07
C TYR C 49 32.97 -8.37 15.98
N ILE C 50 33.33 -8.63 14.73
CA ILE C 50 32.67 -8.01 13.57
C ILE C 50 31.91 -9.10 12.82
N ASN C 51 30.59 -9.01 12.84
CA ASN C 51 29.72 -9.80 11.98
C ASN C 51 28.80 -8.80 11.28
N SER C 52 29.28 -8.24 10.17
CA SER C 52 28.60 -7.12 9.53
C SER C 52 28.48 -7.34 8.02
N PRO C 53 27.33 -7.00 7.43
CA PRO C 53 27.20 -7.09 5.96
C PRO C 53 27.64 -5.83 5.24
N GLY C 54 28.42 -4.97 5.89
CA GLY C 54 28.84 -3.72 5.30
C GLY C 54 28.11 -2.53 5.90
N GLY C 55 28.06 -1.45 5.13
CA GLY C 55 27.29 -0.29 5.55
C GLY C 55 27.87 0.99 4.96
N SER C 56 27.84 2.04 5.78
CA SER C 56 28.32 3.37 5.35
C SER C 56 29.84 3.52 5.53
N ILE C 57 30.49 4.24 4.61
CA ILE C 57 31.95 4.51 4.74
C ILE C 57 32.13 5.52 5.88
N SER C 58 31.39 6.63 5.83
CA SER C 58 31.48 7.64 6.91
C SER C 58 31.39 6.93 8.26
N ALA C 59 30.35 6.11 8.44
CA ALA C 59 30.23 5.33 9.69
C ALA C 59 31.50 4.52 9.89
N GLY C 60 31.99 3.87 8.83
CA GLY C 60 33.24 3.13 8.97
C GLY C 60 34.43 4.03 9.24
N MET C 61 34.44 5.23 8.66
CA MET C 61 35.50 6.18 8.94
C MET C 61 35.47 6.63 10.40
N ALA C 62 34.28 6.88 10.94
CA ALA C 62 34.14 7.26 12.34
C ALA C 62 34.62 6.15 13.26
N ILE C 63 34.20 4.91 12.99
CA ILE C 63 34.60 3.78 13.81
C ILE C 63 36.12 3.58 13.73
N TYR C 64 36.68 3.73 12.53
CA TYR C 64 38.11 3.55 12.33
C TYR C 64 38.92 4.61 13.09
N ASP C 65 38.50 5.87 12.99
CA ASP C 65 39.21 6.94 13.70
C ASP C 65 39.11 6.74 15.21
N THR C 66 37.94 6.35 15.71
CA THR C 66 37.79 6.03 17.13
C THR C 66 38.64 4.84 17.53
N MET C 67 38.88 3.91 16.60
CA MET C 67 39.70 2.74 16.92
C MET C 67 41.16 3.11 17.06
N VAL C 68 41.65 3.92 16.11
CA VAL C 68 43.09 4.29 16.09
C VAL C 68 43.38 5.39 17.11
N LEU C 69 42.40 6.22 17.45
CA LEU C 69 42.69 7.37 18.35
C LEU C 69 42.48 6.97 19.82
N ALA C 70 41.92 5.79 20.07
CA ALA C 70 41.79 5.31 21.46
C ALA C 70 43.11 4.69 21.89
N PRO C 71 43.70 5.04 23.06
CA PRO C 71 45.01 4.51 23.42
C PRO C 71 45.07 2.99 23.51
N CYS C 72 43.92 2.33 23.61
CA CYS C 72 43.87 0.88 23.66
C CYS C 72 44.12 0.29 22.28
N ASP C 73 44.72 -0.89 22.25
CA ASP C 73 44.95 -1.60 21.00
C ASP C 73 43.70 -2.40 20.64
N ILE C 74 43.06 -2.02 19.53
CA ILE C 74 41.78 -2.59 19.13
C ILE C 74 42.05 -3.92 18.44
N ALA C 75 41.75 -5.01 19.14
CA ALA C 75 41.87 -6.35 18.55
C ALA C 75 40.56 -6.69 17.85
N THR C 76 40.59 -6.76 16.53
CA THR C 76 39.42 -7.10 15.74
C THR C 76 39.34 -8.59 15.52
N TYR C 77 38.11 -9.10 15.46
CA TYR C 77 37.84 -10.52 15.32
C TYR C 77 36.80 -10.71 14.20
N ALA C 78 37.25 -11.20 13.05
CA ALA C 78 36.34 -11.55 11.97
C ALA C 78 35.49 -12.73 12.38
N MET C 79 34.20 -12.49 12.63
CA MET C 79 33.29 -13.49 13.16
C MET C 79 32.19 -13.74 12.12
N GLY C 80 32.38 -14.78 11.31
CA GLY C 80 31.38 -15.17 10.34
C GLY C 80 31.40 -14.38 9.05
N MET C 81 31.08 -13.09 9.13
CA MET C 81 31.00 -12.24 7.95
C MET C 81 31.70 -10.93 8.21
N ALA C 82 32.58 -10.54 7.30
CA ALA C 82 33.21 -9.21 7.30
C ALA C 82 33.17 -8.68 5.87
N ALA C 83 32.10 -7.98 5.57
CA ALA C 83 31.93 -7.53 4.18
C ALA C 83 32.10 -6.02 4.14
N SER C 84 32.90 -5.55 3.19
CA SER C 84 33.01 -4.09 2.98
C SER C 84 33.51 -3.39 4.24
N MET C 85 32.63 -2.62 4.89
CA MET C 85 33.02 -1.87 6.10
C MET C 85 33.35 -2.85 7.21
N GLY C 86 32.79 -4.08 7.18
CA GLY C 86 33.23 -5.04 8.18
C GLY C 86 34.69 -5.41 8.01
N GLU C 87 35.10 -5.73 6.77
CA GLU C 87 36.50 -6.07 6.54
C GLU C 87 37.41 -4.85 6.68
N PHE C 88 36.90 -3.65 6.35
CA PHE C 88 37.70 -2.45 6.49
C PHE C 88 37.99 -2.16 7.96
N LEU C 89 36.99 -2.38 8.82
CA LEU C 89 37.20 -2.15 10.25
C LEU C 89 37.92 -3.34 10.90
N LEU C 90 37.84 -4.52 10.30
CA LEU C 90 38.59 -5.67 10.80
C LEU C 90 40.08 -5.48 10.55
N ALA C 91 40.45 -5.12 9.32
CA ALA C 91 41.83 -4.84 9.00
C ALA C 91 42.33 -3.56 9.65
N ALA C 92 41.42 -2.71 10.13
CA ALA C 92 41.80 -1.48 10.81
C ALA C 92 42.34 -1.70 12.21
N GLY C 93 42.31 -2.94 12.71
CA GLY C 93 42.79 -3.23 14.05
C GLY C 93 44.31 -3.10 14.16
N THR C 94 44.78 -3.28 15.39
CA THR C 94 46.21 -3.18 15.66
C THR C 94 46.96 -4.31 14.99
N LYS C 95 48.12 -4.00 14.43
CA LYS C 95 48.93 -5.01 13.75
C LYS C 95 49.45 -6.03 14.75
N GLY C 96 49.33 -7.31 14.39
CA GLY C 96 49.62 -8.39 15.31
C GLY C 96 48.47 -8.79 16.19
N LYS C 97 47.35 -8.05 16.18
CA LYS C 97 46.20 -8.35 17.02
C LYS C 97 44.90 -8.40 16.21
N ARG C 98 44.99 -8.54 14.89
CA ARG C 98 43.82 -8.73 14.03
C ARG C 98 43.65 -10.22 13.79
N TYR C 99 42.49 -10.76 14.16
CA TYR C 99 42.24 -12.18 14.07
C TYR C 99 41.01 -12.47 13.23
N ALA C 100 40.97 -13.67 12.66
CA ALA C 100 39.81 -14.19 11.94
C ALA C 100 39.46 -15.56 12.49
N LEU C 101 38.19 -15.77 12.81
CA LEU C 101 37.73 -17.09 13.18
C LEU C 101 37.83 -18.02 11.97
N PRO C 102 38.10 -19.32 12.19
CA PRO C 102 38.55 -20.18 11.08
C PRO C 102 37.56 -20.38 9.95
N HIS C 103 36.30 -19.95 10.12
CA HIS C 103 35.30 -20.08 9.06
C HIS C 103 34.61 -18.77 8.74
N ALA C 104 35.21 -17.64 9.09
CA ALA C 104 34.66 -16.34 8.73
C ALA C 104 34.87 -16.07 7.25
N ARG C 105 33.94 -15.34 6.66
CA ARG C 105 34.00 -14.98 5.24
C ARG C 105 34.15 -13.48 5.11
N ILE C 106 35.19 -13.06 4.39
CA ILE C 106 35.59 -11.65 4.33
C ILE C 106 35.43 -11.16 2.91
N LEU C 107 34.64 -10.10 2.74
CA LEU C 107 34.28 -9.58 1.42
C LEU C 107 34.83 -8.17 1.26
N MET C 108 35.84 -8.03 0.40
CA MET C 108 36.40 -6.69 0.11
C MET C 108 35.99 -6.29 -1.31
N HIS C 109 35.32 -5.15 -1.45
CA HIS C 109 34.93 -4.66 -2.80
C HIS C 109 34.93 -3.13 -2.82
N GLN C 110 35.01 -2.54 -4.01
CA GLN C 110 35.04 -1.07 -4.14
C GLN C 110 33.81 -0.48 -3.45
N PRO C 111 33.91 0.71 -2.86
CA PRO C 111 32.78 1.30 -2.16
C PRO C 111 31.63 1.44 -3.15
N LEU C 112 30.39 1.35 -2.66
CA LEU C 112 29.21 1.50 -3.55
C LEU C 112 28.40 2.72 -3.10
N GLY C 113 27.41 3.12 -3.88
CA GLY C 113 26.57 4.27 -3.51
C GLY C 113 25.62 4.65 -4.62
N GLY C 114 25.29 5.93 -4.72
CA GLY C 114 24.37 6.41 -5.78
C GLY C 114 24.68 7.84 -6.18
N VAL C 115 24.24 8.24 -7.38
CA VAL C 115 24.46 9.64 -7.85
C VAL C 115 23.07 10.27 -8.04
N THR C 116 22.94 11.55 -7.66
CA THR C 116 21.65 12.22 -7.82
C THR C 116 21.89 13.71 -7.98
N GLY C 117 20.85 14.41 -8.41
CA GLY C 117 20.93 15.85 -8.60
C GLY C 117 21.31 16.22 -10.03
N SER C 118 21.67 17.49 -10.19
CA SER C 118 22.06 17.99 -11.49
C SER C 118 23.43 17.45 -11.90
N ALA C 119 23.85 17.84 -13.12
CA ALA C 119 25.11 17.33 -13.66
C ALA C 119 26.31 17.83 -12.86
N ALA C 120 26.27 19.08 -12.38
CA ALA C 120 27.35 19.56 -11.53
C ALA C 120 27.36 18.87 -10.18
N ASP C 121 26.17 18.57 -9.64
CA ASP C 121 26.08 17.84 -8.38
C ASP C 121 26.61 16.42 -8.53
N ILE C 122 26.28 15.77 -9.65
CA ILE C 122 26.79 14.42 -9.88
C ILE C 122 28.28 14.43 -10.16
N ALA C 123 28.80 15.49 -10.79
CA ALA C 123 30.24 15.61 -10.97
C ALA C 123 30.96 15.79 -9.64
N ILE C 124 30.38 16.61 -8.75
CA ILE C 124 30.95 16.79 -7.42
C ILE C 124 30.92 15.47 -6.64
N GLN C 125 29.80 14.74 -6.75
CA GLN C 125 29.72 13.42 -6.14
C GLN C 125 30.74 12.46 -6.76
N ALA C 126 31.07 12.64 -8.04
CA ALA C 126 32.10 11.83 -8.66
C ALA C 126 33.49 12.13 -8.09
N GLU C 127 33.83 13.41 -7.92
CA GLU C 127 35.10 13.73 -7.25
C GLU C 127 35.13 13.16 -5.84
N GLN C 128 34.02 13.28 -5.10
CA GLN C 128 33.98 12.78 -3.74
C GLN C 128 34.08 11.25 -3.69
N PHE C 129 33.44 10.56 -4.62
CA PHE C 129 33.52 9.10 -4.65
C PHE C 129 34.92 8.65 -5.03
N ALA C 130 35.57 9.38 -5.94
CA ALA C 130 36.96 9.04 -6.30
C ALA C 130 37.89 9.23 -5.10
N VAL C 131 37.73 10.33 -4.36
CA VAL C 131 38.56 10.56 -3.19
C VAL C 131 38.29 9.51 -2.12
N ILE C 132 37.01 9.16 -1.93
CA ILE C 132 36.64 8.14 -0.95
C ILE C 132 37.25 6.79 -1.32
N LYS C 133 37.17 6.41 -2.59
CA LYS C 133 37.71 5.13 -3.04
C LYS C 133 39.22 5.10 -2.92
N LYS C 134 39.89 6.20 -3.26
CA LYS C 134 41.34 6.26 -3.13
C LYS C 134 41.77 6.19 -1.66
N GLU C 135 41.04 6.87 -0.77
CA GLU C 135 41.36 6.82 0.65
C GLU C 135 41.14 5.42 1.21
N MET C 136 40.02 4.79 0.88
CA MET C 136 39.74 3.44 1.36
C MET C 136 40.78 2.45 0.84
N PHE C 137 41.20 2.60 -0.42
CA PHE C 137 42.16 1.66 -0.98
C PHE C 137 43.55 1.88 -0.41
N ARG C 138 43.93 3.14 -0.16
CA ARG C 138 45.21 3.42 0.48
C ARG C 138 45.22 2.89 1.91
N LEU C 139 44.09 3.00 2.61
CA LEU C 139 44.02 2.48 3.97
C LEU C 139 44.05 0.96 3.99
N ASN C 140 43.38 0.31 3.04
CA ASN C 140 43.44 -1.15 2.95
C ASN C 140 44.84 -1.62 2.57
N ALA C 141 45.57 -0.85 1.77
CA ALA C 141 46.96 -1.16 1.46
C ALA C 141 47.84 -0.97 2.69
N GLU C 142 47.52 0.03 3.52
CA GLU C 142 48.25 0.22 4.78
C GLU C 142 47.99 -0.94 5.73
N PHE C 143 46.76 -1.44 5.76
CA PHE C 143 46.41 -2.53 6.66
C PHE C 143 47.04 -3.85 6.22
N THR C 144 46.75 -4.25 4.98
CA THR C 144 47.16 -5.57 4.50
C THR C 144 48.62 -5.63 4.06
N GLY C 145 49.28 -4.48 3.92
CA GLY C 145 50.64 -4.48 3.41
C GLY C 145 50.77 -4.73 1.93
N GLN C 146 49.65 -4.81 1.21
CA GLN C 146 49.64 -5.03 -0.22
C GLN C 146 49.79 -3.70 -0.96
N PRO C 147 50.23 -3.71 -2.22
CA PRO C 147 50.23 -2.48 -3.01
C PRO C 147 48.82 -1.98 -3.26
N ILE C 148 48.70 -0.66 -3.44
CA ILE C 148 47.39 -0.05 -3.64
C ILE C 148 46.80 -0.46 -4.99
N GLU C 149 47.65 -0.73 -5.98
CA GLU C 149 47.16 -1.17 -7.29
C GLU C 149 46.54 -2.55 -7.20
N ARG C 150 47.14 -3.46 -6.42
CA ARG C 150 46.55 -4.77 -6.21
C ARG C 150 45.24 -4.66 -5.43
N ILE C 151 45.17 -3.73 -4.47
CA ILE C 151 43.94 -3.50 -3.73
C ILE C 151 42.83 -3.05 -4.66
N GLU C 152 43.13 -2.10 -5.56
CA GLU C 152 42.11 -1.58 -6.46
C GLU C 152 41.72 -2.60 -7.51
N ALA C 153 42.68 -3.40 -8.00
CA ALA C 153 42.36 -4.42 -8.98
C ALA C 153 41.55 -5.57 -8.37
N ASP C 154 41.78 -5.86 -7.09
CA ASP C 154 41.03 -6.93 -6.44
C ASP C 154 39.65 -6.46 -5.97
N SER C 155 39.56 -5.26 -5.41
CA SER C 155 38.29 -4.73 -4.94
C SER C 155 37.52 -3.98 -6.03
N ASP C 156 37.85 -4.20 -7.31
CA ASP C 156 37.04 -3.65 -8.38
C ASP C 156 35.63 -4.23 -8.36
N ARG C 157 35.51 -5.51 -8.01
CA ARG C 157 34.24 -6.15 -7.78
C ARG C 157 34.30 -6.87 -6.44
N ASP C 158 33.29 -7.70 -6.17
CA ASP C 158 33.26 -8.47 -4.94
C ASP C 158 34.43 -9.46 -4.89
N ARG C 159 35.28 -9.31 -3.89
CA ARG C 159 36.44 -10.17 -3.71
C ARG C 159 36.30 -10.91 -2.39
N TRP C 160 36.27 -12.24 -2.45
CA TRP C 160 35.98 -13.07 -1.30
C TRP C 160 37.25 -13.70 -0.75
N PHE C 161 37.31 -13.85 0.57
CA PHE C 161 38.43 -14.46 1.26
C PHE C 161 37.91 -15.34 2.38
N THR C 162 38.54 -16.50 2.55
CA THR C 162 38.33 -17.31 3.73
C THR C 162 39.23 -16.81 4.87
N ALA C 163 39.35 -17.61 5.92
CA ALA C 163 40.25 -17.25 7.01
C ALA C 163 41.70 -17.29 6.57
N ALA C 164 42.12 -18.38 5.93
CA ALA C 164 43.50 -18.49 5.47
C ALA C 164 43.80 -17.52 4.34
N GLU C 165 42.83 -17.28 3.46
CA GLU C 165 43.03 -16.34 2.36
C GLU C 165 43.19 -14.91 2.89
N ALA C 166 42.40 -14.54 3.90
CA ALA C 166 42.55 -13.21 4.49
C ALA C 166 43.82 -13.11 5.32
N LEU C 167 44.29 -14.22 5.90
CA LEU C 167 45.56 -14.21 6.60
C LEU C 167 46.72 -14.02 5.62
N GLU C 168 46.61 -14.64 4.44
CA GLU C 168 47.63 -14.46 3.42
C GLU C 168 47.57 -13.06 2.80
N TYR C 169 46.38 -12.47 2.68
CA TYR C 169 46.27 -11.15 2.08
C TYR C 169 46.73 -10.05 3.04
N GLY C 170 46.36 -10.16 4.32
CA GLY C 170 46.80 -9.21 5.31
C GLY C 170 45.70 -8.53 6.11
N PHE C 171 44.44 -8.94 5.97
CA PHE C 171 43.37 -8.34 6.78
C PHE C 171 43.54 -8.71 8.24
N VAL C 172 43.94 -9.95 8.53
CA VAL C 172 44.15 -10.41 9.88
C VAL C 172 45.59 -10.90 10.01
N ASP C 173 46.01 -11.10 11.26
CA ASP C 173 47.38 -11.52 11.55
C ASP C 173 47.47 -12.94 12.08
N HIS C 174 46.42 -13.47 12.69
CA HIS C 174 46.40 -14.84 13.16
C HIS C 174 45.03 -15.43 12.90
N ILE C 175 44.99 -16.76 12.87
CA ILE C 175 43.74 -17.51 12.79
C ILE C 175 43.57 -18.22 14.12
N ILE C 176 42.53 -17.84 14.86
CA ILE C 176 42.29 -18.45 16.16
C ILE C 176 41.89 -19.91 15.96
N THR C 177 42.67 -20.82 16.53
CA THR C 177 42.41 -22.25 16.46
C THR C 177 42.66 -22.87 17.82
N ARG C 178 41.84 -23.86 18.18
CA ARG C 178 42.03 -24.58 19.43
C ARG C 178 42.50 -26.02 19.17
N SER D 1 10.33 -7.92 30.04
CA SER D 1 9.90 -9.00 29.17
C SER D 1 10.06 -10.35 29.87
N LEU D 2 9.01 -11.18 29.79
CA LEU D 2 9.05 -12.50 30.41
C LEU D 2 9.98 -13.44 29.65
N THR D 3 9.95 -13.38 28.32
CA THR D 3 10.78 -14.26 27.51
C THR D 3 12.26 -13.97 27.72
N ASP D 4 12.64 -12.68 27.69
CA ASP D 4 14.02 -12.31 27.99
C ASP D 4 14.40 -12.66 29.42
N SER D 5 13.44 -12.58 30.34
CA SER D 5 13.73 -12.92 31.74
C SER D 5 14.05 -14.40 31.89
N VAL D 6 13.24 -15.29 31.31
CA VAL D 6 13.52 -16.71 31.44
C VAL D 6 14.74 -17.08 30.61
N TYR D 7 15.00 -16.35 29.52
CA TYR D 7 16.22 -16.59 28.74
C TYR D 7 17.47 -16.24 29.54
N GLU D 8 17.46 -15.12 30.26
CA GLU D 8 18.61 -14.77 31.09
C GLU D 8 18.74 -15.71 32.29
N ARG D 9 17.60 -16.16 32.84
CA ARG D 9 17.65 -17.09 33.96
C ARG D 9 18.21 -18.45 33.54
N LEU D 10 17.95 -18.87 32.29
CA LEU D 10 18.56 -20.10 31.81
C LEU D 10 19.97 -19.88 31.29
N LEU D 11 20.30 -18.63 30.92
CA LEU D 11 21.69 -18.30 30.61
C LEU D 11 22.55 -18.35 31.86
N SER D 12 22.00 -17.99 33.02
CA SER D 12 22.72 -18.15 34.27
C SER D 12 22.96 -19.63 34.57
N GLU D 13 22.10 -20.50 34.06
CA GLU D 13 22.28 -21.95 34.17
C GLU D 13 22.98 -22.54 32.95
N ARG D 14 23.59 -21.70 32.11
CA ARG D 14 24.33 -22.11 30.93
C ARG D 14 23.46 -22.89 29.94
N ILE D 15 22.25 -22.38 29.70
CA ILE D 15 21.34 -22.95 28.71
C ILE D 15 20.94 -21.81 27.76
N ILE D 16 21.45 -21.86 26.53
CA ILE D 16 21.15 -20.86 25.52
C ILE D 16 20.16 -21.46 24.52
N PHE D 17 19.52 -20.58 23.74
CA PHE D 17 18.43 -20.98 22.85
C PHE D 17 18.64 -20.37 21.47
N LEU D 18 18.65 -21.22 20.44
CA LEU D 18 18.56 -20.78 19.05
C LEU D 18 17.12 -20.99 18.58
N GLY D 19 16.25 -20.05 18.98
CA GLY D 19 14.83 -20.22 18.82
C GLY D 19 14.16 -19.47 17.69
N SER D 20 14.92 -18.97 16.73
CA SER D 20 14.34 -18.24 15.60
C SER D 20 15.20 -18.50 14.37
N GLU D 21 14.89 -17.78 13.29
CA GLU D 21 15.70 -17.86 12.07
C GLU D 21 17.09 -17.28 12.33
N VAL D 22 18.11 -17.98 11.86
CA VAL D 22 19.49 -17.62 12.18
C VAL D 22 19.91 -16.46 11.27
N ASN D 23 19.65 -15.24 11.72
CA ASN D 23 20.15 -14.05 11.07
C ASN D 23 21.35 -13.51 11.85
N ASP D 24 21.96 -12.43 11.34
CA ASP D 24 23.19 -11.93 11.93
C ASP D 24 23.00 -11.40 13.34
N GLU D 25 21.82 -10.84 13.64
CA GLU D 25 21.57 -10.26 14.96
C GLU D 25 21.44 -11.35 16.03
N ILE D 26 20.60 -12.36 15.78
CA ILE D 26 20.45 -13.49 16.69
C ILE D 26 21.77 -14.25 16.81
N ALA D 27 22.53 -14.31 15.72
CA ALA D 27 23.84 -14.95 15.76
C ALA D 27 24.79 -14.22 16.68
N ASN D 28 24.85 -12.88 16.60
CA ASN D 28 25.72 -12.14 17.49
C ASN D 28 25.25 -12.23 18.94
N ARG D 29 23.94 -12.30 19.16
CA ARG D 29 23.43 -12.53 20.51
C ARG D 29 23.90 -13.87 21.05
N LEU D 30 23.83 -14.93 20.23
CA LEU D 30 24.25 -16.25 20.66
C LEU D 30 25.74 -16.32 20.90
N CYS D 31 26.54 -15.67 20.03
CA CYS D 31 27.99 -15.65 20.23
C CYS D 31 28.36 -14.85 21.48
N ALA D 32 27.62 -13.77 21.77
CA ALA D 32 27.86 -13.02 23.00
C ALA D 32 27.54 -13.86 24.23
N GLN D 33 26.44 -14.63 24.17
CA GLN D 33 26.10 -15.53 25.26
C GLN D 33 27.17 -16.61 25.44
N ILE D 34 27.68 -17.15 24.34
CA ILE D 34 28.71 -18.18 24.41
C ILE D 34 30.00 -17.61 24.99
N LEU D 35 30.39 -16.40 24.56
CA LEU D 35 31.59 -15.77 25.09
C LEU D 35 31.44 -15.44 26.57
N LEU D 36 30.25 -15.00 26.98
CA LEU D 36 30.02 -14.74 28.40
C LEU D 36 30.10 -16.02 29.22
N LEU D 37 29.49 -17.10 28.74
CA LEU D 37 29.53 -18.36 29.48
C LEU D 37 30.94 -18.94 29.51
N ALA D 38 31.74 -18.70 28.47
CA ALA D 38 33.12 -19.14 28.49
C ALA D 38 33.98 -18.29 29.40
N ALA D 39 33.65 -17.00 29.55
CA ALA D 39 34.39 -16.15 30.48
C ALA D 39 34.01 -16.45 31.93
N GLU D 40 32.77 -16.89 32.17
CA GLU D 40 32.35 -17.25 33.52
C GLU D 40 33.01 -18.55 33.97
N ASP D 41 32.83 -19.62 33.20
CA ASP D 41 33.40 -20.93 33.51
C ASP D 41 33.73 -21.61 32.20
N ALA D 42 35.01 -21.91 31.98
CA ALA D 42 35.45 -22.53 30.73
C ALA D 42 35.49 -24.05 30.80
N SER D 43 34.96 -24.66 31.87
CA SER D 43 35.00 -26.10 32.04
C SER D 43 33.60 -26.72 32.12
N LYS D 44 32.57 -25.89 32.17
CA LYS D 44 31.19 -26.40 32.27
C LYS D 44 30.54 -26.34 30.89
N ASP D 45 29.63 -27.28 30.64
CA ASP D 45 29.02 -27.39 29.32
C ASP D 45 28.06 -26.24 29.05
N ILE D 46 28.01 -25.83 27.79
CA ILE D 46 27.03 -24.85 27.33
C ILE D 46 25.96 -25.60 26.54
N SER D 47 24.73 -25.57 27.05
CA SER D 47 23.61 -26.27 26.42
C SER D 47 22.92 -25.33 25.44
N LEU D 48 22.94 -25.68 24.16
CA LEU D 48 22.33 -24.88 23.10
C LEU D 48 21.14 -25.65 22.55
N TYR D 49 19.93 -25.23 22.95
CA TYR D 49 18.71 -25.82 22.42
C TYR D 49 18.34 -25.10 21.12
N ILE D 50 18.22 -25.86 20.04
CA ILE D 50 18.06 -25.31 18.70
C ILE D 50 16.66 -25.63 18.20
N ASN D 51 15.83 -24.60 18.07
CA ASN D 51 14.54 -24.68 17.37
C ASN D 51 14.54 -23.57 16.33
N SER D 52 15.11 -23.87 15.16
CA SER D 52 15.38 -22.85 14.16
C SER D 52 14.93 -23.30 12.79
N PRO D 53 14.31 -22.42 12.00
CA PRO D 53 13.94 -22.76 10.62
C PRO D 53 15.05 -22.49 9.61
N GLY D 54 16.29 -22.34 10.07
CA GLY D 54 17.40 -22.03 9.20
C GLY D 54 17.85 -20.59 9.34
N GLY D 55 18.49 -20.08 8.30
CA GLY D 55 18.88 -18.68 8.27
C GLY D 55 20.10 -18.45 7.41
N SER D 56 20.96 -17.55 7.90
CA SER D 56 22.20 -17.19 7.17
C SER D 56 23.35 -18.17 7.43
N ILE D 57 24.18 -18.42 6.42
CA ILE D 57 25.38 -19.28 6.62
C ILE D 57 26.40 -18.48 7.42
N SER D 58 26.73 -17.28 6.97
CA SER D 58 27.68 -16.41 7.71
C SER D 58 27.30 -16.43 9.20
N ALA D 59 26.04 -16.12 9.50
CA ALA D 59 25.57 -16.19 10.89
C ALA D 59 25.88 -17.57 11.46
N GLY D 60 25.52 -18.63 10.71
CA GLY D 60 25.85 -19.96 11.19
C GLY D 60 27.34 -20.19 11.32
N MET D 61 28.14 -19.61 10.41
CA MET D 61 29.59 -19.72 10.52
C MET D 61 30.11 -19.02 11.78
N ALA D 62 29.55 -17.84 12.10
CA ALA D 62 29.95 -17.13 13.31
C ALA D 62 29.59 -17.93 14.56
N ILE D 63 28.36 -18.47 14.61
CA ILE D 63 27.94 -19.26 15.75
C ILE D 63 28.80 -20.51 15.88
N TYR D 64 29.11 -21.15 14.76
CA TYR D 64 29.93 -22.36 14.77
C TYR D 64 31.34 -22.09 15.28
N ASP D 65 31.97 -21.02 14.79
CA ASP D 65 33.31 -20.67 15.23
C ASP D 65 33.33 -20.32 16.72
N THR D 66 32.32 -19.57 17.18
CA THR D 66 32.20 -19.28 18.60
C THR D 66 31.95 -20.55 19.42
N MET D 67 31.31 -21.55 18.82
CA MET D 67 31.06 -22.80 19.54
C MET D 67 32.34 -23.61 19.73
N VAL D 68 33.12 -23.69 18.65
CA VAL D 68 34.38 -24.49 18.67
C VAL D 68 35.47 -23.76 19.46
N LEU D 69 35.60 -22.44 19.28
CA LEU D 69 36.73 -21.71 19.92
C LEU D 69 36.46 -21.43 21.40
N ALA D 70 35.24 -21.68 21.89
CA ALA D 70 34.98 -21.51 23.34
C ALA D 70 35.51 -22.75 24.07
N PRO D 71 36.30 -22.63 25.16
CA PRO D 71 36.86 -23.83 25.79
C PRO D 71 35.81 -24.80 26.32
N CYS D 72 34.57 -24.34 26.48
CA CYS D 72 33.50 -25.21 26.94
C CYS D 72 33.04 -26.13 25.81
N ASP D 73 32.58 -27.32 26.19
CA ASP D 73 32.04 -28.27 25.23
C ASP D 73 30.57 -27.95 24.97
N ILE D 74 30.25 -27.54 23.75
CA ILE D 74 28.93 -27.07 23.39
C ILE D 74 28.04 -28.28 23.15
N ALA D 75 27.14 -28.56 24.08
CA ALA D 75 26.17 -29.64 23.93
C ALA D 75 24.94 -29.09 23.21
N THR D 76 24.73 -29.52 21.98
CA THR D 76 23.58 -29.07 21.21
C THR D 76 22.40 -30.02 21.41
N TYR D 77 21.20 -29.45 21.37
CA TYR D 77 19.96 -30.19 21.61
C TYR D 77 18.98 -29.84 20.50
N ALA D 78 18.76 -30.79 19.59
CA ALA D 78 17.74 -30.63 18.57
C ALA D 78 16.36 -30.64 19.21
N MET D 79 15.71 -29.48 19.24
CA MET D 79 14.44 -29.30 19.93
C MET D 79 13.37 -28.93 18.91
N GLY D 80 12.64 -29.94 18.44
CA GLY D 80 11.53 -29.71 17.53
C GLY D 80 11.93 -29.58 16.08
N MET D 81 12.66 -28.52 15.75
CA MET D 81 13.06 -28.24 14.37
C MET D 81 14.53 -27.86 14.32
N ALA D 82 15.27 -28.50 13.42
CA ALA D 82 16.65 -28.14 13.11
C ALA D 82 16.79 -28.15 11.60
N ALA D 83 16.50 -27.01 11.01
CA ALA D 83 16.52 -27.00 9.56
C ALA D 83 17.71 -26.18 9.11
N SER D 84 18.42 -26.68 8.11
CA SER D 84 19.49 -25.84 7.51
C SER D 84 20.51 -25.43 8.58
N MET D 85 20.63 -24.15 8.87
CA MET D 85 21.65 -23.69 9.84
C MET D 85 21.34 -24.26 11.23
N GLY D 86 20.07 -24.63 11.50
CA GLY D 86 19.82 -25.29 12.77
C GLY D 86 20.50 -26.64 12.87
N GLU D 87 20.37 -27.47 11.82
CA GLU D 87 21.04 -28.77 11.84
C GLU D 87 22.55 -28.63 11.72
N PHE D 88 23.02 -27.60 11.00
CA PHE D 88 24.46 -27.38 10.88
C PHE D 88 25.07 -27.03 12.23
N LEU D 89 24.37 -26.20 13.01
CA LEU D 89 24.87 -25.84 14.33
C LEU D 89 24.60 -26.91 15.37
N LEU D 90 23.60 -27.77 15.13
CA LEU D 90 23.35 -28.89 16.01
C LEU D 90 24.45 -29.94 15.87
N ALA D 91 24.78 -30.31 14.63
CA ALA D 91 25.86 -31.24 14.39
C ALA D 91 27.23 -30.63 14.69
N ALA D 92 27.31 -29.30 14.82
CA ALA D 92 28.55 -28.62 15.15
C ALA D 92 28.95 -28.79 16.61
N GLY D 93 28.11 -29.40 17.43
CA GLY D 93 28.42 -29.58 18.84
C GLY D 93 29.54 -30.57 19.06
N THR D 94 29.91 -30.70 20.33
CA THR D 94 30.99 -31.61 20.72
C THR D 94 30.57 -33.06 20.49
N LYS D 95 31.50 -33.86 19.97
CA LYS D 95 31.22 -35.26 19.71
C LYS D 95 30.97 -36.01 21.01
N GLY D 96 29.91 -36.82 21.02
CA GLY D 96 29.45 -37.47 22.22
C GLY D 96 28.51 -36.64 23.07
N LYS D 97 28.30 -35.37 22.73
CA LYS D 97 27.42 -34.48 23.48
C LYS D 97 26.39 -33.79 22.60
N ARG D 98 26.16 -34.29 21.39
CA ARG D 98 25.12 -33.78 20.51
C ARG D 98 23.89 -34.66 20.68
N TYR D 99 22.76 -34.05 21.06
CA TYR D 99 21.55 -34.78 21.37
C TYR D 99 20.39 -34.28 20.52
N ALA D 100 19.42 -35.17 20.31
CA ALA D 100 18.16 -34.83 19.66
C ALA D 100 17.01 -35.28 20.54
N LEU D 101 16.05 -34.40 20.76
CA LEU D 101 14.83 -34.79 21.45
C LEU D 101 14.04 -35.77 20.57
N PRO D 102 13.32 -36.73 21.18
CA PRO D 102 12.84 -37.90 20.41
C PRO D 102 11.86 -37.60 19.29
N HIS D 103 11.35 -36.36 19.19
CA HIS D 103 10.43 -36.00 18.12
C HIS D 103 10.87 -34.75 17.37
N ALA D 104 12.14 -34.40 17.44
CA ALA D 104 12.66 -33.27 16.67
C ALA D 104 12.80 -33.66 15.21
N ARG D 105 12.61 -32.68 14.33
CA ARG D 105 12.70 -32.87 12.89
C ARG D 105 13.88 -32.08 12.35
N ILE D 106 14.78 -32.76 11.65
CA ILE D 106 16.06 -32.20 11.24
C ILE D 106 16.11 -32.16 9.72
N LEU D 107 16.32 -30.96 9.18
CA LEU D 107 16.25 -30.72 7.74
C LEU D 107 17.62 -30.28 7.23
N MET D 108 18.29 -31.17 6.49
CA MET D 108 19.60 -30.82 5.90
C MET D 108 19.43 -30.65 4.38
N HIS D 109 19.73 -29.47 3.85
CA HIS D 109 19.64 -29.26 2.39
C HIS D 109 20.77 -28.33 1.92
N GLN D 110 21.00 -28.27 0.62
CA GLN D 110 22.10 -27.44 0.07
C GLN D 110 21.84 -25.98 0.48
N PRO D 111 22.90 -25.18 0.71
CA PRO D 111 22.71 -23.79 1.06
C PRO D 111 21.88 -23.12 -0.04
N LEU D 112 20.96 -22.23 0.35
CA LEU D 112 20.16 -21.48 -0.65
C LEU D 112 20.62 -20.02 -0.62
N GLY D 113 20.16 -19.21 -1.59
CA GLY D 113 20.62 -17.82 -1.64
C GLY D 113 20.08 -17.08 -2.86
N GLY D 114 20.85 -16.13 -3.38
CA GLY D 114 20.38 -15.33 -4.52
C GLY D 114 21.52 -14.71 -5.30
N VAL D 115 21.33 -14.55 -6.61
CA VAL D 115 22.32 -13.92 -7.48
C VAL D 115 21.76 -12.60 -7.99
N THR D 116 22.62 -11.61 -8.14
CA THR D 116 22.22 -10.30 -8.62
C THR D 116 23.44 -9.58 -9.17
N GLY D 117 23.19 -8.49 -9.89
CA GLY D 117 24.25 -7.71 -10.47
C GLY D 117 24.57 -8.13 -11.89
N SER D 118 25.72 -7.65 -12.38
CA SER D 118 26.16 -7.96 -13.73
C SER D 118 26.63 -9.42 -13.82
N ALA D 119 27.01 -9.81 -15.03
CA ALA D 119 27.43 -11.19 -15.27
C ALA D 119 28.71 -11.54 -14.53
N ALA D 120 29.64 -10.60 -14.43
CA ALA D 120 30.86 -10.85 -13.66
C ALA D 120 30.55 -10.93 -12.17
N ASP D 121 29.61 -10.10 -11.69
CA ASP D 121 29.20 -10.16 -10.29
C ASP D 121 28.51 -11.48 -9.98
N ILE D 122 27.66 -11.96 -10.89
CA ILE D 122 26.97 -13.22 -10.67
C ILE D 122 27.96 -14.39 -10.79
N ALA D 123 28.98 -14.26 -11.63
CA ALA D 123 30.02 -15.30 -11.69
C ALA D 123 30.83 -15.35 -10.40
N ILE D 124 31.16 -14.18 -9.85
CA ILE D 124 31.86 -14.13 -8.57
C ILE D 124 30.99 -14.72 -7.45
N GLN D 125 29.70 -14.40 -7.47
CA GLN D 125 28.77 -15.00 -6.52
C GLN D 125 28.67 -16.50 -6.72
N ALA D 126 28.84 -16.98 -7.96
CA ALA D 126 28.86 -18.41 -8.22
C ALA D 126 30.08 -19.08 -7.61
N GLU D 127 31.28 -18.48 -7.78
CA GLU D 127 32.45 -19.02 -7.10
C GLU D 127 32.27 -19.04 -5.59
N GLN D 128 31.71 -17.94 -5.04
CA GLN D 128 31.52 -17.87 -3.60
C GLN D 128 30.49 -18.88 -3.11
N PHE D 129 29.42 -19.10 -3.86
CA PHE D 129 28.42 -20.08 -3.47
C PHE D 129 28.98 -21.49 -3.55
N ALA D 130 29.82 -21.76 -4.56
CA ALA D 130 30.45 -23.08 -4.66
C ALA D 130 31.39 -23.32 -3.48
N VAL D 131 32.18 -22.31 -3.10
CA VAL D 131 33.08 -22.46 -1.97
C VAL D 131 32.29 -22.63 -0.67
N ILE D 132 31.19 -21.87 -0.53
CA ILE D 132 30.35 -21.97 0.66
C ILE D 132 29.74 -23.37 0.76
N LYS D 133 29.22 -23.89 -0.36
CA LYS D 133 28.60 -25.20 -0.36
C LYS D 133 29.61 -26.30 -0.07
N LYS D 134 30.81 -26.18 -0.65
CA LYS D 134 31.85 -27.17 -0.39
C LYS D 134 32.29 -27.14 1.07
N GLU D 135 32.43 -25.94 1.65
CA GLU D 135 32.81 -25.82 3.05
C GLU D 135 31.73 -26.39 3.98
N MET D 136 30.46 -26.05 3.71
CA MET D 136 29.37 -26.57 4.53
C MET D 136 29.26 -28.09 4.42
N PHE D 137 29.48 -28.64 3.22
CA PHE D 137 29.36 -30.08 3.06
C PHE D 137 30.55 -30.81 3.69
N ARG D 138 31.76 -30.23 3.60
CA ARG D 138 32.91 -30.82 4.27
C ARG D 138 32.74 -30.77 5.78
N LEU D 139 32.16 -29.69 6.30
CA LEU D 139 31.93 -29.60 7.74
C LEU D 139 30.85 -30.57 8.20
N ASN D 140 29.79 -30.75 7.40
CA ASN D 140 28.77 -31.72 7.74
C ASN D 140 29.32 -33.15 7.67
N ALA D 141 30.24 -33.41 6.74
CA ALA D 141 30.92 -34.70 6.69
C ALA D 141 31.83 -34.90 7.91
N GLU D 142 32.45 -33.82 8.37
CA GLU D 142 33.26 -33.89 9.59
C GLU D 142 32.39 -34.18 10.81
N PHE D 143 31.19 -33.59 10.85
CA PHE D 143 30.30 -33.77 11.99
C PHE D 143 29.70 -35.16 12.00
N THR D 144 29.04 -35.55 10.91
CA THR D 144 28.29 -36.80 10.87
C THR D 144 29.17 -38.01 10.63
N GLY D 145 30.42 -37.83 10.23
CA GLY D 145 31.27 -38.95 9.88
C GLY D 145 30.95 -39.60 8.55
N GLN D 146 30.05 -39.02 7.78
CA GLN D 146 29.68 -39.54 6.47
C GLN D 146 30.64 -39.01 5.41
N PRO D 147 30.74 -39.69 4.26
CA PRO D 147 31.52 -39.12 3.16
C PRO D 147 30.89 -37.84 2.62
N ILE D 148 31.74 -36.97 2.07
CA ILE D 148 31.27 -35.69 1.56
C ILE D 148 30.39 -35.88 0.33
N GLU D 149 30.62 -36.94 -0.44
CA GLU D 149 29.79 -37.20 -1.61
C GLU D 149 28.38 -37.60 -1.20
N ARG D 150 28.24 -38.40 -0.14
CA ARG D 150 26.92 -38.72 0.38
C ARG D 150 26.22 -37.49 0.95
N ILE D 151 26.99 -36.61 1.59
CA ILE D 151 26.45 -35.36 2.11
C ILE D 151 25.88 -34.52 0.97
N GLU D 152 26.64 -34.38 -0.12
CA GLU D 152 26.21 -33.54 -1.23
C GLU D 152 25.05 -34.18 -1.99
N ALA D 153 25.04 -35.51 -2.12
CA ALA D 153 23.95 -36.19 -2.80
C ALA D 153 22.67 -36.15 -1.98
N ASP D 154 22.78 -36.15 -0.65
CA ASP D 154 21.60 -36.10 0.19
C ASP D 154 21.08 -34.68 0.36
N SER D 155 21.97 -33.71 0.54
CA SER D 155 21.57 -32.32 0.71
C SER D 155 21.43 -31.58 -0.62
N ASP D 156 21.31 -32.30 -1.73
CA ASP D 156 21.01 -31.65 -3.02
C ASP D 156 19.65 -30.98 -2.97
N ARG D 157 18.69 -31.60 -2.30
CA ARG D 157 17.39 -31.01 -2.01
C ARG D 157 17.11 -31.14 -0.53
N ASP D 158 15.86 -30.85 -0.14
CA ASP D 158 15.45 -30.99 1.26
C ASP D 158 15.54 -32.44 1.70
N ARG D 159 16.37 -32.70 2.70
CA ARG D 159 16.56 -34.05 3.24
C ARG D 159 16.11 -34.06 4.70
N TRP D 160 15.11 -34.87 5.01
CA TRP D 160 14.49 -34.87 6.32
C TRP D 160 14.97 -36.06 7.16
N PHE D 161 15.09 -35.83 8.46
CA PHE D 161 15.50 -36.86 9.41
C PHE D 161 14.67 -36.73 10.68
N THR D 162 14.27 -37.88 11.23
CA THR D 162 13.71 -37.91 12.57
C THR D 162 14.85 -37.95 13.60
N ALA D 163 14.50 -38.26 14.84
CA ALA D 163 15.52 -38.39 15.88
C ALA D 163 16.42 -39.60 15.62
N ALA D 164 15.81 -40.76 15.36
CA ALA D 164 16.59 -41.96 15.11
C ALA D 164 17.33 -41.88 13.78
N GLU D 165 16.72 -41.25 12.77
CA GLU D 165 17.40 -41.10 11.48
C GLU D 165 18.60 -40.19 11.59
N ALA D 166 18.50 -39.11 12.36
CA ALA D 166 19.64 -38.23 12.56
C ALA D 166 20.69 -38.86 13.46
N LEU D 167 20.28 -39.75 14.37
CA LEU D 167 21.25 -40.49 15.17
C LEU D 167 22.02 -41.46 14.30
N GLU D 168 21.34 -42.10 13.35
CA GLU D 168 22.01 -43.00 12.42
C GLU D 168 22.89 -42.26 11.43
N TYR D 169 22.50 -41.05 11.03
CA TYR D 169 23.29 -40.29 10.07
C TYR D 169 24.53 -39.69 10.71
N GLY D 170 24.40 -39.14 11.92
CA GLY D 170 25.53 -38.60 12.65
C GLY D 170 25.39 -37.16 13.09
N PHE D 171 24.22 -36.52 12.95
CA PHE D 171 24.05 -35.16 13.43
C PHE D 171 24.11 -35.11 14.95
N VAL D 172 23.52 -36.11 15.61
CA VAL D 172 23.52 -36.20 17.07
C VAL D 172 24.15 -37.52 17.48
N ASP D 173 24.47 -37.61 18.77
CA ASP D 173 25.14 -38.80 19.32
C ASP D 173 24.25 -39.62 20.23
N HIS D 174 23.24 -39.00 20.85
CA HIS D 174 22.30 -39.73 21.68
C HIS D 174 20.91 -39.16 21.47
N ILE D 175 19.91 -39.98 21.81
CA ILE D 175 18.52 -39.56 21.81
C ILE D 175 18.07 -39.53 23.27
N ILE D 176 17.76 -38.32 23.76
CA ILE D 176 17.34 -38.18 25.15
C ILE D 176 15.99 -38.85 25.33
N THR D 177 15.93 -39.85 26.22
CA THR D 177 14.71 -40.58 26.53
C THR D 177 14.62 -40.78 28.03
N ARG D 178 13.41 -40.71 28.57
CA ARG D 178 13.20 -40.97 29.99
C ARG D 178 12.43 -42.27 30.20
N SER E 1 5.39 -4.45 32.17
CA SER E 1 4.19 -5.04 31.59
C SER E 1 3.41 -5.82 32.66
N LEU E 2 2.09 -5.59 32.70
CA LEU E 2 1.25 -6.27 33.68
C LEU E 2 1.08 -7.75 33.32
N THR E 3 0.91 -8.04 32.02
CA THR E 3 0.72 -9.42 31.59
C THR E 3 1.96 -10.26 31.86
N ASP E 4 3.14 -9.74 31.51
CA ASP E 4 4.38 -10.45 31.83
C ASP E 4 4.58 -10.56 33.34
N SER E 5 4.13 -9.56 34.10
CA SER E 5 4.28 -9.62 35.56
C SER E 5 3.45 -10.74 36.16
N VAL E 6 2.18 -10.85 35.76
CA VAL E 6 1.34 -11.91 36.31
C VAL E 6 1.77 -13.27 35.76
N TYR E 7 2.33 -13.29 34.55
CA TYR E 7 2.85 -14.54 34.00
C TYR E 7 4.06 -15.03 34.79
N GLU E 8 4.97 -14.13 35.16
CA GLU E 8 6.12 -14.53 35.97
C GLU E 8 5.70 -14.88 37.39
N ARG E 9 4.69 -14.18 37.92
CA ARG E 9 4.20 -14.52 39.26
C ARG E 9 3.53 -15.88 39.30
N LEU E 10 2.87 -16.28 38.21
CA LEU E 10 2.31 -17.63 38.15
C LEU E 10 3.35 -18.66 37.75
N LEU E 11 4.43 -18.23 37.08
CA LEU E 11 5.56 -19.11 36.83
C LEU E 11 6.28 -19.46 38.13
N SER E 12 6.33 -18.51 39.06
CA SER E 12 6.88 -18.81 40.38
C SER E 12 6.02 -19.82 41.11
N GLU E 13 4.73 -19.88 40.79
CA GLU E 13 3.82 -20.88 41.33
C GLU E 13 3.67 -22.09 40.41
N ARG E 14 4.58 -22.23 39.42
CA ARG E 14 4.61 -23.36 38.50
C ARG E 14 3.32 -23.47 37.67
N ILE E 15 2.84 -22.33 37.17
CA ILE E 15 1.68 -22.28 36.29
C ILE E 15 2.09 -21.54 35.03
N ILE E 16 2.23 -22.27 33.93
CA ILE E 16 2.60 -21.68 32.65
C ILE E 16 1.36 -21.60 31.76
N PHE E 17 1.46 -20.79 30.71
CA PHE E 17 0.32 -20.48 29.86
C PHE E 17 0.70 -20.61 28.39
N LEU E 18 -0.06 -21.42 27.66
CA LEU E 18 0.00 -21.45 26.19
C LEU E 18 -1.19 -20.65 25.66
N GLY E 19 -1.03 -19.32 25.68
CA GLY E 19 -2.13 -18.42 25.43
C GLY E 19 -2.21 -17.77 24.06
N SER E 20 -1.47 -18.26 23.08
CA SER E 20 -1.48 -17.70 21.74
C SER E 20 -1.28 -18.81 20.72
N GLU E 21 -1.11 -18.42 19.46
CA GLU E 21 -0.79 -19.39 18.42
C GLU E 21 0.59 -19.97 18.64
N VAL E 22 0.71 -21.29 18.49
CA VAL E 22 1.94 -21.98 18.83
C VAL E 22 2.94 -21.80 17.69
N ASN E 23 3.71 -20.73 17.74
CA ASN E 23 4.83 -20.53 16.83
C ASN E 23 6.13 -20.87 17.56
N ASP E 24 7.24 -20.77 16.83
CA ASP E 24 8.52 -21.21 17.37
C ASP E 24 8.98 -20.36 18.56
N GLU E 25 8.64 -19.07 18.56
CA GLU E 25 9.08 -18.17 19.62
C GLU E 25 8.35 -18.47 20.94
N ILE E 26 7.02 -18.55 20.89
CA ILE E 26 6.23 -18.91 22.07
C ILE E 26 6.58 -20.32 22.54
N ALA E 27 6.90 -21.20 21.59
CA ALA E 27 7.31 -22.56 21.95
C ALA E 27 8.61 -22.55 22.72
N ASN E 28 9.61 -21.78 22.27
CA ASN E 28 10.87 -21.72 23.00
C ASN E 28 10.69 -21.04 24.35
N ARG E 29 9.79 -20.06 24.44
CA ARG E 29 9.48 -19.47 25.75
C ARG E 29 8.89 -20.51 26.70
N LEU E 30 7.96 -21.34 26.19
CA LEU E 30 7.34 -22.36 27.03
C LEU E 30 8.33 -23.44 27.43
N CYS E 31 9.22 -23.84 26.51
CA CYS E 31 10.23 -24.83 26.84
C CYS E 31 11.24 -24.28 27.84
N ALA E 32 11.57 -22.99 27.73
CA ALA E 32 12.45 -22.37 28.72
C ALA E 32 11.80 -22.33 30.10
N GLN E 33 10.50 -22.02 30.14
CA GLN E 33 9.78 -22.05 31.41
C GLN E 33 9.73 -23.45 32.00
N ILE E 34 9.52 -24.46 31.15
CA ILE E 34 9.48 -25.85 31.62
C ILE E 34 10.84 -26.27 32.15
N LEU E 35 11.92 -25.92 31.44
CA LEU E 35 13.26 -26.27 31.89
C LEU E 35 13.62 -25.56 33.18
N LEU E 36 13.19 -24.30 33.33
CA LEU E 36 13.42 -23.58 34.58
C LEU E 36 12.67 -24.22 35.73
N LEU E 37 11.40 -24.58 35.52
CA LEU E 37 10.62 -25.21 36.58
C LEU E 37 11.15 -26.60 36.93
N ALA E 38 11.71 -27.31 35.95
CA ALA E 38 12.32 -28.60 36.23
C ALA E 38 13.65 -28.45 36.96
N ALA E 39 14.39 -27.37 36.70
CA ALA E 39 15.63 -27.12 37.42
C ALA E 39 15.37 -26.64 38.84
N GLU E 40 14.25 -25.94 39.07
CA GLU E 40 13.90 -25.51 40.42
C GLU E 40 13.46 -26.68 41.29
N ASP E 41 12.45 -27.43 40.84
CA ASP E 41 11.94 -28.58 41.56
C ASP E 41 11.47 -29.61 40.53
N ALA E 42 12.09 -30.78 40.55
CA ALA E 42 11.75 -31.83 39.58
C ALA E 42 10.67 -32.78 40.08
N SER E 43 10.04 -32.49 41.21
CA SER E 43 9.04 -33.38 41.80
C SER E 43 7.66 -32.72 41.90
N LYS E 44 7.56 -31.43 41.61
CA LYS E 44 6.30 -30.71 41.69
C LYS E 44 5.70 -30.56 40.30
N ASP E 45 4.38 -30.54 40.23
CA ASP E 45 3.69 -30.54 38.95
C ASP E 45 3.84 -29.18 38.26
N ILE E 46 3.94 -29.21 36.93
CA ILE E 46 3.92 -28.02 36.12
C ILE E 46 2.54 -27.91 35.47
N SER E 47 1.81 -26.85 35.82
CA SER E 47 0.46 -26.63 35.30
C SER E 47 0.54 -25.79 34.03
N LEU E 48 0.11 -26.37 32.90
CA LEU E 48 0.14 -25.70 31.61
C LEU E 48 -1.31 -25.46 31.17
N TYR E 49 -1.75 -24.21 31.32
CA TYR E 49 -3.08 -23.82 30.84
C TYR E 49 -2.98 -23.45 29.37
N ILE E 50 -3.78 -24.13 28.54
CA ILE E 50 -3.67 -24.01 27.09
C ILE E 50 -4.92 -23.31 26.57
N ASN E 51 -4.75 -22.09 26.06
CA ASN E 51 -5.78 -21.39 25.29
C ASN E 51 -5.12 -20.98 23.97
N SER E 52 -5.12 -21.90 23.00
CA SER E 52 -4.34 -21.71 21.79
C SER E 52 -5.17 -22.03 20.55
N PRO E 53 -5.06 -21.24 19.49
CA PRO E 53 -5.75 -21.55 18.24
C PRO E 53 -4.95 -22.46 17.31
N GLY E 54 -3.94 -23.15 17.83
CA GLY E 54 -3.09 -24.01 17.03
C GLY E 54 -1.73 -23.39 16.82
N GLY E 55 -1.07 -23.83 15.73
CA GLY E 55 0.20 -23.24 15.36
C GLY E 55 1.06 -24.24 14.60
N SER E 56 2.35 -24.22 14.94
CA SER E 56 3.35 -25.08 14.26
C SER E 56 3.50 -26.44 14.93
N ILE E 57 3.67 -27.50 14.13
CA ILE E 57 3.89 -28.86 14.69
C ILE E 57 5.31 -28.92 15.28
N SER E 58 6.31 -28.40 14.57
CA SER E 58 7.71 -28.41 15.05
C SER E 58 7.72 -27.70 16.39
N ALA E 59 6.99 -26.60 16.47
CA ALA E 59 6.86 -25.92 17.76
C ALA E 59 6.15 -26.81 18.78
N GLY E 60 5.05 -27.44 18.36
CA GLY E 60 4.36 -28.38 19.22
C GLY E 60 5.22 -29.59 19.56
N MET E 61 6.05 -30.04 18.62
CA MET E 61 6.97 -31.14 18.90
C MET E 61 7.99 -30.76 19.96
N ALA E 62 8.53 -29.53 19.87
CA ALA E 62 9.48 -29.05 20.87
C ALA E 62 8.84 -28.96 22.25
N ILE E 63 7.63 -28.38 22.32
CA ILE E 63 6.94 -28.26 23.60
C ILE E 63 6.63 -29.63 24.16
N TYR E 64 6.21 -30.57 23.31
CA TYR E 64 5.87 -31.92 23.74
C TYR E 64 7.09 -32.65 24.29
N ASP E 65 8.23 -32.56 23.58
CA ASP E 65 9.44 -33.22 24.05
C ASP E 65 9.92 -32.61 25.37
N THR E 66 9.85 -31.28 25.49
CA THR E 66 10.18 -30.63 26.76
C THR E 66 9.22 -31.03 27.87
N MET E 67 7.97 -31.35 27.52
CA MET E 67 7.00 -31.75 28.54
C MET E 67 7.30 -33.15 29.07
N VAL E 68 7.58 -34.07 28.14
CA VAL E 68 7.82 -35.49 28.54
C VAL E 68 9.21 -35.64 29.16
N LEU E 69 10.20 -34.90 28.68
CA LEU E 69 11.59 -35.12 29.18
C LEU E 69 11.84 -34.38 30.50
N ALA E 70 10.94 -33.48 30.89
CA ALA E 70 11.09 -32.80 32.20
C ALA E 70 10.68 -33.77 33.31
N PRO E 71 11.46 -33.99 34.39
CA PRO E 71 11.04 -35.00 35.39
C PRO E 71 9.71 -34.68 36.06
N CYS E 72 9.24 -33.44 35.96
CA CYS E 72 7.94 -33.08 36.51
C CYS E 72 6.81 -33.62 35.66
N ASP E 73 5.69 -33.92 36.31
CA ASP E 73 4.50 -34.37 35.60
C ASP E 73 3.70 -33.17 35.12
N ILE E 74 3.61 -33.01 33.81
CA ILE E 74 3.01 -31.83 33.19
C ILE E 74 1.50 -32.01 33.21
N ALA E 75 0.83 -31.27 34.09
CA ALA E 75 -0.63 -31.29 34.15
C ALA E 75 -1.15 -30.23 33.19
N THR E 76 -1.79 -30.66 32.11
CA THR E 76 -2.34 -29.75 31.12
C THR E 76 -3.80 -29.42 31.46
N TYR E 77 -4.19 -28.20 31.14
CA TYR E 77 -5.52 -27.69 31.45
C TYR E 77 -6.10 -27.04 30.19
N ALA E 78 -7.07 -27.72 29.57
CA ALA E 78 -7.79 -27.14 28.43
C ALA E 78 -8.62 -25.97 28.91
N MET E 79 -8.22 -24.76 28.54
CA MET E 79 -8.83 -23.52 29.02
C MET E 79 -9.43 -22.79 27.83
N GLY E 80 -10.73 -23.00 27.59
CA GLY E 80 -11.43 -22.29 26.54
C GLY E 80 -11.27 -22.90 25.16
N MET E 81 -10.05 -22.84 24.63
CA MET E 81 -9.79 -23.32 23.27
C MET E 81 -8.53 -24.19 23.27
N ALA E 82 -8.63 -25.37 22.67
CA ALA E 82 -7.48 -26.23 22.42
C ALA E 82 -7.61 -26.76 20.99
N ALA E 83 -7.09 -25.97 20.08
CA ALA E 83 -7.26 -26.36 18.68
C ALA E 83 -5.93 -26.83 18.16
N SER E 84 -5.95 -27.90 17.36
CA SER E 84 -4.71 -28.27 16.65
C SER E 84 -3.59 -28.60 17.63
N MET E 85 -2.55 -27.78 17.63
CA MET E 85 -1.40 -28.01 18.52
C MET E 85 -1.82 -27.78 19.98
N GLY E 86 -2.87 -26.98 20.24
CA GLY E 86 -3.33 -26.87 21.62
C GLY E 86 -3.84 -28.19 22.16
N GLU E 87 -4.68 -28.89 21.39
CA GLU E 87 -5.17 -30.18 21.85
C GLU E 87 -4.07 -31.23 21.84
N PHE E 88 -3.11 -31.13 20.92
CA PHE E 88 -2.00 -32.08 20.90
C PHE E 88 -1.14 -31.95 22.14
N LEU E 89 -0.90 -30.71 22.58
CA LEU E 89 -0.11 -30.50 23.78
C LEU E 89 -0.93 -30.71 25.05
N LEU E 90 -2.25 -30.56 24.96
CA LEU E 90 -3.12 -30.85 26.10
C LEU E 90 -3.16 -32.35 26.37
N ALA E 91 -3.38 -33.15 25.32
CA ALA E 91 -3.36 -34.60 25.47
C ALA E 91 -1.96 -35.13 25.73
N ALA E 92 -0.92 -34.33 25.48
CA ALA E 92 0.46 -34.72 25.73
C ALA E 92 0.81 -34.73 27.22
N GLY E 93 -0.09 -34.28 28.09
CA GLY E 93 0.20 -34.24 29.51
C GLY E 93 0.26 -35.63 30.12
N THR E 94 0.60 -35.64 31.41
CA THR E 94 0.72 -36.89 32.14
C THR E 94 -0.65 -37.56 32.30
N LYS E 95 -0.67 -38.88 32.13
CA LYS E 95 -1.93 -39.61 32.24
C LYS E 95 -2.45 -39.56 33.67
N GLY E 96 -3.75 -39.29 33.79
CA GLY E 96 -4.36 -39.03 35.08
C GLY E 96 -4.26 -37.60 35.56
N LYS E 97 -3.53 -36.74 34.84
CA LYS E 97 -3.37 -35.34 35.23
C LYS E 97 -3.68 -34.39 34.07
N ARG E 98 -4.38 -34.86 33.04
CA ARG E 98 -4.83 -34.01 31.95
C ARG E 98 -6.27 -33.61 32.24
N TYR E 99 -6.52 -32.31 32.31
CA TYR E 99 -7.83 -31.79 32.68
C TYR E 99 -8.37 -30.86 31.60
N ALA E 100 -9.70 -30.75 31.57
CA ALA E 100 -10.39 -29.78 30.71
C ALA E 100 -11.37 -29.00 31.56
N LEU E 101 -11.34 -27.67 31.42
CA LEU E 101 -12.36 -26.85 32.06
C LEU E 101 -13.71 -27.13 31.43
N PRO E 102 -14.81 -27.02 32.20
CA PRO E 102 -16.09 -27.61 31.75
C PRO E 102 -16.70 -26.99 30.49
N HIS E 103 -16.15 -25.88 29.99
CA HIS E 103 -16.66 -25.26 28.78
C HIS E 103 -15.57 -25.01 27.75
N ALA E 104 -14.43 -25.70 27.86
CA ALA E 104 -13.39 -25.58 26.85
C ALA E 104 -13.79 -26.31 25.58
N ARG E 105 -13.32 -25.79 24.45
CA ARG E 105 -13.61 -26.36 23.14
C ARG E 105 -12.32 -26.87 22.52
N ILE E 106 -12.30 -28.14 22.15
CA ILE E 106 -11.09 -28.84 21.73
C ILE E 106 -11.24 -29.25 20.27
N LEU E 107 -10.31 -28.81 19.43
CA LEU E 107 -10.39 -28.99 17.99
C LEU E 107 -9.22 -29.86 17.53
N MET E 108 -9.53 -31.10 17.14
CA MET E 108 -8.48 -31.99 16.60
C MET E 108 -8.69 -32.14 15.09
N HIS E 109 -7.69 -31.81 14.28
CA HIS E 109 -7.80 -31.99 12.81
C HIS E 109 -6.44 -32.35 12.22
N GLN E 110 -6.45 -32.85 10.98
CA GLN E 110 -5.18 -33.27 10.32
C GLN E 110 -4.22 -32.07 10.29
N PRO E 111 -2.90 -32.30 10.38
CA PRO E 111 -1.96 -31.21 10.28
C PRO E 111 -2.19 -30.47 8.97
N LEU E 112 -2.06 -29.14 8.98
CA LEU E 112 -2.21 -28.35 7.73
C LEU E 112 -0.86 -27.73 7.41
N GLY E 113 -0.71 -27.15 6.22
CA GLY E 113 0.60 -26.59 5.84
C GLY E 113 0.60 -26.05 4.42
N GLY E 114 1.73 -26.16 3.74
CA GLY E 114 1.84 -25.62 2.37
C GLY E 114 2.93 -26.28 1.55
N VAL E 115 2.72 -26.41 0.25
CA VAL E 115 3.71 -26.98 -0.65
C VAL E 115 4.23 -25.88 -1.58
N THR E 116 5.51 -25.93 -1.90
CA THR E 116 6.12 -24.94 -2.78
C THR E 116 7.39 -25.53 -3.38
N GLY E 117 7.89 -24.86 -4.40
CA GLY E 117 9.11 -25.31 -5.07
C GLY E 117 8.81 -26.19 -6.27
N SER E 118 9.85 -26.85 -6.75
CA SER E 118 9.74 -27.73 -7.90
C SER E 118 8.98 -29.00 -7.53
N ALA E 119 8.78 -29.86 -8.53
CA ALA E 119 8.02 -31.09 -8.33
C ALA E 119 8.72 -32.05 -7.39
N ALA E 120 10.06 -32.13 -7.46
CA ALA E 120 10.80 -32.97 -6.52
C ALA E 120 10.75 -32.40 -5.11
N ASP E 121 10.79 -31.06 -4.99
CA ASP E 121 10.67 -30.42 -3.69
C ASP E 121 9.29 -30.66 -3.08
N ILE E 122 8.24 -30.58 -3.90
CA ILE E 122 6.89 -30.81 -3.41
C ILE E 122 6.69 -32.29 -3.08
N ALA E 123 7.35 -33.19 -3.82
CA ALA E 123 7.28 -34.60 -3.48
C ALA E 123 7.97 -34.89 -2.14
N ILE E 124 9.13 -34.25 -1.91
CA ILE E 124 9.82 -34.39 -0.64
C ILE E 124 8.97 -33.83 0.49
N GLN E 125 8.33 -32.68 0.26
CA GLN E 125 7.41 -32.13 1.24
C GLN E 125 6.21 -33.05 1.46
N ALA E 126 5.81 -33.81 0.44
CA ALA E 126 4.74 -34.78 0.60
C ALA E 126 5.17 -35.94 1.50
N GLU E 127 6.38 -36.48 1.29
CA GLU E 127 6.87 -37.51 2.21
C GLU E 127 6.96 -36.97 3.63
N GLN E 128 7.45 -35.74 3.80
CA GLN E 128 7.59 -35.16 5.13
C GLN E 128 6.23 -34.92 5.78
N PHE E 129 5.24 -34.46 5.00
CA PHE E 129 3.91 -34.23 5.56
C PHE E 129 3.25 -35.55 5.92
N ALA E 130 3.48 -36.60 5.14
CA ALA E 130 2.94 -37.92 5.48
C ALA E 130 3.55 -38.44 6.76
N VAL E 131 4.86 -38.30 6.92
CA VAL E 131 5.53 -38.76 8.15
C VAL E 131 5.06 -37.93 9.34
N ILE E 132 4.89 -36.61 9.15
CA ILE E 132 4.42 -35.75 10.22
C ILE E 132 3.01 -36.13 10.64
N LYS E 133 2.13 -36.38 9.68
CA LYS E 133 0.75 -36.74 9.99
C LYS E 133 0.68 -38.10 10.68
N LYS E 134 1.49 -39.06 10.22
CA LYS E 134 1.50 -40.37 10.86
C LYS E 134 2.04 -40.29 12.28
N GLU E 135 3.08 -39.47 12.51
CA GLU E 135 3.62 -39.32 13.85
C GLU E 135 2.62 -38.63 14.78
N MET E 136 1.97 -37.56 14.30
CA MET E 136 0.98 -36.87 15.11
C MET E 136 -0.21 -37.77 15.44
N PHE E 137 -0.63 -38.60 14.47
CA PHE E 137 -1.79 -39.46 14.71
C PHE E 137 -1.43 -40.61 15.64
N ARG E 138 -0.22 -41.15 15.52
CA ARG E 138 0.23 -42.19 16.44
C ARG E 138 0.37 -41.63 17.85
N LEU E 139 0.84 -40.39 17.98
CA LEU E 139 0.96 -39.79 19.29
C LEU E 139 -0.41 -39.48 19.91
N ASN E 140 -1.36 -39.02 19.08
CA ASN E 140 -2.72 -38.80 19.58
C ASN E 140 -3.39 -40.10 19.97
N ALA E 141 -3.09 -41.20 19.26
CA ALA E 141 -3.58 -42.51 19.65
C ALA E 141 -2.94 -42.98 20.95
N GLU E 142 -1.67 -42.65 21.16
CA GLU E 142 -1.01 -42.94 22.42
C GLU E 142 -1.63 -42.16 23.57
N PHE E 143 -2.00 -40.91 23.31
CA PHE E 143 -2.56 -40.07 24.36
C PHE E 143 -3.97 -40.50 24.71
N THR E 144 -4.86 -40.54 23.71
CA THR E 144 -6.27 -40.79 23.95
C THR E 144 -6.61 -42.25 24.15
N GLY E 145 -5.68 -43.17 23.85
CA GLY E 145 -5.97 -44.58 23.93
C GLY E 145 -6.85 -45.11 22.81
N GLN E 146 -7.15 -44.28 21.82
CA GLN E 146 -7.97 -44.70 20.68
C GLN E 146 -7.08 -45.35 19.62
N PRO E 147 -7.67 -46.15 18.73
CA PRO E 147 -6.89 -46.67 17.59
C PRO E 147 -6.47 -45.54 16.66
N ILE E 148 -5.34 -45.77 15.97
CA ILE E 148 -4.79 -44.76 15.07
C ILE E 148 -5.70 -44.56 13.86
N GLU E 149 -6.42 -45.60 13.44
CA GLU E 149 -7.34 -45.47 12.32
C GLU E 149 -8.52 -44.57 12.67
N ARG E 150 -9.04 -44.68 13.90
CA ARG E 150 -10.10 -43.78 14.35
C ARG E 150 -9.58 -42.35 14.48
N ILE E 151 -8.33 -42.19 14.92
CA ILE E 151 -7.72 -40.86 14.99
C ILE E 151 -7.65 -40.23 13.61
N GLU E 152 -7.20 -40.99 12.62
CA GLU E 152 -7.04 -40.45 11.27
C GLU E 152 -8.39 -40.20 10.61
N ALA E 153 -9.37 -41.06 10.87
CA ALA E 153 -10.70 -40.86 10.30
C ALA E 153 -11.42 -39.68 10.93
N ASP E 154 -11.15 -39.41 12.21
CA ASP E 154 -11.79 -38.29 12.88
C ASP E 154 -11.08 -36.97 12.58
N SER E 155 -9.74 -36.97 12.58
CA SER E 155 -8.99 -35.77 12.29
C SER E 155 -8.73 -35.56 10.80
N ASP E 156 -9.50 -36.21 9.93
CA ASP E 156 -9.41 -35.92 8.50
C ASP E 156 -9.82 -34.49 8.21
N ARG E 157 -10.82 -34.00 8.93
CA ARG E 157 -11.23 -32.61 8.90
C ARG E 157 -11.31 -32.08 10.32
N ASP E 158 -11.88 -30.89 10.48
CA ASP E 158 -12.05 -30.30 11.81
C ASP E 158 -12.98 -31.15 12.65
N ARG E 159 -12.48 -31.66 13.77
CA ARG E 159 -13.26 -32.50 14.68
C ARG E 159 -13.35 -31.78 16.02
N TRP E 160 -14.57 -31.48 16.45
CA TRP E 160 -14.80 -30.67 17.63
C TRP E 160 -15.22 -31.55 18.81
N PHE E 161 -14.79 -31.14 20.01
CA PHE E 161 -15.12 -31.83 21.24
C PHE E 161 -15.41 -30.81 22.33
N THR E 162 -16.42 -31.08 23.15
CA THR E 162 -16.63 -30.34 24.37
C THR E 162 -15.76 -30.93 25.48
N ALA E 163 -16.03 -30.53 26.72
CA ALA E 163 -15.30 -31.09 27.85
C ALA E 163 -15.61 -32.57 28.04
N ALA E 164 -16.90 -32.92 28.05
CA ALA E 164 -17.28 -34.32 28.23
C ALA E 164 -16.91 -35.16 27.03
N GLU E 165 -17.01 -34.59 25.82
CA GLU E 165 -16.63 -35.33 24.62
C GLU E 165 -15.14 -35.61 24.58
N ALA E 166 -14.32 -34.65 25.01
CA ALA E 166 -12.89 -34.89 25.07
C ALA E 166 -12.51 -35.82 26.21
N LEU E 167 -13.30 -35.82 27.30
CA LEU E 167 -13.07 -36.79 28.36
C LEU E 167 -13.39 -38.20 27.89
N GLU E 168 -14.44 -38.35 27.10
CA GLU E 168 -14.79 -39.65 26.54
C GLU E 168 -13.79 -40.10 25.48
N TYR E 169 -13.24 -39.16 24.71
CA TYR E 169 -12.29 -39.53 23.66
C TYR E 169 -10.92 -39.89 24.23
N GLY E 170 -10.44 -39.12 25.21
CA GLY E 170 -9.18 -39.41 25.87
C GLY E 170 -8.17 -38.29 25.87
N PHE E 171 -8.52 -37.08 25.42
CA PHE E 171 -7.56 -35.97 25.48
C PHE E 171 -7.28 -35.58 26.93
N VAL E 172 -8.29 -35.59 27.78
CA VAL E 172 -8.15 -35.27 29.19
C VAL E 172 -8.62 -36.45 30.02
N ASP E 173 -8.30 -36.40 31.32
CA ASP E 173 -8.64 -37.47 32.23
C ASP E 173 -9.70 -37.10 33.25
N HIS E 174 -9.84 -35.81 33.56
CA HIS E 174 -10.88 -35.35 34.48
C HIS E 174 -11.44 -34.04 33.96
N ILE E 175 -12.65 -33.72 34.42
CA ILE E 175 -13.28 -32.44 34.15
C ILE E 175 -13.35 -31.70 35.47
N ILE E 176 -12.62 -30.59 35.58
CA ILE E 176 -12.59 -29.83 36.82
C ILE E 176 -13.97 -29.21 37.04
N THR E 177 -14.60 -29.55 38.17
CA THR E 177 -15.90 -29.02 38.54
C THR E 177 -15.90 -28.69 40.02
N ARG E 178 -16.58 -27.61 40.38
CA ARG E 178 -16.71 -27.23 41.79
C ARG E 178 -18.13 -27.44 42.28
N SER F 1 4.84 2.03 32.60
CA SER F 1 3.52 2.38 32.10
C SER F 1 2.58 2.75 33.26
N LEU F 2 1.87 3.87 33.09
CA LEU F 2 0.95 4.31 34.13
C LEU F 2 -0.29 3.42 34.19
N THR F 3 -0.80 3.00 33.03
CA THR F 3 -2.00 2.17 32.99
C THR F 3 -1.73 0.80 33.62
N ASP F 4 -0.61 0.17 33.26
CA ASP F 4 -0.24 -1.09 33.89
C ASP F 4 0.04 -0.91 35.38
N SER F 5 0.55 0.26 35.78
CA SER F 5 0.84 0.50 37.19
C SER F 5 -0.46 0.57 38.00
N VAL F 6 -1.45 1.32 37.52
CA VAL F 6 -2.71 1.41 38.26
C VAL F 6 -3.47 0.10 38.17
N TYR F 7 -3.29 -0.65 37.08
CA TYR F 7 -3.92 -1.96 36.97
C TYR F 7 -3.34 -2.94 37.99
N GLU F 8 -2.01 -2.94 38.17
CA GLU F 8 -1.42 -3.82 39.18
C GLU F 8 -1.76 -3.35 40.59
N ARG F 9 -1.87 -2.03 40.79
CA ARG F 9 -2.23 -1.53 42.11
C ARG F 9 -3.67 -1.88 42.47
N LEU F 10 -4.57 -1.94 41.48
CA LEU F 10 -5.92 -2.40 41.76
C LEU F 10 -6.02 -3.91 41.78
N LEU F 11 -5.09 -4.61 41.12
CA LEU F 11 -5.00 -6.06 41.25
C LEU F 11 -4.58 -6.45 42.66
N SER F 12 -3.72 -5.64 43.28
CA SER F 12 -3.37 -5.87 44.68
C SER F 12 -4.58 -5.69 45.59
N GLU F 13 -5.55 -4.87 45.16
CA GLU F 13 -6.81 -4.69 45.86
C GLU F 13 -7.91 -5.58 45.31
N ARG F 14 -7.55 -6.60 44.52
CA ARG F 14 -8.47 -7.58 43.95
C ARG F 14 -9.54 -6.92 43.07
N ILE F 15 -9.11 -5.99 42.22
CA ILE F 15 -9.99 -5.34 41.25
C ILE F 15 -9.34 -5.52 39.87
N ILE F 16 -9.94 -6.37 39.04
CA ILE F 16 -9.44 -6.62 37.69
C ILE F 16 -10.35 -5.91 36.70
N PHE F 17 -9.86 -5.75 35.47
CA PHE F 17 -10.53 -4.95 34.45
C PHE F 17 -10.58 -5.70 33.13
N LEU F 18 -11.77 -5.85 32.59
CA LEU F 18 -11.96 -6.30 31.21
C LEU F 18 -12.27 -5.08 30.35
N GLY F 19 -11.20 -4.36 30.01
CA GLY F 19 -11.32 -3.05 29.39
C GLY F 19 -11.09 -2.96 27.90
N SER F 20 -11.10 -4.07 27.18
CA SER F 20 -10.89 -4.05 25.75
C SER F 20 -11.71 -5.18 25.11
N GLU F 21 -11.49 -5.39 23.82
CA GLU F 21 -12.13 -6.50 23.13
C GLU F 21 -11.59 -7.82 23.66
N VAL F 22 -12.48 -8.78 23.90
CA VAL F 22 -12.11 -10.02 24.55
C VAL F 22 -11.47 -10.95 23.52
N ASN F 23 -10.16 -10.83 23.35
CA ASN F 23 -9.39 -11.76 22.53
C ASN F 23 -8.66 -12.73 23.45
N ASP F 24 -7.94 -13.68 22.85
CA ASP F 24 -7.32 -14.75 23.63
C ASP F 24 -6.22 -14.22 24.55
N GLU F 25 -5.51 -13.17 24.15
CA GLU F 25 -4.42 -12.63 24.96
C GLU F 25 -4.93 -11.95 26.21
N ILE F 26 -5.90 -11.04 26.06
CA ILE F 26 -6.52 -10.37 27.20
C ILE F 26 -7.23 -11.39 28.08
N ALA F 27 -7.80 -12.43 27.46
CA ALA F 27 -8.45 -13.47 28.24
C ALA F 27 -7.45 -14.23 29.11
N ASN F 28 -6.29 -14.59 28.56
CA ASN F 28 -5.29 -15.28 29.36
C ASN F 28 -4.72 -14.36 30.44
N ARG F 29 -4.61 -13.06 30.16
CA ARG F 29 -4.21 -12.12 31.21
C ARG F 29 -5.22 -12.08 32.35
N LEU F 30 -6.52 -12.06 32.00
CA LEU F 30 -7.56 -12.02 33.03
C LEU F 30 -7.61 -13.32 33.83
N CYS F 31 -7.45 -14.46 33.15
CA CYS F 31 -7.42 -15.74 33.86
C CYS F 31 -6.20 -15.85 34.75
N ALA F 32 -5.06 -15.31 34.32
CA ALA F 32 -3.88 -15.32 35.17
C ALA F 32 -4.09 -14.44 36.40
N GLN F 33 -4.73 -13.28 36.22
CA GLN F 33 -5.05 -12.43 37.36
C GLN F 33 -6.02 -13.12 38.32
N ILE F 34 -7.01 -13.83 37.78
CA ILE F 34 -7.98 -14.54 38.62
C ILE F 34 -7.29 -15.67 39.38
N LEU F 35 -6.41 -16.42 38.72
CA LEU F 35 -5.70 -17.49 39.38
C LEU F 35 -4.75 -16.97 40.45
N LEU F 36 -4.11 -15.82 40.19
CA LEU F 36 -3.25 -15.21 41.20
C LEU F 36 -4.06 -14.75 42.40
N LEU F 37 -5.20 -14.11 42.16
CA LEU F 37 -6.03 -13.65 43.28
C LEU F 37 -6.63 -14.81 44.06
N ALA F 38 -6.91 -15.93 43.39
CA ALA F 38 -7.39 -17.12 44.10
C ALA F 38 -6.28 -17.80 44.88
N ALA F 39 -5.03 -17.73 44.40
CA ALA F 39 -3.92 -18.29 45.14
C ALA F 39 -3.55 -17.41 46.34
N GLU F 40 -3.76 -16.09 46.24
CA GLU F 40 -3.48 -15.21 47.36
C GLU F 40 -4.51 -15.40 48.48
N ASP F 41 -5.79 -15.24 48.16
CA ASP F 41 -6.88 -15.39 49.12
C ASP F 41 -8.07 -15.96 48.39
N ALA F 42 -8.51 -17.15 48.80
CA ALA F 42 -9.64 -17.83 48.15
C ALA F 42 -10.98 -17.51 48.79
N SER F 43 -11.04 -16.56 49.72
CA SER F 43 -12.26 -16.22 50.43
C SER F 43 -12.70 -14.78 50.19
N LYS F 44 -11.88 -13.97 49.53
CA LYS F 44 -12.20 -12.57 49.28
C LYS F 44 -12.69 -12.41 47.85
N ASP F 45 -13.58 -11.45 47.64
CA ASP F 45 -14.22 -11.29 46.34
C ASP F 45 -13.24 -10.73 45.31
N ILE F 46 -13.39 -11.18 44.07
CA ILE F 46 -12.65 -10.64 42.94
C ILE F 46 -13.59 -9.74 42.16
N SER F 47 -13.27 -8.44 42.10
CA SER F 47 -14.10 -7.46 41.41
C SER F 47 -13.62 -7.33 39.97
N LEU F 48 -14.49 -7.68 39.03
CA LEU F 48 -14.17 -7.62 37.60
C LEU F 48 -15.03 -6.53 36.97
N TYR F 49 -14.41 -5.38 36.70
CA TYR F 49 -15.09 -4.30 36.00
C TYR F 49 -14.98 -4.52 34.50
N ILE F 50 -16.12 -4.59 33.82
CA ILE F 50 -16.18 -4.99 32.42
C ILE F 50 -16.59 -3.77 31.59
N ASN F 51 -15.66 -3.27 30.77
CA ASN F 51 -15.95 -2.29 29.73
C ASN F 51 -15.40 -2.87 28.43
N SER F 52 -16.20 -3.70 27.77
CA SER F 52 -15.73 -4.48 26.64
C SER F 52 -16.70 -4.40 25.47
N PRO F 53 -16.19 -4.27 24.24
CA PRO F 53 -17.06 -4.30 23.06
C PRO F 53 -17.33 -5.70 22.53
N GLY F 54 -17.23 -6.67 23.43
CA GLY F 54 -17.44 -8.07 23.06
C GLY F 54 -16.12 -8.80 22.98
N GLY F 55 -16.07 -9.86 22.20
CA GLY F 55 -14.82 -10.60 22.01
C GLY F 55 -15.04 -12.04 21.65
N SER F 56 -13.99 -12.84 21.76
CA SER F 56 -14.04 -14.27 21.40
C SER F 56 -14.81 -15.07 22.43
N ILE F 57 -15.54 -16.09 21.99
CA ILE F 57 -16.30 -16.97 22.91
C ILE F 57 -15.31 -17.86 23.67
N SER F 58 -14.34 -18.44 22.96
CA SER F 58 -13.38 -19.37 23.61
C SER F 58 -12.58 -18.57 24.63
N ALA F 59 -12.25 -17.33 24.26
CA ALA F 59 -11.48 -16.44 25.15
C ALA F 59 -12.33 -16.11 26.38
N GLY F 60 -13.59 -15.73 26.18
CA GLY F 60 -14.49 -15.45 27.31
C GLY F 60 -14.86 -16.71 28.04
N MET F 61 -14.84 -17.85 27.36
CA MET F 61 -15.13 -19.16 28.00
C MET F 61 -13.96 -19.49 28.93
N ALA F 62 -12.76 -19.08 28.55
CA ALA F 62 -11.57 -19.28 29.41
C ALA F 62 -11.78 -18.45 30.67
N ILE F 63 -12.24 -17.21 30.50
CA ILE F 63 -12.54 -16.33 31.66
C ILE F 63 -13.73 -16.92 32.41
N TYR F 64 -14.80 -17.34 31.71
CA TYR F 64 -15.94 -17.83 32.48
C TYR F 64 -15.56 -19.03 33.33
N ASP F 65 -14.85 -19.99 32.76
CA ASP F 65 -14.43 -21.17 33.52
C ASP F 65 -13.48 -20.78 34.65
N THR F 66 -12.55 -19.86 34.37
CA THR F 66 -11.67 -19.36 35.43
C THR F 66 -12.45 -18.62 36.50
N MET F 67 -13.57 -17.99 36.13
CA MET F 67 -14.36 -17.26 37.11
C MET F 67 -15.10 -18.21 38.05
N VAL F 68 -15.73 -19.22 37.45
CA VAL F 68 -16.47 -20.24 38.26
C VAL F 68 -15.47 -21.00 39.12
N LEU F 69 -14.48 -21.64 38.49
CA LEU F 69 -13.52 -22.48 39.25
C LEU F 69 -13.00 -21.72 40.47
N ALA F 70 -12.34 -20.57 40.25
CA ALA F 70 -11.77 -19.79 41.37
C ALA F 70 -12.66 -19.94 42.61
N PRO F 71 -12.15 -20.36 43.79
CA PRO F 71 -13.00 -20.41 44.99
C PRO F 71 -13.58 -19.07 45.38
N CYS F 72 -13.03 -17.97 44.89
CA CYS F 72 -13.55 -16.65 45.19
C CYS F 72 -14.83 -16.39 44.41
N ASP F 73 -15.71 -15.58 45.00
CA ASP F 73 -16.94 -15.19 44.33
C ASP F 73 -16.67 -13.98 43.45
N ILE F 74 -16.81 -14.17 42.14
CA ILE F 74 -16.45 -13.15 41.15
C ILE F 74 -17.59 -12.15 41.07
N ALA F 75 -17.39 -10.96 41.63
CA ALA F 75 -18.36 -9.89 41.53
C ALA F 75 -18.09 -9.09 40.26
N THR F 76 -18.99 -9.19 39.30
CA THR F 76 -18.85 -8.48 38.04
C THR F 76 -19.55 -7.13 38.12
N TYR F 77 -18.98 -6.15 37.42
CA TYR F 77 -19.45 -4.77 37.43
C TYR F 77 -19.56 -4.30 35.98
N ALA F 78 -20.79 -4.17 35.49
CA ALA F 78 -21.02 -3.59 34.17
C ALA F 78 -20.66 -2.11 34.20
N MET F 79 -19.57 -1.75 33.54
CA MET F 79 -19.02 -0.40 33.58
C MET F 79 -19.07 0.19 32.17
N GLY F 80 -20.12 0.94 31.88
CA GLY F 80 -20.24 1.61 30.60
C GLY F 80 -20.76 0.75 29.47
N MET F 81 -19.99 -0.25 29.07
CA MET F 81 -20.35 -1.11 27.95
C MET F 81 -20.13 -2.57 28.32
N ALA F 82 -21.14 -3.40 28.09
CA ALA F 82 -21.02 -4.85 28.21
C ALA F 82 -21.70 -5.47 26.99
N ALA F 83 -20.90 -5.69 25.97
CA ALA F 83 -21.51 -6.18 24.73
C ALA F 83 -21.05 -7.61 24.50
N SER F 84 -22.00 -8.48 24.13
CA SER F 84 -21.62 -9.84 23.73
C SER F 84 -20.85 -10.54 24.84
N MET F 85 -19.55 -10.72 24.68
CA MET F 85 -18.76 -11.46 25.67
C MET F 85 -18.64 -10.61 26.93
N GLY F 86 -18.76 -9.28 26.83
CA GLY F 86 -18.80 -8.50 28.05
C GLY F 86 -20.02 -8.81 28.90
N GLU F 87 -21.20 -8.84 28.28
CA GLU F 87 -22.41 -9.17 29.03
C GLU F 87 -22.42 -10.64 29.44
N PHE F 88 -21.84 -11.53 28.64
CA PHE F 88 -21.78 -12.93 29.00
C PHE F 88 -20.92 -13.15 30.23
N LEU F 89 -19.80 -12.43 30.32
CA LEU F 89 -18.94 -12.55 31.49
C LEU F 89 -19.47 -11.73 32.67
N LEU F 90 -20.26 -10.70 32.41
CA LEU F 90 -20.90 -9.96 33.49
C LEU F 90 -21.97 -10.79 34.17
N ALA F 91 -22.84 -11.42 33.38
CA ALA F 91 -23.86 -12.29 33.93
C ALA F 91 -23.27 -13.58 34.48
N ALA F 92 -22.02 -13.90 34.12
CA ALA F 92 -21.34 -15.09 34.61
C ALA F 92 -20.89 -14.96 36.07
N GLY F 93 -21.04 -13.79 36.67
CA GLY F 93 -20.62 -13.59 38.05
C GLY F 93 -21.49 -14.35 39.03
N THR F 94 -21.09 -14.25 40.30
CA THR F 94 -21.81 -14.93 41.37
C THR F 94 -23.19 -14.31 41.56
N LYS F 95 -24.19 -15.16 41.78
CA LYS F 95 -25.55 -14.68 41.97
C LYS F 95 -25.66 -13.88 43.26
N GLY F 96 -26.32 -12.72 43.16
CA GLY F 96 -26.36 -11.77 44.25
C GLY F 96 -25.19 -10.82 44.30
N LYS F 97 -24.18 -11.01 43.45
CA LYS F 97 -23.00 -10.14 43.44
C LYS F 97 -22.68 -9.63 42.04
N ARG F 98 -23.64 -9.69 41.12
CA ARG F 98 -23.50 -9.12 39.78
C ARG F 98 -24.13 -7.73 39.79
N TYR F 99 -23.35 -6.71 39.47
CA TYR F 99 -23.81 -5.33 39.54
C TYR F 99 -23.66 -4.64 38.19
N ALA F 100 -24.47 -3.61 37.98
CA ALA F 100 -24.36 -2.73 36.82
C ALA F 100 -24.33 -1.29 37.31
N LEU F 101 -23.38 -0.52 36.80
CA LEU F 101 -23.36 0.91 37.06
C LEU F 101 -24.57 1.56 36.40
N PRO F 102 -25.13 2.63 37.00
CA PRO F 102 -26.48 3.08 36.60
C PRO F 102 -26.62 3.57 35.16
N HIS F 103 -25.52 3.73 34.43
CA HIS F 103 -25.60 4.16 33.05
C HIS F 103 -24.81 3.26 32.10
N ALA F 104 -24.54 2.02 32.51
CA ALA F 104 -23.89 1.07 31.63
C ALA F 104 -24.87 0.56 30.59
N ARG F 105 -24.34 0.24 29.41
CA ARG F 105 -25.14 -0.25 28.30
C ARG F 105 -24.73 -1.68 27.98
N ILE F 106 -25.71 -2.60 28.01
CA ILE F 106 -25.45 -4.03 27.92
C ILE F 106 -26.06 -4.57 26.64
N LEU F 107 -25.22 -5.20 25.80
CA LEU F 107 -25.62 -5.64 24.47
C LEU F 107 -25.53 -7.16 24.41
N MET F 108 -26.68 -7.82 24.35
CA MET F 108 -26.75 -9.27 24.21
C MET F 108 -27.20 -9.61 22.79
N HIS F 109 -26.40 -10.40 22.09
CA HIS F 109 -26.78 -10.82 20.70
C HIS F 109 -26.18 -12.18 20.38
N GLN F 110 -26.72 -12.84 19.36
CA GLN F 110 -26.23 -14.19 18.98
C GLN F 110 -24.73 -14.13 18.70
N PRO F 111 -23.98 -15.23 18.93
CA PRO F 111 -22.56 -15.23 18.60
C PRO F 111 -22.39 -14.95 17.10
N LEU F 112 -21.31 -14.27 16.73
CA LEU F 112 -21.04 -13.98 15.30
C LEU F 112 -19.73 -14.66 14.91
N GLY F 113 -19.45 -14.76 13.61
CA GLY F 113 -18.18 -15.36 13.15
C GLY F 113 -18.08 -15.39 11.65
N GLY F 114 -17.45 -16.43 11.10
CA GLY F 114 -17.30 -16.55 9.64
C GLY F 114 -17.21 -18.00 9.22
N VAL F 115 -17.58 -18.31 7.98
CA VAL F 115 -17.48 -19.70 7.45
C VAL F 115 -16.45 -19.69 6.31
N THR F 116 -15.55 -20.67 6.30
CA THR F 116 -14.54 -20.73 5.25
C THR F 116 -14.20 -22.18 4.97
N GLY F 117 -13.52 -22.41 3.86
CA GLY F 117 -13.12 -23.75 3.47
C GLY F 117 -14.13 -24.41 2.55
N SER F 118 -13.97 -25.71 2.40
CA SER F 118 -14.86 -26.50 1.53
C SER F 118 -16.24 -26.64 2.17
N ALA F 119 -17.14 -27.30 1.44
CA ALA F 119 -18.52 -27.46 1.91
C ALA F 119 -18.59 -28.32 3.15
N ALA F 120 -17.77 -29.37 3.24
CA ALA F 120 -17.74 -30.19 4.45
C ALA F 120 -17.15 -29.41 5.62
N ASP F 121 -16.14 -28.57 5.37
CA ASP F 121 -15.57 -27.73 6.41
C ASP F 121 -16.58 -26.71 6.91
N ILE F 122 -17.35 -26.11 6.00
CA ILE F 122 -18.36 -25.14 6.40
C ILE F 122 -19.53 -25.83 7.11
N ALA F 123 -19.84 -27.08 6.74
CA ALA F 123 -20.86 -27.83 7.46
C ALA F 123 -20.40 -28.16 8.87
N ILE F 124 -19.13 -28.53 9.04
CA ILE F 124 -18.58 -28.80 10.36
C ILE F 124 -18.58 -27.51 11.19
N GLN F 125 -18.22 -26.39 10.58
CA GLN F 125 -18.30 -25.10 11.26
C GLN F 125 -19.75 -24.75 11.61
N ALA F 126 -20.71 -25.20 10.81
CA ALA F 126 -22.11 -24.98 11.13
C ALA F 126 -22.53 -25.79 12.36
N GLU F 127 -22.13 -27.06 12.44
CA GLU F 127 -22.41 -27.82 13.66
C GLU F 127 -21.77 -27.17 14.87
N GLN F 128 -20.52 -26.72 14.72
CA GLN F 128 -19.82 -26.09 15.85
C GLN F 128 -20.45 -24.78 16.26
N PHE F 129 -20.91 -23.98 15.28
CA PHE F 129 -21.56 -22.71 15.61
C PHE F 129 -22.91 -22.95 16.27
N ALA F 130 -23.63 -23.99 15.85
CA ALA F 130 -24.89 -24.33 16.49
C ALA F 130 -24.68 -24.76 17.93
N VAL F 131 -23.66 -25.59 18.17
CA VAL F 131 -23.37 -26.04 19.54
C VAL F 131 -22.92 -24.86 20.39
N ILE F 132 -22.11 -23.96 19.82
CA ILE F 132 -21.63 -22.79 20.53
C ILE F 132 -22.81 -21.89 20.91
N LYS F 133 -23.72 -21.66 19.96
CA LYS F 133 -24.86 -20.79 20.22
C LYS F 133 -25.80 -21.41 21.26
N LYS F 134 -26.02 -22.73 21.18
CA LYS F 134 -26.86 -23.39 22.17
C LYS F 134 -26.24 -23.34 23.55
N GLU F 135 -24.92 -23.53 23.64
CA GLU F 135 -24.24 -23.47 24.94
C GLU F 135 -24.29 -22.06 25.52
N MET F 136 -24.02 -21.04 24.69
CA MET F 136 -24.07 -19.66 25.17
C MET F 136 -25.48 -19.27 25.60
N PHE F 137 -26.50 -19.74 24.87
CA PHE F 137 -27.87 -19.38 25.23
C PHE F 137 -28.33 -20.11 26.48
N ARG F 138 -27.92 -21.38 26.65
CA ARG F 138 -28.24 -22.10 27.88
C ARG F 138 -27.53 -21.48 29.07
N LEU F 139 -26.30 -21.00 28.89
CA LEU F 139 -25.59 -20.36 29.98
C LEU F 139 -26.20 -19.00 30.33
N ASN F 140 -26.64 -18.24 29.31
CA ASN F 140 -27.31 -16.98 29.59
C ASN F 140 -28.67 -17.20 30.26
N ALA F 141 -29.35 -18.31 29.93
CA ALA F 141 -30.58 -18.66 30.62
C ALA F 141 -30.30 -19.07 32.06
N GLU F 142 -29.17 -19.73 32.29
CA GLU F 142 -28.76 -20.07 33.66
C GLU F 142 -28.44 -18.82 34.47
N PHE F 143 -27.82 -17.83 33.82
CA PHE F 143 -27.44 -16.61 34.53
C PHE F 143 -28.66 -15.75 34.83
N THR F 144 -29.43 -15.40 33.80
CA THR F 144 -30.52 -14.46 33.95
C THR F 144 -31.78 -15.08 34.53
N GLY F 145 -31.87 -16.40 34.59
CA GLY F 145 -33.07 -17.06 35.04
C GLY F 145 -34.20 -17.06 34.04
N GLN F 146 -33.96 -16.58 32.82
CA GLN F 146 -34.97 -16.55 31.78
C GLN F 146 -35.01 -17.89 31.04
N PRO F 147 -36.10 -18.20 30.37
CA PRO F 147 -36.12 -19.39 29.51
C PRO F 147 -35.15 -19.26 28.35
N ILE F 148 -34.66 -20.40 27.87
CA ILE F 148 -33.68 -20.41 26.78
C ILE F 148 -34.32 -19.94 25.47
N GLU F 149 -35.62 -20.18 25.31
CA GLU F 149 -36.30 -19.73 24.10
C GLU F 149 -36.40 -18.20 24.06
N ARG F 150 -36.65 -17.57 25.21
CA ARG F 150 -36.65 -16.11 25.26
C ARG F 150 -35.25 -15.56 25.02
N ILE F 151 -34.23 -16.25 25.53
CA ILE F 151 -32.84 -15.84 25.29
C ILE F 151 -32.54 -15.87 23.80
N GLU F 152 -32.92 -16.95 23.11
CA GLU F 152 -32.62 -17.07 21.70
C GLU F 152 -33.45 -16.10 20.85
N ALA F 153 -34.70 -15.86 21.25
CA ALA F 153 -35.53 -14.92 20.50
C ALA F 153 -35.06 -13.49 20.70
N ASP F 154 -34.51 -13.18 21.87
CA ASP F 154 -34.03 -11.82 22.12
C ASP F 154 -32.64 -11.59 21.54
N SER F 155 -31.74 -12.57 21.66
CA SER F 155 -30.40 -12.44 21.13
C SER F 155 -30.29 -12.89 19.68
N ASP F 156 -31.40 -12.99 18.95
CA ASP F 156 -31.34 -13.25 17.52
C ASP F 156 -30.63 -12.12 16.79
N ARG F 157 -30.84 -10.89 17.23
CA ARG F 157 -30.11 -9.73 16.76
C ARG F 157 -29.58 -8.96 17.96
N ASP F 158 -29.07 -7.76 17.71
CA ASP F 158 -28.58 -6.91 18.78
C ASP F 158 -29.70 -6.53 19.73
N ARG F 159 -29.57 -6.91 21.00
CA ARG F 159 -30.56 -6.63 22.02
C ARG F 159 -29.93 -5.76 23.09
N TRP F 160 -30.46 -4.56 23.29
CA TRP F 160 -29.87 -3.56 24.16
C TRP F 160 -30.61 -3.49 25.49
N PHE F 161 -29.86 -3.24 26.56
CA PHE F 161 -30.39 -3.09 27.90
C PHE F 161 -29.69 -1.95 28.62
N THR F 162 -30.46 -1.17 29.36
CA THR F 162 -29.88 -0.22 30.29
C THR F 162 -29.56 -0.93 31.61
N ALA F 163 -29.29 -0.15 32.65
CA ALA F 163 -29.02 -0.73 33.96
C ALA F 163 -30.28 -1.38 34.53
N ALA F 164 -31.41 -0.66 34.51
CA ALA F 164 -32.64 -1.20 35.05
C ALA F 164 -33.18 -2.33 34.17
N GLU F 165 -33.01 -2.22 32.85
CA GLU F 165 -33.47 -3.28 31.96
C GLU F 165 -32.66 -4.56 32.16
N ALA F 166 -31.35 -4.44 32.38
CA ALA F 166 -30.55 -5.62 32.65
C ALA F 166 -30.81 -6.17 34.05
N LEU F 167 -31.19 -5.31 34.98
CA LEU F 167 -31.58 -5.80 36.31
C LEU F 167 -32.89 -6.58 36.23
N GLU F 168 -33.82 -6.11 35.40
CA GLU F 168 -35.07 -6.83 35.21
C GLU F 168 -34.87 -8.13 34.44
N TYR F 169 -33.93 -8.15 33.49
CA TYR F 169 -33.71 -9.35 32.69
C TYR F 169 -32.97 -10.42 33.48
N GLY F 170 -31.95 -10.03 34.24
CA GLY F 170 -31.21 -10.96 35.08
C GLY F 170 -29.71 -10.99 34.87
N PHE F 171 -29.15 -10.10 34.07
CA PHE F 171 -27.69 -10.08 33.91
C PHE F 171 -27.00 -9.66 35.20
N VAL F 172 -27.58 -8.69 35.91
CA VAL F 172 -27.04 -8.21 37.17
C VAL F 172 -28.10 -8.38 38.25
N ASP F 173 -27.65 -8.25 39.51
CA ASP F 173 -28.53 -8.43 40.66
C ASP F 173 -28.83 -7.14 41.41
N HIS F 174 -27.95 -6.15 41.32
CA HIS F 174 -28.19 -4.86 41.94
C HIS F 174 -27.68 -3.76 41.02
N ILE F 175 -28.20 -2.56 41.24
CA ILE F 175 -27.74 -1.36 40.56
C ILE F 175 -27.06 -0.50 41.61
N ILE F 176 -25.75 -0.30 41.46
CA ILE F 176 -25.00 0.48 42.43
C ILE F 176 -25.44 1.94 42.31
N THR F 177 -25.96 2.48 43.42
CA THR F 177 -26.40 3.88 43.48
C THR F 177 -25.94 4.47 44.80
N ARG F 178 -25.57 5.75 44.77
CA ARG F 178 -25.19 6.45 45.99
C ARG F 178 -26.22 7.50 46.37
N ASN G 16 -1.97 -4.86 -39.86
CA ASN G 16 -1.43 -5.58 -38.72
C ASN G 16 -0.57 -6.76 -39.19
N PRO G 17 0.64 -6.87 -38.63
CA PRO G 17 1.54 -7.96 -39.07
C PRO G 17 1.11 -9.33 -38.59
N TYR G 18 0.50 -9.42 -37.41
CA TYR G 18 0.06 -10.72 -36.90
C TYR G 18 -1.03 -11.32 -37.78
N ASN G 19 -2.02 -10.51 -38.17
CA ASN G 19 -3.08 -11.00 -39.05
C ASN G 19 -2.53 -11.31 -40.44
N LYS G 20 -1.58 -10.49 -40.92
CA LYS G 20 -0.99 -10.73 -42.24
C LYS G 20 -0.23 -12.05 -42.27
N LEU G 21 0.49 -12.37 -41.20
CA LEU G 21 1.15 -13.67 -41.13
C LEU G 21 0.18 -14.78 -40.81
N PHE G 22 -0.97 -14.45 -40.21
CA PHE G 22 -2.00 -15.46 -40.00
C PHE G 22 -2.63 -15.88 -41.33
N GLU G 23 -2.73 -14.96 -42.28
CA GLU G 23 -3.10 -15.36 -43.64
C GLU G 23 -1.97 -16.13 -44.31
N GLU G 24 -0.73 -15.92 -43.85
CA GLU G 24 0.41 -16.69 -44.33
C GLU G 24 0.65 -17.97 -43.54
N ARG G 25 -0.33 -18.39 -42.72
CA ARG G 25 -0.25 -19.59 -41.87
C ARG G 25 0.93 -19.52 -40.91
N ILE G 26 0.98 -18.47 -40.10
CA ILE G 26 2.04 -18.26 -39.12
C ILE G 26 1.38 -17.85 -37.80
N ILE G 27 1.66 -18.61 -36.74
CA ILE G 27 1.14 -18.34 -35.41
C ILE G 27 2.31 -17.96 -34.51
N PHE G 28 2.06 -17.01 -33.59
CA PHE G 28 3.09 -16.50 -32.70
C PHE G 28 2.78 -16.93 -31.27
N LEU G 29 3.62 -17.81 -30.72
CA LEU G 29 3.58 -18.13 -29.30
C LEU G 29 4.59 -17.22 -28.60
N GLY G 30 4.18 -15.97 -28.41
CA GLY G 30 5.10 -14.93 -27.99
C GLY G 30 4.91 -14.34 -26.61
N VAL G 31 3.94 -14.82 -25.84
CA VAL G 31 3.66 -14.28 -24.52
C VAL G 31 3.71 -15.41 -23.50
N GLN G 32 3.46 -15.06 -22.24
CA GLN G 32 3.41 -16.04 -21.17
C GLN G 32 2.27 -17.03 -21.41
N VAL G 33 2.57 -18.31 -21.23
CA VAL G 33 1.61 -19.36 -21.55
C VAL G 33 0.64 -19.49 -20.39
N ASP G 34 -0.42 -18.69 -20.40
CA ASP G 34 -1.53 -18.82 -19.48
C ASP G 34 -2.75 -19.29 -20.26
N ASP G 35 -3.90 -19.39 -19.57
CA ASP G 35 -5.10 -19.93 -20.19
C ASP G 35 -5.62 -19.04 -21.30
N ALA G 36 -5.45 -17.72 -21.18
CA ALA G 36 -5.92 -16.81 -22.21
C ALA G 36 -5.09 -16.93 -23.49
N SER G 37 -3.77 -16.90 -23.34
CA SER G 37 -2.89 -17.10 -24.50
C SER G 37 -3.06 -18.50 -25.07
N ALA G 38 -3.31 -19.50 -24.20
CA ALA G 38 -3.57 -20.85 -24.68
C ALA G 38 -4.82 -20.88 -25.56
N ASN G 39 -5.90 -20.23 -25.11
CA ASN G 39 -7.13 -20.23 -25.90
C ASN G 39 -6.97 -19.44 -27.19
N ASP G 40 -6.19 -18.35 -27.18
CA ASP G 40 -5.92 -17.64 -28.42
C ASP G 40 -5.16 -18.53 -29.40
N ILE G 41 -4.15 -19.25 -28.93
CA ILE G 41 -3.37 -20.12 -29.80
C ILE G 41 -4.24 -21.27 -30.33
N MET G 42 -5.10 -21.82 -29.47
CA MET G 42 -5.99 -22.89 -29.91
C MET G 42 -7.01 -22.40 -30.93
N ALA G 43 -7.54 -21.19 -30.75
CA ALA G 43 -8.49 -20.64 -31.71
C ALA G 43 -7.81 -20.40 -33.06
N GLN G 44 -6.57 -19.89 -33.03
CA GLN G 44 -5.83 -19.68 -34.27
C GLN G 44 -5.54 -21.00 -34.97
N LEU G 45 -5.16 -22.02 -34.19
CA LEU G 45 -4.86 -23.33 -34.77
C LEU G 45 -6.11 -23.97 -35.37
N LEU G 46 -7.25 -23.84 -34.70
CA LEU G 46 -8.49 -24.42 -35.22
C LEU G 46 -8.96 -23.67 -36.46
N VAL G 47 -8.78 -22.35 -36.51
CA VAL G 47 -9.12 -21.60 -37.72
C VAL G 47 -8.24 -22.04 -38.88
N LEU G 48 -6.93 -22.17 -38.65
CA LEU G 48 -6.03 -22.58 -39.72
C LEU G 48 -6.29 -24.03 -40.14
N GLU G 49 -6.76 -24.87 -39.22
CA GLU G 49 -7.12 -26.24 -39.59
C GLU G 49 -8.39 -26.28 -40.41
N SER G 50 -9.38 -25.45 -40.07
CA SER G 50 -10.62 -25.42 -40.83
C SER G 50 -10.41 -24.78 -42.20
N LEU G 51 -9.43 -23.89 -42.32
CA LEU G 51 -9.15 -23.28 -43.62
C LEU G 51 -8.52 -24.28 -44.57
N ASP G 52 -7.37 -24.83 -44.20
CA ASP G 52 -6.68 -25.83 -45.03
C ASP G 52 -6.01 -26.86 -44.13
N PRO G 53 -6.55 -28.09 -44.05
CA PRO G 53 -5.99 -29.09 -43.15
C PRO G 53 -4.73 -29.76 -43.64
N ASP G 54 -4.26 -29.46 -44.86
CA ASP G 54 -3.04 -30.04 -45.37
C ASP G 54 -1.83 -29.11 -45.26
N ARG G 55 -2.02 -27.79 -45.31
CA ARG G 55 -0.91 -26.86 -45.28
C ARG G 55 -0.35 -26.74 -43.87
N ASP G 56 0.98 -26.68 -43.78
CA ASP G 56 1.68 -26.76 -42.49
C ASP G 56 1.50 -25.46 -41.71
N ILE G 57 1.07 -25.58 -40.46
CA ILE G 57 0.90 -24.42 -39.59
C ILE G 57 2.24 -24.09 -38.95
N THR G 58 2.74 -22.88 -39.23
CA THR G 58 4.00 -22.43 -38.66
C THR G 58 3.73 -21.73 -37.33
N MET G 59 4.41 -22.17 -36.28
CA MET G 59 4.24 -21.62 -34.94
C MET G 59 5.59 -21.08 -34.48
N TYR G 60 5.73 -19.76 -34.45
CA TYR G 60 6.95 -19.14 -33.94
C TYR G 60 6.85 -18.98 -32.43
N ILE G 61 7.86 -19.47 -31.72
CA ILE G 61 7.79 -19.66 -30.27
C ILE G 61 8.89 -18.80 -29.64
N ASN G 62 8.48 -17.70 -29.00
CA ASN G 62 9.36 -16.89 -28.15
C ASN G 62 8.59 -16.61 -26.86
N SER G 63 8.68 -17.54 -25.91
CA SER G 63 7.82 -17.47 -24.73
C SER G 63 8.54 -17.96 -23.48
N PRO G 64 8.30 -17.30 -22.33
CA PRO G 64 8.85 -17.79 -21.06
C PRO G 64 8.01 -18.85 -20.38
N GLY G 65 6.97 -19.37 -21.05
CA GLY G 65 6.20 -20.46 -20.51
C GLY G 65 5.07 -20.01 -19.60
N GLY G 66 4.70 -20.89 -18.67
CA GLY G 66 3.61 -20.61 -17.75
C GLY G 66 3.01 -21.85 -17.11
N GLY G 67 1.68 -21.94 -17.13
CA GLY G 67 1.03 -23.06 -16.47
C GLY G 67 1.16 -24.35 -17.27
N PHE G 68 1.06 -25.47 -16.56
CA PHE G 68 1.15 -26.78 -17.20
C PHE G 68 -0.15 -27.15 -17.91
N THR G 69 -1.28 -26.69 -17.40
CA THR G 69 -2.56 -27.02 -18.02
C THR G 69 -2.71 -26.33 -19.37
N SER G 70 -2.30 -25.06 -19.46
CA SER G 70 -2.28 -24.37 -20.74
C SER G 70 -1.27 -25.01 -21.69
N LEU G 71 -0.14 -25.46 -21.15
CA LEU G 71 0.84 -26.22 -21.93
C LEU G 71 0.21 -27.44 -22.57
N MET G 72 -0.48 -28.26 -21.76
CA MET G 72 -1.11 -29.46 -22.29
C MET G 72 -2.27 -29.14 -23.22
N ALA G 73 -2.96 -28.02 -23.01
CA ALA G 73 -4.02 -27.62 -23.93
C ALA G 73 -3.44 -27.29 -25.31
N ILE G 74 -2.37 -26.49 -25.35
CA ILE G 74 -1.76 -26.14 -26.63
C ILE G 74 -1.16 -27.36 -27.30
N TYR G 75 -0.57 -28.26 -26.51
CA TYR G 75 0.00 -29.49 -27.06
C TYR G 75 -1.07 -30.37 -27.66
N ASP G 76 -2.19 -30.53 -26.95
CA ASP G 76 -3.30 -31.33 -27.46
C ASP G 76 -3.90 -30.73 -28.72
N THR G 77 -4.01 -29.40 -28.78
CA THR G 77 -4.57 -28.78 -29.98
C THR G 77 -3.60 -28.84 -31.15
N MET G 78 -2.30 -28.79 -30.88
CA MET G 78 -1.32 -28.91 -31.95
C MET G 78 -1.30 -30.32 -32.53
N GLN G 79 -1.40 -31.33 -31.66
CA GLN G 79 -1.45 -32.70 -32.14
C GLN G 79 -2.82 -33.03 -32.74
N TYR G 80 -3.86 -32.29 -32.37
CA TYR G 80 -5.22 -32.61 -32.77
C TYR G 80 -5.55 -32.09 -34.16
N VAL G 81 -5.03 -30.92 -34.53
CA VAL G 81 -5.35 -30.35 -35.83
C VAL G 81 -4.78 -31.21 -36.93
N ARG G 82 -5.49 -31.27 -38.07
CA ARG G 82 -5.07 -32.11 -39.18
C ARG G 82 -3.81 -31.56 -39.84
N ALA G 83 -3.54 -30.26 -39.67
CA ALA G 83 -2.36 -29.66 -40.26
C ALA G 83 -1.12 -29.95 -39.42
N ASP G 84 0.01 -30.10 -40.09
CA ASP G 84 1.27 -30.31 -39.39
C ASP G 84 1.73 -29.00 -38.74
N ILE G 85 2.43 -29.13 -37.61
CA ILE G 85 2.85 -27.98 -36.82
C ILE G 85 4.37 -27.86 -36.93
N GLN G 86 4.83 -26.88 -37.70
CA GLN G 86 6.25 -26.55 -37.78
C GLN G 86 6.55 -25.52 -36.69
N THR G 87 7.11 -25.97 -35.58
CA THR G 87 7.43 -25.11 -34.46
C THR G 87 8.85 -24.57 -34.61
N VAL G 88 8.97 -23.26 -34.76
CA VAL G 88 10.25 -22.59 -34.93
C VAL G 88 10.51 -21.77 -33.67
N CYS G 89 11.51 -22.18 -32.88
CA CYS G 89 11.82 -21.50 -31.64
C CYS G 89 12.75 -20.32 -31.89
N LEU G 90 12.37 -19.16 -31.38
CA LEU G 90 13.17 -17.94 -31.50
C LEU G 90 13.46 -17.41 -30.11
N GLY G 91 14.74 -17.20 -29.81
CA GLY G 91 15.12 -16.60 -28.55
C GLY G 91 15.13 -17.55 -27.37
N GLN G 92 13.94 -17.97 -26.95
CA GLN G 92 13.84 -18.84 -25.75
C GLN G 92 12.56 -19.67 -25.75
N ALA G 93 12.66 -20.93 -25.34
CA ALA G 93 11.47 -21.79 -25.17
C ALA G 93 11.64 -22.44 -23.79
N ALA G 94 11.13 -21.76 -22.80
CA ALA G 94 11.36 -22.23 -21.43
C ALA G 94 10.12 -22.96 -20.94
N SER G 95 10.32 -23.97 -20.09
CA SER G 95 9.18 -24.63 -19.44
C SER G 95 8.18 -25.15 -20.48
N ALA G 96 6.99 -24.58 -20.51
CA ALA G 96 5.92 -25.02 -21.42
C ALA G 96 6.32 -24.84 -22.88
N ALA G 97 6.95 -23.71 -23.23
CA ALA G 97 7.31 -23.47 -24.65
C ALA G 97 8.19 -24.60 -25.18
N ALA G 98 9.21 -25.01 -24.42
CA ALA G 98 10.13 -26.02 -24.96
C ALA G 98 9.39 -27.33 -25.23
N VAL G 99 8.45 -27.69 -24.35
CA VAL G 99 7.65 -28.89 -24.58
C VAL G 99 6.74 -28.70 -25.78
N LEU G 100 6.20 -27.48 -25.96
CA LEU G 100 5.41 -27.19 -27.14
C LEU G 100 6.27 -27.16 -28.41
N LEU G 101 7.54 -26.77 -28.27
CA LEU G 101 8.45 -26.79 -29.41
C LEU G 101 8.76 -28.22 -29.83
N ALA G 102 8.99 -29.10 -28.85
CA ALA G 102 9.15 -30.52 -29.16
C ALA G 102 7.84 -31.15 -29.60
N ALA G 103 6.71 -30.53 -29.28
CA ALA G 103 5.40 -31.07 -29.64
C ALA G 103 5.07 -30.90 -31.12
N GLY G 104 5.93 -30.25 -31.89
CA GLY G 104 5.67 -30.08 -33.30
C GLY G 104 5.76 -31.38 -34.08
N THR G 105 5.50 -31.26 -35.38
CA THR G 105 5.55 -32.42 -36.26
C THR G 105 7.00 -32.92 -36.37
N PRO G 106 7.24 -34.22 -36.21
CA PRO G 106 8.60 -34.74 -36.33
C PRO G 106 9.17 -34.50 -37.73
N GLY G 107 10.43 -34.04 -37.76
CA GLY G 107 11.06 -33.64 -39.00
C GLY G 107 10.86 -32.18 -39.37
N LYS G 108 9.91 -31.49 -38.75
CA LYS G 108 9.66 -30.08 -39.03
C LYS G 108 9.76 -29.21 -37.79
N ARG G 109 10.55 -29.63 -36.80
CA ARG G 109 10.76 -28.83 -35.60
C ARG G 109 12.06 -28.06 -35.77
N MET G 110 11.97 -26.72 -35.77
CA MET G 110 13.09 -25.85 -36.09
C MET G 110 13.37 -24.91 -34.92
N ALA G 111 14.56 -24.33 -34.95
CA ALA G 111 14.97 -23.30 -33.99
C ALA G 111 16.17 -22.56 -34.56
N LEU G 112 16.11 -21.24 -34.52
CA LEU G 112 17.23 -20.45 -35.01
C LEU G 112 18.42 -20.58 -34.05
N PRO G 113 19.66 -20.48 -34.57
CA PRO G 113 20.83 -20.99 -33.82
C PRO G 113 21.06 -20.38 -32.44
N ASN G 114 20.59 -19.16 -32.19
CA ASN G 114 20.81 -18.52 -30.90
C ASN G 114 19.57 -18.59 -30.00
N ALA G 115 18.65 -19.51 -30.27
CA ALA G 115 17.49 -19.67 -29.42
C ALA G 115 17.81 -20.52 -28.20
N ARG G 116 17.01 -20.35 -27.15
CA ARG G 116 17.20 -21.07 -25.89
C ARG G 116 16.09 -22.09 -25.70
N VAL G 117 16.43 -23.20 -25.06
CA VAL G 117 15.47 -24.26 -24.73
C VAL G 117 15.68 -24.60 -23.27
N LEU G 118 14.73 -24.21 -22.41
CA LEU G 118 14.81 -24.45 -20.98
C LEU G 118 13.78 -25.51 -20.60
N ILE G 119 14.26 -26.67 -20.18
CA ILE G 119 13.40 -27.78 -19.76
C ILE G 119 13.70 -28.10 -18.31
N HIS G 120 12.67 -28.01 -17.47
CA HIS G 120 12.77 -28.45 -16.08
C HIS G 120 11.40 -28.93 -15.64
N GLN G 121 11.36 -29.51 -14.44
CA GLN G 121 10.10 -30.03 -13.92
C GLN G 121 9.13 -28.88 -13.62
N PRO G 122 7.83 -29.12 -13.77
CA PRO G 122 6.86 -28.05 -13.50
C PRO G 122 6.83 -27.69 -12.02
N SER G 123 6.64 -26.40 -11.76
CA SER G 123 6.62 -25.85 -10.41
C SER G 123 5.33 -25.09 -10.18
N LEU G 124 5.02 -24.85 -8.92
CA LEU G 124 3.84 -24.08 -8.52
C LEU G 124 4.22 -22.62 -8.38
N SER G 125 3.41 -21.74 -8.97
CA SER G 125 3.67 -20.30 -8.92
C SER G 125 3.27 -19.76 -7.56
N GLY G 126 4.19 -19.82 -6.60
CA GLY G 126 3.91 -19.35 -5.26
C GLY G 126 3.66 -20.49 -4.29
N VAL G 127 2.88 -20.18 -3.25
CA VAL G 127 2.56 -21.14 -2.20
C VAL G 127 1.08 -21.46 -2.27
N ILE G 128 0.74 -22.75 -2.23
CA ILE G 128 -0.64 -23.20 -2.18
C ILE G 128 -0.89 -23.80 -0.80
N GLN G 129 -1.80 -23.20 -0.05
CA GLN G 129 -2.09 -23.62 1.31
C GLN G 129 -3.27 -24.59 1.35
N GLY G 130 -3.44 -25.23 2.49
CA GLY G 130 -4.53 -26.18 2.66
C GLY G 130 -4.14 -27.27 3.64
N GLN G 131 -5.09 -28.17 3.86
CA GLN G 131 -4.83 -29.31 4.73
C GLN G 131 -3.85 -30.28 4.08
N PHE G 132 -3.25 -31.14 4.90
CA PHE G 132 -2.22 -32.05 4.42
C PHE G 132 -2.75 -33.06 3.41
N SER G 133 -4.04 -33.40 3.46
CA SER G 133 -4.62 -34.25 2.42
C SER G 133 -4.72 -33.50 1.09
N ASP G 134 -5.13 -32.23 1.14
CA ASP G 134 -5.16 -31.41 -0.07
C ASP G 134 -3.75 -31.15 -0.60
N LEU G 135 -2.79 -30.97 0.31
CA LEU G 135 -1.40 -30.81 -0.13
C LEU G 135 -0.87 -32.10 -0.74
N GLU G 136 -1.25 -33.25 -0.20
CA GLU G 136 -0.87 -34.53 -0.78
C GLU G 136 -1.48 -34.71 -2.16
N ILE G 137 -2.73 -34.27 -2.34
CA ILE G 137 -3.38 -34.35 -3.64
C ILE G 137 -2.69 -33.43 -4.64
N GLN G 138 -2.35 -32.21 -4.22
CA GLN G 138 -1.64 -31.28 -5.11
C GLN G 138 -0.24 -31.80 -5.44
N ALA G 139 0.42 -32.47 -4.50
CA ALA G 139 1.72 -33.05 -4.77
C ALA G 139 1.64 -34.21 -5.75
N ALA G 140 0.65 -35.08 -5.58
CA ALA G 140 0.44 -36.15 -6.55
C ALA G 140 0.08 -35.60 -7.92
N GLU G 141 -0.65 -34.48 -7.96
CA GLU G 141 -1.00 -33.86 -9.23
C GLU G 141 0.22 -33.25 -9.92
N ILE G 142 1.09 -32.58 -9.17
CA ILE G 142 2.29 -32.02 -9.80
C ILE G 142 3.28 -33.13 -10.16
N GLU G 143 3.23 -34.26 -9.45
CA GLU G 143 4.03 -35.41 -9.85
C GLU G 143 3.49 -36.01 -11.15
N ARG G 144 2.16 -36.05 -11.29
CA ARG G 144 1.56 -36.47 -12.55
C ARG G 144 1.91 -35.50 -13.68
N MET G 145 1.97 -34.20 -13.37
CA MET G 145 2.40 -33.21 -14.35
C MET G 145 3.83 -33.46 -14.79
N ARG G 146 4.73 -33.71 -13.83
CA ARG G 146 6.13 -34.00 -14.15
C ARG G 146 6.24 -35.26 -15.00
N THR G 147 5.50 -36.31 -14.63
CA THR G 147 5.53 -37.56 -15.40
C THR G 147 4.96 -37.38 -16.80
N LEU G 148 3.91 -36.58 -16.94
CA LEU G 148 3.31 -36.34 -18.25
C LEU G 148 4.23 -35.51 -19.13
N MET G 149 4.91 -34.51 -18.56
CA MET G 149 5.88 -33.75 -19.32
C MET G 149 7.05 -34.61 -19.75
N GLU G 150 7.52 -35.49 -18.85
CA GLU G 150 8.62 -36.39 -19.22
C GLU G 150 8.19 -37.38 -20.29
N THR G 151 6.95 -37.87 -20.23
CA THR G 151 6.46 -38.79 -21.25
C THR G 151 6.29 -38.10 -22.59
N THR G 152 5.81 -36.85 -22.59
CA THR G 152 5.70 -36.09 -23.82
C THR G 152 7.06 -35.83 -24.44
N LEU G 153 8.04 -35.41 -23.62
CA LEU G 153 9.38 -35.17 -24.14
C LEU G 153 10.06 -36.47 -24.59
N ALA G 154 9.74 -37.59 -23.95
CA ALA G 154 10.30 -38.87 -24.38
C ALA G 154 9.70 -39.32 -25.70
N ARG G 155 8.40 -39.10 -25.89
CA ARG G 155 7.75 -39.51 -27.13
C ARG G 155 8.06 -38.55 -28.27
N HIS G 156 8.47 -37.32 -27.97
CA HIS G 156 8.74 -36.34 -29.00
C HIS G 156 10.21 -36.16 -29.32
N THR G 157 11.11 -36.45 -28.38
CA THR G 157 12.55 -36.28 -28.61
C THR G 157 13.26 -37.60 -28.85
N GLY G 158 12.58 -38.73 -28.72
CA GLY G 158 13.20 -40.03 -28.94
C GLY G 158 13.97 -40.58 -27.76
N LYS G 159 14.09 -39.83 -26.67
CA LYS G 159 14.83 -40.29 -25.51
C LYS G 159 13.93 -41.10 -24.58
N ASP G 160 14.54 -41.66 -23.54
CA ASP G 160 13.80 -42.39 -22.52
C ASP G 160 13.33 -41.44 -21.44
N ALA G 161 12.20 -41.77 -20.81
CA ALA G 161 11.59 -40.90 -19.81
C ALA G 161 12.48 -40.71 -18.59
N GLY G 162 13.35 -41.67 -18.29
CA GLY G 162 14.26 -41.52 -17.16
C GLY G 162 15.35 -40.48 -17.42
N VAL G 163 15.85 -40.42 -18.66
CA VAL G 163 16.83 -39.40 -19.02
C VAL G 163 16.20 -38.02 -18.95
N ILE G 164 14.94 -37.90 -19.39
CA ILE G 164 14.21 -36.65 -19.25
C ILE G 164 13.99 -36.32 -17.78
N ARG G 165 13.81 -37.35 -16.94
CA ARG G 165 13.57 -37.11 -15.52
C ARG G 165 14.81 -36.58 -14.83
N LYS G 166 15.98 -37.16 -15.13
CA LYS G 166 17.20 -36.62 -14.54
C LYS G 166 17.56 -35.25 -15.12
N ASP G 167 17.31 -35.05 -16.42
CA ASP G 167 17.68 -33.80 -17.05
C ASP G 167 16.78 -32.65 -16.62
N THR G 168 15.47 -32.87 -16.59
CA THR G 168 14.53 -31.85 -16.14
C THR G 168 14.34 -31.85 -14.63
N ASP G 169 15.23 -32.51 -13.88
CA ASP G 169 15.20 -32.40 -12.42
C ASP G 169 15.50 -30.97 -11.99
N ARG G 170 16.43 -30.32 -12.68
CA ARG G 170 16.72 -28.90 -12.51
C ARG G 170 16.60 -28.21 -13.86
N ASP G 171 16.99 -26.94 -13.91
CA ASP G 171 16.89 -26.17 -15.15
C ASP G 171 17.90 -26.64 -16.17
N LYS G 172 17.46 -27.47 -17.13
CA LYS G 172 18.32 -27.93 -18.21
C LYS G 172 18.19 -26.93 -19.35
N ILE G 173 19.26 -26.17 -19.59
CA ILE G 173 19.24 -25.10 -20.58
C ILE G 173 20.13 -25.51 -21.75
N LEU G 174 19.56 -25.48 -22.95
CA LEU G 174 20.24 -25.90 -24.16
C LEU G 174 20.15 -24.81 -25.22
N THR G 175 21.13 -24.79 -26.12
CA THR G 175 21.05 -23.95 -27.30
C THR G 175 20.24 -24.66 -28.38
N ALA G 176 20.27 -24.11 -29.60
CA ALA G 176 19.56 -24.74 -30.70
C ALA G 176 20.24 -26.04 -31.14
N GLU G 177 21.55 -26.02 -31.17
CA GLU G 177 22.31 -27.22 -31.56
C GLU G 177 22.17 -28.26 -30.45
N GLU G 178 22.24 -27.81 -29.21
CA GLU G 178 22.10 -28.71 -28.07
C GLU G 178 20.69 -29.28 -27.99
N ALA G 179 19.69 -28.51 -28.39
CA ALA G 179 18.32 -29.05 -28.44
C ALA G 179 18.14 -30.00 -29.60
N LYS G 180 18.89 -29.81 -30.70
CA LYS G 180 18.80 -30.75 -31.81
C LYS G 180 19.47 -32.07 -31.47
N ASP G 181 20.62 -32.03 -30.78
CA ASP G 181 21.23 -33.25 -30.29
C ASP G 181 20.37 -33.89 -29.19
N TYR G 182 19.69 -33.06 -28.40
CA TYR G 182 18.76 -33.58 -27.40
C TYR G 182 17.49 -34.14 -28.01
N GLY G 183 17.07 -33.63 -29.17
CA GLY G 183 15.87 -34.10 -29.83
C GLY G 183 14.68 -33.18 -29.72
N ILE G 184 14.83 -32.01 -29.10
CA ILE G 184 13.71 -31.08 -29.00
C ILE G 184 13.32 -30.55 -30.37
N ILE G 185 14.31 -30.32 -31.23
CA ILE G 185 14.09 -29.91 -32.61
C ILE G 185 14.75 -30.92 -33.54
N ASP G 186 14.27 -30.94 -34.78
CA ASP G 186 14.82 -31.85 -35.78
C ASP G 186 15.74 -31.17 -36.78
N THR G 187 15.77 -29.84 -36.80
CA THR G 187 16.65 -29.14 -37.72
C THR G 187 16.98 -27.77 -37.14
N VAL G 188 18.24 -27.36 -37.29
CA VAL G 188 18.65 -25.99 -37.02
C VAL G 188 18.50 -25.21 -38.32
N LEU G 189 17.79 -24.09 -38.25
CA LEU G 189 17.52 -23.28 -39.44
C LEU G 189 18.67 -22.31 -39.65
N GLU G 190 19.31 -22.44 -40.80
CA GLU G 190 20.45 -21.55 -41.10
C GLU G 190 19.92 -20.16 -41.42
N TYR G 191 20.80 -19.16 -41.45
CA TYR G 191 20.37 -17.84 -41.86
C TYR G 191 20.31 -17.78 -43.38
N ARG G 192 19.09 -17.68 -43.92
CA ARG G 192 18.88 -17.72 -45.36
C ARG G 192 18.91 -16.33 -45.99
N LYS G 193 19.63 -15.39 -45.39
CA LYS G 193 19.84 -14.08 -45.99
C LYS G 193 20.59 -14.22 -47.30
N LEU G 194 20.14 -13.48 -48.31
CA LEU G 194 20.74 -13.59 -49.65
C LEU G 194 22.17 -13.06 -49.68
N SER G 195 22.48 -12.08 -48.84
CA SER G 195 23.83 -11.54 -48.76
C SER G 195 24.68 -12.32 -47.75
N SER H 1 18.17 -0.26 27.33
CA SER H 1 18.87 -0.07 26.06
C SER H 1 20.37 0.11 26.29
N LEU H 2 21.17 -0.62 25.51
CA LEU H 2 22.62 -0.52 25.63
C LEU H 2 23.13 0.81 25.09
N THR H 3 22.57 1.26 23.97
CA THR H 3 23.01 2.51 23.36
C THR H 3 22.72 3.71 24.26
N ASP H 4 21.50 3.77 24.81
CA ASP H 4 21.17 4.81 25.78
C ASP H 4 22.02 4.70 27.04
N SER H 5 22.37 3.48 27.44
CA SER H 5 23.19 3.29 28.63
C SER H 5 24.60 3.85 28.44
N VAL H 6 25.24 3.54 27.31
CA VAL H 6 26.58 4.07 27.08
C VAL H 6 26.53 5.56 26.79
N TYR H 7 25.42 6.03 26.21
CA TYR H 7 25.26 7.47 26.00
C TYR H 7 25.15 8.23 27.32
N GLU H 8 24.39 7.69 28.29
CA GLU H 8 24.30 8.35 29.59
C GLU H 8 25.61 8.22 30.36
N ARG H 9 26.32 7.09 30.19
CA ARG H 9 27.61 6.93 30.86
C ARG H 9 28.65 7.88 30.31
N LEU H 10 28.59 8.20 29.01
CA LEU H 10 29.49 9.21 28.48
C LEU H 10 28.99 10.64 28.73
N LEU H 11 27.69 10.79 28.95
CA LEU H 11 27.16 12.08 29.38
C LEU H 11 27.63 12.40 30.79
N SER H 12 27.77 11.38 31.64
CA SER H 12 28.34 11.61 32.96
C SER H 12 29.80 12.04 32.86
N GLU H 13 30.48 11.65 31.77
CA GLU H 13 31.83 12.09 31.49
C GLU H 13 31.87 13.31 30.57
N ARG H 14 30.73 13.98 30.40
CA ARG H 14 30.60 15.20 29.58
C ARG H 14 30.99 14.96 28.12
N ILE H 15 30.53 13.84 27.55
CA ILE H 15 30.73 13.53 26.15
C ILE H 15 29.35 13.27 25.53
N ILE H 16 28.89 14.19 24.71
CA ILE H 16 27.61 14.06 24.03
C ILE H 16 27.84 13.69 22.58
N PHE H 17 26.79 13.20 21.92
CA PHE H 17 26.88 12.65 20.58
C PHE H 17 25.77 13.21 19.69
N LEU H 18 26.17 13.79 18.55
CA LEU H 18 25.24 14.13 17.48
C LEU H 18 25.35 13.06 16.40
N GLY H 19 24.70 11.92 16.66
CA GLY H 19 24.89 10.73 15.86
C GLY H 19 23.82 10.38 14.86
N SER H 20 22.93 11.32 14.53
CA SER H 20 21.87 11.06 13.56
C SER H 20 21.58 12.35 12.80
N GLU H 21 20.52 12.31 11.99
CA GLU H 21 20.08 13.51 11.29
C GLU H 21 19.54 14.53 12.30
N VAL H 22 19.93 15.79 12.10
CA VAL H 22 19.62 16.83 13.08
C VAL H 22 18.19 17.29 12.86
N ASN H 23 17.25 16.61 13.53
CA ASN H 23 15.86 17.04 13.57
C ASN H 23 15.59 17.71 14.91
N ASP H 24 14.36 18.20 15.08
CA ASP H 24 14.03 18.99 16.27
C ASP H 24 14.10 18.16 17.55
N GLU H 25 13.79 16.87 17.48
CA GLU H 25 13.78 16.01 18.67
C GLU H 25 15.19 15.74 19.17
N ILE H 26 16.08 15.30 18.27
CA ILE H 26 17.48 15.08 18.62
C ILE H 26 18.13 16.40 19.05
N ALA H 27 17.71 17.51 18.43
CA ALA H 27 18.24 18.81 18.83
C ALA H 27 17.85 19.17 20.25
N ASN H 28 16.59 18.94 20.62
CA ASN H 28 16.17 19.23 22.00
C ASN H 28 16.84 18.29 22.98
N ARG H 29 17.09 17.03 22.58
CA ARG H 29 17.85 16.13 23.44
C ARG H 29 19.27 16.65 23.67
N LEU H 30 19.92 17.13 22.61
CA LEU H 30 21.28 17.64 22.73
C LEU H 30 21.33 18.91 23.55
N CYS H 31 20.34 19.80 23.37
CA CYS H 31 20.30 21.03 24.17
C CYS H 31 20.01 20.72 25.63
N ALA H 32 19.18 19.71 25.91
CA ALA H 32 18.95 19.31 27.28
C ALA H 32 20.22 18.74 27.91
N GLN H 33 20.97 17.94 27.15
CA GLN H 33 22.25 17.44 27.65
C GLN H 33 23.24 18.56 27.92
N ILE H 34 23.28 19.55 27.02
CA ILE H 34 24.18 20.70 27.21
C ILE H 34 23.78 21.50 28.43
N LEU H 35 22.48 21.75 28.61
CA LEU H 35 22.02 22.49 29.79
C LEU H 35 22.29 21.73 31.08
N LEU H 36 22.13 20.40 31.05
CA LEU H 36 22.43 19.61 32.23
C LEU H 36 23.92 19.65 32.55
N LEU H 37 24.78 19.53 31.53
CA LEU H 37 26.22 19.58 31.77
C LEU H 37 26.68 20.96 32.22
N ALA H 38 26.00 22.01 31.77
CA ALA H 38 26.31 23.36 32.23
C ALA H 38 25.83 23.60 33.66
N ALA H 39 24.72 22.96 34.04
CA ALA H 39 24.23 23.08 35.42
C ALA H 39 25.08 22.26 36.38
N GLU H 40 25.67 21.16 35.91
CA GLU H 40 26.55 20.36 36.76
C GLU H 40 27.87 21.07 37.01
N ASP H 41 28.58 21.44 35.95
CA ASP H 41 29.87 22.13 36.04
C ASP H 41 29.97 23.07 34.85
N ALA H 42 30.07 24.38 35.12
CA ALA H 42 30.14 25.38 34.06
C ALA H 42 31.56 25.71 33.64
N SER H 43 32.55 24.98 34.13
CA SER H 43 33.96 25.27 33.84
C SER H 43 34.65 24.13 33.11
N LYS H 44 33.98 22.99 32.96
CA LYS H 44 34.58 21.84 32.30
C LYS H 44 34.05 21.74 30.87
N ASP H 45 34.87 21.22 29.97
CA ASP H 45 34.52 21.20 28.56
C ASP H 45 33.44 20.18 28.27
N ILE H 46 32.56 20.51 27.32
CA ILE H 46 31.55 19.59 26.82
C ILE H 46 32.02 19.09 25.47
N SER H 47 32.27 17.78 25.36
CA SER H 47 32.76 17.16 24.13
C SER H 47 31.56 16.69 23.31
N LEU H 48 31.40 17.27 22.12
CA LEU H 48 30.29 16.94 21.22
C LEU H 48 30.87 16.24 20.00
N TYR H 49 30.73 14.91 19.96
CA TYR H 49 31.15 14.14 18.79
C TYR H 49 30.02 14.13 17.77
N ILE H 50 30.32 14.60 16.56
CA ILE H 50 29.31 14.82 15.53
C ILE H 50 29.52 13.82 14.41
N ASN H 51 28.57 12.89 14.27
CA ASN H 51 28.47 12.02 13.10
C ASN H 51 27.05 12.16 12.57
N SER H 52 26.83 13.17 11.74
CA SER H 52 25.50 13.56 11.33
C SER H 52 25.42 13.77 9.82
N PRO H 53 24.34 13.30 9.18
CA PRO H 53 24.16 13.57 7.75
C PRO H 53 23.45 14.89 7.45
N GLY H 54 23.40 15.79 8.42
CA GLY H 54 22.69 17.05 8.27
C GLY H 54 21.39 17.07 9.04
N GLY H 55 20.48 17.93 8.60
CA GLY H 55 19.15 17.97 9.19
C GLY H 55 18.53 19.35 9.05
N SER H 56 17.93 19.80 10.15
CA SER H 56 17.21 21.10 10.20
C SER H 56 18.08 22.27 10.67
N ILE H 57 17.90 23.44 10.06
CA ILE H 57 18.65 24.65 10.49
C ILE H 57 18.09 25.11 11.84
N SER H 58 16.77 25.24 11.97
CA SER H 58 16.14 25.64 13.26
C SER H 58 16.66 24.70 14.34
N ALA H 59 16.78 23.41 14.01
CA ALA H 59 17.37 22.50 14.99
C ALA H 59 18.84 22.82 15.21
N GLY H 60 19.58 23.04 14.11
CA GLY H 60 20.96 23.46 14.23
C GLY H 60 21.12 24.80 14.91
N MET H 61 20.17 25.72 14.67
CA MET H 61 20.22 27.00 15.36
C MET H 61 20.02 26.85 16.86
N ALA H 62 19.10 25.97 17.26
CA ALA H 62 18.88 25.71 18.69
C ALA H 62 20.12 25.10 19.33
N ILE H 63 20.71 24.10 18.67
CA ILE H 63 21.91 23.47 19.22
C ILE H 63 23.06 24.47 19.30
N TYR H 64 23.20 25.33 18.27
CA TYR H 64 24.25 26.32 18.25
C TYR H 64 24.10 27.35 19.37
N ASP H 65 22.88 27.85 19.56
CA ASP H 65 22.64 28.82 20.63
C ASP H 65 22.88 28.20 22.00
N THR H 66 22.44 26.95 22.19
CA THR H 66 22.73 26.24 23.44
C THR H 66 24.22 26.01 23.62
N MET H 67 24.96 25.88 22.52
CA MET H 67 26.41 25.66 22.64
C MET H 67 27.13 26.92 23.08
N VAL H 68 26.79 28.04 22.43
CA VAL H 68 27.43 29.34 22.74
C VAL H 68 27.03 29.78 24.15
N LEU H 69 25.73 29.96 24.39
CA LEU H 69 25.27 30.49 25.70
C LEU H 69 25.73 29.57 26.84
N ALA H 70 26.04 28.31 26.55
CA ALA H 70 26.58 27.42 27.60
C ALA H 70 27.89 28.02 28.13
N PRO H 71 28.04 28.23 29.45
CA PRO H 71 29.28 28.76 30.02
C PRO H 71 30.47 27.88 29.61
N CYS H 72 30.23 26.57 29.51
CA CYS H 72 31.28 25.63 29.15
C CYS H 72 31.73 25.84 27.71
N ASP H 73 33.01 25.55 27.46
CA ASP H 73 33.55 25.63 26.11
C ASP H 73 33.27 24.34 25.36
N ILE H 74 32.44 24.42 24.32
CA ILE H 74 31.96 23.25 23.60
C ILE H 74 33.05 22.83 22.63
N ALA H 75 33.73 21.72 22.95
CA ALA H 75 34.72 21.15 22.05
C ALA H 75 34.03 20.19 21.11
N THR H 76 33.98 20.55 19.82
CA THR H 76 33.35 19.71 18.82
C THR H 76 34.38 18.78 18.19
N TYR H 77 33.93 17.59 17.82
CA TYR H 77 34.78 16.55 17.26
C TYR H 77 34.11 16.00 16.00
N ALA H 78 34.66 16.36 14.84
CA ALA H 78 34.19 15.78 13.58
C ALA H 78 34.53 14.31 13.53
N MET H 79 33.52 13.44 13.64
CA MET H 79 33.71 12.00 13.75
C MET H 79 33.06 11.34 12.53
N GLY H 80 33.86 11.07 11.50
CA GLY H 80 33.37 10.37 10.33
C GLY H 80 32.66 11.25 9.32
N MET H 81 31.51 11.80 9.70
CA MET H 81 30.70 12.59 8.79
C MET H 81 30.23 13.85 9.50
N ALA H 82 30.43 15.00 8.86
CA ALA H 82 29.88 16.28 9.30
C ALA H 82 29.29 16.98 8.08
N ALA H 83 28.01 16.80 7.88
CA ALA H 83 27.43 17.37 6.66
C ALA H 83 26.41 18.43 7.04
N SER H 84 26.33 19.49 6.25
CA SER H 84 25.30 20.53 6.48
C SER H 84 25.33 20.94 7.96
N MET H 85 24.27 20.68 8.71
CA MET H 85 24.20 21.07 10.14
C MET H 85 25.27 20.35 10.95
N GLY H 86 25.78 19.18 10.53
CA GLY H 86 26.90 18.62 11.28
C GLY H 86 28.14 19.50 11.22
N GLU H 87 28.50 19.96 10.02
CA GLU H 87 29.66 20.85 9.91
C GLU H 87 29.38 22.21 10.51
N PHE H 88 28.12 22.68 10.43
CA PHE H 88 27.78 23.97 11.01
C PHE H 88 27.92 23.94 12.54
N LEU H 89 27.50 22.83 13.15
CA LEU H 89 27.64 22.72 14.60
C LEU H 89 29.05 22.32 15.01
N LEU H 90 29.81 21.70 14.10
CA LEU H 90 31.21 21.40 14.39
C LEU H 90 32.04 22.67 14.41
N ALA H 91 31.88 23.52 13.39
CA ALA H 91 32.57 24.80 13.35
C ALA H 91 32.03 25.77 14.39
N ALA H 92 30.85 25.50 14.96
CA ALA H 92 30.26 26.34 15.98
C ALA H 92 30.94 26.19 17.33
N GLY H 93 31.88 25.26 17.48
CA GLY H 93 32.57 25.06 18.74
C GLY H 93 33.48 26.21 19.10
N THR H 94 34.07 26.09 20.29
CA THR H 94 34.97 27.12 20.78
C THR H 94 36.25 27.16 19.95
N LYS H 95 36.72 28.37 19.67
CA LYS H 95 37.94 28.53 18.86
C LYS H 95 39.14 27.98 19.62
N GLY H 96 39.96 27.21 18.92
CA GLY H 96 41.05 26.49 19.54
C GLY H 96 40.68 25.14 20.10
N LYS H 97 39.40 24.79 20.13
CA LYS H 97 38.93 23.52 20.67
C LYS H 97 38.02 22.77 19.71
N ARG H 98 38.05 23.13 18.42
CA ARG H 98 37.31 22.40 17.39
C ARG H 98 38.27 21.43 16.73
N TYR H 99 37.93 20.14 16.76
CA TYR H 99 38.81 19.10 16.27
C TYR H 99 38.11 18.26 15.20
N ALA H 100 38.90 17.65 14.34
CA ALA H 100 38.43 16.69 13.35
C ALA H 100 39.28 15.43 13.46
N LEU H 101 38.61 14.28 13.51
CA LEU H 101 39.33 13.02 13.45
C LEU H 101 39.95 12.86 12.06
N PRO H 102 41.11 12.20 11.95
CA PRO H 102 41.92 12.31 10.73
C PRO H 102 41.29 11.78 9.46
N HIS H 103 40.16 11.09 9.55
CA HIS H 103 39.48 10.57 8.36
C HIS H 103 38.00 10.96 8.31
N ALA H 104 37.61 12.02 9.04
CA ALA H 104 36.25 12.50 8.96
C ALA H 104 36.03 13.27 7.66
N ARG H 105 34.81 13.19 7.14
CA ARG H 105 34.43 13.86 5.91
C ARG H 105 33.41 14.95 6.21
N ILE H 106 33.71 16.17 5.80
CA ILE H 106 32.94 17.35 6.17
C ILE H 106 32.31 17.96 4.92
N LEU H 107 30.99 18.08 4.94
CA LEU H 107 30.22 18.51 3.77
C LEU H 107 29.53 19.84 4.07
N MET H 108 30.01 20.91 3.45
CA MET H 108 29.36 22.23 3.62
C MET H 108 28.63 22.58 2.32
N HIS H 109 27.32 22.81 2.39
CA HIS H 109 26.55 23.21 1.19
C HIS H 109 25.43 24.17 1.58
N GLN H 110 24.95 24.95 0.62
CA GLN H 110 23.88 25.94 0.90
C GLN H 110 22.69 25.20 1.51
N PRO H 111 21.93 25.83 2.42
CA PRO H 111 20.82 25.15 3.07
C PRO H 111 19.83 24.70 2.00
N LEU H 112 19.14 23.59 2.24
CA LEU H 112 18.13 23.09 1.28
C LEU H 112 16.76 23.18 1.95
N GLY H 113 15.69 22.96 1.18
CA GLY H 113 14.33 23.00 1.74
C GLY H 113 13.28 22.80 0.67
N GLY H 114 12.11 23.42 0.86
CA GLY H 114 11.02 23.30 -0.12
C GLY H 114 10.15 24.54 -0.14
N VAL H 115 9.41 24.75 -1.22
CA VAL H 115 8.50 25.92 -1.33
C VAL H 115 7.08 25.40 -1.58
N THR H 116 6.09 25.90 -0.82
CA THR H 116 4.74 25.41 -0.98
C THR H 116 3.77 26.56 -0.70
N GLY H 117 2.52 26.35 -1.07
CA GLY H 117 1.49 27.36 -0.86
C GLY H 117 1.31 28.27 -2.06
N SER H 118 0.61 29.38 -1.81
CA SER H 118 0.35 30.34 -2.86
C SER H 118 1.62 31.13 -3.21
N ALA H 119 1.49 32.02 -4.20
CA ALA H 119 2.64 32.79 -4.66
C ALA H 119 3.16 33.74 -3.60
N ALA H 120 2.26 34.34 -2.81
CA ALA H 120 2.71 35.20 -1.71
C ALA H 120 3.38 34.38 -0.61
N ASP H 121 2.85 33.17 -0.35
CA ASP H 121 3.47 32.30 0.64
C ASP H 121 4.86 31.85 0.19
N ILE H 122 5.01 31.53 -1.10
CA ILE H 122 6.31 31.12 -1.62
C ILE H 122 7.26 32.30 -1.66
N ALA H 123 6.76 33.52 -1.89
CA ALA H 123 7.62 34.70 -1.82
C ALA H 123 8.10 34.96 -0.40
N ILE H 124 7.21 34.79 0.57
CA ILE H 124 7.60 34.93 1.98
C ILE H 124 8.63 33.87 2.36
N GLN H 125 8.42 32.63 1.89
CA GLN H 125 9.41 31.58 2.10
C GLN H 125 10.73 31.90 1.41
N ALA H 126 10.67 32.63 0.29
CA ALA H 126 11.89 33.06 -0.38
C ALA H 126 12.66 34.09 0.45
N GLU H 127 11.96 35.08 1.01
CA GLU H 127 12.64 36.02 1.92
C GLU H 127 13.23 35.28 3.11
N GLN H 128 12.48 34.34 3.68
CA GLN H 128 12.98 33.61 4.84
C GLN H 128 14.17 32.73 4.49
N PHE H 129 14.16 32.09 3.32
CA PHE H 129 15.28 31.26 2.92
C PHE H 129 16.51 32.11 2.63
N ALA H 130 16.31 33.31 2.06
CA ALA H 130 17.44 34.20 1.83
C ALA H 130 18.05 34.67 3.14
N VAL H 131 17.21 35.01 4.13
CA VAL H 131 17.72 35.43 5.43
C VAL H 131 18.43 34.28 6.13
N ILE H 132 17.86 33.07 6.02
CA ILE H 132 18.47 31.88 6.63
C ILE H 132 19.83 31.60 6.01
N LYS H 133 19.92 31.67 4.67
CA LYS H 133 21.17 31.41 3.99
C LYS H 133 22.22 32.46 4.31
N LYS H 134 21.81 33.73 4.38
CA LYS H 134 22.75 34.79 4.74
C LYS H 134 23.24 34.64 6.16
N GLU H 135 22.36 34.27 7.09
CA GLU H 135 22.76 34.07 8.48
C GLU H 135 23.71 32.88 8.62
N MET H 136 23.39 31.76 7.96
CA MET H 136 24.25 30.59 8.01
C MET H 136 25.62 30.88 7.39
N PHE H 137 25.64 31.64 6.30
CA PHE H 137 26.92 31.92 5.65
C PHE H 137 27.75 32.90 6.46
N ARG H 138 27.11 33.90 7.09
CA ARG H 138 27.82 34.82 7.96
C ARG H 138 28.37 34.09 9.18
N LEU H 139 27.60 33.13 9.72
CA LEU H 139 28.09 32.37 10.87
C LEU H 139 29.23 31.44 10.48
N ASN H 140 29.16 30.83 9.29
CA ASN H 140 30.28 30.00 8.83
C ASN H 140 31.52 30.83 8.55
N ALA H 141 31.34 32.08 8.08
CA ALA H 141 32.46 32.99 7.92
C ALA H 141 33.04 33.40 9.27
N GLU H 142 32.19 33.54 10.28
CA GLU H 142 32.66 33.82 11.63
C GLU H 142 33.46 32.66 12.18
N PHE H 143 33.01 31.43 11.90
CA PHE H 143 33.67 30.25 12.42
C PHE H 143 35.01 30.02 11.73
N THR H 144 34.98 29.91 10.41
CA THR H 144 36.18 29.53 9.65
C THR H 144 37.14 30.68 9.43
N GLY H 145 36.73 31.92 9.70
CA GLY H 145 37.57 33.06 9.42
C GLY H 145 37.68 33.42 7.94
N GLN H 146 36.92 32.77 7.08
CA GLN H 146 36.92 33.04 5.66
C GLN H 146 35.96 34.18 5.34
N PRO H 147 36.13 34.85 4.20
CA PRO H 147 35.14 35.84 3.78
C PRO H 147 33.81 35.19 3.47
N ILE H 148 32.73 35.97 3.64
CA ILE H 148 31.38 35.45 3.42
C ILE H 148 31.15 35.15 1.94
N GLU H 149 31.81 35.90 1.05
CA GLU H 149 31.67 35.63 -0.38
C GLU H 149 32.29 34.29 -0.77
N ARG H 150 33.44 33.96 -0.18
CA ARG H 150 34.03 32.65 -0.42
C ARG H 150 33.16 31.54 0.16
N ILE H 151 32.54 31.79 1.31
CA ILE H 151 31.63 30.82 1.92
C ILE H 151 30.46 30.55 0.97
N GLU H 152 29.86 31.61 0.42
CA GLU H 152 28.69 31.45 -0.44
C GLU H 152 29.08 30.83 -1.78
N ALA H 153 30.25 31.18 -2.31
CA ALA H 153 30.68 30.59 -3.57
C ALA H 153 31.05 29.12 -3.42
N ASP H 154 31.56 28.74 -2.24
CA ASP H 154 31.92 27.34 -2.02
C ASP H 154 30.71 26.49 -1.65
N SER H 155 29.82 27.02 -0.80
CA SER H 155 28.64 26.28 -0.40
C SER H 155 27.46 26.49 -1.35
N ASP H 156 27.70 26.96 -2.57
CA ASP H 156 26.64 27.01 -3.57
C ASP H 156 26.12 25.62 -3.90
N ARG H 157 27.02 24.64 -3.94
CA ARG H 157 26.68 23.24 -4.08
C ARG H 157 27.40 22.45 -2.99
N ASP H 158 27.36 21.13 -3.09
CA ASP H 158 28.04 20.27 -2.14
C ASP H 158 29.55 20.50 -2.18
N ARG H 159 30.12 20.93 -1.07
CA ARG H 159 31.55 21.20 -0.96
C ARG H 159 32.15 20.26 0.08
N TRP H 160 33.09 19.43 -0.35
CA TRP H 160 33.64 18.38 0.49
C TRP H 160 35.01 18.77 1.02
N PHE H 161 35.30 18.33 2.25
CA PHE H 161 36.57 18.57 2.90
C PHE H 161 37.00 17.33 3.66
N THR H 162 38.29 17.02 3.59
CA THR H 162 38.88 16.02 4.48
C THR H 162 39.23 16.67 5.82
N ALA H 163 40.01 15.96 6.62
CA ALA H 163 40.46 16.52 7.89
C ALA H 163 41.41 17.70 7.67
N ALA H 164 42.42 17.51 6.82
CA ALA H 164 43.38 18.58 6.57
C ALA H 164 42.74 19.72 5.78
N GLU H 165 41.82 19.41 4.87
CA GLU H 165 41.15 20.46 4.12
C GLU H 165 40.25 21.31 5.02
N ALA H 166 39.56 20.68 5.98
CA ALA H 166 38.75 21.43 6.91
C ALA H 166 39.61 22.19 7.92
N LEU H 167 40.80 21.67 8.23
CA LEU H 167 41.72 22.41 9.08
C LEU H 167 42.23 23.66 8.37
N GLU H 168 42.50 23.54 7.07
CA GLU H 168 42.93 24.69 6.29
C GLU H 168 41.80 25.69 6.07
N TYR H 169 40.56 25.21 5.95
CA TYR H 169 39.44 26.12 5.71
C TYR H 169 39.04 26.86 6.98
N GLY H 170 39.01 26.16 8.12
CA GLY H 170 38.71 26.79 9.40
C GLY H 170 37.56 26.17 10.17
N PHE H 171 37.00 25.03 9.74
CA PHE H 171 35.95 24.40 10.52
C PHE H 171 36.48 23.87 11.84
N VAL H 172 37.70 23.31 11.83
CA VAL H 172 38.33 22.79 13.03
C VAL H 172 39.66 23.50 13.24
N ASP H 173 40.22 23.33 14.43
CA ASP H 173 41.47 23.99 14.80
C ASP H 173 42.64 23.03 14.92
N HIS H 174 42.39 21.76 15.21
CA HIS H 174 43.44 20.76 15.29
C HIS H 174 42.94 19.45 14.68
N ILE H 175 43.88 18.61 14.29
CA ILE H 175 43.60 17.27 13.82
C ILE H 175 44.15 16.31 14.87
N ILE H 176 43.26 15.58 15.53
CA ILE H 176 43.69 14.65 16.57
C ILE H 176 44.47 13.52 15.93
N THR H 177 45.73 13.37 16.35
CA THR H 177 46.60 12.31 15.85
C THR H 177 47.37 11.72 17.02
N ARG H 178 47.60 10.40 16.97
CA ARG H 178 48.39 9.74 17.99
C ARG H 178 49.72 9.26 17.43
N ASN I 16 -1.96 6.78 -39.58
CA ASN I 16 -0.94 6.39 -38.61
C ASN I 16 0.44 6.42 -39.25
N PRO I 17 1.40 7.07 -38.57
CA PRO I 17 2.74 7.18 -39.16
C PRO I 17 3.53 5.88 -39.14
N TYR I 18 3.31 5.04 -38.12
CA TYR I 18 4.02 3.76 -38.05
C TYR I 18 3.65 2.85 -39.21
N ASN I 19 2.35 2.74 -39.51
CA ASN I 19 1.91 1.93 -40.65
C ASN I 19 2.35 2.53 -41.97
N LYS I 20 2.33 3.86 -42.07
CA LYS I 20 2.75 4.53 -43.29
C LYS I 20 4.23 4.27 -43.57
N LEU I 21 5.07 4.29 -42.53
CA LEU I 21 6.47 3.96 -42.72
C LEU I 21 6.67 2.45 -42.86
N PHE I 22 5.73 1.65 -42.38
CA PHE I 22 5.80 0.21 -42.60
C PHE I 22 5.55 -0.12 -44.06
N GLU I 23 4.70 0.65 -44.74
CA GLU I 23 4.60 0.53 -46.19
C GLU I 23 5.85 1.07 -46.87
N GLU I 24 6.58 1.96 -46.20
CA GLU I 24 7.85 2.46 -46.69
C GLU I 24 9.03 1.61 -46.26
N ARG I 25 8.78 0.40 -45.73
CA ARG I 25 9.81 -0.53 -45.24
C ARG I 25 10.66 0.10 -44.13
N ILE I 26 10.00 0.55 -43.07
CA ILE I 26 10.66 1.16 -41.93
C ILE I 26 10.07 0.57 -40.66
N ILE I 27 10.92 -0.01 -39.82
CA ILE I 27 10.52 -0.61 -38.55
C ILE I 27 11.11 0.22 -37.42
N PHE I 28 10.36 0.35 -36.33
CA PHE I 28 10.76 1.17 -35.19
C PHE I 28 11.02 0.27 -33.99
N LEU I 29 12.28 0.17 -33.59
CA LEU I 29 12.65 -0.47 -32.32
C LEU I 29 12.73 0.63 -31.27
N GLY I 30 11.56 1.06 -30.80
CA GLY I 30 11.45 2.25 -29.99
C GLY I 30 11.04 2.07 -28.55
N VAL I 31 10.82 0.84 -28.08
CA VAL I 31 10.38 0.60 -26.72
C VAL I 31 11.36 -0.36 -26.06
N GLN I 32 11.07 -0.68 -24.78
CA GLN I 32 11.88 -1.64 -24.04
C GLN I 32 11.81 -3.01 -24.72
N VAL I 33 12.98 -3.64 -24.86
CA VAL I 33 13.07 -4.90 -25.58
C VAL I 33 12.65 -6.03 -24.64
N ASP I 34 11.36 -6.30 -24.60
CA ASP I 34 10.80 -7.46 -23.92
C ASP I 34 10.25 -8.42 -24.96
N ASP I 35 9.63 -9.51 -24.49
CA ASP I 35 9.16 -10.54 -25.42
C ASP I 35 8.03 -10.04 -26.31
N ALA I 36 7.19 -9.14 -25.80
CA ALA I 36 6.09 -8.63 -26.61
C ALA I 36 6.60 -7.73 -27.74
N SER I 37 7.48 -6.77 -27.39
CA SER I 37 8.08 -5.93 -28.42
C SER I 37 8.94 -6.76 -29.37
N ALA I 38 9.60 -7.80 -28.86
CA ALA I 38 10.37 -8.70 -29.71
C ALA I 38 9.47 -9.38 -30.73
N ASN I 39 8.31 -9.89 -30.30
CA ASN I 39 7.41 -10.56 -31.22
C ASN I 39 6.79 -9.59 -32.21
N ASP I 40 6.51 -8.34 -31.79
CA ASP I 40 6.04 -7.34 -32.74
C ASP I 40 7.09 -7.06 -33.81
N ILE I 41 8.35 -6.90 -33.40
CA ILE I 41 9.42 -6.62 -34.36
C ILE I 41 9.62 -7.81 -35.30
N MET I 42 9.54 -9.04 -34.76
CA MET I 42 9.69 -10.23 -35.59
C MET I 42 8.54 -10.37 -36.58
N ALA I 43 7.31 -10.06 -36.15
CA ALA I 43 6.18 -10.12 -37.06
C ALA I 43 6.31 -9.09 -38.18
N GLN I 44 6.75 -7.87 -37.83
CA GLN I 44 6.96 -6.85 -38.85
C GLN I 44 8.06 -7.26 -39.83
N LEU I 45 9.15 -7.84 -39.31
CA LEU I 45 10.25 -8.27 -40.17
C LEU I 45 9.82 -9.40 -41.10
N LEU I 46 9.03 -10.35 -40.59
CA LEU I 46 8.57 -11.45 -41.42
C LEU I 46 7.58 -10.98 -42.47
N VAL I 47 6.72 -10.01 -42.13
CA VAL I 47 5.81 -9.45 -43.13
C VAL I 47 6.59 -8.74 -44.23
N LEU I 48 7.59 -7.93 -43.85
CA LEU I 48 8.38 -7.23 -44.85
C LEU I 48 9.23 -8.18 -45.69
N GLU I 49 9.62 -9.32 -45.11
CA GLU I 49 10.36 -10.33 -45.87
C GLU I 49 9.45 -11.05 -46.85
N SER I 50 8.22 -11.35 -46.44
CA SER I 50 7.27 -12.01 -47.34
C SER I 50 6.81 -11.08 -48.44
N LEU I 51 6.79 -9.77 -48.17
CA LEU I 51 6.39 -8.80 -49.20
C LEU I 51 7.45 -8.69 -50.29
N ASP I 52 8.67 -8.31 -49.93
CA ASP I 52 9.77 -8.18 -50.87
C ASP I 52 11.06 -8.60 -50.20
N PRO I 53 11.62 -9.76 -50.55
CA PRO I 53 12.83 -10.25 -49.87
C PRO I 53 14.11 -9.59 -50.34
N ASP I 54 14.06 -8.71 -51.34
CA ASP I 54 15.25 -8.03 -51.81
C ASP I 54 15.39 -6.61 -51.28
N ARG I 55 14.29 -5.92 -51.01
CA ARG I 55 14.36 -4.53 -50.55
C ARG I 55 14.79 -4.45 -49.09
N ASP I 56 15.65 -3.48 -48.80
CA ASP I 56 16.30 -3.40 -47.50
C ASP I 56 15.32 -2.94 -46.43
N ILE I 57 15.25 -3.69 -45.33
CA ILE I 57 14.38 -3.36 -44.21
C ILE I 57 15.10 -2.35 -43.33
N THR I 58 14.52 -1.16 -43.19
CA THR I 58 15.09 -0.12 -42.34
C THR I 58 14.54 -0.27 -40.93
N MET I 59 15.43 -0.35 -39.95
CA MET I 59 15.05 -0.51 -38.54
C MET I 59 15.61 0.67 -37.76
N TYR I 60 14.74 1.58 -37.35
CA TYR I 60 15.14 2.71 -36.52
C TYR I 60 15.13 2.29 -35.06
N ILE I 61 16.23 2.52 -34.37
CA ILE I 61 16.49 1.94 -33.05
C ILE I 61 16.66 3.08 -32.06
N ASN I 62 15.65 3.29 -31.21
CA ASN I 62 15.73 4.19 -30.05
C ASN I 62 15.15 3.43 -28.86
N SER I 63 15.99 2.64 -28.19
CA SER I 63 15.50 1.71 -27.18
C SER I 63 16.47 1.58 -26.02
N PRO I 64 15.95 1.48 -24.78
CA PRO I 64 16.81 1.22 -23.63
C PRO I 64 17.11 -0.26 -23.39
N GLY I 65 16.72 -1.14 -24.32
CA GLY I 65 17.07 -2.54 -24.21
C GLY I 65 16.07 -3.35 -23.39
N GLY I 66 16.57 -4.43 -22.81
CA GLY I 66 15.74 -5.31 -22.02
C GLY I 66 16.31 -6.70 -21.82
N GLY I 67 15.50 -7.73 -22.06
CA GLY I 67 15.95 -9.09 -21.84
C GLY I 67 16.90 -9.56 -22.92
N PHE I 68 17.73 -10.55 -22.56
CA PHE I 68 18.69 -11.09 -23.52
C PHE I 68 18.02 -12.06 -24.48
N THR I 69 16.98 -12.76 -24.04
CA THR I 69 16.31 -13.72 -24.92
C THR I 69 15.55 -13.00 -26.02
N SER I 70 14.88 -11.89 -25.70
CA SER I 70 14.24 -11.08 -26.74
C SER I 70 15.29 -10.47 -27.66
N LEU I 71 16.44 -10.08 -27.10
CA LEU I 71 17.57 -9.61 -27.91
C LEU I 71 17.97 -10.65 -28.94
N MET I 72 18.20 -11.89 -28.51
CA MET I 72 18.61 -12.93 -29.43
C MET I 72 17.50 -13.32 -30.39
N ALA I 73 16.24 -13.19 -29.99
CA ALA I 73 15.13 -13.44 -30.90
C ALA I 73 15.12 -12.42 -32.04
N ILE I 74 15.24 -11.14 -31.71
CA ILE I 74 15.26 -10.10 -32.74
C ILE I 74 16.49 -10.22 -33.62
N TYR I 75 17.64 -10.58 -33.02
CA TYR I 75 18.86 -10.76 -33.80
C TYR I 75 18.72 -11.92 -34.77
N ASP I 76 18.17 -13.05 -34.30
CA ASP I 76 17.96 -14.20 -35.16
C ASP I 76 16.98 -13.91 -36.29
N THR I 77 15.93 -13.14 -36.00
CA THR I 77 14.96 -12.82 -37.05
C THR I 77 15.53 -11.82 -38.04
N MET I 78 16.39 -10.90 -37.58
CA MET I 78 17.02 -9.96 -38.49
C MET I 78 18.01 -10.66 -39.42
N GLN I 79 18.78 -11.60 -38.87
CA GLN I 79 19.71 -12.35 -39.72
C GLN I 79 18.97 -13.38 -40.58
N TYR I 80 17.76 -13.79 -40.17
CA TYR I 80 17.05 -14.87 -40.83
C TYR I 80 16.29 -14.38 -42.08
N VAL I 81 15.74 -13.16 -42.02
CA VAL I 81 14.96 -12.67 -43.16
C VAL I 81 15.86 -12.46 -44.37
N ARG I 82 15.31 -12.70 -45.56
CA ARG I 82 16.09 -12.58 -46.78
C ARG I 82 16.46 -11.13 -47.07
N ALA I 83 15.70 -10.18 -46.53
CA ALA I 83 15.98 -8.78 -46.75
C ALA I 83 17.11 -8.31 -45.84
N ASP I 84 17.91 -7.37 -46.37
CA ASP I 84 18.98 -6.79 -45.57
C ASP I 84 18.40 -5.84 -44.53
N ILE I 85 19.08 -5.73 -43.39
CA ILE I 85 18.60 -4.94 -42.26
C ILE I 85 19.52 -3.73 -42.12
N GLN I 86 19.03 -2.56 -42.51
CA GLN I 86 19.71 -1.29 -42.29
C GLN I 86 19.27 -0.75 -40.94
N THR I 87 20.11 -0.94 -39.92
CA THR I 87 19.79 -0.50 -38.57
C THR I 87 20.34 0.92 -38.36
N VAL I 88 19.44 1.86 -38.13
CA VAL I 88 19.79 3.26 -37.91
C VAL I 88 19.49 3.59 -36.46
N CYS I 89 20.54 3.84 -35.68
CA CYS I 89 20.38 4.12 -34.26
C CYS I 89 20.11 5.61 -34.06
N LEU I 90 19.06 5.92 -33.31
CA LEU I 90 18.68 7.28 -32.98
C LEU I 90 18.65 7.43 -31.46
N GLY I 91 19.37 8.40 -30.93
CA GLY I 91 19.32 8.69 -29.51
C GLY I 91 20.16 7.76 -28.65
N GLN I 92 19.70 6.51 -28.52
CA GLN I 92 20.40 5.56 -27.64
C GLN I 92 20.14 4.11 -28.05
N ALA I 93 21.17 3.27 -27.99
CA ALA I 93 21.00 1.81 -28.24
C ALA I 93 21.75 1.15 -27.08
N ALA I 94 21.04 0.93 -26.00
CA ALA I 94 21.73 0.44 -24.80
C ALA I 94 21.46 -1.03 -24.62
N SER I 95 22.44 -1.72 -24.04
CA SER I 95 22.22 -3.15 -23.72
C SER I 95 21.87 -3.92 -24.99
N ALA I 96 20.62 -4.32 -25.11
CA ALA I 96 20.20 -5.16 -26.23
C ALA I 96 20.03 -4.36 -27.52
N ALA I 97 19.80 -3.02 -27.45
CA ALA I 97 19.58 -2.39 -28.74
C ALA I 97 20.89 -2.11 -29.47
N ALA I 98 22.01 -2.03 -28.74
CA ALA I 98 23.30 -1.84 -29.39
C ALA I 98 23.75 -3.11 -30.11
N VAL I 99 23.48 -4.27 -29.51
CA VAL I 99 23.80 -5.53 -30.17
C VAL I 99 22.92 -5.73 -31.39
N LEU I 100 21.65 -5.32 -31.30
CA LEU I 100 20.77 -5.37 -32.48
C LEU I 100 21.19 -4.36 -33.54
N LEU I 101 21.77 -3.23 -33.12
CA LEU I 101 22.27 -2.26 -34.07
C LEU I 101 23.48 -2.80 -34.81
N ALA I 102 24.39 -3.46 -34.09
CA ALA I 102 25.51 -4.12 -34.74
C ALA I 102 25.05 -5.35 -35.53
N ALA I 103 23.87 -5.89 -35.22
CA ALA I 103 23.36 -7.07 -35.90
C ALA I 103 22.84 -6.78 -37.30
N GLY I 104 22.86 -5.53 -37.74
CA GLY I 104 22.41 -5.19 -39.08
C GLY I 104 23.34 -5.71 -40.16
N THR I 105 22.94 -5.46 -41.40
CA THR I 105 23.73 -5.88 -42.54
C THR I 105 25.06 -5.11 -42.56
N PRO I 106 26.19 -5.79 -42.74
CA PRO I 106 27.48 -5.07 -42.80
C PRO I 106 27.53 -4.10 -43.98
N GLY I 107 28.02 -2.90 -43.70
CA GLY I 107 28.02 -1.83 -44.68
C GLY I 107 26.78 -0.97 -44.67
N LYS I 108 25.71 -1.40 -44.02
CA LYS I 108 24.46 -0.64 -43.96
C LYS I 108 24.03 -0.38 -42.51
N ARG I 109 24.96 -0.35 -41.57
CA ARG I 109 24.65 -0.05 -40.18
C ARG I 109 24.93 1.43 -39.94
N MET I 110 23.89 2.19 -39.60
CA MET I 110 23.96 3.64 -39.49
C MET I 110 23.58 4.09 -38.09
N ALA I 111 23.95 5.33 -37.79
CA ALA I 111 23.57 5.98 -36.54
C ALA I 111 23.76 7.48 -36.71
N LEU I 112 22.75 8.25 -36.31
CA LEU I 112 22.87 9.70 -36.40
C LEU I 112 23.86 10.21 -35.36
N PRO I 113 24.57 11.32 -35.65
CA PRO I 113 25.81 11.65 -34.89
C PRO I 113 25.66 11.80 -33.39
N ASN I 114 24.47 12.13 -32.88
CA ASN I 114 24.28 12.31 -31.45
C ASN I 114 23.61 11.12 -30.79
N ALA I 115 23.64 9.95 -31.43
CA ALA I 115 23.07 8.75 -30.84
C ALA I 115 24.05 8.11 -29.85
N ARG I 116 23.50 7.33 -28.93
CA ARG I 116 24.29 6.66 -27.90
C ARG I 116 24.32 5.16 -28.16
N VAL I 117 25.43 4.53 -27.80
CA VAL I 117 25.60 3.09 -27.92
C VAL I 117 26.15 2.60 -26.58
N LEU I 118 25.33 1.90 -25.80
CA LEU I 118 25.70 1.40 -24.49
C LEU I 118 25.83 -0.11 -24.57
N ILE I 119 27.06 -0.61 -24.42
CA ILE I 119 27.35 -2.04 -24.45
C ILE I 119 27.94 -2.44 -23.11
N HIS I 120 27.27 -3.38 -22.43
CA HIS I 120 27.81 -3.97 -21.22
C HIS I 120 27.30 -5.41 -21.13
N GLN I 121 27.83 -6.14 -20.15
CA GLN I 121 27.43 -7.53 -19.98
C GLN I 121 25.97 -7.61 -19.52
N PRO I 122 25.25 -8.66 -19.92
CA PRO I 122 23.85 -8.79 -19.51
C PRO I 122 23.72 -9.02 -18.01
N SER I 123 22.67 -8.43 -17.44
CA SER I 123 22.41 -8.49 -16.01
C SER I 123 21.00 -9.02 -15.78
N LEU I 124 20.75 -9.46 -14.55
CA LEU I 124 19.45 -9.96 -14.14
C LEU I 124 18.64 -8.82 -13.56
N SER I 125 17.38 -8.70 -13.99
CA SER I 125 16.50 -7.63 -13.51
C SER I 125 15.98 -7.98 -12.12
N GLY I 126 16.74 -7.62 -11.09
CA GLY I 126 16.36 -7.92 -9.73
C GLY I 126 17.13 -9.09 -9.16
N VAL I 127 16.50 -9.77 -8.20
CA VAL I 127 17.10 -10.90 -7.50
C VAL I 127 16.34 -12.16 -7.89
N ILE I 128 17.07 -13.21 -8.24
CA ILE I 128 16.48 -14.51 -8.52
C ILE I 128 16.91 -15.47 -7.41
N GLN I 129 15.93 -15.97 -6.66
CA GLN I 129 16.20 -16.84 -5.52
C GLN I 129 16.13 -18.31 -5.92
N GLY I 130 16.60 -19.17 -5.04
CA GLY I 130 16.59 -20.60 -5.29
C GLY I 130 17.76 -21.26 -4.60
N GLN I 131 17.82 -22.59 -4.77
CA GLN I 131 18.92 -23.37 -4.22
C GLN I 131 20.21 -23.06 -4.95
N PHE I 132 21.34 -23.39 -4.32
CA PHE I 132 22.65 -23.07 -4.87
C PHE I 132 22.93 -23.78 -6.18
N SER I 133 22.32 -24.95 -6.42
CA SER I 133 22.44 -25.59 -7.72
C SER I 133 21.68 -24.83 -8.79
N ASP I 134 20.47 -24.35 -8.46
CA ASP I 134 19.73 -23.52 -9.40
C ASP I 134 20.43 -22.18 -9.62
N LEU I 135 21.04 -21.62 -8.58
CA LEU I 135 21.79 -20.39 -8.75
C LEU I 135 23.03 -20.62 -9.60
N GLU I 136 23.68 -21.78 -9.45
CA GLU I 136 24.82 -22.11 -10.30
C GLU I 136 24.39 -22.27 -11.75
N ILE I 137 23.22 -22.87 -11.98
CA ILE I 137 22.69 -23.01 -13.33
C ILE I 137 22.37 -21.64 -13.94
N GLN I 138 21.76 -20.76 -13.15
CA GLN I 138 21.45 -19.42 -13.64
C GLN I 138 22.72 -18.62 -13.90
N ALA I 139 23.76 -18.83 -13.10
CA ALA I 139 25.04 -18.16 -13.31
C ALA I 139 25.72 -18.65 -14.57
N ALA I 140 25.72 -19.97 -14.80
CA ALA I 140 26.27 -20.51 -16.04
C ALA I 140 25.47 -20.03 -17.24
N GLU I 141 24.14 -19.85 -17.08
CA GLU I 141 23.32 -19.36 -18.17
C GLU I 141 23.61 -17.89 -18.49
N ILE I 142 23.79 -17.05 -17.46
CA ILE I 142 24.10 -15.66 -17.74
C ILE I 142 25.55 -15.51 -18.24
N GLU I 143 26.42 -16.45 -17.87
CA GLU I 143 27.76 -16.47 -18.46
C GLU I 143 27.70 -16.86 -19.93
N ARG I 144 26.83 -17.81 -20.27
CA ARG I 144 26.60 -18.15 -21.67
C ARG I 144 26.00 -16.97 -22.42
N MET I 145 25.12 -16.21 -21.77
CA MET I 145 24.57 -15.00 -22.38
C MET I 145 25.66 -13.97 -22.65
N ARG I 146 26.55 -13.76 -21.67
CA ARG I 146 27.67 -12.83 -21.86
C ARG I 146 28.58 -13.29 -22.99
N THR I 147 28.89 -14.57 -23.03
CA THR I 147 29.75 -15.11 -24.09
C THR I 147 29.08 -15.01 -25.46
N LEU I 148 27.77 -15.24 -25.53
CA LEU I 148 27.07 -15.14 -26.80
C LEU I 148 26.98 -13.71 -27.29
N MET I 149 26.76 -12.77 -26.37
CA MET I 149 26.75 -11.36 -26.74
C MET I 149 28.13 -10.91 -27.22
N GLU I 150 29.19 -11.37 -26.54
CA GLU I 150 30.54 -11.04 -26.96
C GLU I 150 30.87 -11.65 -28.31
N THR I 151 30.40 -12.87 -28.57
CA THR I 151 30.65 -13.51 -29.86
C THR I 151 29.88 -12.81 -30.98
N THR I 152 28.65 -12.38 -30.70
CA THR I 152 27.87 -11.64 -31.69
C THR I 152 28.53 -10.30 -32.01
N LEU I 153 28.96 -9.57 -30.97
CA LEU I 153 29.63 -8.30 -31.20
C LEU I 153 30.98 -8.48 -31.87
N ALA I 154 31.67 -9.60 -31.63
CA ALA I 154 32.93 -9.85 -32.30
C ALA I 154 32.73 -10.20 -33.77
N ARG I 155 31.67 -10.95 -34.08
CA ARG I 155 31.41 -11.31 -35.46
C ARG I 155 30.78 -10.16 -36.24
N HIS I 156 30.19 -9.19 -35.56
CA HIS I 156 29.53 -8.08 -36.24
C HIS I 156 30.35 -6.81 -36.28
N THR I 157 31.26 -6.60 -35.33
CA THR I 157 32.07 -5.39 -35.29
C THR I 157 33.50 -5.60 -35.77
N GLY I 158 33.89 -6.84 -36.06
CA GLY I 158 35.23 -7.14 -36.53
C GLY I 158 36.28 -7.26 -35.45
N LYS I 159 35.93 -7.02 -34.19
CA LYS I 159 36.89 -7.10 -33.10
C LYS I 159 36.99 -8.54 -32.57
N ASP I 160 37.91 -8.73 -31.63
CA ASP I 160 38.07 -10.01 -30.98
C ASP I 160 37.17 -10.08 -29.75
N ALA I 161 36.72 -11.30 -29.42
CA ALA I 161 35.78 -11.49 -28.31
C ALA I 161 36.37 -11.07 -26.97
N GLY I 162 37.69 -11.12 -26.82
CA GLY I 162 38.30 -10.68 -25.57
C GLY I 162 38.25 -9.18 -25.38
N VAL I 163 38.40 -8.42 -26.46
CA VAL I 163 38.27 -6.96 -26.39
C VAL I 163 36.84 -6.59 -26.04
N ILE I 164 35.87 -7.30 -26.62
CA ILE I 164 34.46 -7.10 -26.25
C ILE I 164 34.24 -7.49 -24.79
N ARG I 165 34.96 -8.50 -24.31
CA ARG I 165 34.77 -8.93 -22.92
C ARG I 165 35.30 -7.90 -21.94
N LYS I 166 36.47 -7.32 -22.21
CA LYS I 166 36.95 -6.26 -21.33
C LYS I 166 36.12 -4.99 -21.46
N ASP I 167 35.67 -4.68 -22.67
CA ASP I 167 34.93 -3.43 -22.87
C ASP I 167 33.53 -3.51 -22.28
N THR I 168 32.81 -4.61 -22.51
CA THR I 168 31.48 -4.79 -21.94
C THR I 168 31.52 -5.37 -20.53
N ASP I 169 32.68 -5.35 -19.87
CA ASP I 169 32.74 -5.71 -18.45
C ASP I 169 31.94 -4.73 -17.61
N ARG I 170 32.00 -3.45 -17.96
CA ARG I 170 31.17 -2.41 -17.36
C ARG I 170 30.44 -1.68 -18.49
N ASP I 171 29.77 -0.59 -18.13
CA ASP I 171 28.99 0.17 -19.11
C ASP I 171 29.91 0.91 -20.07
N LYS I 172 30.12 0.36 -21.26
CA LYS I 172 30.91 1.00 -22.30
C LYS I 172 29.97 1.86 -23.13
N ILE I 173 30.09 3.18 -22.99
CA ILE I 173 29.20 4.12 -23.64
C ILE I 173 29.95 4.84 -24.73
N LEU I 174 29.43 4.79 -25.95
CA LEU I 174 30.06 5.37 -27.13
C LEU I 174 29.08 6.30 -27.85
N THR I 175 29.63 7.29 -28.55
CA THR I 175 28.83 8.09 -29.46
C THR I 175 28.69 7.37 -30.80
N ALA I 176 28.18 8.08 -31.81
CA ALA I 176 28.04 7.49 -33.13
C ALA I 176 29.41 7.30 -33.80
N GLU I 177 30.26 8.31 -33.63
CA GLU I 177 31.62 8.20 -34.21
C GLU I 177 32.36 7.10 -33.47
N GLU I 178 32.25 7.12 -32.15
CA GLU I 178 32.95 6.13 -31.34
C GLU I 178 32.44 4.72 -31.61
N ALA I 179 31.16 4.57 -31.94
CA ALA I 179 30.63 3.27 -32.32
C ALA I 179 31.09 2.87 -33.72
N LYS I 180 31.33 3.85 -34.60
CA LYS I 180 31.85 3.54 -35.93
C LYS I 180 33.30 3.11 -35.86
N ASP I 181 34.11 3.77 -35.02
CA ASP I 181 35.47 3.31 -34.81
C ASP I 181 35.48 1.98 -34.06
N TYR I 182 34.50 1.76 -33.18
CA TYR I 182 34.37 0.48 -32.50
C TYR I 182 33.87 -0.62 -33.42
N GLY I 183 33.10 -0.28 -34.45
CA GLY I 183 32.57 -1.26 -35.37
C GLY I 183 31.10 -1.59 -35.20
N ILE I 184 30.40 -0.94 -34.28
CA ILE I 184 28.99 -1.20 -34.08
C ILE I 184 28.19 -0.75 -35.30
N ILE I 185 28.58 0.35 -35.91
CA ILE I 185 27.98 0.85 -37.14
C ILE I 185 29.07 0.96 -38.20
N ASP I 186 28.64 0.96 -39.47
CA ASP I 186 29.56 1.08 -40.58
C ASP I 186 29.58 2.48 -41.21
N THR I 187 28.62 3.33 -40.87
CA THR I 187 28.57 4.68 -41.43
C THR I 187 27.87 5.59 -40.45
N VAL I 188 28.39 6.81 -40.31
CA VAL I 188 27.68 7.87 -39.61
C VAL I 188 26.86 8.62 -40.66
N LEU I 189 25.57 8.78 -40.40
CA LEU I 189 24.67 9.43 -41.34
C LEU I 189 24.69 10.94 -41.12
N GLU I 190 25.07 11.66 -42.17
CA GLU I 190 25.14 13.12 -42.07
C GLU I 190 23.73 13.69 -42.01
N TYR I 191 23.62 14.96 -41.65
CA TYR I 191 22.31 15.59 -41.75
C TYR I 191 22.06 16.03 -43.19
N ARG I 192 21.11 15.34 -43.86
CA ARG I 192 20.85 15.59 -45.27
C ARG I 192 19.78 16.65 -45.48
N LYS I 193 19.64 17.59 -44.55
CA LYS I 193 18.74 18.71 -44.73
C LYS I 193 19.21 19.56 -45.92
N LEU I 194 18.25 19.99 -46.74
CA LEU I 194 18.60 20.74 -47.95
C LEU I 194 19.16 22.12 -47.63
N SER I 195 18.74 22.72 -46.52
CA SER I 195 19.25 24.01 -46.11
C SER I 195 20.50 23.86 -45.23
N ASN J 16 -10.45 13.77 -36.03
CA ASN J 16 -9.37 13.99 -35.06
C ASN J 16 -8.55 15.21 -35.45
N PRO J 17 -8.30 16.11 -34.50
CA PRO J 17 -7.56 17.34 -34.83
C PRO J 17 -6.08 17.09 -35.06
N TYR J 18 -5.49 16.12 -34.36
CA TYR J 18 -4.06 15.85 -34.54
C TYR J 18 -3.78 15.34 -35.94
N ASN J 19 -4.60 14.41 -36.45
CA ASN J 19 -4.40 13.91 -37.80
C ASN J 19 -4.71 14.99 -38.84
N LYS J 20 -5.71 15.82 -38.57
CA LYS J 20 -6.06 16.90 -39.49
C LYS J 20 -4.92 17.91 -39.62
N LEU J 21 -4.26 18.23 -38.50
CA LEU J 21 -3.09 19.11 -38.58
C LEU J 21 -1.87 18.37 -39.08
N PHE J 22 -1.86 17.03 -38.98
CA PHE J 22 -0.77 16.26 -39.57
C PHE J 22 -0.85 16.30 -41.09
N GLU J 23 -2.07 16.33 -41.65
CA GLU J 23 -2.20 16.62 -43.07
C GLU J 23 -1.84 18.06 -43.39
N GLU J 24 -1.95 18.95 -42.41
CA GLU J 24 -1.52 20.34 -42.56
C GLU J 24 -0.05 20.55 -42.21
N ARG J 25 0.73 19.46 -42.07
CA ARG J 25 2.15 19.50 -41.71
C ARG J 25 2.38 20.19 -40.37
N ILE J 26 1.72 19.68 -39.32
CA ILE J 26 1.85 20.22 -37.98
C ILE J 26 2.03 19.05 -37.02
N ILE J 27 3.11 19.08 -36.25
CA ILE J 27 3.42 18.04 -35.27
C ILE J 27 3.33 18.67 -33.88
N PHE J 28 2.85 17.88 -32.91
CA PHE J 28 2.65 18.35 -31.55
C PHE J 28 3.62 17.64 -30.62
N LEU J 29 4.58 18.39 -30.08
CA LEU J 29 5.44 17.90 -29.00
C LEU J 29 4.80 18.33 -27.68
N GLY J 30 3.75 17.61 -27.30
CA GLY J 30 2.89 18.02 -26.21
C GLY J 30 2.90 17.20 -24.95
N VAL J 31 3.72 16.15 -24.88
CA VAL J 31 3.76 15.29 -23.70
C VAL J 31 5.20 15.21 -23.19
N GLN J 32 5.37 14.44 -22.12
CA GLN J 32 6.70 14.22 -21.56
C GLN J 32 7.60 13.52 -22.58
N VAL J 33 8.82 14.03 -22.71
CA VAL J 33 9.74 13.52 -23.73
C VAL J 33 10.39 12.25 -23.22
N ASP J 34 9.73 11.12 -23.44
CA ASP J 34 10.30 9.80 -23.18
C ASP J 34 10.51 9.11 -24.52
N ASP J 35 10.96 7.85 -24.46
CA ASP J 35 11.31 7.13 -25.69
C ASP J 35 10.09 6.88 -26.57
N ALA J 36 8.92 6.67 -25.95
CA ALA J 36 7.72 6.41 -26.74
C ALA J 36 7.28 7.67 -27.48
N SER J 37 7.20 8.80 -26.78
CA SER J 37 6.87 10.06 -27.44
C SER J 37 7.93 10.45 -28.45
N ALA J 38 9.20 10.13 -28.14
CA ALA J 38 10.28 10.39 -29.10
C ALA J 38 10.06 9.61 -30.38
N ASN J 39 9.73 8.32 -30.27
CA ASN J 39 9.51 7.51 -31.46
C ASN J 39 8.27 7.95 -32.23
N ASP J 40 7.22 8.38 -31.53
CA ASP J 40 6.06 8.94 -32.22
C ASP J 40 6.43 10.18 -33.02
N ILE J 41 7.20 11.09 -32.40
CA ILE J 41 7.60 12.31 -33.08
C ILE J 41 8.50 12.01 -34.27
N MET J 42 9.42 11.04 -34.10
CA MET J 42 10.30 10.64 -35.20
C MET J 42 9.53 10.00 -36.34
N ALA J 43 8.53 9.18 -36.03
CA ALA J 43 7.72 8.56 -37.08
C ALA J 43 6.93 9.62 -37.83
N GLN J 44 6.36 10.59 -37.12
CA GLN J 44 5.63 11.67 -37.78
C GLN J 44 6.56 12.50 -38.66
N LEU J 45 7.76 12.80 -38.16
CA LEU J 45 8.72 13.58 -38.94
C LEU J 45 9.16 12.83 -40.19
N LEU J 46 9.39 11.53 -40.08
CA LEU J 46 9.81 10.75 -41.25
C LEU J 46 8.69 10.62 -42.26
N VAL J 47 7.44 10.49 -41.80
CA VAL J 47 6.31 10.45 -42.72
C VAL J 47 6.18 11.78 -43.46
N LEU J 48 6.29 12.90 -42.73
CA LEU J 48 6.19 14.21 -43.38
C LEU J 48 7.36 14.48 -44.31
N GLU J 49 8.53 13.90 -44.01
CA GLU J 49 9.67 14.04 -44.91
C GLU J 49 9.49 13.21 -46.18
N SER J 50 8.94 12.00 -46.04
CA SER J 50 8.71 11.17 -47.21
C SER J 50 7.58 11.71 -48.07
N LEU J 51 6.64 12.43 -47.45
CA LEU J 51 5.54 13.03 -48.22
C LEU J 51 6.04 14.19 -49.08
N ASP J 52 6.60 15.21 -48.45
CA ASP J 52 7.15 16.37 -49.17
C ASP J 52 8.39 16.86 -48.45
N PRO J 53 9.58 16.65 -49.02
CA PRO J 53 10.81 17.05 -48.34
C PRO J 53 11.14 18.53 -48.42
N ASP J 54 10.35 19.32 -49.14
CA ASP J 54 10.58 20.75 -49.23
C ASP J 54 9.69 21.57 -48.31
N ARG J 55 8.47 21.11 -48.02
CA ARG J 55 7.54 21.88 -47.20
C ARG J 55 7.94 21.83 -45.73
N ASP J 56 7.83 22.98 -45.06
CA ASP J 56 8.34 23.13 -43.71
C ASP J 56 7.47 22.39 -42.71
N ILE J 57 8.10 21.56 -41.89
CA ILE J 57 7.39 20.81 -40.85
C ILE J 57 7.23 21.71 -39.63
N THR J 58 5.99 21.97 -39.25
CA THR J 58 5.69 22.79 -38.08
C THR J 58 5.58 21.88 -36.86
N MET J 59 6.35 22.20 -35.82
CA MET J 59 6.37 21.42 -34.58
C MET J 59 5.96 22.33 -33.44
N TYR J 60 4.75 22.13 -32.93
CA TYR J 60 4.28 22.89 -31.77
C TYR J 60 4.74 22.20 -30.49
N ILE J 61 5.39 22.96 -29.61
CA ILE J 61 6.13 22.41 -28.48
C ILE J 61 5.51 22.95 -27.20
N ASN J 62 4.78 22.09 -26.49
CA ASN J 62 4.30 22.37 -25.12
C ASN J 62 4.61 21.14 -24.29
N SER J 63 5.83 21.07 -23.75
CA SER J 63 6.29 19.86 -23.11
C SER J 63 7.17 20.14 -21.90
N PRO J 64 7.03 19.34 -20.82
CA PRO J 64 7.93 19.47 -19.67
C PRO J 64 9.24 18.72 -19.81
N GLY J 65 9.52 18.17 -20.98
CA GLY J 65 10.80 17.51 -21.21
C GLY J 65 10.83 16.05 -20.80
N GLY J 66 12.03 15.57 -20.46
CA GLY J 66 12.21 14.20 -20.07
C GLY J 66 13.64 13.71 -20.19
N GLY J 67 13.83 12.55 -20.81
CA GLY J 67 15.16 11.97 -20.90
C GLY J 67 16.02 12.68 -21.93
N PHE J 68 17.34 12.59 -21.73
CA PHE J 68 18.27 13.23 -22.66
C PHE J 68 18.43 12.41 -23.94
N THR J 69 18.31 11.09 -23.85
CA THR J 69 18.47 10.26 -25.04
C THR J 69 17.31 10.46 -26.02
N SER J 70 16.09 10.57 -25.50
CA SER J 70 14.95 10.90 -26.35
C SER J 70 15.08 12.31 -26.92
N LEU J 71 15.63 13.23 -26.12
CA LEU J 71 15.94 14.58 -26.59
C LEU J 71 16.87 14.54 -27.80
N MET J 72 17.98 13.81 -27.68
CA MET J 72 18.93 13.73 -28.78
C MET J 72 18.36 12.96 -29.98
N ALA J 73 17.47 11.99 -29.73
CA ALA J 73 16.81 11.29 -30.84
C ALA J 73 15.93 12.24 -31.64
N ILE J 74 15.10 13.03 -30.95
CA ILE J 74 14.22 13.98 -31.65
C ILE J 74 15.04 15.06 -32.34
N TYR J 75 16.14 15.50 -31.71
CA TYR J 75 17.00 16.51 -32.32
C TYR J 75 17.66 15.98 -33.59
N ASP J 76 18.17 14.74 -33.53
CA ASP J 76 18.79 14.12 -34.69
C ASP J 76 17.79 13.91 -35.82
N THR J 77 16.56 13.53 -35.49
CA THR J 77 15.56 13.32 -36.54
C THR J 77 15.09 14.65 -37.12
N MET J 78 15.04 15.70 -36.31
CA MET J 78 14.66 17.02 -36.83
C MET J 78 15.73 17.57 -37.75
N GLN J 79 17.00 17.40 -37.39
CA GLN J 79 18.08 17.85 -38.27
C GLN J 79 18.26 16.93 -39.47
N TYR J 80 17.80 15.69 -39.36
CA TYR J 80 18.03 14.69 -40.39
C TYR J 80 17.05 14.78 -41.55
N VAL J 81 15.78 15.11 -41.26
CA VAL J 81 14.78 15.18 -42.31
C VAL J 81 15.09 16.31 -43.27
N ARG J 82 14.76 16.10 -44.54
CA ARG J 82 15.06 17.10 -45.56
C ARG J 82 14.20 18.35 -45.40
N ALA J 83 13.06 18.23 -44.73
CA ALA J 83 12.18 19.36 -44.52
C ALA J 83 12.68 20.22 -43.37
N ASP J 84 12.48 21.53 -43.48
CA ASP J 84 12.84 22.44 -42.42
C ASP J 84 11.87 22.31 -41.25
N ILE J 85 12.37 22.54 -40.04
CA ILE J 85 11.58 22.36 -38.82
C ILE J 85 11.33 23.74 -38.21
N GLN J 86 10.09 24.20 -38.34
CA GLN J 86 9.64 25.43 -37.69
C GLN J 86 9.10 25.06 -36.31
N THR J 87 9.90 25.25 -35.28
CA THR J 87 9.52 24.91 -33.91
C THR J 87 8.86 26.12 -33.26
N VAL J 88 7.59 25.98 -32.91
CA VAL J 88 6.82 27.04 -32.27
C VAL J 88 6.54 26.61 -30.84
N CYS J 89 7.15 27.30 -29.88
CA CYS J 89 6.98 26.96 -28.47
C CYS J 89 5.73 27.61 -27.92
N LEU J 90 4.89 26.81 -27.27
CA LEU J 90 3.66 27.29 -26.63
C LEU J 90 3.71 26.91 -25.16
N GLY J 91 3.53 27.90 -24.28
CA GLY J 91 3.44 27.62 -22.87
C GLY J 91 4.77 27.41 -22.17
N GLN J 92 5.42 26.28 -22.48
CA GLN J 92 6.69 25.96 -21.79
C GLN J 92 7.54 24.98 -22.59
N ALA J 93 8.77 25.36 -22.91
CA ALA J 93 9.72 24.41 -23.53
C ALA J 93 10.78 24.19 -22.46
N ALA J 94 10.54 23.23 -21.58
CA ALA J 94 11.44 23.07 -20.43
C ALA J 94 12.42 21.96 -20.69
N SER J 95 13.59 22.05 -20.08
CA SER J 95 14.58 20.96 -20.18
C SER J 95 14.79 20.56 -21.63
N ALA J 96 14.41 19.34 -21.99
CA ALA J 96 14.61 18.80 -23.35
C ALA J 96 13.78 19.54 -24.39
N ALA J 97 12.63 20.15 -24.03
CA ALA J 97 11.87 20.76 -25.11
C ALA J 97 12.45 22.09 -25.55
N ALA J 98 13.22 22.75 -24.68
CA ALA J 98 13.86 24.00 -25.05
C ALA J 98 15.02 23.75 -26.02
N VAL J 99 15.77 22.67 -25.81
CA VAL J 99 16.84 22.31 -26.72
C VAL J 99 16.26 21.90 -28.07
N LEU J 100 15.12 21.20 -28.06
CA LEU J 100 14.45 20.86 -29.32
C LEU J 100 13.87 22.09 -29.98
N LEU J 101 13.46 23.09 -29.20
CA LEU J 101 12.96 24.34 -29.77
C LEU J 101 14.09 25.11 -30.44
N ALA J 102 15.26 25.15 -29.80
CA ALA J 102 16.43 25.75 -30.45
C ALA J 102 16.93 24.89 -31.60
N ALA J 103 16.58 23.60 -31.62
CA ALA J 103 17.04 22.69 -32.66
C ALA J 103 16.32 22.90 -34.00
N GLY J 104 15.36 23.82 -34.07
CA GLY J 104 14.66 24.07 -35.31
C GLY J 104 15.55 24.74 -36.35
N THR J 105 14.96 24.97 -37.51
CA THR J 105 15.68 25.61 -38.60
C THR J 105 15.98 27.06 -38.22
N PRO J 106 17.22 27.53 -38.41
CA PRO J 106 17.54 28.92 -38.09
C PRO J 106 16.74 29.90 -38.93
N GLY J 107 16.20 30.93 -38.28
CA GLY J 107 15.30 31.87 -38.91
C GLY J 107 13.84 31.49 -38.84
N LYS J 108 13.52 30.24 -38.50
CA LYS J 108 12.14 29.79 -38.41
C LYS J 108 11.81 29.22 -37.03
N ARG J 109 12.52 29.65 -35.99
CA ARG J 109 12.25 29.20 -34.63
C ARG J 109 11.36 30.26 -33.96
N MET J 110 10.16 29.86 -33.58
CA MET J 110 9.15 30.78 -33.06
C MET J 110 8.71 30.37 -31.66
N ALA J 111 8.08 31.33 -30.98
CA ALA J 111 7.48 31.09 -29.67
C ALA J 111 6.48 32.20 -29.40
N LEU J 112 5.29 31.83 -28.95
CA LEU J 112 4.28 32.83 -28.63
C LEU J 112 4.69 33.58 -27.35
N PRO J 113 4.30 34.86 -27.22
CA PRO J 113 4.97 35.74 -26.24
C PRO J 113 4.93 35.30 -24.79
N ASN J 114 3.95 34.49 -24.38
CA ASN J 114 3.86 34.06 -23.00
C ASN J 114 4.35 32.63 -22.80
N ALA J 115 5.17 32.11 -23.72
CA ALA J 115 5.74 30.79 -23.57
C ALA J 115 6.96 30.83 -22.66
N ARG J 116 7.28 29.68 -22.08
CA ARG J 116 8.41 29.54 -21.17
C ARG J 116 9.51 28.71 -21.83
N VAL J 117 10.77 29.04 -21.50
CA VAL J 117 11.93 28.30 -21.97
C VAL J 117 12.80 28.02 -20.76
N LEU J 118 12.85 26.77 -20.33
CA LEU J 118 13.62 26.36 -19.16
C LEU J 118 14.82 25.54 -19.63
N ILE J 119 16.02 26.08 -19.45
CA ILE J 119 17.26 25.41 -19.83
C ILE J 119 18.09 25.21 -18.58
N HIS J 120 18.42 23.95 -18.28
CA HIS J 120 19.35 23.63 -17.21
C HIS J 120 20.08 22.34 -17.59
N GLN J 121 21.09 21.99 -16.78
CA GLN J 121 21.86 20.79 -17.06
C GLN J 121 21.00 19.54 -16.86
N PRO J 122 21.25 18.49 -17.63
CA PRO J 122 20.46 17.26 -17.48
C PRO J 122 20.70 16.60 -16.13
N SER J 123 19.64 16.03 -15.58
CA SER J 123 19.66 15.38 -14.28
C SER J 123 19.14 13.96 -14.40
N LEU J 124 19.44 13.15 -13.38
CA LEU J 124 18.99 11.78 -13.33
C LEU J 124 17.66 11.72 -12.57
N SER J 125 16.69 11.00 -13.13
CA SER J 125 15.38 10.88 -12.52
C SER J 125 15.44 9.88 -11.36
N GLY J 126 15.80 10.36 -10.18
CA GLY J 126 15.91 9.50 -9.02
C GLY J 126 17.35 9.18 -8.67
N VAL J 127 17.54 8.02 -8.04
CA VAL J 127 18.86 7.56 -7.60
C VAL J 127 19.23 6.34 -8.42
N ILE J 128 20.46 6.33 -8.94
CA ILE J 128 21.00 5.17 -9.65
C ILE J 128 22.11 4.57 -8.79
N GLN J 129 21.92 3.34 -8.35
CA GLN J 129 22.85 2.66 -7.47
C GLN J 129 23.84 1.82 -8.27
N GLY J 130 24.90 1.38 -7.59
CA GLY J 130 25.91 0.57 -8.22
C GLY J 130 27.27 0.81 -7.57
N GLN J 131 28.26 0.09 -8.09
CA GLN J 131 29.63 0.25 -7.62
C GLN J 131 30.18 1.60 -8.05
N PHE J 132 31.25 2.04 -7.38
CA PHE J 132 31.82 3.35 -7.62
C PHE J 132 32.38 3.50 -9.02
N SER J 133 32.81 2.40 -9.65
CA SER J 133 33.23 2.47 -11.05
C SER J 133 32.03 2.69 -11.97
N ASP J 134 30.92 2.00 -11.70
CA ASP J 134 29.70 2.24 -12.48
C ASP J 134 29.15 3.64 -12.22
N LEU J 135 29.26 4.13 -10.99
CA LEU J 135 28.84 5.50 -10.71
C LEU J 135 29.74 6.51 -11.40
N GLU J 136 31.04 6.23 -11.48
CA GLU J 136 31.95 7.10 -12.22
C GLU J 136 31.62 7.11 -13.70
N ILE J 137 31.26 5.94 -14.25
CA ILE J 137 30.87 5.86 -15.65
C ILE J 137 29.58 6.64 -15.90
N GLN J 138 28.60 6.50 -15.00
CA GLN J 138 27.35 7.26 -15.14
C GLN J 138 27.58 8.76 -14.99
N ALA J 139 28.51 9.15 -14.12
CA ALA J 139 28.84 10.56 -13.97
C ALA J 139 29.52 11.13 -15.21
N ALA J 140 30.47 10.38 -15.78
CA ALA J 140 31.10 10.80 -17.03
C ALA J 140 30.07 10.85 -18.16
N GLU J 141 29.09 9.96 -18.14
CA GLU J 141 28.05 9.97 -19.17
C GLU J 141 27.13 11.18 -19.02
N ILE J 142 26.74 11.53 -17.79
CA ILE J 142 25.89 12.70 -17.63
C ILE J 142 26.69 13.99 -17.86
N GLU J 143 28.01 13.95 -17.63
CA GLU J 143 28.84 15.09 -18.01
C GLU J 143 28.94 15.22 -19.52
N ARG J 144 29.01 14.10 -20.24
CA ARG J 144 28.95 14.13 -21.69
C ARG J 144 27.60 14.63 -22.17
N MET J 145 26.52 14.27 -21.47
CA MET J 145 25.20 14.79 -21.80
C MET J 145 25.14 16.30 -21.62
N ARG J 146 25.67 16.80 -20.50
CA ARG J 146 25.71 18.24 -20.26
C ARG J 146 26.53 18.95 -21.33
N THR J 147 27.69 18.39 -21.69
CA THR J 147 28.54 19.01 -22.71
C THR J 147 27.87 18.97 -24.08
N LEU J 148 27.16 17.89 -24.40
CA LEU J 148 26.48 17.80 -25.69
C LEU J 148 25.30 18.76 -25.76
N MET J 149 24.56 18.91 -24.66
CA MET J 149 23.48 19.89 -24.63
C MET J 149 24.02 21.31 -24.77
N GLU J 150 25.14 21.61 -24.10
CA GLU J 150 25.75 22.92 -24.20
C GLU J 150 26.26 23.17 -25.61
N THR J 151 26.83 22.15 -26.26
CA THR J 151 27.31 22.31 -27.62
C THR J 151 26.17 22.50 -28.60
N THR J 152 25.06 21.78 -28.41
CA THR J 152 23.88 21.96 -29.26
C THR J 152 23.31 23.35 -29.10
N LEU J 153 23.16 23.82 -27.86
CA LEU J 153 22.63 25.16 -27.63
C LEU J 153 23.60 26.24 -28.11
N ALA J 154 24.91 25.98 -28.10
CA ALA J 154 25.86 26.95 -28.62
C ALA J 154 25.81 27.00 -30.15
N ARG J 155 25.64 25.85 -30.79
CA ARG J 155 25.58 25.83 -32.25
C ARG J 155 24.23 26.31 -32.77
N HIS J 156 23.19 26.28 -31.94
CA HIS J 156 21.85 26.67 -32.38
C HIS J 156 21.45 28.08 -31.94
N THR J 157 22.02 28.60 -30.86
CA THR J 157 21.67 29.93 -30.38
C THR J 157 22.73 30.98 -30.68
N GLY J 158 23.87 30.58 -31.24
CA GLY J 158 24.92 31.53 -31.57
C GLY J 158 25.83 31.91 -30.43
N LYS J 159 25.57 31.44 -29.21
CA LYS J 159 26.39 31.77 -28.06
C LYS J 159 27.56 30.81 -27.94
N ASP J 160 28.42 31.09 -26.96
CA ASP J 160 29.55 30.22 -26.66
C ASP J 160 29.14 29.17 -25.65
N ALA J 161 29.78 27.99 -25.73
CA ALA J 161 29.42 26.87 -24.87
C ALA J 161 29.65 27.17 -23.39
N GLY J 162 30.58 28.07 -23.07
CA GLY J 162 30.81 28.42 -21.68
C GLY J 162 29.67 29.26 -21.10
N VAL J 163 29.11 30.15 -21.90
CA VAL J 163 27.96 30.93 -21.45
C VAL J 163 26.76 30.02 -21.21
N ILE J 164 26.57 29.03 -22.09
CA ILE J 164 25.54 28.01 -21.89
C ILE J 164 25.83 27.19 -20.65
N ARG J 165 27.11 26.96 -20.35
CA ARG J 165 27.46 26.16 -19.19
C ARG J 165 27.15 26.90 -17.89
N LYS J 166 27.47 28.19 -17.82
CA LYS J 166 27.11 28.94 -16.62
C LYS J 166 25.61 29.15 -16.52
N ASP J 167 24.94 29.37 -17.66
CA ASP J 167 23.51 29.66 -17.62
C ASP J 167 22.70 28.41 -17.27
N THR J 168 23.00 27.27 -17.89
CA THR J 168 22.32 26.03 -17.59
C THR J 168 22.92 25.28 -16.40
N ASP J 169 23.75 25.96 -15.60
CA ASP J 169 24.22 25.37 -14.35
C ASP J 169 23.07 25.14 -13.40
N ARG J 170 22.12 26.08 -13.37
CA ARG J 170 20.87 25.95 -12.65
C ARG J 170 19.72 26.18 -13.61
N ASP J 171 18.49 26.26 -13.07
CA ASP J 171 17.32 26.44 -13.91
C ASP J 171 17.27 27.85 -14.48
N LYS J 172 17.69 28.00 -15.74
CA LYS J 172 17.62 29.29 -16.44
C LYS J 172 16.27 29.36 -17.13
N ILE J 173 15.41 30.23 -16.62
CA ILE J 173 14.04 30.34 -17.11
C ILE J 173 13.88 31.67 -17.84
N LEU J 174 13.43 31.60 -19.09
CA LEU J 174 13.29 32.75 -19.95
C LEU J 174 11.89 32.82 -20.54
N THR J 175 11.44 34.02 -20.85
CA THR J 175 10.22 34.21 -21.61
C THR J 175 10.50 34.04 -23.10
N ALA J 176 9.53 34.40 -23.94
CA ALA J 176 9.73 34.31 -25.37
C ALA J 176 10.70 35.39 -25.88
N GLU J 177 10.58 36.58 -25.30
CA GLU J 177 11.46 37.70 -25.68
C GLU J 177 12.85 37.39 -25.16
N GLU J 178 12.92 36.88 -23.94
CA GLU J 178 14.20 36.54 -23.33
C GLU J 178 14.87 35.39 -24.07
N ALA J 179 14.08 34.45 -24.59
CA ALA J 179 14.65 33.37 -25.39
C ALA J 179 15.09 33.86 -26.76
N LYS J 180 14.44 34.90 -27.30
CA LYS J 180 14.87 35.45 -28.57
C LYS J 180 16.16 36.24 -28.41
N ASP J 181 16.29 37.00 -27.33
CA ASP J 181 17.57 37.65 -27.04
C ASP J 181 18.64 36.62 -26.69
N TYR J 182 18.25 35.52 -26.07
CA TYR J 182 19.19 34.43 -25.78
C TYR J 182 19.56 33.65 -27.03
N GLY J 183 18.67 33.60 -28.02
CA GLY J 183 18.94 32.88 -29.25
C GLY J 183 18.24 31.54 -29.39
N ILE J 184 17.39 31.17 -28.43
CA ILE J 184 16.65 29.91 -28.52
C ILE J 184 15.66 29.95 -29.67
N ILE J 185 15.04 31.10 -29.90
CA ILE J 185 14.14 31.31 -31.02
C ILE J 185 14.66 32.50 -31.84
N ASP J 186 14.23 32.54 -33.10
CA ASP J 186 14.64 33.62 -34.00
C ASP J 186 13.55 34.66 -34.21
N THR J 187 12.31 34.39 -33.80
CA THR J 187 11.24 35.35 -33.97
C THR J 187 10.20 35.11 -32.88
N VAL J 188 9.67 36.21 -32.34
CA VAL J 188 8.48 36.15 -31.49
C VAL J 188 7.27 36.32 -32.40
N LEU J 189 6.32 35.39 -32.29
CA LEU J 189 5.13 35.41 -33.14
C LEU J 189 4.07 36.29 -32.52
N GLU J 190 3.68 37.31 -33.26
CA GLU J 190 2.65 38.25 -32.76
C GLU J 190 1.28 37.57 -32.81
N TYR J 191 0.32 38.13 -32.08
CA TYR J 191 -1.03 37.60 -32.19
C TYR J 191 -1.67 38.10 -33.47
N ARG J 192 -1.87 37.19 -34.43
CA ARG J 192 -2.39 37.54 -35.75
C ARG J 192 -3.91 37.47 -35.82
N LYS J 193 -4.59 37.69 -34.69
CA LYS J 193 -6.04 37.78 -34.69
C LYS J 193 -6.49 38.98 -35.51
N LEU J 194 -7.53 38.79 -36.32
CA LEU J 194 -7.98 39.85 -37.22
C LEU J 194 -8.60 41.01 -36.45
N SER J 195 -9.19 40.75 -35.29
CA SER J 195 -9.76 41.81 -34.47
C SER J 195 -8.72 42.39 -33.51
N ASN K 16 -20.81 11.20 -31.86
CA ASN K 16 -20.15 11.85 -30.73
C ASN K 16 -20.54 13.33 -30.65
N PRO K 17 -20.93 13.78 -29.46
CA PRO K 17 -21.37 15.18 -29.34
C PRO K 17 -20.23 16.18 -29.41
N TYR K 18 -19.05 15.81 -28.91
CA TYR K 18 -17.90 16.73 -28.95
C TYR K 18 -17.49 17.02 -30.39
N ASN K 19 -17.41 16.00 -31.23
CA ASN K 19 -17.06 16.22 -32.64
C ASN K 19 -18.17 16.96 -33.37
N LYS K 20 -19.42 16.66 -33.03
CA LYS K 20 -20.55 17.35 -33.67
C LYS K 20 -20.54 18.83 -33.36
N LEU K 21 -20.22 19.20 -32.12
CA LEU K 21 -20.09 20.61 -31.78
C LEU K 21 -18.78 21.19 -32.28
N PHE K 22 -17.78 20.35 -32.54
CA PHE K 22 -16.55 20.83 -33.16
C PHE K 22 -16.79 21.23 -34.61
N GLU K 23 -17.70 20.53 -35.30
CA GLU K 23 -18.14 21.01 -36.60
C GLU K 23 -19.00 22.26 -36.46
N GLU K 24 -19.61 22.46 -35.31
CA GLU K 24 -20.37 23.67 -35.01
C GLU K 24 -19.50 24.77 -34.41
N ARG K 25 -18.17 24.63 -34.45
CA ARG K 25 -17.22 25.59 -33.90
C ARG K 25 -17.43 25.80 -32.40
N ILE K 26 -17.38 24.70 -31.64
CA ILE K 26 -17.55 24.74 -30.18
C ILE K 26 -16.46 23.86 -29.56
N ILE K 27 -15.67 24.45 -28.68
CA ILE K 27 -14.60 23.76 -27.97
C ILE K 27 -14.96 23.69 -26.50
N PHE K 28 -14.61 22.57 -25.86
CA PHE K 28 -14.95 22.32 -24.46
C PHE K 28 -13.68 22.32 -23.63
N LEU K 29 -13.52 23.34 -22.78
CA LEU K 29 -12.48 23.34 -21.75
C LEU K 29 -13.08 22.76 -20.48
N GLY K 30 -13.20 21.44 -20.46
CA GLY K 30 -13.97 20.76 -19.44
C GLY K 30 -13.22 19.89 -18.46
N VAL K 31 -11.89 19.82 -18.54
CA VAL K 31 -11.10 18.97 -17.66
C VAL K 31 -10.04 19.83 -16.98
N GLN K 32 -9.23 19.18 -16.14
CA GLN K 32 -8.12 19.85 -15.48
C GLN K 32 -7.12 20.37 -16.50
N VAL K 33 -6.68 21.61 -16.32
CA VAL K 33 -5.82 22.26 -17.30
C VAL K 33 -4.39 21.79 -17.05
N ASP K 34 -4.02 20.67 -17.67
CA ASP K 34 -2.64 20.19 -17.70
C ASP K 34 -2.13 20.31 -19.13
N ASP K 35 -0.90 19.84 -19.35
CA ASP K 35 -0.27 20.00 -20.65
C ASP K 35 -0.98 19.19 -21.74
N ALA K 36 -1.55 18.04 -21.38
CA ALA K 36 -2.25 17.23 -22.38
C ALA K 36 -3.55 17.90 -22.81
N SER K 37 -4.36 18.33 -21.85
CA SER K 37 -5.58 19.07 -22.17
C SER K 37 -5.27 20.37 -22.88
N ALA K 38 -4.16 21.02 -22.50
CA ALA K 38 -3.73 22.24 -23.18
C ALA K 38 -3.43 21.97 -24.63
N ASN K 39 -2.69 20.89 -24.92
CA ASN K 39 -2.38 20.58 -26.31
C ASN K 39 -3.60 20.15 -27.10
N ASP K 40 -4.55 19.47 -26.47
CA ASP K 40 -5.80 19.15 -27.15
C ASP K 40 -6.58 20.43 -27.51
N ILE K 41 -6.66 21.37 -26.58
CA ILE K 41 -7.36 22.62 -26.83
C ILE K 41 -6.64 23.43 -27.92
N MET K 42 -5.32 23.46 -27.89
CA MET K 42 -4.55 24.17 -28.91
C MET K 42 -4.71 23.53 -30.29
N ALA K 43 -4.74 22.20 -30.35
CA ALA K 43 -4.94 21.54 -31.63
C ALA K 43 -6.33 21.83 -32.18
N GLN K 44 -7.35 21.81 -31.32
CA GLN K 44 -8.71 22.14 -31.75
C GLN K 44 -8.80 23.58 -32.24
N LEU K 45 -8.15 24.50 -31.52
CA LEU K 45 -8.17 25.92 -31.91
C LEU K 45 -7.46 26.13 -33.24
N LEU K 46 -6.33 25.46 -33.45
CA LEU K 46 -5.60 25.61 -34.70
C LEU K 46 -6.36 25.00 -35.87
N VAL K 47 -7.05 23.88 -35.64
CA VAL K 47 -7.89 23.30 -36.70
C VAL K 47 -9.03 24.24 -37.06
N LEU K 48 -9.70 24.81 -36.05
CA LEU K 48 -10.80 25.72 -36.33
C LEU K 48 -10.31 27.01 -36.97
N GLU K 49 -9.07 27.43 -36.67
CA GLU K 49 -8.51 28.61 -37.32
C GLU K 49 -8.16 28.32 -38.78
N SER K 50 -7.62 27.13 -39.06
CA SER K 50 -7.28 26.77 -40.44
C SER K 50 -8.54 26.54 -41.26
N LEU K 51 -9.63 26.12 -40.62
CA LEU K 51 -10.89 25.91 -41.35
C LEU K 51 -11.49 27.24 -41.79
N ASP K 52 -11.81 28.12 -40.83
CA ASP K 52 -12.37 29.42 -41.12
C ASP K 52 -11.84 30.44 -40.12
N PRO K 53 -10.93 31.33 -40.55
CA PRO K 53 -10.33 32.28 -39.61
C PRO K 53 -11.21 33.46 -39.24
N ASP K 54 -12.40 33.59 -39.84
CA ASP K 54 -13.31 34.67 -39.49
C ASP K 54 -14.41 34.26 -38.53
N ARG K 55 -14.86 33.01 -38.55
CA ARG K 55 -15.96 32.58 -37.70
C ARG K 55 -15.50 32.41 -36.25
N ASP K 56 -16.34 32.85 -35.33
CA ASP K 56 -15.96 32.93 -33.92
C ASP K 56 -15.89 31.54 -33.29
N ILE K 57 -14.77 31.25 -32.64
CA ILE K 57 -14.58 29.98 -31.97
C ILE K 57 -15.22 30.06 -30.59
N THR K 58 -16.20 29.20 -30.33
CA THR K 58 -16.87 29.16 -29.05
C THR K 58 -16.15 28.18 -28.13
N MET K 59 -15.76 28.63 -26.95
CA MET K 59 -15.04 27.82 -25.98
C MET K 59 -15.87 27.75 -24.70
N TYR K 60 -16.47 26.60 -24.45
CA TYR K 60 -17.22 26.39 -23.21
C TYR K 60 -16.27 25.94 -22.11
N ILE K 61 -16.30 26.62 -20.98
CA ILE K 61 -15.28 26.50 -19.95
C ILE K 61 -15.95 26.01 -18.66
N ASN K 62 -15.73 24.74 -18.32
CA ASN K 62 -16.11 24.17 -17.02
C ASN K 62 -14.91 23.39 -16.50
N SER K 63 -13.99 24.09 -15.84
CA SER K 63 -12.71 23.48 -15.49
C SER K 63 -12.20 23.95 -14.14
N PRO K 64 -11.60 23.05 -13.35
CA PRO K 64 -10.97 23.46 -12.09
C PRO K 64 -9.55 23.98 -12.23
N GLY K 65 -9.07 24.18 -13.46
CA GLY K 65 -7.76 24.78 -13.67
C GLY K 65 -6.63 23.78 -13.67
N GLY K 66 -5.45 24.27 -13.30
CA GLY K 66 -4.26 23.42 -13.28
C GLY K 66 -2.96 24.20 -13.30
N GLY K 67 -2.04 23.79 -14.19
CA GLY K 67 -0.75 24.44 -14.24
C GLY K 67 -0.80 25.80 -14.90
N PHE K 68 0.16 26.64 -14.55
CA PHE K 68 0.22 27.99 -15.12
C PHE K 68 0.79 27.98 -16.53
N THR K 69 1.69 27.03 -16.83
CA THR K 69 2.28 26.98 -18.16
C THR K 69 1.25 26.54 -19.20
N SER K 70 0.41 25.56 -18.87
CA SER K 70 -0.68 25.19 -19.74
C SER K 70 -1.69 26.31 -19.88
N LEU K 71 -1.92 27.05 -18.80
CA LEU K 71 -2.75 28.26 -18.83
C LEU K 71 -2.23 29.25 -19.86
N MET K 72 -0.95 29.57 -19.79
CA MET K 72 -0.37 30.53 -20.73
C MET K 72 -0.31 29.98 -22.14
N ALA K 73 -0.16 28.67 -22.30
CA ALA K 73 -0.21 28.08 -23.64
C ALA K 73 -1.58 28.25 -24.28
N ILE K 74 -2.65 27.93 -23.52
CA ILE K 74 -4.00 28.08 -24.07
C ILE K 74 -4.32 29.55 -24.31
N TYR K 75 -3.85 30.44 -23.43
CA TYR K 75 -4.08 31.87 -23.61
C TYR K 75 -3.39 32.38 -24.88
N ASP K 76 -2.13 31.98 -25.07
CA ASP K 76 -1.38 32.37 -26.25
C ASP K 76 -2.01 31.84 -27.53
N THR K 77 -2.53 30.61 -27.50
CA THR K 77 -3.15 30.05 -28.69
C THR K 77 -4.50 30.70 -28.97
N MET K 78 -5.23 31.09 -27.92
CA MET K 78 -6.50 31.77 -28.11
C MET K 78 -6.29 33.17 -28.68
N GLN K 79 -5.28 33.88 -28.20
CA GLN K 79 -4.99 35.20 -28.76
C GLN K 79 -4.32 35.10 -30.12
N TYR K 80 -3.69 33.96 -30.43
CA TYR K 80 -2.91 33.82 -31.64
C TYR K 80 -3.77 33.48 -32.86
N VAL K 81 -4.83 32.68 -32.67
CA VAL K 81 -5.66 32.28 -33.81
C VAL K 81 -6.39 33.50 -34.37
N ARG K 82 -6.59 33.49 -35.68
CA ARG K 82 -7.24 34.62 -36.34
C ARG K 82 -8.71 34.73 -35.97
N ALA K 83 -9.31 33.62 -35.53
CA ALA K 83 -10.71 33.63 -35.15
C ALA K 83 -10.88 34.19 -33.75
N ASP K 84 -12.01 34.88 -33.54
CA ASP K 84 -12.32 35.41 -32.22
C ASP K 84 -12.73 34.29 -31.29
N ILE K 85 -12.44 34.45 -30.00
CA ILE K 85 -12.70 33.41 -29.01
C ILE K 85 -13.82 33.91 -28.09
N GLN K 86 -15.01 33.33 -28.27
CA GLN K 86 -16.14 33.58 -27.38
C GLN K 86 -16.08 32.55 -26.26
N THR K 87 -15.58 32.97 -25.10
CA THR K 87 -15.43 32.09 -23.95
C THR K 87 -16.69 32.17 -23.10
N VAL K 88 -17.40 31.05 -22.98
CA VAL K 88 -18.64 30.95 -22.20
C VAL K 88 -18.34 30.08 -20.99
N CYS K 89 -18.35 30.67 -19.80
CA CYS K 89 -18.06 29.94 -18.58
C CYS K 89 -19.32 29.27 -18.06
N LEU K 90 -19.23 27.97 -17.78
CA LEU K 90 -20.32 27.20 -17.22
C LEU K 90 -19.86 26.57 -15.92
N GLY K 91 -20.61 26.79 -14.85
CA GLY K 91 -20.31 26.16 -13.57
C GLY K 91 -19.19 26.80 -12.78
N GLN K 92 -17.96 26.65 -13.29
CA GLN K 92 -16.81 27.19 -12.53
C GLN K 92 -15.64 27.48 -13.46
N ALA K 93 -14.92 28.58 -13.19
CA ALA K 93 -13.70 28.90 -13.94
C ALA K 93 -12.68 29.27 -12.85
N ALA K 94 -12.09 28.25 -12.29
CA ALA K 94 -11.18 28.52 -11.19
C ALA K 94 -9.78 28.60 -11.76
N SER K 95 -8.93 29.41 -11.15
CA SER K 95 -7.50 29.38 -11.54
C SER K 95 -7.32 29.60 -13.05
N ALA K 96 -6.58 28.70 -13.70
CA ALA K 96 -6.29 28.83 -15.15
C ALA K 96 -7.55 29.14 -15.96
N ALA K 97 -8.67 28.47 -15.64
CA ALA K 97 -9.92 28.69 -16.41
C ALA K 97 -10.36 30.16 -16.37
N ALA K 98 -10.38 30.78 -15.20
CA ALA K 98 -10.91 32.15 -15.13
C ALA K 98 -10.06 33.11 -15.95
N VAL K 99 -8.74 32.92 -15.92
CA VAL K 99 -7.86 33.74 -16.75
C VAL K 99 -8.09 33.45 -18.23
N LEU K 100 -8.32 32.19 -18.57
CA LEU K 100 -8.67 31.84 -19.94
C LEU K 100 -10.04 32.37 -20.34
N LEU K 101 -10.95 32.47 -19.38
CA LEU K 101 -12.26 33.05 -19.65
C LEU K 101 -12.16 34.54 -19.93
N ALA K 102 -11.34 35.24 -19.13
CA ALA K 102 -11.06 36.65 -19.42
C ALA K 102 -10.22 36.81 -20.68
N ALA K 103 -9.51 35.76 -21.09
CA ALA K 103 -8.65 35.83 -22.27
C ALA K 103 -9.42 35.82 -23.59
N GLY K 104 -10.74 35.71 -23.54
CA GLY K 104 -11.53 35.72 -24.76
C GLY K 104 -11.54 37.07 -25.43
N THR K 105 -12.23 37.12 -26.57
CA THR K 105 -12.34 38.36 -27.33
C THR K 105 -13.17 39.38 -26.53
N PRO K 106 -12.70 40.61 -26.41
CA PRO K 106 -13.49 41.63 -25.67
C PRO K 106 -14.82 41.89 -26.33
N GLY K 107 -15.87 41.94 -25.51
CA GLY K 107 -17.23 42.05 -25.98
C GLY K 107 -17.93 40.73 -26.24
N LYS K 108 -17.18 39.62 -26.29
CA LYS K 108 -17.76 38.31 -26.53
C LYS K 108 -17.41 37.32 -25.42
N ARG K 109 -17.14 37.81 -24.21
CA ARG K 109 -16.85 36.94 -23.07
C ARG K 109 -18.15 36.75 -22.28
N MET K 110 -18.63 35.52 -22.20
CA MET K 110 -19.92 35.21 -21.61
C MET K 110 -19.76 34.24 -20.45
N ALA K 111 -20.81 34.17 -19.63
CA ALA K 111 -20.89 33.21 -18.53
C ALA K 111 -22.35 33.09 -18.12
N LEU K 112 -22.82 31.86 -17.96
CA LEU K 112 -24.19 31.66 -17.54
C LEU K 112 -24.34 32.05 -16.06
N PRO K 113 -25.53 32.53 -15.64
CA PRO K 113 -25.63 33.29 -14.38
C PRO K 113 -25.17 32.56 -13.12
N ASN K 114 -25.19 31.23 -13.09
CA ASN K 114 -24.78 30.49 -11.91
C ASN K 114 -23.38 29.91 -12.03
N ALA K 115 -22.56 30.46 -12.92
CA ALA K 115 -21.18 29.99 -13.05
C ALA K 115 -20.30 30.66 -12.01
N ARG K 116 -19.16 30.02 -11.72
CA ARG K 116 -18.22 30.50 -10.73
C ARG K 116 -16.94 30.97 -11.41
N VAL K 117 -16.31 31.99 -10.83
CA VAL K 117 -15.04 32.52 -11.32
C VAL K 117 -14.12 32.63 -10.10
N LEU K 118 -13.12 31.76 -10.03
CA LEU K 118 -12.18 31.73 -8.92
C LEU K 118 -10.82 32.23 -9.41
N ILE K 119 -10.40 33.40 -8.92
CA ILE K 119 -9.12 34.00 -9.28
C ILE K 119 -8.29 34.13 -8.02
N HIS K 120 -7.11 33.50 -8.03
CA HIS K 120 -6.13 33.67 -6.97
C HIS K 120 -4.74 33.52 -7.57
N GLN K 121 -3.73 33.80 -6.76
CA GLN K 121 -2.35 33.69 -7.22
C GLN K 121 -1.99 32.23 -7.50
N PRO K 122 -1.12 31.99 -8.48
CA PRO K 122 -0.74 30.60 -8.77
C PRO K 122 0.07 29.98 -7.65
N SER K 123 -0.17 28.69 -7.43
CA SER K 123 0.46 27.94 -6.35
C SER K 123 1.15 26.70 -6.93
N LEU K 124 2.05 26.13 -6.14
CA LEU K 124 2.77 24.93 -6.52
C LEU K 124 2.01 23.71 -6.02
N SER K 125 1.82 22.72 -6.89
CA SER K 125 1.10 21.51 -6.52
C SER K 125 2.00 20.60 -5.68
N GLY K 126 2.01 20.82 -4.37
CA GLY K 126 2.85 20.04 -3.48
C GLY K 126 4.09 20.79 -3.04
N VAL K 127 5.13 20.03 -2.72
CA VAL K 127 6.39 20.57 -2.24
C VAL K 127 7.46 20.33 -3.29
N ILE K 128 8.23 21.36 -3.61
CA ILE K 128 9.36 21.24 -4.52
C ILE K 128 10.64 21.44 -3.70
N GLN K 129 11.47 20.40 -3.64
CA GLN K 129 12.69 20.42 -2.85
C GLN K 129 13.89 20.85 -3.69
N GLY K 130 14.98 21.15 -3.02
CA GLY K 130 16.20 21.56 -3.68
C GLY K 130 16.99 22.51 -2.81
N GLN K 131 18.13 22.94 -3.36
CA GLN K 131 18.97 23.90 -2.66
C GLN K 131 18.30 25.28 -2.63
N PHE K 132 18.77 26.13 -1.71
CA PHE K 132 18.15 27.44 -1.51
C PHE K 132 18.28 28.34 -2.73
N SER K 133 19.31 28.15 -3.56
CA SER K 133 19.39 28.89 -4.81
C SER K 133 18.32 28.43 -5.79
N ASP K 134 18.11 27.11 -5.89
CA ASP K 134 17.04 26.59 -6.74
C ASP K 134 15.66 26.99 -6.20
N LEU K 135 15.51 27.02 -4.87
CA LEU K 135 14.25 27.48 -4.29
C LEU K 135 14.03 28.95 -4.55
N GLU K 136 15.10 29.76 -4.52
CA GLU K 136 15.00 31.17 -4.86
C GLU K 136 14.61 31.36 -6.31
N ILE K 137 15.16 30.53 -7.20
CA ILE K 137 14.81 30.60 -8.62
C ILE K 137 13.35 30.22 -8.82
N GLN K 138 12.89 29.16 -8.15
CA GLN K 138 11.49 28.75 -8.27
C GLN K 138 10.55 29.81 -7.68
N ALA K 139 10.98 30.49 -6.62
CA ALA K 139 10.18 31.56 -6.04
C ALA K 139 10.09 32.76 -6.96
N ALA K 140 11.21 33.15 -7.57
CA ALA K 140 11.18 34.23 -8.56
C ALA K 140 10.33 33.84 -9.77
N GLU K 141 10.34 32.55 -10.14
CA GLU K 141 9.53 32.11 -11.26
C GLU K 141 8.04 32.13 -10.93
N ILE K 142 7.66 31.72 -9.72
CA ILE K 142 6.24 31.78 -9.37
C ILE K 142 5.80 33.22 -9.12
N GLU K 143 6.73 34.10 -8.74
CA GLU K 143 6.41 35.53 -8.66
C GLU K 143 6.21 36.11 -10.06
N ARG K 144 7.02 35.67 -11.02
CA ARG K 144 6.80 36.07 -12.41
C ARG K 144 5.47 35.53 -12.94
N MET K 145 5.10 34.31 -12.51
CA MET K 145 3.80 33.76 -12.88
C MET K 145 2.66 34.60 -12.30
N ARG K 146 2.77 34.99 -11.03
CA ARG K 146 1.76 35.84 -10.40
C ARG K 146 1.66 37.19 -11.12
N THR K 147 2.81 37.79 -11.43
CA THR K 147 2.82 39.08 -12.12
C THR K 147 2.25 38.97 -13.54
N LEU K 148 2.54 37.86 -14.23
CA LEU K 148 2.02 37.68 -15.58
C LEU K 148 0.51 37.44 -15.57
N MET K 149 0.02 36.68 -14.59
CA MET K 149 -1.42 36.49 -14.44
C MET K 149 -2.12 37.80 -14.11
N GLU K 150 -1.52 38.61 -13.23
CA GLU K 150 -2.09 39.90 -12.89
C GLU K 150 -2.08 40.85 -14.09
N THR K 151 -1.02 40.80 -14.90
CA THR K 151 -0.96 41.65 -16.09
C THR K 151 -1.97 41.21 -17.13
N THR K 152 -2.16 39.90 -17.30
CA THR K 152 -3.16 39.39 -18.23
C THR K 152 -4.56 39.79 -17.79
N LEU K 153 -4.87 39.62 -16.50
CA LEU K 153 -6.19 40.02 -16.00
C LEU K 153 -6.39 41.52 -16.04
N ALA K 154 -5.32 42.30 -15.89
CA ALA K 154 -5.45 43.76 -15.99
C ALA K 154 -5.68 44.19 -17.43
N ARG K 155 -5.03 43.53 -18.39
CA ARG K 155 -5.21 43.89 -19.79
C ARG K 155 -6.53 43.36 -20.35
N HIS K 156 -7.10 42.33 -19.71
CA HIS K 156 -8.33 41.74 -20.21
C HIS K 156 -9.59 42.19 -19.49
N THR K 157 -9.47 42.62 -18.23
CA THR K 157 -10.64 43.05 -17.46
C THR K 157 -10.73 44.56 -17.32
N GLY K 158 -9.74 45.32 -17.78
CA GLY K 158 -9.76 46.76 -17.69
C GLY K 158 -9.31 47.33 -16.37
N LYS K 159 -9.02 46.49 -15.38
CA LYS K 159 -8.59 46.97 -14.08
C LYS K 159 -7.08 47.19 -14.05
N ASP K 160 -6.61 47.72 -12.92
CA ASP K 160 -5.19 47.92 -12.71
C ASP K 160 -4.57 46.66 -12.09
N ALA K 161 -3.29 46.43 -12.39
CA ALA K 161 -2.62 45.22 -11.92
C ALA K 161 -2.53 45.15 -10.41
N GLY K 162 -2.52 46.31 -9.72
CA GLY K 162 -2.48 46.29 -8.27
C GLY K 162 -3.79 45.81 -7.65
N VAL K 163 -4.92 46.17 -8.26
CA VAL K 163 -6.22 45.69 -7.79
C VAL K 163 -6.32 44.19 -7.99
N ILE K 164 -5.81 43.69 -9.11
CA ILE K 164 -5.73 42.25 -9.35
C ILE K 164 -4.80 41.59 -8.35
N ARG K 165 -3.74 42.30 -7.94
CA ARG K 165 -2.79 41.73 -6.99
C ARG K 165 -3.39 41.58 -5.61
N LYS K 166 -4.13 42.60 -5.14
CA LYS K 166 -4.79 42.46 -3.85
C LYS K 166 -5.94 41.46 -3.91
N ASP K 167 -6.67 41.44 -5.04
CA ASP K 167 -7.83 40.55 -5.12
C ASP K 167 -7.42 39.09 -5.26
N THR K 168 -6.45 38.79 -6.11
CA THR K 168 -5.95 37.42 -6.26
C THR K 168 -4.88 37.07 -5.24
N ASP K 169 -4.73 37.86 -4.17
CA ASP K 169 -3.85 37.48 -3.07
C ASP K 169 -4.35 36.22 -2.39
N ARG K 170 -5.68 36.10 -2.24
CA ARG K 170 -6.33 34.90 -1.77
C ARG K 170 -7.39 34.48 -2.80
N ASP K 171 -8.20 33.49 -2.44
CA ASP K 171 -9.20 32.98 -3.35
C ASP K 171 -10.33 33.99 -3.53
N LYS K 172 -10.31 34.75 -4.63
CA LYS K 172 -11.37 35.69 -4.95
C LYS K 172 -12.40 34.95 -5.78
N ILE K 173 -13.57 34.71 -5.19
CA ILE K 173 -14.61 33.92 -5.83
C ILE K 173 -15.77 34.84 -6.19
N LEU K 174 -16.15 34.82 -7.47
CA LEU K 174 -17.19 35.70 -8.00
C LEU K 174 -18.23 34.87 -8.73
N THR K 175 -19.46 35.39 -8.77
CA THR K 175 -20.49 34.82 -9.62
C THR K 175 -20.34 35.36 -11.04
N ALA K 176 -21.34 35.11 -11.88
CA ALA K 176 -21.31 35.62 -13.25
C ALA K 176 -21.50 37.13 -13.29
N GLU K 177 -22.45 37.62 -12.50
CA GLU K 177 -22.66 39.09 -12.42
C GLU K 177 -21.42 39.72 -11.80
N GLU K 178 -20.91 39.12 -10.73
CA GLU K 178 -19.73 39.68 -10.05
C GLU K 178 -18.52 39.66 -10.97
N ALA K 179 -18.41 38.65 -11.84
CA ALA K 179 -17.33 38.63 -12.80
C ALA K 179 -17.54 39.65 -13.92
N LYS K 180 -18.80 39.97 -14.24
CA LYS K 180 -19.05 40.99 -15.23
C LYS K 180 -18.75 42.38 -14.69
N ASP K 181 -19.10 42.64 -13.43
CA ASP K 181 -18.70 43.89 -12.79
C ASP K 181 -17.19 43.93 -12.59
N TYR K 182 -16.57 42.79 -12.35
CA TYR K 182 -15.12 42.71 -12.23
C TYR K 182 -14.42 42.86 -13.58
N GLY K 183 -15.08 42.46 -14.66
CA GLY K 183 -14.50 42.56 -15.99
C GLY K 183 -14.02 41.26 -16.59
N ILE K 184 -14.20 40.13 -15.89
CA ILE K 184 -13.77 38.84 -16.43
C ILE K 184 -14.59 38.47 -17.66
N ILE K 185 -15.88 38.81 -17.65
CA ILE K 185 -16.76 38.60 -18.79
C ILE K 185 -17.37 39.95 -19.18
N ASP K 186 -17.83 40.03 -20.43
CA ASP K 186 -18.44 41.25 -20.94
C ASP K 186 -19.96 41.16 -21.01
N THR K 187 -20.53 39.97 -20.87
CA THR K 187 -21.98 39.83 -20.92
C THR K 187 -22.39 38.62 -20.11
N VAL K 188 -23.49 38.75 -19.37
CA VAL K 188 -24.15 37.60 -18.75
C VAL K 188 -25.17 37.09 -19.75
N LEU K 189 -25.12 35.79 -20.04
CA LEU K 189 -26.01 35.18 -21.01
C LEU K 189 -27.31 34.77 -20.33
N GLU K 190 -28.41 35.33 -20.81
CA GLU K 190 -29.74 35.03 -20.26
C GLU K 190 -30.18 33.65 -20.69
N TYR K 191 -31.12 33.05 -19.96
CA TYR K 191 -31.64 31.76 -20.41
C TYR K 191 -32.57 31.97 -21.59
N ARG K 192 -32.14 31.53 -22.77
CA ARG K 192 -32.89 31.76 -24.01
C ARG K 192 -33.86 30.62 -24.30
N LYS K 193 -34.35 29.94 -23.27
CA LYS K 193 -35.39 28.93 -23.46
C LYS K 193 -36.66 29.59 -23.98
N LEU K 194 -37.30 28.94 -24.96
CA LEU K 194 -38.48 29.53 -25.58
C LEU K 194 -39.66 29.58 -24.64
N SER K 195 -39.74 28.66 -23.69
CA SER K 195 -40.82 28.66 -22.70
C SER K 195 -40.45 29.49 -21.48
N ASN L 16 -25.80 0.96 -30.22
CA ASN L 16 -25.71 1.52 -28.88
C ASN L 16 -27.04 2.13 -28.46
N PRO L 17 -27.51 1.79 -27.26
CA PRO L 17 -28.82 2.31 -26.82
C PRO L 17 -28.79 3.78 -26.45
N TYR L 18 -27.66 4.28 -25.92
CA TYR L 18 -27.58 5.68 -25.55
C TYR L 18 -27.67 6.58 -26.78
N ASN L 19 -26.95 6.24 -27.85
CA ASN L 19 -27.04 7.03 -29.08
C ASN L 19 -28.40 6.90 -29.72
N LYS L 20 -29.00 5.71 -29.66
CA LYS L 20 -30.32 5.50 -30.24
C LYS L 20 -31.38 6.35 -29.54
N LEU L 21 -31.28 6.45 -28.21
CA LEU L 21 -32.19 7.33 -27.49
C LEU L 21 -31.80 8.79 -27.62
N PHE L 22 -30.54 9.07 -27.96
CA PHE L 22 -30.12 10.44 -28.25
C PHE L 22 -30.75 10.92 -29.55
N GLU L 23 -30.91 10.02 -30.52
CA GLU L 23 -31.71 10.37 -31.69
C GLU L 23 -33.19 10.50 -31.34
N GLU L 24 -33.62 9.83 -30.26
CA GLU L 24 -34.98 9.96 -29.76
C GLU L 24 -35.14 11.11 -28.77
N ARG L 25 -34.15 12.00 -28.67
CA ARG L 25 -34.14 13.14 -27.74
C ARG L 25 -34.27 12.68 -26.29
N ILE L 26 -33.36 11.82 -25.86
CA ILE L 26 -33.33 11.30 -24.50
C ILE L 26 -31.89 11.37 -23.99
N ILE L 27 -31.70 12.06 -22.86
CA ILE L 27 -30.39 12.20 -22.24
C ILE L 27 -30.42 11.47 -20.90
N PHE L 28 -29.29 10.85 -20.55
CA PHE L 28 -29.18 10.05 -19.34
C PHE L 28 -28.23 10.73 -18.36
N LEU L 29 -28.78 11.24 -17.25
CA LEU L 29 -27.97 11.71 -16.14
C LEU L 29 -27.81 10.54 -15.16
N GLY L 30 -26.92 9.63 -15.52
CA GLY L 30 -26.82 8.35 -14.83
C GLY L 30 -25.58 8.07 -14.04
N VAL L 31 -24.64 9.02 -13.95
CA VAL L 31 -23.39 8.81 -13.24
C VAL L 31 -23.23 9.92 -12.20
N GLN L 32 -22.11 9.87 -11.47
CA GLN L 32 -21.79 10.90 -10.50
C GLN L 32 -21.60 12.24 -11.19
N VAL L 33 -22.20 13.29 -10.63
CA VAL L 33 -22.20 14.60 -11.26
C VAL L 33 -20.87 15.27 -10.95
N ASP L 34 -19.88 15.02 -11.78
CA ASP L 34 -18.61 15.73 -11.76
C ASP L 34 -18.50 16.58 -13.01
N ASP L 35 -17.35 17.24 -13.18
CA ASP L 35 -17.19 18.17 -14.29
C ASP L 35 -17.21 17.46 -15.64
N ALA L 36 -16.70 16.24 -15.69
CA ALA L 36 -16.69 15.50 -16.96
C ALA L 36 -18.10 15.10 -17.38
N SER L 37 -18.86 14.51 -16.44
CA SER L 37 -20.25 14.17 -16.74
C SER L 37 -21.07 15.42 -17.00
N ALA L 38 -20.75 16.52 -16.31
CA ALA L 38 -21.44 17.78 -16.56
C ALA L 38 -21.20 18.25 -17.99
N ASN L 39 -19.95 18.19 -18.45
CA ASN L 39 -19.65 18.63 -19.81
C ASN L 39 -20.26 17.69 -20.85
N ASP L 40 -20.33 16.39 -20.57
CA ASP L 40 -21.02 15.49 -21.48
C ASP L 40 -22.51 15.83 -21.58
N ILE L 41 -23.15 16.10 -20.44
CA ILE L 41 -24.57 16.43 -20.44
C ILE L 41 -24.80 17.76 -21.16
N MET L 42 -23.92 18.73 -20.94
CA MET L 42 -24.04 20.03 -21.61
C MET L 42 -23.83 19.90 -23.12
N ALA L 43 -22.88 19.08 -23.55
CA ALA L 43 -22.67 18.87 -24.98
C ALA L 43 -23.88 18.21 -25.61
N GLN L 44 -24.46 17.21 -24.93
CA GLN L 44 -25.65 16.56 -25.45
C GLN L 44 -26.83 17.53 -25.54
N LEU L 45 -26.99 18.37 -24.51
CA LEU L 45 -28.08 19.35 -24.49
C LEU L 45 -27.90 20.38 -25.61
N LEU L 46 -26.67 20.84 -25.84
CA LEU L 46 -26.44 21.83 -26.88
C LEU L 46 -26.63 21.22 -28.27
N VAL L 47 -26.26 19.95 -28.45
CA VAL L 47 -26.50 19.28 -29.73
C VAL L 47 -28.00 19.16 -29.97
N LEU L 48 -28.75 18.73 -28.95
CA LEU L 48 -30.20 18.58 -29.12
C LEU L 48 -30.88 19.93 -29.31
N GLU L 49 -30.32 20.99 -28.74
CA GLU L 49 -30.87 22.33 -28.96
C GLU L 49 -30.59 22.82 -30.39
N SER L 50 -29.39 22.55 -30.90
CA SER L 50 -29.05 22.96 -32.26
C SER L 50 -29.81 22.13 -33.29
N LEU L 51 -30.18 20.90 -32.95
CA LEU L 51 -30.95 20.07 -33.87
C LEU L 51 -32.38 20.59 -34.00
N ASP L 52 -33.11 20.62 -32.90
CA ASP L 52 -34.49 21.12 -32.90
C ASP L 52 -34.76 21.86 -31.59
N PRO L 53 -34.87 23.19 -31.63
CA PRO L 53 -35.04 23.96 -30.39
C PRO L 53 -36.46 23.94 -29.84
N ASP L 54 -37.42 23.32 -30.54
CA ASP L 54 -38.78 23.25 -30.05
C ASP L 54 -39.12 21.92 -29.39
N ARG L 55 -38.50 20.82 -29.82
CA ARG L 55 -38.83 19.50 -29.28
C ARG L 55 -38.24 19.33 -27.89
N ASP L 56 -39.03 18.71 -27.00
CA ASP L 56 -38.68 18.64 -25.59
C ASP L 56 -37.54 17.64 -25.36
N ILE L 57 -36.50 18.09 -24.66
CA ILE L 57 -35.37 17.24 -24.34
C ILE L 57 -35.71 16.44 -23.10
N THR L 58 -35.72 15.11 -23.23
CA THR L 58 -35.99 14.22 -22.10
C THR L 58 -34.68 13.88 -21.41
N MET L 59 -34.62 14.11 -20.10
CA MET L 59 -33.44 13.85 -19.30
C MET L 59 -33.80 12.84 -18.21
N TYR L 60 -33.34 11.61 -18.37
CA TYR L 60 -33.55 10.59 -17.35
C TYR L 60 -32.45 10.68 -16.30
N ILE L 61 -32.85 10.77 -15.03
CA ILE L 61 -31.96 11.13 -13.94
C ILE L 61 -31.91 9.97 -12.95
N ASN L 62 -30.80 9.24 -12.94
CA ASN L 62 -30.50 8.24 -11.91
C ASN L 62 -29.06 8.47 -11.47
N SER L 63 -28.87 9.39 -10.50
CA SER L 63 -27.54 9.85 -10.17
C SER L 63 -27.39 10.11 -8.68
N PRO L 64 -26.24 9.77 -8.09
CA PRO L 64 -25.97 10.12 -6.69
C PRO L 64 -25.41 11.52 -6.48
N GLY L 65 -25.38 12.34 -7.53
CA GLY L 65 -24.96 13.72 -7.39
C GLY L 65 -23.47 13.92 -7.50
N GLY L 66 -22.97 14.99 -6.85
CA GLY L 66 -21.57 15.31 -6.89
C GLY L 66 -21.26 16.75 -6.53
N GLY L 67 -20.45 17.41 -7.35
CA GLY L 67 -20.05 18.77 -7.04
C GLY L 67 -21.16 19.77 -7.30
N PHE L 68 -21.09 20.91 -6.61
CA PHE L 68 -22.09 21.95 -6.78
C PHE L 68 -21.86 22.76 -8.04
N THR L 69 -20.60 22.90 -8.46
CA THR L 69 -20.31 23.68 -9.66
C THR L 69 -20.79 22.95 -10.92
N SER L 70 -20.60 21.64 -10.98
CA SER L 70 -21.16 20.86 -12.08
C SER L 70 -22.68 20.88 -12.03
N LEU L 71 -23.26 20.86 -10.83
CA LEU L 71 -24.70 21.02 -10.65
C LEU L 71 -25.20 22.30 -11.29
N MET L 72 -24.56 23.43 -10.96
CA MET L 72 -24.98 24.71 -11.51
C MET L 72 -24.69 24.81 -13.00
N ALA L 73 -23.65 24.15 -13.49
CA ALA L 73 -23.39 24.12 -14.92
C ALA L 73 -24.51 23.41 -15.67
N ILE L 74 -24.91 22.23 -15.20
CA ILE L 74 -25.99 21.49 -15.85
C ILE L 74 -27.31 22.25 -15.73
N TYR L 75 -27.55 22.90 -14.58
CA TYR L 75 -28.77 23.67 -14.40
C TYR L 75 -28.82 24.86 -15.37
N ASP L 76 -27.70 25.57 -15.50
CA ASP L 76 -27.62 26.70 -16.40
C ASP L 76 -27.79 26.27 -17.86
N THR L 77 -27.23 25.12 -18.24
CA THR L 77 -27.38 24.66 -19.61
C THR L 77 -28.79 24.16 -19.88
N MET L 78 -29.45 23.57 -18.88
CA MET L 78 -30.82 23.13 -19.05
C MET L 78 -31.77 24.32 -19.19
N GLN L 79 -31.56 25.37 -18.39
CA GLN L 79 -32.38 26.56 -18.52
C GLN L 79 -32.02 27.37 -19.76
N TYR L 80 -30.79 27.21 -20.27
CA TYR L 80 -30.30 28.03 -21.35
C TYR L 80 -30.76 27.54 -22.73
N VAL L 81 -30.87 26.22 -22.91
CA VAL L 81 -31.26 25.69 -24.21
C VAL L 81 -32.70 26.08 -24.52
N ARG L 82 -32.98 26.31 -25.80
CA ARG L 82 -34.31 26.74 -26.21
C ARG L 82 -35.34 25.62 -26.04
N ALA L 83 -34.88 24.37 -26.01
CA ALA L 83 -35.79 23.24 -25.83
C ALA L 83 -36.17 23.07 -24.37
N ASP L 84 -37.40 22.64 -24.14
CA ASP L 84 -37.86 22.36 -22.79
C ASP L 84 -37.21 21.08 -22.26
N ILE L 85 -36.99 21.03 -20.95
CA ILE L 85 -36.30 19.90 -20.32
C ILE L 85 -37.30 19.15 -19.48
N GLN L 86 -37.70 17.97 -19.97
CA GLN L 86 -38.54 17.05 -19.22
C GLN L 86 -37.63 16.13 -18.42
N THR L 87 -37.47 16.43 -17.13
CA THR L 87 -36.60 15.65 -16.26
C THR L 87 -37.40 14.54 -15.59
N VAL L 88 -37.06 13.30 -15.90
CA VAL L 88 -37.73 12.12 -15.35
C VAL L 88 -36.76 11.43 -14.39
N CYS L 89 -37.07 11.47 -13.10
CA CYS L 89 -36.19 10.87 -12.10
C CYS L 89 -36.50 9.39 -11.95
N LEU L 90 -35.45 8.57 -12.03
CA LEU L 90 -35.57 7.12 -11.87
C LEU L 90 -34.65 6.69 -10.73
N GLY L 91 -35.21 5.99 -9.75
CA GLY L 91 -34.39 5.44 -8.68
C GLY L 91 -34.02 6.42 -7.59
N GLN L 92 -33.20 7.38 -8.02
CA GLN L 92 -32.76 8.46 -7.11
C GLN L 92 -32.39 9.71 -7.88
N ALA L 93 -32.84 10.86 -7.38
CA ALA L 93 -32.36 12.16 -7.88
C ALA L 93 -31.78 12.70 -6.59
N ALA L 94 -30.51 12.41 -6.31
CA ALA L 94 -29.95 12.78 -5.01
C ALA L 94 -28.99 13.97 -5.14
N SER L 95 -29.04 14.86 -4.16
CA SER L 95 -28.11 16.02 -4.12
C SER L 95 -28.28 16.86 -5.39
N ALA L 96 -27.22 17.01 -6.19
CA ALA L 96 -27.25 17.83 -7.41
C ALA L 96 -28.30 17.29 -8.39
N ALA L 97 -28.46 15.97 -8.45
CA ALA L 97 -29.42 15.33 -9.39
C ALA L 97 -30.86 15.72 -9.05
N ALA L 98 -31.14 16.03 -7.78
CA ALA L 98 -32.49 16.42 -7.34
C ALA L 98 -32.75 17.86 -7.77
N VAL L 99 -31.82 18.75 -7.46
CA VAL L 99 -31.92 20.13 -7.88
C VAL L 99 -32.02 20.22 -9.41
N LEU L 100 -31.30 19.34 -10.11
CA LEU L 100 -31.43 19.27 -11.56
C LEU L 100 -32.78 18.72 -11.98
N LEU L 101 -33.36 17.84 -11.17
CA LEU L 101 -34.70 17.33 -11.47
C LEU L 101 -35.75 18.42 -11.30
N ALA L 102 -35.63 19.22 -10.24
CA ALA L 102 -36.50 20.38 -10.10
C ALA L 102 -36.18 21.46 -11.12
N ALA L 103 -34.99 21.44 -11.70
CA ALA L 103 -34.59 22.44 -12.68
C ALA L 103 -35.24 22.25 -14.05
N GLY L 104 -36.05 21.21 -14.22
CA GLY L 104 -36.72 20.99 -15.49
C GLY L 104 -37.80 22.02 -15.76
N THR L 105 -38.42 21.87 -16.93
CA THR L 105 -39.48 22.77 -17.32
C THR L 105 -40.70 22.58 -16.41
N PRO L 106 -41.28 23.66 -15.89
CA PRO L 106 -42.46 23.52 -15.03
C PRO L 106 -43.63 22.90 -15.77
N GLY L 107 -44.27 21.94 -15.11
CA GLY L 107 -45.33 21.15 -15.72
C GLY L 107 -44.85 19.89 -16.42
N LYS L 108 -43.55 19.76 -16.68
CA LYS L 108 -43.00 18.59 -17.33
C LYS L 108 -41.93 17.90 -16.51
N ARG L 109 -41.96 18.06 -15.18
CA ARG L 109 -41.01 17.39 -14.29
C ARG L 109 -41.65 16.12 -13.77
N MET L 110 -41.06 14.97 -14.10
CA MET L 110 -41.64 13.68 -13.80
C MET L 110 -40.69 12.85 -12.94
N ALA L 111 -41.26 11.81 -12.33
CA ALA L 111 -40.49 10.84 -11.57
C ALA L 111 -41.34 9.58 -11.40
N LEU L 112 -40.74 8.43 -11.66
CA LEU L 112 -41.47 7.19 -11.49
C LEU L 112 -41.69 6.90 -10.00
N PRO L 113 -42.80 6.22 -9.64
CA PRO L 113 -43.27 6.26 -8.24
C PRO L 113 -42.29 5.77 -7.18
N ASN L 114 -41.33 4.93 -7.51
CA ASN L 114 -40.38 4.42 -6.54
C ASN L 114 -39.03 5.11 -6.61
N ALA L 115 -38.97 6.30 -7.20
CA ALA L 115 -37.73 7.05 -7.25
C ALA L 115 -37.50 7.82 -5.96
N ARG L 116 -36.24 8.15 -5.69
CA ARG L 116 -35.84 8.86 -4.49
C ARG L 116 -35.41 10.28 -4.83
N VAL L 117 -35.66 11.20 -3.91
CA VAL L 117 -35.25 12.60 -4.05
C VAL L 117 -34.58 12.99 -2.75
N LEU L 118 -33.26 13.16 -2.77
CA LEU L 118 -32.49 13.50 -1.58
C LEU L 118 -32.00 14.94 -1.73
N ILE L 119 -32.51 15.83 -0.89
CA ILE L 119 -32.13 17.24 -0.89
C ILE L 119 -31.52 17.58 0.46
N HIS L 120 -30.27 18.04 0.45
CA HIS L 120 -29.62 18.55 1.64
C HIS L 120 -28.64 19.63 1.22
N GLN L 121 -28.08 20.31 2.21
CA GLN L 121 -27.13 21.39 1.93
C GLN L 121 -25.85 20.82 1.32
N PRO L 122 -25.19 21.57 0.45
CA PRO L 122 -23.95 21.07 -0.16
C PRO L 122 -22.83 20.94 0.86
N SER L 123 -22.02 19.90 0.68
CA SER L 123 -20.93 19.59 1.58
C SER L 123 -19.63 19.48 0.80
N LEU L 124 -18.52 19.56 1.52
CA LEU L 124 -17.19 19.43 0.92
C LEU L 124 -16.76 17.98 0.98
N SER L 125 -16.26 17.47 -0.15
CA SER L 125 -15.81 16.09 -0.23
C SER L 125 -14.45 15.94 0.45
N GLY L 126 -14.46 15.71 1.75
CA GLY L 126 -13.22 15.57 2.50
C GLY L 126 -12.90 16.81 3.31
N VAL L 127 -11.60 17.00 3.55
CA VAL L 127 -11.10 18.12 4.34
C VAL L 127 -10.32 19.05 3.41
N ILE L 128 -10.59 20.35 3.50
CA ILE L 128 -9.84 21.35 2.76
C ILE L 128 -9.03 22.16 3.77
N GLN L 129 -7.71 22.11 3.65
CA GLN L 129 -6.82 22.77 4.59
C GLN L 129 -6.42 24.15 4.07
N GLY L 130 -5.83 24.94 4.95
CA GLY L 130 -5.38 26.28 4.59
C GLY L 130 -5.45 27.20 5.79
N GLN L 131 -5.06 28.45 5.55
CA GLN L 131 -5.12 29.47 6.59
C GLN L 131 -6.57 29.82 6.90
N PHE L 132 -6.78 30.44 8.07
CA PHE L 132 -8.13 30.75 8.53
C PHE L 132 -8.84 31.75 7.64
N SER L 133 -8.10 32.61 6.93
CA SER L 133 -8.73 33.50 5.96
C SER L 133 -9.21 32.71 4.75
N ASP L 134 -8.40 31.76 4.27
CA ASP L 134 -8.84 30.91 3.17
C ASP L 134 -10.00 30.00 3.60
N LEU L 135 -9.98 29.53 4.85
CA LEU L 135 -11.08 28.73 5.35
C LEU L 135 -12.35 29.58 5.48
N GLU L 136 -12.21 30.84 5.88
CA GLU L 136 -13.36 31.74 5.93
C GLU L 136 -13.91 32.00 4.54
N ILE L 137 -13.04 32.14 3.54
CA ILE L 137 -13.47 32.33 2.17
C ILE L 137 -14.21 31.08 1.66
N GLN L 138 -13.67 29.89 1.95
CA GLN L 138 -14.32 28.65 1.54
C GLN L 138 -15.66 28.46 2.25
N ALA L 139 -15.75 28.90 3.50
CA ALA L 139 -17.01 28.82 4.24
C ALA L 139 -18.05 29.77 3.67
N ALA L 140 -17.65 31.00 3.35
CA ALA L 140 -18.57 31.93 2.70
C ALA L 140 -18.98 31.42 1.33
N GLU L 141 -18.08 30.73 0.62
CA GLU L 141 -18.43 30.17 -0.68
C GLU L 141 -19.41 29.02 -0.57
N ILE L 142 -19.23 28.14 0.43
CA ILE L 142 -20.19 27.04 0.57
C ILE L 142 -21.51 27.56 1.14
N GLU L 143 -21.48 28.68 1.88
CA GLU L 143 -22.73 29.31 2.29
C GLU L 143 -23.45 29.93 1.10
N ARG L 144 -22.69 30.51 0.16
CA ARG L 144 -23.29 31.00 -1.08
C ARG L 144 -23.84 29.85 -1.91
N MET L 145 -23.16 28.70 -1.89
CA MET L 145 -23.68 27.51 -2.57
C MET L 145 -24.99 27.05 -1.95
N ARG L 146 -25.05 27.00 -0.62
CA ARG L 146 -26.29 26.63 0.07
C ARG L 146 -27.42 27.60 -0.25
N THR L 147 -27.12 28.91 -0.24
CA THR L 147 -28.13 29.90 -0.55
C THR L 147 -28.59 29.83 -2.00
N LEU L 148 -27.67 29.55 -2.91
CA LEU L 148 -28.04 29.43 -4.32
C LEU L 148 -28.87 28.19 -4.58
N MET L 149 -28.53 27.07 -3.93
CA MET L 149 -29.35 25.88 -4.05
C MET L 149 -30.75 26.09 -3.47
N GLU L 150 -30.83 26.79 -2.33
CA GLU L 150 -32.13 27.07 -1.74
C GLU L 150 -32.94 28.01 -2.61
N THR L 151 -32.28 28.99 -3.25
CA THR L 151 -32.99 29.91 -4.14
C THR L 151 -33.47 29.19 -5.39
N THR L 152 -32.65 28.29 -5.94
CA THR L 152 -33.06 27.50 -7.11
C THR L 152 -34.25 26.60 -6.77
N LEU L 153 -34.19 25.90 -5.63
CA LEU L 153 -35.30 25.05 -5.23
C LEU L 153 -36.54 25.85 -4.89
N ALA L 154 -36.39 27.09 -4.38
CA ALA L 154 -37.54 27.93 -4.11
C ALA L 154 -38.18 28.43 -5.38
N ARG L 155 -37.36 28.78 -6.38
CA ARG L 155 -37.91 29.27 -7.64
C ARG L 155 -38.46 28.14 -8.51
N HIS L 156 -38.03 26.90 -8.27
CA HIS L 156 -38.47 25.78 -9.09
C HIS L 156 -39.56 24.93 -8.43
N THR L 157 -39.67 24.93 -7.11
CA THR L 157 -40.68 24.13 -6.42
C THR L 157 -41.84 24.97 -5.89
N GLY L 158 -41.77 26.29 -5.99
CA GLY L 158 -42.83 27.16 -5.52
C GLY L 158 -42.79 27.46 -4.03
N LYS L 159 -41.88 26.87 -3.28
CA LYS L 159 -41.80 27.11 -1.85
C LYS L 159 -40.94 28.33 -1.56
N ASP L 160 -40.89 28.69 -0.27
CA ASP L 160 -40.05 29.78 0.19
C ASP L 160 -38.65 29.26 0.53
N ALA L 161 -37.65 30.14 0.36
CA ALA L 161 -36.27 29.74 0.56
C ALA L 161 -35.98 29.33 2.00
N GLY L 162 -36.75 29.86 2.97
CA GLY L 162 -36.56 29.45 4.35
C GLY L 162 -37.01 28.03 4.62
N VAL L 163 -38.11 27.62 3.99
CA VAL L 163 -38.56 26.24 4.13
C VAL L 163 -37.56 25.27 3.51
N ILE L 164 -36.97 25.65 2.38
CA ILE L 164 -35.90 24.88 1.77
C ILE L 164 -34.68 24.86 2.68
N ARG L 165 -34.44 25.96 3.40
CA ARG L 165 -33.28 26.02 4.28
C ARG L 165 -33.42 25.10 5.48
N LYS L 166 -34.61 25.07 6.09
CA LYS L 166 -34.81 24.13 7.19
C LYS L 166 -34.87 22.69 6.71
N ASP L 167 -35.45 22.45 5.53
CA ASP L 167 -35.61 21.09 5.03
C ASP L 167 -34.28 20.51 4.58
N THR L 168 -33.49 21.27 3.81
CA THR L 168 -32.18 20.83 3.38
C THR L 168 -31.08 21.09 4.40
N ASP L 169 -31.44 21.39 5.65
CA ASP L 169 -30.44 21.48 6.71
C ASP L 169 -29.79 20.12 6.94
N ARG L 170 -30.58 19.05 6.87
CA ARG L 170 -30.09 17.69 6.90
C ARG L 170 -30.61 16.96 5.66
N ASP L 171 -30.38 15.64 5.62
CA ASP L 171 -30.79 14.85 4.47
C ASP L 171 -32.30 14.71 4.41
N LYS L 172 -32.96 15.53 3.58
CA LYS L 172 -34.40 15.44 3.39
C LYS L 172 -34.65 14.46 2.24
N ILE L 173 -35.19 13.29 2.57
CA ILE L 173 -35.38 12.22 1.61
C ILE L 173 -36.88 12.06 1.36
N LEU L 174 -37.26 12.14 0.09
CA LEU L 174 -38.66 12.07 -0.33
C LEU L 174 -38.83 11.01 -1.40
N THR L 175 -40.05 10.45 -1.47
CA THR L 175 -40.42 9.59 -2.58
C THR L 175 -40.87 10.45 -3.77
N ALA L 176 -41.46 9.79 -4.77
CA ALA L 176 -41.94 10.53 -5.93
C ALA L 176 -43.19 11.35 -5.58
N GLU L 177 -44.11 10.73 -4.84
CA GLU L 177 -45.30 11.49 -4.40
C GLU L 177 -44.84 12.60 -3.47
N GLU L 178 -43.97 12.29 -2.52
CA GLU L 178 -43.51 13.30 -1.56
C GLU L 178 -42.78 14.43 -2.26
N ALA L 179 -42.07 14.13 -3.35
CA ALA L 179 -41.43 15.19 -4.13
C ALA L 179 -42.44 15.98 -4.94
N LYS L 180 -43.54 15.36 -5.33
CA LYS L 180 -44.59 16.09 -6.04
C LYS L 180 -45.34 17.03 -5.11
N ASP L 181 -45.63 16.57 -3.88
CA ASP L 181 -46.20 17.47 -2.88
C ASP L 181 -45.20 18.53 -2.46
N TYR L 182 -43.91 18.19 -2.46
CA TYR L 182 -42.86 19.18 -2.16
C TYR L 182 -42.65 20.15 -3.31
N GLY L 183 -42.92 19.74 -4.54
CA GLY L 183 -42.75 20.59 -5.69
C GLY L 183 -41.54 20.31 -6.55
N ILE L 184 -40.77 19.27 -6.22
CA ILE L 184 -39.60 18.94 -7.02
C ILE L 184 -40.01 18.45 -8.40
N ILE L 185 -41.12 17.72 -8.49
CA ILE L 185 -41.68 17.29 -9.76
C ILE L 185 -43.12 17.80 -9.84
N ASP L 186 -43.63 17.87 -11.08
CA ASP L 186 -44.99 18.32 -11.31
C ASP L 186 -45.95 17.19 -11.62
N THR L 187 -45.46 15.99 -11.89
CA THR L 187 -46.33 14.86 -12.18
C THR L 187 -45.63 13.57 -11.80
N VAL L 188 -46.38 12.65 -11.21
CA VAL L 188 -45.91 11.28 -11.02
C VAL L 188 -46.34 10.49 -12.26
N LEU L 189 -45.39 9.80 -12.88
CA LEU L 189 -45.64 9.05 -14.09
C LEU L 189 -46.15 7.66 -13.74
N GLU L 190 -47.34 7.35 -14.23
CA GLU L 190 -47.95 6.04 -13.94
C GLU L 190 -47.25 4.97 -14.77
N TYR L 191 -47.41 3.71 -14.39
CA TYR L 191 -46.87 2.66 -15.23
C TYR L 191 -47.78 2.44 -16.43
N ARG L 192 -47.29 2.83 -17.62
CA ARG L 192 -48.10 2.78 -18.84
C ARG L 192 -47.96 1.45 -19.57
N LYS L 193 -47.67 0.36 -18.85
CA LYS L 193 -47.66 -0.96 -19.44
C LYS L 193 -49.05 -1.32 -19.93
N LEU L 194 -49.11 -1.93 -21.13
CA LEU L 194 -50.40 -2.24 -21.74
C LEU L 194 -51.14 -3.33 -20.97
N SER L 195 -50.40 -4.24 -20.34
CA SER L 195 -51.03 -5.30 -19.55
C SER L 195 -51.24 -4.86 -18.11
N ASN M 16 -21.23 -9.52 -32.43
CA ASN M 16 -21.43 -9.51 -30.99
C ASN M 16 -22.73 -10.20 -30.62
N PRO M 17 -22.68 -11.11 -29.64
CA PRO M 17 -23.89 -11.85 -29.28
C PRO M 17 -24.91 -11.02 -28.52
N TYR M 18 -24.45 -10.05 -27.72
CA TYR M 18 -25.38 -9.21 -26.97
C TYR M 18 -26.24 -8.36 -27.91
N ASN M 19 -25.62 -7.74 -28.91
CA ASN M 19 -26.38 -6.95 -29.87
C ASN M 19 -27.27 -7.83 -30.74
N LYS M 20 -26.79 -9.03 -31.08
CA LYS M 20 -27.60 -9.95 -31.89
C LYS M 20 -28.85 -10.39 -31.15
N LEU M 21 -28.73 -10.64 -29.83
CA LEU M 21 -29.91 -10.96 -29.05
C LEU M 21 -30.72 -9.71 -28.72
N PHE M 22 -30.10 -8.54 -28.78
CA PHE M 22 -30.86 -7.30 -28.62
C PHE M 22 -31.77 -7.06 -29.81
N GLU M 23 -31.33 -7.46 -31.01
CA GLU M 23 -32.25 -7.47 -32.16
C GLU M 23 -33.29 -8.57 -32.00
N GLU M 24 -32.99 -9.60 -31.23
CA GLU M 24 -33.95 -10.66 -30.91
C GLU M 24 -34.79 -10.35 -29.67
N ARG M 25 -34.75 -9.10 -29.19
CA ARG M 25 -35.49 -8.66 -28.00
C ARG M 25 -35.09 -9.44 -26.76
N ILE M 26 -33.80 -9.45 -26.44
CA ILE M 26 -33.27 -10.15 -25.28
C ILE M 26 -32.30 -9.22 -24.58
N ILE M 27 -32.54 -8.97 -23.29
CA ILE M 27 -31.70 -8.12 -22.46
C ILE M 27 -31.04 -8.99 -21.39
N PHE M 28 -29.79 -8.67 -21.07
CA PHE M 28 -29.01 -9.44 -20.11
C PHE M 28 -28.77 -8.61 -18.86
N LEU M 29 -29.38 -9.01 -17.75
CA LEU M 29 -29.08 -8.46 -16.43
C LEU M 29 -28.02 -9.36 -15.80
N GLY M 30 -26.77 -9.19 -16.26
CA GLY M 30 -25.72 -10.12 -15.95
C GLY M 30 -24.58 -9.62 -15.07
N VAL M 31 -24.64 -8.37 -14.60
CA VAL M 31 -23.57 -7.81 -13.79
C VAL M 31 -24.16 -7.29 -12.49
N GLN M 32 -23.29 -6.74 -11.64
CA GLN M 32 -23.72 -6.13 -10.39
C GLN M 32 -24.65 -4.95 -10.67
N VAL M 33 -25.75 -4.91 -9.92
CA VAL M 33 -26.78 -3.89 -10.16
C VAL M 33 -26.35 -2.60 -9.50
N ASP M 34 -25.58 -1.79 -10.21
CA ASP M 34 -25.23 -0.44 -9.80
C ASP M 34 -25.91 0.53 -10.75
N ASP M 35 -25.64 1.83 -10.56
CA ASP M 35 -26.33 2.86 -11.34
C ASP M 35 -25.95 2.79 -12.82
N ALA M 36 -24.72 2.40 -13.14
CA ALA M 36 -24.31 2.31 -14.54
C ALA M 36 -25.01 1.16 -15.25
N SER M 37 -25.00 -0.03 -14.64
CA SER M 37 -25.72 -1.16 -15.21
C SER M 37 -27.22 -0.89 -15.24
N ALA M 38 -27.73 -0.18 -14.23
CA ALA M 38 -29.15 0.20 -14.23
C ALA M 38 -29.48 1.07 -15.43
N ASN M 39 -28.63 2.07 -15.70
CA ASN M 39 -28.89 2.96 -16.83
C ASN M 39 -28.74 2.24 -18.17
N ASP M 40 -27.79 1.30 -18.26
CA ASP M 40 -27.69 0.49 -19.47
C ASP M 40 -28.95 -0.34 -19.69
N ILE M 41 -29.46 -0.97 -18.63
CA ILE M 41 -30.67 -1.78 -18.76
C ILE M 41 -31.87 -0.91 -19.11
N MET M 42 -31.97 0.28 -18.50
CA MET M 42 -33.07 1.19 -18.80
C MET M 42 -33.00 1.70 -20.24
N ALA M 43 -31.79 2.00 -20.74
CA ALA M 43 -31.65 2.43 -22.12
C ALA M 43 -32.04 1.33 -23.09
N GLN M 44 -31.64 0.08 -22.80
CA GLN M 44 -32.02 -1.03 -23.64
C GLN M 44 -33.53 -1.25 -23.62
N LEU M 45 -34.14 -1.14 -22.45
CA LEU M 45 -35.59 -1.31 -22.33
C LEU M 45 -36.35 -0.23 -23.08
N LEU M 46 -35.87 1.02 -22.99
CA LEU M 46 -36.54 2.11 -23.69
C LEU M 46 -36.38 2.00 -25.20
N VAL M 47 -35.22 1.53 -25.66
CA VAL M 47 -35.03 1.31 -27.10
C VAL M 47 -35.96 0.21 -27.58
N LEU M 48 -36.06 -0.89 -26.84
CA LEU M 48 -36.94 -1.99 -27.25
C LEU M 48 -38.41 -1.58 -27.17
N GLU M 49 -38.75 -0.67 -26.26
CA GLU M 49 -40.13 -0.17 -26.19
C GLU M 49 -40.44 0.76 -27.36
N SER M 50 -39.49 1.60 -27.74
CA SER M 50 -39.70 2.50 -28.87
C SER M 50 -39.72 1.73 -30.19
N LEU M 51 -39.02 0.60 -30.26
CA LEU M 51 -39.03 -0.22 -31.47
C LEU M 51 -40.39 -0.89 -31.67
N ASP M 52 -40.80 -1.71 -30.72
CA ASP M 52 -42.09 -2.40 -30.78
C ASP M 52 -42.67 -2.51 -29.38
N PRO M 53 -43.72 -1.74 -29.08
CA PRO M 53 -44.28 -1.75 -27.72
C PRO M 53 -45.17 -2.94 -27.41
N ASP M 54 -45.43 -3.81 -28.38
CA ASP M 54 -46.24 -4.99 -28.13
C ASP M 54 -45.43 -6.26 -27.92
N ARG M 55 -44.26 -6.38 -28.54
CA ARG M 55 -43.47 -7.60 -28.42
C ARG M 55 -42.79 -7.69 -27.06
N ASP M 56 -42.78 -8.90 -26.50
CA ASP M 56 -42.35 -9.11 -25.13
C ASP M 56 -40.83 -8.98 -25.01
N ILE M 57 -40.39 -8.15 -24.07
CA ILE M 57 -38.96 -7.96 -23.82
C ILE M 57 -38.47 -9.06 -22.91
N THR M 58 -37.52 -9.86 -23.40
CA THR M 58 -36.95 -10.95 -22.61
C THR M 58 -35.74 -10.41 -21.85
N MET M 59 -35.74 -10.60 -20.53
CA MET M 59 -34.65 -10.15 -19.67
C MET M 59 -34.05 -11.36 -18.97
N TYR M 60 -32.85 -11.76 -19.38
CA TYR M 60 -32.15 -12.84 -18.72
C TYR M 60 -31.37 -12.30 -17.54
N ILE M 61 -31.56 -12.90 -16.37
CA ILE M 61 -31.11 -12.34 -15.10
C ILE M 61 -30.14 -13.33 -14.46
N ASN M 62 -28.85 -12.98 -14.49
CA ASN M 62 -27.80 -13.69 -13.74
C ASN M 62 -26.96 -12.63 -13.03
N SER M 63 -27.40 -12.21 -11.85
CA SER M 63 -26.79 -11.05 -11.20
C SER M 63 -26.74 -11.21 -9.69
N PRO M 64 -25.65 -10.76 -9.06
CA PRO M 64 -25.58 -10.76 -7.59
C PRO M 64 -26.21 -9.54 -6.94
N GLY M 65 -26.89 -8.69 -7.70
CA GLY M 65 -27.60 -7.57 -7.13
C GLY M 65 -26.74 -6.32 -6.96
N GLY M 66 -27.13 -5.49 -5.99
CA GLY M 66 -26.42 -4.26 -5.73
C GLY M 66 -27.23 -3.25 -4.94
N GLY M 67 -27.25 -2.00 -5.42
CA GLY M 67 -27.93 -0.95 -4.71
C GLY M 67 -29.44 -1.05 -4.85
N PHE M 68 -30.15 -0.48 -3.86
CA PHE M 68 -31.61 -0.51 -3.90
C PHE M 68 -32.17 0.54 -4.85
N THR M 69 -31.47 1.66 -5.02
CA THR M 69 -31.97 2.70 -5.90
C THR M 69 -31.90 2.26 -7.36
N SER M 70 -30.82 1.59 -7.75
CA SER M 70 -30.73 1.01 -9.09
C SER M 70 -31.78 -0.09 -9.27
N LEU M 71 -32.02 -0.87 -8.21
CA LEU M 71 -33.09 -1.86 -8.22
C LEU M 71 -34.43 -1.22 -8.55
N MET M 72 -34.79 -0.16 -7.83
CA MET M 72 -36.06 0.51 -8.06
C MET M 72 -36.11 1.21 -9.41
N ALA M 73 -34.96 1.69 -9.90
CA ALA M 73 -34.92 2.28 -11.25
C ALA M 73 -35.24 1.24 -12.31
N ILE M 74 -34.59 0.07 -12.24
CA ILE M 74 -34.85 -0.97 -13.22
C ILE M 74 -36.28 -1.50 -13.10
N TYR M 75 -36.79 -1.59 -11.86
CA TYR M 75 -38.17 -2.04 -11.66
C TYR M 75 -39.17 -1.05 -12.27
N ASP M 76 -38.95 0.24 -12.03
CA ASP M 76 -39.81 1.28 -12.57
C ASP M 76 -39.77 1.30 -14.09
N THR M 77 -38.59 1.10 -14.68
CA THR M 77 -38.50 1.10 -16.14
C THR M 77 -39.11 -0.16 -16.75
N MET M 78 -39.02 -1.29 -16.04
CA MET M 78 -39.65 -2.52 -16.53
C MET M 78 -41.16 -2.42 -16.48
N GLN M 79 -41.70 -1.83 -15.41
CA GLN M 79 -43.15 -1.65 -15.33
C GLN M 79 -43.62 -0.51 -16.23
N TYR M 80 -42.73 0.42 -16.58
CA TYR M 80 -43.11 1.61 -17.32
C TYR M 80 -43.21 1.36 -18.82
N VAL M 81 -42.34 0.51 -19.37
CA VAL M 81 -42.35 0.28 -20.80
C VAL M 81 -43.64 -0.43 -21.21
N ARG M 82 -44.12 -0.11 -22.41
CA ARG M 82 -45.38 -0.70 -22.88
C ARG M 82 -45.24 -2.18 -23.17
N ALA M 83 -44.01 -2.65 -23.41
CA ALA M 83 -43.78 -4.06 -23.68
C ALA M 83 -43.76 -4.86 -22.40
N ASP M 84 -44.25 -6.10 -22.47
CA ASP M 84 -44.22 -6.99 -21.33
C ASP M 84 -42.79 -7.48 -21.09
N ILE M 85 -42.47 -7.73 -19.82
CA ILE M 85 -41.12 -8.12 -19.43
C ILE M 85 -41.15 -9.58 -18.97
N GLN M 86 -40.62 -10.46 -19.81
CA GLN M 86 -40.42 -11.86 -19.48
C GLN M 86 -39.06 -12.00 -18.83
N THR M 87 -39.03 -12.08 -17.50
CA THR M 87 -37.79 -12.19 -16.75
C THR M 87 -37.45 -13.66 -16.54
N VAL M 88 -36.34 -14.11 -17.11
CA VAL M 88 -35.88 -15.48 -17.02
C VAL M 88 -34.62 -15.49 -16.16
N CYS M 89 -34.72 -16.07 -14.96
CA CYS M 89 -33.60 -16.11 -14.04
C CYS M 89 -32.69 -17.29 -14.34
N LEU M 90 -31.40 -17.03 -14.49
CA LEU M 90 -30.40 -18.06 -14.74
C LEU M 90 -29.35 -18.00 -13.64
N GLY M 91 -29.12 -19.13 -12.99
CA GLY M 91 -28.06 -19.20 -12.00
C GLY M 91 -28.42 -18.63 -10.64
N GLN M 92 -28.51 -17.30 -10.62
CA GLN M 92 -28.86 -16.56 -9.38
C GLN M 92 -29.60 -15.26 -9.67
N ALA M 93 -30.63 -14.99 -8.88
CA ALA M 93 -31.32 -13.69 -8.91
C ALA M 93 -31.27 -13.29 -7.45
N ALA M 94 -30.21 -12.61 -7.03
CA ALA M 94 -30.05 -12.33 -5.59
C ALA M 94 -30.37 -10.87 -5.28
N SER M 95 -30.97 -10.62 -4.12
CA SER M 95 -31.24 -9.24 -3.65
C SER M 95 -32.05 -8.47 -4.69
N ALA M 96 -31.48 -7.42 -5.25
CA ALA M 96 -32.16 -6.59 -6.26
C ALA M 96 -32.59 -7.45 -7.46
N ALA M 97 -31.77 -8.43 -7.83
CA ALA M 97 -32.06 -9.26 -9.02
C ALA M 97 -33.32 -10.11 -8.81
N ALA M 98 -33.56 -10.64 -7.62
CA ALA M 98 -34.76 -11.44 -7.34
C ALA M 98 -36.00 -10.58 -7.36
N VAL M 99 -35.91 -9.36 -6.84
CA VAL M 99 -37.04 -8.43 -6.89
C VAL M 99 -37.32 -8.02 -8.32
N LEU M 100 -36.26 -7.83 -9.13
CA LEU M 100 -36.46 -7.55 -10.55
C LEU M 100 -37.01 -8.75 -11.30
N LEU M 101 -36.67 -9.96 -10.85
CA LEU M 101 -37.23 -11.16 -11.46
C LEU M 101 -38.72 -11.28 -11.16
N ALA M 102 -39.12 -11.00 -9.92
CA ALA M 102 -40.53 -10.95 -9.59
C ALA M 102 -41.22 -9.74 -10.23
N ALA M 103 -40.46 -8.72 -10.62
CA ALA M 103 -41.03 -7.51 -11.22
C ALA M 103 -41.46 -7.71 -12.66
N GLY M 104 -41.27 -8.90 -13.23
CA GLY M 104 -41.69 -9.16 -14.59
C GLY M 104 -43.20 -9.20 -14.73
N THR M 105 -43.63 -9.41 -15.97
CA THR M 105 -45.05 -9.50 -16.26
C THR M 105 -45.64 -10.75 -15.62
N PRO M 106 -46.76 -10.66 -14.92
CA PRO M 106 -47.36 -11.85 -14.31
C PRO M 106 -47.77 -12.87 -15.36
N GLY M 107 -47.44 -14.13 -15.09
CA GLY M 107 -47.64 -15.20 -16.04
C GLY M 107 -46.49 -15.45 -16.98
N LYS M 108 -45.53 -14.52 -17.06
CA LYS M 108 -44.37 -14.67 -17.93
C LYS M 108 -43.05 -14.56 -17.16
N ARG M 109 -43.05 -14.87 -15.87
CA ARG M 109 -41.84 -14.85 -15.06
C ARG M 109 -41.29 -16.28 -15.00
N MET M 110 -40.08 -16.47 -15.54
CA MET M 110 -39.49 -17.78 -15.70
C MET M 110 -38.16 -17.87 -14.96
N ALA M 111 -37.71 -19.11 -14.74
CA ALA M 111 -36.41 -19.38 -14.16
C ALA M 111 -36.06 -20.83 -14.48
N LEU M 112 -34.84 -21.05 -14.95
CA LEU M 112 -34.40 -22.40 -15.24
C LEU M 112 -34.19 -23.17 -13.93
N PRO M 113 -34.39 -24.50 -13.93
CA PRO M 113 -34.61 -25.23 -12.66
C PRO M 113 -33.47 -25.14 -11.63
N ASN M 114 -32.24 -24.88 -12.05
CA ASN M 114 -31.13 -24.80 -11.11
C ASN M 114 -30.74 -23.36 -10.80
N ALA M 115 -31.63 -22.40 -11.03
CA ALA M 115 -31.34 -21.01 -10.70
C ALA M 115 -31.61 -20.74 -9.22
N ARG M 116 -30.97 -19.70 -8.69
CA ARG M 116 -31.10 -19.33 -7.30
C ARG M 116 -31.87 -18.03 -7.17
N VAL M 117 -32.63 -17.89 -6.08
CA VAL M 117 -33.38 -16.68 -5.78
C VAL M 117 -33.08 -16.33 -4.33
N LEU M 118 -32.32 -15.26 -4.11
CA LEU M 118 -31.92 -14.83 -2.78
C LEU M 118 -32.66 -13.53 -2.46
N ILE M 119 -33.56 -13.59 -1.48
CA ILE M 119 -34.34 -12.43 -1.05
C ILE M 119 -34.03 -12.18 0.42
N HIS M 120 -33.52 -10.97 0.71
CA HIS M 120 -33.34 -10.54 2.08
C HIS M 120 -33.51 -9.02 2.13
N GLN M 121 -33.52 -8.48 3.34
CA GLN M 121 -33.70 -7.04 3.50
C GLN M 121 -32.48 -6.29 2.95
N PRO M 122 -32.66 -5.08 2.42
CA PRO M 122 -31.54 -4.33 1.88
C PRO M 122 -30.57 -3.89 2.99
N SER M 123 -29.29 -3.92 2.66
CA SER M 123 -28.23 -3.58 3.59
C SER M 123 -27.36 -2.48 3.01
N LEU M 124 -26.59 -1.83 3.88
CA LEU M 124 -25.66 -0.79 3.47
C LEU M 124 -24.30 -1.40 3.18
N SER M 125 -23.70 -1.02 2.06
CA SER M 125 -22.40 -1.54 1.66
C SER M 125 -21.31 -0.86 2.46
N GLY M 126 -21.01 -1.38 3.65
CA GLY M 126 -20.00 -0.79 4.51
C GLY M 126 -20.60 -0.01 5.65
N VAL M 127 -19.84 0.97 6.13
CA VAL M 127 -20.24 1.81 7.26
C VAL M 127 -20.48 3.22 6.74
N ILE M 128 -21.60 3.82 7.14
CA ILE M 128 -21.91 5.20 6.82
C ILE M 128 -21.85 6.00 8.12
N GLN M 129 -20.93 6.95 8.19
CA GLN M 129 -20.72 7.75 9.38
C GLN M 129 -21.51 9.05 9.33
N GLY M 130 -21.59 9.72 10.47
CA GLY M 130 -22.31 10.98 10.55
C GLY M 130 -22.90 11.16 11.94
N GLN M 131 -23.58 12.29 12.10
CA GLN M 131 -24.25 12.58 13.36
C GLN M 131 -25.46 11.67 13.54
N PHE M 132 -25.92 11.56 14.79
CA PHE M 132 -27.02 10.65 15.11
C PHE M 132 -28.32 11.03 14.43
N SER M 133 -28.53 12.30 14.11
CA SER M 133 -29.70 12.68 13.33
C SER M 133 -29.58 12.20 11.89
N ASP M 134 -28.39 12.32 11.29
CA ASP M 134 -28.17 11.79 9.96
C ASP M 134 -28.24 10.27 9.94
N LEU M 135 -27.75 9.62 11.01
CA LEU M 135 -27.87 8.16 11.10
C LEU M 135 -29.32 7.75 11.27
N GLU M 136 -30.11 8.53 12.01
CA GLU M 136 -31.54 8.25 12.14
C GLU M 136 -32.25 8.41 10.80
N ILE M 137 -31.86 9.42 10.02
CA ILE M 137 -32.44 9.62 8.70
C ILE M 137 -32.07 8.46 7.77
N GLN M 138 -30.81 8.02 7.80
CA GLN M 138 -30.39 6.89 6.98
C GLN M 138 -31.09 5.60 7.41
N ALA M 139 -31.34 5.44 8.71
CA ALA M 139 -32.05 4.26 9.20
C ALA M 139 -33.51 4.28 8.76
N ALA M 140 -34.17 5.43 8.86
CA ALA M 140 -35.53 5.53 8.35
C ALA M 140 -35.58 5.31 6.85
N GLU M 141 -34.55 5.74 6.12
CA GLU M 141 -34.51 5.53 4.69
C GLU M 141 -34.32 4.05 4.33
N ILE M 142 -33.45 3.35 5.06
CA ILE M 142 -33.28 1.92 4.76
C ILE M 142 -34.49 1.12 5.25
N GLU M 143 -35.21 1.63 6.25
CA GLU M 143 -36.48 1.01 6.64
C GLU M 143 -37.53 1.21 5.56
N ARG M 144 -37.55 2.41 4.95
CA ARG M 144 -38.43 2.65 3.81
C ARG M 144 -38.05 1.76 2.63
N MET M 145 -36.75 1.53 2.43
CA MET M 145 -36.29 0.61 1.39
C MET M 145 -36.78 -0.81 1.66
N ARG M 146 -36.65 -1.28 2.90
CA ARG M 146 -37.15 -2.60 3.27
C ARG M 146 -38.65 -2.72 3.06
N THR M 147 -39.40 -1.69 3.48
CA THR M 147 -40.85 -1.70 3.31
C THR M 147 -41.26 -1.66 1.84
N LEU M 148 -40.52 -0.90 1.02
CA LEU M 148 -40.83 -0.83 -0.40
C LEU M 148 -40.51 -2.13 -1.11
N MET M 149 -39.41 -2.78 -0.73
CA MET M 149 -39.09 -4.09 -1.30
C MET M 149 -40.12 -5.12 -0.89
N GLU M 150 -40.57 -5.09 0.36
CA GLU M 150 -41.60 -6.02 0.81
C GLU M 150 -42.92 -5.77 0.12
N THR M 151 -43.27 -4.49 -0.12
CA THR M 151 -44.50 -4.17 -0.83
C THR M 151 -44.43 -4.60 -2.29
N THR M 152 -43.28 -4.42 -2.93
CA THR M 152 -43.10 -4.87 -4.31
C THR M 152 -43.21 -6.38 -4.41
N LEU M 153 -42.55 -7.11 -3.51
CA LEU M 153 -42.63 -8.56 -3.53
C LEU M 153 -44.03 -9.06 -3.16
N ALA M 154 -44.76 -8.31 -2.33
CA ALA M 154 -46.13 -8.72 -2.00
C ALA M 154 -47.06 -8.48 -3.18
N ARG M 155 -46.86 -7.39 -3.92
CA ARG M 155 -47.72 -7.11 -5.06
C ARG M 155 -47.36 -7.96 -6.27
N HIS M 156 -46.14 -8.49 -6.31
CA HIS M 156 -45.71 -9.28 -7.45
C HIS M 156 -45.76 -10.79 -7.23
N THR M 157 -45.69 -11.25 -5.98
CA THR M 157 -45.72 -12.68 -5.69
C THR M 157 -47.05 -13.15 -5.13
N GLY M 158 -47.99 -12.24 -4.86
CA GLY M 158 -49.28 -12.60 -4.33
C GLY M 158 -49.32 -12.82 -2.83
N LYS M 159 -48.19 -12.75 -2.14
CA LYS M 159 -48.16 -12.95 -0.70
C LYS M 159 -48.46 -11.66 0.03
N ASP M 160 -48.54 -11.76 1.36
CA ASP M 160 -48.74 -10.60 2.22
C ASP M 160 -47.37 -10.02 2.60
N ALA M 161 -47.35 -8.70 2.82
CA ALA M 161 -46.10 -8.01 3.11
C ALA M 161 -45.47 -8.48 4.41
N GLY M 162 -46.26 -8.99 5.36
CA GLY M 162 -45.69 -9.50 6.60
C GLY M 162 -44.93 -10.80 6.41
N VAL M 163 -45.43 -11.67 5.53
CA VAL M 163 -44.72 -12.91 5.21
C VAL M 163 -43.41 -12.60 4.52
N ILE M 164 -43.41 -11.60 3.63
CA ILE M 164 -42.18 -11.14 3.01
C ILE M 164 -41.25 -10.53 4.04
N ARG M 165 -41.81 -9.89 5.06
CA ARG M 165 -40.98 -9.25 6.08
C ARG M 165 -40.29 -10.30 6.95
N LYS M 166 -41.00 -11.35 7.35
CA LYS M 166 -40.34 -12.40 8.12
C LYS M 166 -39.37 -13.20 7.25
N ASP M 167 -39.73 -13.43 5.98
CA ASP M 167 -38.87 -14.25 5.12
C ASP M 167 -37.60 -13.52 4.72
N THR M 168 -37.71 -12.25 4.32
CA THR M 168 -36.54 -11.46 3.97
C THR M 168 -35.89 -10.80 5.18
N ASP M 169 -36.22 -11.23 6.39
CA ASP M 169 -35.50 -10.77 7.58
C ASP M 169 -34.04 -11.21 7.53
N ARG M 170 -33.80 -12.42 7.05
CA ARG M 170 -32.47 -12.94 6.78
C ARG M 170 -32.41 -13.41 5.32
N ASP M 171 -31.32 -14.06 4.97
CA ASP M 171 -31.14 -14.52 3.59
C ASP M 171 -32.06 -15.68 3.28
N LYS M 172 -33.17 -15.41 2.62
CA LYS M 172 -34.11 -16.45 2.18
C LYS M 172 -33.68 -16.90 0.81
N ILE M 173 -33.16 -18.13 0.72
CA ILE M 173 -32.61 -18.65 -0.51
C ILE M 173 -33.52 -19.77 -1.02
N LEU M 174 -33.97 -19.63 -2.27
CA LEU M 174 -34.91 -20.55 -2.88
C LEU M 174 -34.37 -21.04 -4.21
N THR M 175 -34.78 -22.23 -4.61
CA THR M 175 -34.53 -22.73 -5.95
C THR M 175 -35.57 -22.17 -6.91
N ALA M 176 -35.59 -22.71 -8.14
CA ALA M 176 -36.59 -22.27 -9.11
C ALA M 176 -37.99 -22.75 -8.74
N GLU M 177 -38.08 -24.00 -8.30
CA GLU M 177 -39.40 -24.53 -7.88
C GLU M 177 -39.81 -23.80 -6.61
N GLU M 178 -38.88 -23.62 -5.68
CA GLU M 178 -39.21 -22.94 -4.44
C GLU M 178 -39.61 -21.48 -4.68
N ALA M 179 -39.03 -20.84 -5.70
CA ALA M 179 -39.44 -19.50 -6.06
C ALA M 179 -40.80 -19.49 -6.76
N LYS M 180 -41.13 -20.58 -7.47
CA LYS M 180 -42.45 -20.66 -8.10
C LYS M 180 -43.53 -20.88 -7.06
N ASP M 181 -43.27 -21.74 -6.07
CA ASP M 181 -44.20 -21.88 -4.95
C ASP M 181 -44.26 -20.61 -4.11
N TYR M 182 -43.15 -19.89 -4.01
CA TYR M 182 -43.12 -18.61 -3.32
C TYR M 182 -43.82 -17.51 -4.11
N GLY M 183 -43.82 -17.60 -5.43
CA GLY M 183 -44.46 -16.61 -6.27
C GLY M 183 -43.52 -15.66 -6.98
N ILE M 184 -42.21 -15.85 -6.83
CA ILE M 184 -41.25 -14.98 -7.51
C ILE M 184 -41.33 -15.18 -9.03
N ILE M 185 -41.55 -16.41 -9.47
CA ILE M 185 -41.73 -16.73 -10.88
C ILE M 185 -43.09 -17.42 -11.03
N ASP M 186 -43.61 -17.38 -12.26
CA ASP M 186 -44.89 -18.01 -12.56
C ASP M 186 -44.75 -19.33 -13.30
N THR M 187 -43.56 -19.65 -13.81
CA THR M 187 -43.36 -20.91 -14.53
C THR M 187 -41.90 -21.32 -14.40
N VAL M 188 -41.68 -22.61 -14.21
CA VAL M 188 -40.35 -23.19 -14.34
C VAL M 188 -40.18 -23.62 -15.79
N LEU M 189 -39.10 -23.19 -16.42
CA LEU M 189 -38.86 -23.50 -17.82
C LEU M 189 -38.14 -24.83 -17.93
N GLU M 190 -38.77 -25.76 -18.63
CA GLU M 190 -38.19 -27.10 -18.78
C GLU M 190 -37.05 -27.02 -19.78
N TYR M 191 -36.18 -28.03 -19.81
CA TYR M 191 -35.13 -28.05 -20.82
C TYR M 191 -35.71 -28.49 -22.16
N ARG M 192 -35.79 -27.56 -23.11
CA ARG M 192 -36.42 -27.82 -24.40
C ARG M 192 -35.42 -28.34 -25.44
N LYS M 193 -34.37 -29.02 -24.99
CA LYS M 193 -33.46 -29.67 -25.92
C LYS M 193 -34.18 -30.77 -26.69
N LEU M 194 -33.91 -30.84 -28.00
CA LEU M 194 -34.62 -31.78 -28.86
C LEU M 194 -34.24 -33.23 -28.54
N SER M 195 -33.01 -33.45 -28.07
CA SER M 195 -32.57 -34.80 -27.70
C SER M 195 -32.90 -35.09 -26.24
N ASN N 16 -10.58 -12.15 -36.63
CA ASN N 16 -10.58 -12.68 -35.28
C ASN N 16 -10.93 -14.18 -35.30
N PRO N 17 -10.12 -14.98 -34.60
CA PRO N 17 -10.36 -16.44 -34.62
C PRO N 17 -11.58 -16.86 -33.82
N TYR N 18 -11.90 -16.15 -32.74
CA TYR N 18 -13.07 -16.51 -31.93
C TYR N 18 -14.35 -16.33 -32.71
N ASN N 19 -14.49 -15.20 -33.42
CA ASN N 19 -15.68 -14.97 -34.24
C ASN N 19 -15.74 -15.94 -35.42
N LYS N 20 -14.58 -16.24 -36.01
CA LYS N 20 -14.53 -17.17 -37.13
C LYS N 20 -14.98 -18.56 -36.72
N LEU N 21 -14.57 -19.01 -35.52
CA LEU N 21 -15.06 -20.29 -35.02
C LEU N 21 -16.49 -20.19 -34.50
N PHE N 22 -16.93 -18.98 -34.15
CA PHE N 22 -18.33 -18.80 -33.78
C PHE N 22 -19.24 -18.97 -34.99
N GLU N 23 -18.77 -18.55 -36.17
CA GLU N 23 -19.50 -18.90 -37.39
C GLU N 23 -19.39 -20.39 -37.69
N GLU N 24 -18.36 -21.05 -37.17
CA GLU N 24 -18.20 -22.49 -37.30
C GLU N 24 -18.87 -23.25 -36.15
N ARG N 25 -19.71 -22.58 -35.36
CA ARG N 25 -20.41 -23.17 -34.22
C ARG N 25 -19.43 -23.74 -33.19
N ILE N 26 -18.51 -22.90 -32.71
CA ILE N 26 -17.52 -23.28 -31.71
C ILE N 26 -17.48 -22.20 -30.65
N ILE N 27 -17.69 -22.59 -29.39
CA ILE N 27 -17.66 -21.68 -28.25
C ILE N 27 -16.48 -22.05 -27.37
N PHE N 28 -15.83 -21.04 -26.79
CA PHE N 28 -14.64 -21.23 -25.98
C PHE N 28 -14.96 -20.89 -24.53
N LEU N 29 -14.96 -21.92 -23.67
CA LEU N 29 -15.02 -21.71 -22.22
C LEU N 29 -13.59 -21.69 -21.71
N GLY N 30 -12.92 -20.55 -21.92
CA GLY N 30 -11.48 -20.46 -21.72
C GLY N 30 -11.00 -19.58 -20.59
N VAL N 31 -11.90 -18.97 -19.81
CA VAL N 31 -11.50 -18.08 -18.74
C VAL N 31 -12.15 -18.56 -17.44
N GLN N 32 -11.88 -17.81 -16.37
CA GLN N 32 -12.48 -18.10 -15.07
C GLN N 32 -13.99 -17.96 -15.15
N VAL N 33 -14.71 -18.93 -14.58
CA VAL N 33 -16.16 -18.97 -14.70
C VAL N 33 -16.74 -18.03 -13.65
N ASP N 34 -16.88 -16.77 -14.01
CA ASP N 34 -17.59 -15.78 -13.20
C ASP N 34 -18.87 -15.39 -13.95
N ASP N 35 -19.61 -14.43 -13.37
CA ASP N 35 -20.90 -14.06 -13.94
C ASP N 35 -20.76 -13.42 -15.32
N ALA N 36 -19.67 -12.67 -15.55
CA ALA N 36 -19.47 -12.03 -16.85
C ALA N 36 -19.17 -13.06 -17.93
N SER N 37 -18.24 -13.97 -17.67
CA SER N 37 -17.96 -15.04 -18.62
C SER N 37 -19.17 -15.95 -18.79
N ALA N 38 -19.93 -16.16 -17.71
CA ALA N 38 -21.16 -16.94 -17.82
C ALA N 38 -22.14 -16.29 -18.77
N ASN N 39 -22.34 -14.97 -18.64
CA ASN N 39 -23.28 -14.28 -19.53
C ASN N 39 -22.78 -14.24 -20.96
N ASP N 40 -21.47 -14.13 -21.17
CA ASP N 40 -20.93 -14.22 -22.52
C ASP N 40 -21.20 -15.59 -23.14
N ILE N 41 -20.97 -16.66 -22.37
CA ILE N 41 -21.22 -18.00 -22.88
C ILE N 41 -22.70 -18.23 -23.15
N MET N 42 -23.57 -17.72 -22.27
CA MET N 42 -25.01 -17.85 -22.47
C MET N 42 -25.47 -17.07 -23.70
N ALA N 43 -24.94 -15.87 -23.91
CA ALA N 43 -25.30 -15.10 -25.10
C ALA N 43 -24.86 -15.80 -26.38
N GLN N 44 -23.65 -16.38 -26.36
CA GLN N 44 -23.17 -17.11 -27.53
C GLN N 44 -24.04 -18.35 -27.79
N LEU N 45 -24.41 -19.06 -26.72
CA LEU N 45 -25.25 -20.25 -26.87
C LEU N 45 -26.62 -19.89 -27.39
N LEU N 46 -27.21 -18.80 -26.91
CA LEU N 46 -28.53 -18.39 -27.38
C LEU N 46 -28.49 -17.91 -28.83
N VAL N 47 -27.41 -17.24 -29.22
CA VAL N 47 -27.27 -16.83 -30.62
C VAL N 47 -27.15 -18.06 -31.52
N LEU N 48 -26.33 -19.04 -31.12
CA LEU N 48 -26.17 -20.25 -31.93
C LEU N 48 -27.45 -21.07 -31.95
N GLU N 49 -28.26 -21.01 -30.88
CA GLU N 49 -29.54 -21.70 -30.88
C GLU N 49 -30.55 -21.02 -31.79
N SER N 50 -30.56 -19.68 -31.80
CA SER N 50 -31.48 -18.95 -32.67
C SER N 50 -31.07 -19.08 -34.13
N LEU N 51 -29.77 -19.27 -34.39
CA LEU N 51 -29.32 -19.44 -35.77
C LEU N 51 -29.76 -20.79 -36.33
N ASP N 52 -29.34 -21.88 -35.71
CA ASP N 52 -29.72 -23.22 -36.14
C ASP N 52 -29.88 -24.11 -34.92
N PRO N 53 -31.13 -24.47 -34.57
CA PRO N 53 -31.35 -25.26 -33.35
C PRO N 53 -31.06 -26.75 -33.51
N ASP N 54 -30.69 -27.21 -34.70
CA ASP N 54 -30.36 -28.61 -34.90
C ASP N 54 -28.86 -28.88 -34.93
N ARG N 55 -28.04 -27.93 -35.37
CA ARG N 55 -26.61 -28.16 -35.47
C ARG N 55 -25.95 -28.11 -34.10
N ASP N 56 -25.00 -29.03 -33.90
CA ASP N 56 -24.41 -29.23 -32.58
C ASP N 56 -23.47 -28.09 -32.22
N ILE N 57 -23.67 -27.52 -31.04
CA ILE N 57 -22.83 -26.44 -30.54
C ILE N 57 -21.60 -27.03 -29.89
N THR N 58 -20.42 -26.72 -30.44
CA THR N 58 -19.16 -27.21 -29.89
C THR N 58 -18.65 -26.22 -28.86
N MET N 59 -18.37 -26.71 -27.65
CA MET N 59 -17.89 -25.88 -26.56
C MET N 59 -16.52 -26.41 -26.12
N TYR N 60 -15.47 -25.68 -26.44
CA TYR N 60 -14.13 -26.04 -26.01
C TYR N 60 -13.88 -25.47 -24.62
N ILE N 61 -13.45 -26.33 -23.70
CA ILE N 61 -13.42 -26.01 -22.28
C ILE N 61 -11.98 -26.10 -21.79
N ASN N 62 -11.36 -24.95 -21.54
CA ASN N 62 -10.06 -24.86 -20.87
C ASN N 62 -10.20 -23.78 -19.79
N SER N 63 -10.68 -24.16 -18.61
CA SER N 63 -11.05 -23.19 -17.60
C SER N 63 -10.74 -23.67 -16.20
N PRO N 64 -10.26 -22.79 -15.31
CA PRO N 64 -10.07 -23.15 -13.90
C PRO N 64 -11.31 -23.03 -13.04
N GLY N 65 -12.47 -22.77 -13.65
CA GLY N 65 -13.72 -22.74 -12.90
C GLY N 65 -14.03 -21.39 -12.28
N GLY N 66 -14.79 -21.42 -11.19
CA GLY N 66 -15.19 -20.20 -10.51
C GLY N 66 -16.40 -20.38 -9.62
N GLY N 67 -17.36 -19.47 -9.74
CA GLY N 67 -18.53 -19.51 -8.88
C GLY N 67 -19.48 -20.63 -9.25
N PHE N 68 -20.27 -21.06 -8.26
CA PHE N 68 -21.24 -22.12 -8.51
C PHE N 68 -22.49 -21.61 -9.22
N THR N 69 -22.85 -20.34 -8.98
CA THR N 69 -24.04 -19.79 -9.62
C THR N 69 -23.82 -19.60 -11.11
N SER N 70 -22.64 -19.13 -11.51
CA SER N 70 -22.30 -19.05 -12.93
C SER N 70 -22.22 -20.44 -13.54
N LEU N 71 -21.71 -21.41 -12.77
CA LEU N 71 -21.71 -22.82 -13.21
C LEU N 71 -23.12 -23.29 -13.54
N MET N 72 -24.06 -23.08 -12.62
CA MET N 72 -25.43 -23.52 -12.85
C MET N 72 -26.10 -22.72 -13.95
N ALA N 73 -25.73 -21.45 -14.13
CA ALA N 73 -26.27 -20.66 -15.24
C ALA N 73 -25.84 -21.24 -16.58
N ILE N 74 -24.55 -21.54 -16.73
CA ILE N 74 -24.05 -22.09 -17.99
C ILE N 74 -24.63 -23.50 -18.21
N TYR N 75 -24.77 -24.28 -17.14
CA TYR N 75 -25.36 -25.62 -17.26
C TYR N 75 -26.82 -25.54 -17.72
N ASP N 76 -27.58 -24.64 -17.11
CA ASP N 76 -28.99 -24.46 -17.47
C ASP N 76 -29.13 -23.97 -18.91
N THR N 77 -28.24 -23.08 -19.36
CA THR N 77 -28.34 -22.59 -20.73
C THR N 77 -27.89 -23.66 -21.74
N MET N 78 -26.93 -24.51 -21.36
CA MET N 78 -26.51 -25.59 -22.24
C MET N 78 -27.61 -26.64 -22.38
N GLN N 79 -28.29 -26.96 -21.28
CA GLN N 79 -29.39 -27.91 -21.36
C GLN N 79 -30.63 -27.29 -21.99
N TYR N 80 -30.73 -25.96 -21.94
CA TYR N 80 -31.94 -25.27 -22.38
C TYR N 80 -31.98 -25.07 -23.90
N VAL N 81 -30.84 -24.82 -24.52
CA VAL N 81 -30.82 -24.57 -25.96
C VAL N 81 -31.21 -25.82 -26.71
N ARG N 82 -31.89 -25.64 -27.84
CA ARG N 82 -32.37 -26.78 -28.62
C ARG N 82 -31.21 -27.53 -29.27
N ALA N 83 -30.07 -26.87 -29.46
CA ALA N 83 -28.92 -27.52 -30.06
C ALA N 83 -28.18 -28.37 -29.05
N ASP N 84 -27.61 -29.48 -29.52
CA ASP N 84 -26.82 -30.34 -28.66
C ASP N 84 -25.48 -29.69 -28.35
N ILE N 85 -24.95 -29.97 -27.17
CA ILE N 85 -23.72 -29.36 -26.71
C ILE N 85 -22.63 -30.43 -26.67
N GLN N 86 -21.71 -30.35 -27.63
CA GLN N 86 -20.52 -31.20 -27.66
C GLN N 86 -19.42 -30.48 -26.88
N THR N 87 -19.21 -30.88 -25.64
CA THR N 87 -18.22 -30.27 -24.76
C THR N 87 -16.89 -31.01 -24.91
N VAL N 88 -15.87 -30.33 -25.42
CA VAL N 88 -14.54 -30.89 -25.62
C VAL N 88 -13.61 -30.23 -24.62
N CYS N 89 -13.13 -31.00 -23.65
CA CYS N 89 -12.25 -30.47 -22.63
C CYS N 89 -10.80 -30.48 -23.11
N LEU N 90 -10.14 -29.34 -22.99
CA LEU N 90 -8.73 -29.20 -23.37
C LEU N 90 -7.96 -28.72 -22.15
N GLY N 91 -6.90 -29.44 -21.79
CA GLY N 91 -6.03 -29.00 -20.71
C GLY N 91 -6.55 -29.29 -19.32
N GLN N 92 -7.59 -28.51 -18.96
CA GLN N 92 -8.25 -28.68 -17.64
C GLN N 92 -9.71 -28.25 -17.68
N ALA N 93 -10.58 -29.05 -17.08
CA ALA N 93 -11.98 -28.67 -16.85
C ALA N 93 -12.04 -28.83 -15.34
N ALA N 94 -11.81 -27.75 -14.61
CA ALA N 94 -11.72 -27.87 -13.15
C ALA N 94 -12.94 -27.27 -12.46
N SER N 95 -13.39 -27.89 -11.38
CA SER N 95 -14.49 -27.33 -10.58
C SER N 95 -15.76 -27.16 -11.41
N ALA N 96 -16.18 -25.92 -11.65
CA ALA N 96 -17.43 -25.65 -12.39
C ALA N 96 -17.29 -26.10 -13.83
N ALA N 97 -16.08 -26.12 -14.37
CA ALA N 97 -15.82 -26.49 -15.77
C ALA N 97 -15.94 -28.00 -15.99
N ALA N 98 -15.55 -28.85 -15.04
CA ALA N 98 -15.74 -30.29 -15.17
C ALA N 98 -17.22 -30.65 -15.14
N VAL N 99 -17.99 -29.95 -14.30
CA VAL N 99 -19.44 -30.17 -14.26
C VAL N 99 -20.07 -29.71 -15.56
N LEU N 100 -19.58 -28.61 -16.13
CA LEU N 100 -20.07 -28.16 -17.42
C LEU N 100 -19.64 -29.10 -18.54
N LEU N 101 -18.49 -29.74 -18.38
CA LEU N 101 -18.04 -30.73 -19.37
C LEU N 101 -18.94 -31.97 -19.33
N ALA N 102 -19.28 -32.43 -18.13
CA ALA N 102 -20.25 -33.51 -18.00
C ALA N 102 -21.65 -33.07 -18.40
N ALA N 103 -21.93 -31.76 -18.38
CA ALA N 103 -23.24 -31.25 -18.71
C ALA N 103 -23.54 -31.28 -20.20
N GLY N 104 -22.61 -31.73 -21.03
CA GLY N 104 -22.85 -31.80 -22.46
C GLY N 104 -23.84 -32.89 -22.82
N THR N 105 -24.12 -32.97 -24.12
CA THR N 105 -25.03 -33.98 -24.62
C THR N 105 -24.45 -35.36 -24.44
N PRO N 106 -25.21 -36.32 -23.90
CA PRO N 106 -24.68 -37.68 -23.72
C PRO N 106 -24.33 -38.31 -25.06
N GLY N 107 -23.15 -38.95 -25.09
CA GLY N 107 -22.60 -39.49 -26.31
C GLY N 107 -21.73 -38.54 -27.10
N LYS N 108 -21.77 -37.24 -26.79
CA LYS N 108 -20.98 -36.25 -27.49
C LYS N 108 -20.09 -35.45 -26.54
N ARG N 109 -19.73 -36.01 -25.40
CA ARG N 109 -18.83 -35.35 -24.45
C ARG N 109 -17.42 -35.87 -24.70
N MET N 110 -16.52 -34.96 -25.08
CA MET N 110 -15.18 -35.32 -25.51
C MET N 110 -14.15 -34.63 -24.64
N ALA N 111 -12.91 -35.14 -24.69
CA ALA N 111 -11.77 -34.54 -24.04
C ALA N 111 -10.50 -35.11 -24.66
N LEU N 112 -9.57 -34.22 -25.00
CA LEU N 112 -8.32 -34.68 -25.57
C LEU N 112 -7.48 -35.38 -24.50
N PRO N 113 -6.65 -36.36 -24.88
CA PRO N 113 -6.12 -37.34 -23.90
C PRO N 113 -5.32 -36.76 -22.73
N ASN N 114 -4.73 -35.58 -22.88
CA ASN N 114 -3.94 -34.99 -21.80
C ASN N 114 -4.68 -33.89 -21.07
N ALA N 115 -6.01 -33.87 -21.16
CA ALA N 115 -6.79 -32.88 -20.43
C ALA N 115 -7.02 -33.33 -18.99
N ARG N 116 -7.29 -32.37 -18.12
CA ARG N 116 -7.51 -32.61 -16.70
C ARG N 116 -8.97 -32.39 -16.36
N VAL N 117 -9.47 -33.17 -15.38
CA VAL N 117 -10.83 -33.03 -14.88
C VAL N 117 -10.73 -33.01 -13.36
N LEU N 118 -10.97 -31.85 -12.77
CA LEU N 118 -10.89 -31.68 -11.32
C LEU N 118 -12.29 -31.49 -10.77
N ILE N 119 -12.77 -32.45 -9.99
CA ILE N 119 -14.09 -32.41 -9.37
C ILE N 119 -13.92 -32.44 -7.86
N HIS N 120 -14.42 -31.41 -7.20
CA HIS N 120 -14.48 -31.39 -5.74
C HIS N 120 -15.69 -30.56 -5.33
N GLN N 121 -15.97 -30.57 -4.02
CA GLN N 121 -17.12 -29.85 -3.51
C GLN N 121 -16.90 -28.34 -3.65
N PRO N 122 -17.97 -27.57 -3.86
CA PRO N 122 -17.81 -26.12 -4.01
C PRO N 122 -17.37 -25.47 -2.70
N SER N 123 -16.52 -24.45 -2.84
CA SER N 123 -15.95 -23.75 -1.71
C SER N 123 -16.22 -22.26 -1.85
N LEU N 124 -16.08 -21.54 -0.74
CA LEU N 124 -16.26 -20.09 -0.71
C LEU N 124 -14.93 -19.42 -0.95
N SER N 125 -14.92 -18.43 -1.84
CA SER N 125 -13.69 -17.70 -2.16
C SER N 125 -13.37 -16.71 -1.07
N GLY N 126 -12.66 -17.16 -0.03
CA GLY N 126 -12.32 -16.30 1.08
C GLY N 126 -13.18 -16.57 2.31
N VAL N 127 -13.34 -15.54 3.13
CA VAL N 127 -14.11 -15.63 4.37
C VAL N 127 -15.35 -14.76 4.22
N ILE N 128 -16.50 -15.31 4.59
CA ILE N 128 -17.76 -14.57 4.61
C ILE N 128 -18.17 -14.40 6.08
N GLN N 129 -18.23 -13.15 6.53
CA GLN N 129 -18.54 -12.84 7.92
C GLN N 129 -20.04 -12.58 8.10
N GLY N 130 -20.46 -12.54 9.34
CA GLY N 130 -21.85 -12.30 9.67
C GLY N 130 -22.25 -13.01 10.94
N GLN N 131 -23.52 -12.82 11.31
CA GLN N 131 -24.05 -13.49 12.48
C GLN N 131 -24.18 -14.99 12.24
N PHE N 132 -24.29 -15.75 13.33
CA PHE N 132 -24.33 -17.20 13.25
C PHE N 132 -25.55 -17.72 12.50
N SER N 133 -26.66 -16.97 12.51
CA SER N 133 -27.81 -17.36 11.70
C SER N 133 -27.52 -17.16 10.21
N ASP N 134 -26.86 -16.06 9.85
CA ASP N 134 -26.47 -15.85 8.47
C ASP N 134 -25.41 -16.86 8.04
N LEU N 135 -24.49 -17.22 8.95
CA LEU N 135 -23.51 -18.24 8.64
C LEU N 135 -24.16 -19.60 8.47
N GLU N 136 -25.19 -19.89 9.27
CA GLU N 136 -25.94 -21.14 9.12
C GLU N 136 -26.67 -21.17 7.78
N ILE N 137 -27.22 -20.02 7.37
CA ILE N 137 -27.90 -19.94 6.07
C ILE N 137 -26.91 -20.15 4.94
N GLN N 138 -25.73 -19.51 5.03
CA GLN N 138 -24.71 -19.69 4.00
C GLN N 138 -24.19 -21.13 3.97
N ALA N 139 -24.11 -21.78 5.13
CA ALA N 139 -23.67 -23.17 5.18
C ALA N 139 -24.71 -24.10 4.56
N ALA N 140 -26.00 -23.87 4.86
CA ALA N 140 -27.05 -24.65 4.21
C ALA N 140 -27.08 -24.39 2.71
N GLU N 141 -26.76 -23.17 2.29
CA GLU N 141 -26.73 -22.87 0.86
C GLU N 141 -25.56 -23.56 0.16
N ILE N 142 -24.38 -23.58 0.78
CA ILE N 142 -23.26 -24.27 0.14
C ILE N 142 -23.45 -25.79 0.22
N GLU N 143 -24.20 -26.28 1.21
CA GLU N 143 -24.55 -27.69 1.23
C GLU N 143 -25.53 -28.02 0.11
N ARG N 144 -26.47 -27.11 -0.16
CA ARG N 144 -27.36 -27.27 -1.30
C ARG N 144 -26.58 -27.21 -2.61
N MET N 145 -25.55 -26.36 -2.67
CA MET N 145 -24.68 -26.32 -3.85
C MET N 145 -23.95 -27.64 -4.05
N ARG N 146 -23.40 -28.19 -2.96
CA ARG N 146 -22.72 -29.49 -3.04
C ARG N 146 -23.68 -30.58 -3.47
N THR N 147 -24.89 -30.60 -2.92
CA THR N 147 -25.87 -31.61 -3.29
C THR N 147 -26.32 -31.45 -4.73
N LEU N 148 -26.47 -30.22 -5.21
CA LEU N 148 -26.89 -29.99 -6.59
C LEU N 148 -25.79 -30.38 -7.57
N MET N 149 -24.53 -30.10 -7.22
CA MET N 149 -23.41 -30.52 -8.06
C MET N 149 -23.32 -32.04 -8.11
N GLU N 150 -23.52 -32.70 -6.96
CA GLU N 150 -23.49 -34.16 -6.92
C GLU N 150 -24.64 -34.75 -7.71
N THR N 151 -25.82 -34.13 -7.65
CA THR N 151 -26.96 -34.63 -8.41
C THR N 151 -26.75 -34.43 -9.91
N THR N 152 -26.17 -33.30 -10.32
CA THR N 152 -25.87 -33.06 -11.72
C THR N 152 -24.85 -34.06 -12.23
N LEU N 153 -23.78 -34.29 -11.47
CA LEU N 153 -22.78 -35.27 -11.89
C LEU N 153 -23.31 -36.70 -11.87
N ALA N 154 -24.26 -36.99 -10.99
CA ALA N 154 -24.87 -38.32 -10.97
C ALA N 154 -25.79 -38.52 -12.17
N ARG N 155 -26.53 -37.48 -12.56
CA ARG N 155 -27.44 -37.59 -13.69
C ARG N 155 -26.69 -37.52 -15.02
N HIS N 156 -25.47 -36.97 -15.03
CA HIS N 156 -24.73 -36.82 -16.27
C HIS N 156 -23.65 -37.87 -16.46
N THR N 157 -23.12 -38.46 -15.39
CA THR N 157 -22.08 -39.47 -15.50
C THR N 157 -22.58 -40.89 -15.29
N GLY N 158 -23.84 -41.07 -14.91
CA GLY N 158 -24.39 -42.38 -14.69
C GLY N 158 -24.12 -42.98 -13.33
N LYS N 159 -23.33 -42.31 -12.49
CA LYS N 159 -23.02 -42.83 -11.17
C LYS N 159 -24.08 -42.44 -10.16
N ASP N 160 -23.92 -42.95 -8.94
CA ASP N 160 -24.81 -42.60 -7.84
C ASP N 160 -24.28 -41.36 -7.12
N ALA N 161 -25.20 -40.58 -6.56
CA ALA N 161 -24.84 -39.32 -5.91
C ALA N 161 -23.93 -39.53 -4.70
N GLY N 162 -24.00 -40.69 -4.05
CA GLY N 162 -23.11 -40.95 -2.93
C GLY N 162 -21.68 -41.17 -3.35
N VAL N 163 -21.46 -41.83 -4.49
CA VAL N 163 -20.11 -42.00 -5.02
C VAL N 163 -19.52 -40.66 -5.42
N ILE N 164 -20.34 -39.78 -6.00
CA ILE N 164 -19.91 -38.42 -6.30
C ILE N 164 -19.62 -37.66 -5.01
N ARG N 165 -20.37 -37.96 -3.94
CA ARG N 165 -20.16 -37.25 -2.68
C ARG N 165 -18.84 -37.64 -2.04
N LYS N 166 -18.52 -38.94 -2.04
CA LYS N 166 -17.22 -39.34 -1.50
C LYS N 166 -16.08 -38.89 -2.39
N ASP N 167 -16.28 -38.93 -3.72
CA ASP N 167 -15.19 -38.60 -4.64
C ASP N 167 -14.90 -37.09 -4.64
N THR N 168 -15.94 -36.26 -4.69
CA THR N 168 -15.78 -34.82 -4.64
C THR N 168 -15.69 -34.27 -3.22
N ASP N 169 -15.48 -35.14 -2.23
CA ASP N 169 -15.21 -34.66 -0.88
C ASP N 169 -13.90 -33.88 -0.84
N ARG N 170 -12.90 -34.32 -1.58
CA ARG N 170 -11.66 -33.60 -1.79
C ARG N 170 -11.42 -33.45 -3.28
N ASP N 171 -10.24 -32.95 -3.64
CA ASP N 171 -9.93 -32.72 -5.05
C ASP N 171 -9.73 -34.03 -5.78
N LYS N 172 -10.76 -34.48 -6.51
CA LYS N 172 -10.68 -35.69 -7.33
C LYS N 172 -10.19 -35.27 -8.72
N ILE N 173 -8.95 -35.64 -9.04
CA ILE N 173 -8.32 -35.23 -10.28
C ILE N 173 -8.18 -36.44 -11.19
N LEU N 174 -8.72 -36.32 -12.40
CA LEU N 174 -8.74 -37.41 -13.37
C LEU N 174 -8.16 -36.94 -14.69
N THR N 175 -7.60 -37.88 -15.45
CA THR N 175 -7.20 -37.62 -16.82
C THR N 175 -8.42 -37.75 -17.74
N ALA N 176 -8.17 -37.76 -19.05
CA ALA N 176 -9.26 -37.92 -20.00
C ALA N 176 -9.81 -39.34 -19.98
N GLU N 177 -8.92 -40.32 -19.89
CA GLU N 177 -9.36 -41.73 -19.83
C GLU N 177 -10.08 -41.92 -18.49
N GLU N 178 -9.47 -41.41 -17.43
CA GLU N 178 -10.07 -41.57 -16.11
C GLU N 178 -11.42 -40.88 -16.01
N ALA N 179 -11.59 -39.76 -16.73
CA ALA N 179 -12.89 -39.12 -16.77
C ALA N 179 -13.88 -39.89 -17.63
N LYS N 180 -13.40 -40.60 -18.64
CA LYS N 180 -14.29 -41.43 -19.45
C LYS N 180 -14.75 -42.66 -18.68
N ASP N 181 -13.85 -43.29 -17.91
CA ASP N 181 -14.26 -44.37 -17.04
C ASP N 181 -15.14 -43.85 -15.90
N TYR N 182 -14.90 -42.62 -15.45
CA TYR N 182 -15.75 -42.00 -14.45
C TYR N 182 -17.10 -41.59 -15.00
N GLY N 183 -17.17 -41.28 -16.30
CA GLY N 183 -18.41 -40.87 -16.92
C GLY N 183 -18.54 -39.38 -17.21
N ILE N 184 -17.50 -38.59 -16.93
CA ILE N 184 -17.56 -37.16 -17.21
C ILE N 184 -17.63 -36.91 -18.72
N ILE N 185 -16.92 -37.72 -19.50
CA ILE N 185 -16.96 -37.66 -20.95
C ILE N 185 -17.39 -39.02 -21.48
N ASP N 186 -17.90 -39.03 -22.70
CA ASP N 186 -18.33 -40.26 -23.35
C ASP N 186 -17.35 -40.79 -24.39
N THR N 187 -16.37 -39.98 -24.79
CA THR N 187 -15.39 -40.42 -25.78
C THR N 187 -14.09 -39.66 -25.56
N VAL N 188 -12.97 -40.37 -25.69
CA VAL N 188 -11.67 -39.73 -25.77
C VAL N 188 -11.39 -39.47 -27.24
N LEU N 189 -11.03 -38.24 -27.58
CA LEU N 189 -10.79 -37.84 -28.96
C LEU N 189 -9.34 -38.13 -29.33
N GLU N 190 -9.18 -38.94 -30.36
CA GLU N 190 -7.84 -39.34 -30.82
C GLU N 190 -7.20 -38.18 -31.56
N TYR N 191 -5.87 -38.20 -31.69
CA TYR N 191 -5.25 -37.16 -32.51
C TYR N 191 -5.47 -37.48 -33.98
N ARG N 192 -6.29 -36.68 -34.64
CA ARG N 192 -6.66 -36.93 -36.03
C ARG N 192 -5.72 -36.24 -37.02
N LYS N 193 -4.47 -36.04 -36.63
CA LYS N 193 -3.47 -35.51 -37.55
C LYS N 193 -3.25 -36.51 -38.69
N LEU N 194 -3.14 -35.99 -39.92
CA LEU N 194 -3.02 -36.84 -41.08
C LEU N 194 -1.67 -37.57 -41.11
N SER N 195 -0.63 -36.96 -40.55
CA SER N 195 0.68 -37.60 -40.49
C SER N 195 0.83 -38.43 -39.23
N1 BO2 O . -7.64 24.76 16.26
C2 BO2 O . -6.97 24.58 15.12
C3 BO2 O . -7.62 24.51 13.90
N4 BO2 O . -8.93 24.59 13.79
C5 BO2 O . -9.61 24.77 14.93
C6 BO2 O . -8.96 24.85 16.14
C7 BO2 O . -5.48 24.47 15.21
O8 BO2 O . -4.96 23.78 16.08
N9 BO2 O . -4.80 25.14 14.28
C10 BO2 O . -3.36 25.09 14.20
C11 BO2 O . -2.87 23.92 13.34
C12 BO2 O . -3.47 22.58 13.66
C13 BO2 O . -4.65 22.17 13.07
C14 BO2 O . -5.20 20.94 13.36
C15 BO2 O . -4.56 20.08 14.22
C16 BO2 O . -3.37 20.47 14.80
C17 BO2 O . -2.83 21.71 14.52
C18 BO2 O . -2.85 26.36 13.56
O19 BO2 O . -2.69 26.40 12.35
N20 BO2 O . -2.47 27.36 14.35
C21 BO2 O . -1.15 27.95 14.16
C22 BO2 O . -1.12 29.42 14.55
C23 BO2 O . -1.85 29.79 15.83
C24 BO2 O . -1.02 29.38 17.04
C25 BO2 O . -2.12 31.28 15.88
B26 BO2 O . -0.16 26.89 14.92
O27 BO2 O . 0.35 25.88 13.94
O28 BO2 O . -0.90 26.27 16.04
N1 BO2 P . -21.48 5.24 21.00
C2 BO2 P . -20.76 5.88 20.07
C3 BO2 P . -21.20 6.03 18.78
N4 BO2 P . -22.39 5.55 18.38
C5 BO2 P . -23.11 4.93 19.31
C6 BO2 P . -22.67 4.78 20.60
C7 BO2 P . -19.42 6.39 20.50
O8 BO2 P . -18.46 5.62 20.58
N9 BO2 P . -19.37 7.68 20.84
C10 BO2 P . -18.89 8.77 20.02
C11 BO2 P . -18.68 8.37 18.56
C12 BO2 P . -17.55 7.38 18.43
C13 BO2 P . -17.69 6.24 17.66
C14 BO2 P . -16.65 5.32 17.58
C15 BO2 P . -15.50 5.53 18.30
C16 BO2 P . -15.36 6.64 19.08
C17 BO2 P . -16.40 7.56 19.16
C18 BO2 P . -19.82 9.97 20.17
O19 BO2 P . -20.89 10.03 19.58
N20 BO2 P . -19.45 10.92 21.00
C21 BO2 P . -19.43 12.32 20.59
C22 BO2 P . -20.49 13.14 21.34
C23 BO2 P . -21.14 12.47 22.55
C24 BO2 P . -20.14 12.23 23.67
C25 BO2 P . -22.30 13.31 23.07
B26 BO2 P . -17.91 12.87 20.76
O27 BO2 P . -17.61 13.81 19.65
O28 BO2 P . -16.93 11.76 20.63
N1 BO2 Q . 29.83 6.69 1.25
C2 BO2 Q . 29.12 5.72 0.67
C3 BO2 Q . 28.46 5.91 -0.53
N4 BO2 Q . 28.52 7.07 -1.19
C5 BO2 Q . 29.22 8.03 -0.60
C6 BO2 Q . 29.87 7.84 0.59
C7 BO2 Q . 29.03 4.41 1.38
O8 BO2 Q . 28.84 4.37 2.59
N9 BO2 Q . 29.18 3.33 0.61
C10 BO2 Q . 29.01 2.00 1.14
C11 BO2 Q . 27.57 1.52 1.02
C12 BO2 Q . 26.52 2.47 1.53
C13 BO2 Q . 26.00 3.45 0.70
C14 BO2 Q . 25.03 4.33 1.17
C15 BO2 Q . 24.57 4.23 2.46
C16 BO2 Q . 25.08 3.26 3.28
C17 BO2 Q . 26.04 2.39 2.82
C18 BO2 Q . 29.88 1.02 0.37
O19 BO2 Q . 29.42 0.47 -0.62
N20 BO2 Q . 31.07 0.70 0.86
C21 BO2 Q . 31.44 -0.71 0.91
C22 BO2 Q . 32.94 -0.93 0.69
C23 BO2 Q . 33.89 -0.03 1.45
C24 BO2 Q . 34.32 -0.69 2.75
C25 BO2 Q . 35.13 0.25 0.62
B26 BO2 Q . 30.73 -1.26 2.27
O27 BO2 Q . 29.43 -1.93 1.95
O28 BO2 Q . 30.55 -0.12 3.21
N1 BO2 R . 25.24 -17.01 2.57
C2 BO2 R . 24.01 -17.34 2.16
C3 BO2 R . 23.63 -17.24 0.83
N4 BO2 R . 24.47 -16.81 -0.11
C5 BO2 R . 25.69 -16.48 0.31
C6 BO2 R . 26.06 -16.58 1.63
C7 BO2 R . 23.04 -17.82 3.18
O8 BO2 R . 22.96 -17.27 4.27
N9 BO2 R . 22.29 -18.85 2.81
C10 BO2 R . 21.35 -19.47 3.70
C11 BO2 R . 19.92 -19.04 3.40
C12 BO2 R . 19.77 -17.55 3.54
C13 BO2 R . 19.97 -16.71 2.46
C14 BO2 R . 19.85 -15.34 2.60
C15 BO2 R . 19.55 -14.79 3.82
C16 BO2 R . 19.36 -15.61 4.91
C17 BO2 R . 19.47 -16.98 4.77
C18 BO2 R . 21.52 -20.97 3.56
O19 BO2 R . 21.91 -21.45 2.50
N20 BO2 R . 21.26 -21.72 4.63
C21 BO2 R . 20.36 -22.87 4.54
C22 BO2 R . 21.16 -24.18 4.61
C23 BO2 R . 22.49 -24.11 5.35
C24 BO2 R . 22.75 -25.37 6.15
C25 BO2 R . 23.62 -23.88 4.38
B26 BO2 R . 19.17 -22.65 5.63
O27 BO2 R . 17.86 -23.04 5.05
O28 BO2 R . 19.06 -21.22 6.02
N1 BO2 S . 4.92 -28.32 10.12
C2 BO2 S . 3.78 -27.78 9.70
C3 BO2 S . 3.37 -27.84 8.38
N4 BO2 S . 4.12 -28.45 7.46
C5 BO2 S . 5.27 -28.98 7.88
C6 BO2 S . 5.67 -28.91 9.19
C7 BO2 S . 2.92 -27.10 10.71
O8 BO2 S . 3.41 -26.38 11.58
N9 BO2 S . 1.61 -27.31 10.58
C10 BO2 S . 0.66 -26.77 11.50
C11 BO2 S . -0.02 -25.53 10.92
C12 BO2 S . 1.00 -24.46 10.58
C13 BO2 S . 1.59 -24.42 9.32
C14 BO2 S . 2.53 -23.46 9.02
C15 BO2 S . 2.90 -22.53 9.96
C16 BO2 S . 2.32 -22.56 11.22
C17 BO2 S . 1.38 -23.53 11.52
C18 BO2 S . -0.36 -27.86 11.77
O19 BO2 S . -0.63 -28.67 10.90
N20 BO2 S . -0.92 -27.90 12.97
C21 BO2 S . -2.37 -27.99 13.13
C22 BO2 S . -2.77 -29.32 13.77
C23 BO2 S . -1.66 -30.08 14.48
C24 BO2 S . -2.18 -30.78 15.72
C25 BO2 S . -1.04 -31.12 13.55
B26 BO2 S . -2.88 -26.65 13.91
O27 BO2 S . -4.16 -26.18 13.34
O28 BO2 S . -1.90 -25.54 13.75
N1 BO2 T . -16.24 -18.38 18.33
C2 BO2 T . -16.55 -17.26 17.67
C3 BO2 T . -16.88 -17.24 16.34
N4 BO2 T . -16.92 -18.37 15.61
C5 BO2 T . -16.61 -19.49 16.26
C6 BO2 T . -16.28 -19.50 17.59
C7 BO2 T . -16.50 -15.98 18.45
O8 BO2 T . -15.64 -15.79 19.30
N9 BO2 T . -17.44 -15.10 18.15
C10 BO2 T . -17.59 -13.86 18.88
C11 BO2 T . -16.82 -12.71 18.22
C12 BO2 T . -15.55 -13.10 17.52
C13 BO2 T . -15.56 -13.74 16.30
C14 BO2 T . -14.39 -14.09 15.66
C15 BO2 T . -13.18 -13.80 16.25
C16 BO2 T . -13.15 -13.16 17.46
C17 BO2 T . -14.33 -12.80 18.09
C18 BO2 T . -19.07 -13.50 18.87
O19 BO2 T . -19.58 -13.09 17.83
N20 BO2 T . -19.72 -13.50 20.03
C21 BO2 T . -20.61 -12.38 20.34
C22 BO2 T . -21.79 -12.81 21.22
C23 BO2 T . -21.53 -13.97 22.18
C24 BO2 T . -21.20 -13.47 23.56
C25 BO2 T . -22.76 -14.87 22.24
B26 BO2 T . -19.68 -11.15 20.87
O27 BO2 T . -19.85 -9.95 20.00
O28 BO2 T . -18.25 -11.53 20.86
N1 BO2 U . 1.66 -27.16 -11.35
C2 BO2 U . 0.74 -26.43 -11.98
C3 BO2 U . -0.59 -26.46 -11.62
N4 BO2 U . -1.03 -27.24 -10.62
C5 BO2 U . -0.11 -27.97 -10.00
C6 BO2 U . 1.22 -27.93 -10.35
C7 BO2 U . 1.20 -25.55 -13.11
O8 BO2 U . 0.38 -24.91 -13.77
N9 BO2 U . 2.50 -25.55 -13.35
C10 BO2 U . 3.13 -24.41 -13.96
C11 BO2 U . 3.15 -23.22 -13.00
C12 BO2 U . 3.46 -21.90 -13.65
C13 BO2 U . 2.44 -21.03 -14.00
C14 BO2 U . 2.73 -19.81 -14.58
C15 BO2 U . 4.03 -19.45 -14.82
C16 BO2 U . 5.05 -20.31 -14.49
C17 BO2 U . 4.77 -21.52 -13.89
C18 BO2 U . 4.54 -24.75 -14.44
O19 BO2 U . 5.46 -24.88 -13.63
N20 BO2 U . 4.70 -24.91 -15.74
C21 BO2 U . 5.97 -25.32 -16.34
C22 BO2 U . 5.70 -26.19 -17.56
C23 BO2 U . 6.78 -27.21 -17.86
C24 BO2 U . 7.85 -27.20 -16.78
C25 BO2 U . 6.20 -28.59 -18.03
B26 BO2 U . 6.93 -24.03 -16.65
O27 BO2 U . 8.20 -24.16 -15.88
O28 BO2 U . 6.26 -22.76 -16.27
N1 BO2 V . 15.20 25.38 7.48
C2 BO2 V . 15.46 24.51 6.51
C3 BO2 V . 14.84 24.57 5.28
N4 BO2 V . 13.93 25.51 4.99
C5 BO2 V . 13.67 26.37 5.96
C6 BO2 V . 14.30 26.32 7.19
C7 BO2 V . 16.47 23.44 6.80
O8 BO2 V . 16.47 22.88 7.89
N9 BO2 V . 17.32 23.17 5.83
C10 BO2 V . 18.21 22.04 5.88
C11 BO2 V . 17.55 20.76 5.37
C12 BO2 V . 16.21 20.42 5.97
C13 BO2 V . 15.04 20.90 5.40
C14 BO2 V . 13.81 20.59 5.96
C15 BO2 V . 13.75 19.78 7.07
C16 BO2 V . 14.90 19.30 7.64
C17 BO2 V . 16.12 19.61 7.08
C18 BO2 V . 19.45 22.29 5.04
O19 BO2 V . 19.46 21.93 3.87
N20 BO2 V . 20.55 22.75 5.63
C21 BO2 V . 21.80 22.03 5.44
C22 BO2 V . 23.00 22.96 5.46
C23 BO2 V . 23.02 24.06 6.51
C24 BO2 V . 24.10 23.78 7.55
C25 BO2 V . 23.29 25.40 5.87
B26 BO2 V . 21.63 20.78 6.50
O27 BO2 V . 20.88 19.67 5.85
O28 BO2 V . 20.91 21.31 7.69
N1 BO2 W . 19.96 -12.41 -17.94
C2 BO2 W . 18.73 -12.38 -18.46
C3 BO2 W . 17.88 -13.47 -18.40
N4 BO2 W . 18.23 -14.61 -17.82
C5 BO2 W . 19.46 -14.64 -17.31
C6 BO2 W . 20.31 -13.57 -17.37
C7 BO2 W . 18.29 -11.11 -19.13
O8 BO2 W . 17.27 -11.07 -19.81
N9 BO2 W . 19.06 -10.05 -18.91
C10 BO2 W . 18.66 -8.72 -19.29
C11 BO2 W . 18.00 -7.98 -18.12
C12 BO2 W . 16.64 -7.43 -18.41
C13 BO2 W . 16.44 -6.07 -18.57
C14 BO2 W . 15.18 -5.56 -18.84
C15 BO2 W . 14.11 -6.41 -18.95
C16 BO2 W . 14.28 -7.76 -18.79
C17 BO2 W . 15.54 -8.27 -18.53
C18 BO2 W . 19.89 -7.97 -19.78
O19 BO2 W . 20.75 -7.60 -18.98
N20 BO2 W . 19.98 -7.72 -21.07
C21 BO2 W . 20.97 -6.81 -21.63
C22 BO2 W . 21.25 -7.15 -23.07
C23 BO2 W . 22.71 -6.98 -23.48
C24 BO2 W . 23.53 -6.43 -22.32
C25 BO2 W . 23.29 -8.30 -23.96
B26 BO2 W . 20.53 -5.25 -21.37
O27 BO2 W . 21.49 -4.61 -20.44
O28 BO2 W . 19.18 -5.16 -20.75
N1 BO2 X . 20.74 11.67 -17.55
C2 BO2 X . 19.89 10.93 -18.25
C3 BO2 X . 20.16 9.62 -18.62
N4 BO2 X . 21.33 9.04 -18.30
C5 BO2 X . 22.19 9.78 -17.62
C6 BO2 X . 21.90 11.08 -17.25
C7 BO2 X . 18.58 11.55 -18.63
O8 BO2 X . 17.73 10.90 -19.26
N9 BO2 X . 18.40 12.81 -18.26
C10 BO2 X . 17.08 13.38 -18.17
C11 BO2 X . 16.32 12.79 -16.98
C12 BO2 X . 14.86 13.18 -16.92
C13 BO2 X . 14.49 14.42 -16.42
C14 BO2 X . 13.15 14.78 -16.36
C15 BO2 X . 12.18 13.91 -16.78
C16 BO2 X . 12.54 12.67 -17.26
C17 BO2 X . 13.87 12.31 -17.34
C18 BO2 X . 17.14 14.90 -18.09
O19 BO2 X . 17.55 15.47 -17.08
N20 BO2 X . 16.71 15.56 -19.16
C21 BO2 X . 16.70 17.02 -19.26
C22 BO2 X . 17.07 17.43 -20.67
C23 BO2 X . 17.85 18.73 -20.77
C24 BO2 X . 18.21 19.24 -19.39
C25 BO2 X . 19.10 18.54 -21.61
B26 BO2 X . 15.26 17.64 -18.75
O27 BO2 X . 15.45 18.33 -17.44
O28 BO2 X . 14.24 16.57 -18.59
N1 BO2 Y . 3.51 27.34 -10.48
C2 BO2 Y . 3.43 26.46 -11.48
C3 BO2 Y . 4.56 25.92 -12.06
N4 BO2 Y . 5.78 26.27 -11.67
C5 BO2 Y . 5.85 27.16 -10.69
C6 BO2 Y . 4.74 27.69 -10.10
C7 BO2 Y . 2.07 26.05 -11.94
O8 BO2 Y . 1.93 25.19 -12.81
N9 BO2 Y . 1.05 26.67 -11.37
C10 BO2 Y . -0.21 26.01 -11.19
C11 BO2 Y . -0.06 24.81 -10.26
C12 BO2 Y . -1.14 23.77 -10.44
C13 BO2 Y . -2.36 23.92 -9.80
C14 BO2 Y . -3.35 22.97 -9.97
C15 BO2 Y . -3.12 21.87 -10.76
C16 BO2 Y . -1.92 21.72 -11.39
C17 BO2 Y . -0.92 22.66 -11.24
C18 BO2 Y . -1.28 26.97 -10.65
O19 BO2 Y . -1.31 27.29 -9.47
N20 BO2 Y . -2.16 27.42 -11.54
C21 BO2 Y . -3.25 28.32 -11.21
C22 BO2 Y . -3.53 29.24 -12.38
C23 BO2 Y . -3.89 30.67 -12.01
C24 BO2 Y . -3.96 30.82 -10.50
C25 BO2 Y . -2.90 31.65 -12.60
B26 BO2 Y . -4.57 27.49 -10.72
O27 BO2 Y . -4.96 27.92 -9.34
O28 BO2 Y . -4.32 26.03 -10.71
N1 BO2 Z . -18.92 22.68 -2.03
C2 BO2 Z . -18.42 22.37 -3.22
C3 BO2 Z . -17.33 23.03 -3.76
N4 BO2 Z . -16.73 24.03 -3.11
C5 BO2 Z . -17.23 24.34 -1.92
C6 BO2 Z . -18.31 23.67 -1.38
C7 BO2 Z . -19.08 21.27 -3.99
O8 BO2 Z . -18.63 20.89 -5.08
N9 BO2 Z . -20.17 20.75 -3.44
C10 BO2 Z . -20.52 19.37 -3.64
C11 BO2 Z . -19.43 18.46 -3.08
C12 BO2 Z . -19.44 17.06 -3.63
C13 BO2 Z . -20.31 16.11 -3.12
C14 BO2 Z . -20.33 14.83 -3.64
C15 BO2 Z . -19.49 14.49 -4.66
C16 BO2 Z . -18.62 15.42 -5.18
C17 BO2 Z . -18.60 16.71 -4.67
C18 BO2 Z . -21.87 19.05 -2.99
O19 BO2 Z . -22.06 19.23 -1.80
N20 BO2 Z . -22.80 18.54 -3.80
C21 BO2 Z . -24.18 18.31 -3.41
C22 BO2 Z . -25.10 19.15 -4.28
C23 BO2 Z . -26.38 19.59 -3.61
C24 BO2 Z . -26.35 19.24 -2.13
C25 BO2 Z . -26.60 21.08 -3.78
B26 BO2 Z . -24.54 16.71 -3.43
O27 BO2 Z . -24.87 16.25 -2.05
O28 BO2 Z . -23.38 15.92 -3.92
N1 BO2 AA . -29.49 1.01 1.36
C2 BO2 AA . -29.02 1.49 0.22
C3 BO2 AA . -28.81 2.84 0.02
N4 BO2 AA . -29.08 3.74 0.96
C5 BO2 AA . -29.55 3.26 2.11
C6 BO2 AA . -29.76 1.92 2.31
C7 BO2 AA . -28.72 0.51 -0.88
O8 BO2 AA . -28.33 0.90 -1.98
N9 BO2 AA . -28.94 -0.76 -0.59
C10 BO2 AA . -28.24 -1.81 -1.29
C11 BO2 AA . -26.75 -1.78 -0.93
C12 BO2 AA . -25.90 -2.69 -1.76
C13 BO2 AA . -25.12 -2.19 -2.79
C14 BO2 AA . -24.33 -3.03 -3.55
C15 BO2 AA . -24.31 -4.39 -3.30
C16 BO2 AA . -25.08 -4.90 -2.29
C17 BO2 AA . -25.87 -4.05 -1.52
C18 BO2 AA . -28.84 -3.19 -0.98
O19 BO2 AA . -28.80 -3.66 0.14
N20 BO2 AA . -29.40 -3.83 -2.01
C21 BO2 AA . -30.12 -5.08 -1.84
C22 BO2 AA . -31.51 -4.96 -2.46
C23 BO2 AA . -32.61 -5.62 -1.66
C24 BO2 AA . -32.03 -6.70 -0.76
C25 BO2 AA . -33.67 -6.20 -2.57
B26 BO2 AA . -29.22 -6.35 -2.41
O27 BO2 AA . -28.77 -7.19 -1.26
O28 BO2 AA . -28.00 -5.87 -3.11
N1 BO2 BA . -20.20 -21.26 -2.79
C2 BO2 BA . -20.32 -20.33 -3.73
C3 BO2 BA . -21.20 -19.27 -3.62
N4 BO2 BA . -22.00 -19.14 -2.55
C5 BO2 BA . -21.89 -20.08 -1.61
C6 BO2 BA . -20.99 -21.12 -1.73
C7 BO2 BA . -19.44 -20.44 -4.95
O8 BO2 BA . -19.67 -19.74 -5.94
N9 BO2 BA . -18.45 -21.31 -4.88
C10 BO2 BA . -17.46 -21.43 -5.93
C11 BO2 BA . -16.21 -20.61 -5.62
C12 BO2 BA . -16.52 -19.16 -5.38
C13 BO2 BA . -16.39 -18.23 -6.40
C14 BO2 BA . -16.69 -16.90 -6.18
C15 BO2 BA . -17.12 -16.47 -4.95
C16 BO2 BA . -17.25 -17.39 -3.93
C17 BO2 BA . -16.96 -18.72 -4.14
C18 BO2 BA . -17.09 -22.88 -6.15
O19 BO2 BA . -16.61 -23.56 -5.24
N20 BO2 BA . -17.26 -23.36 -7.38
C21 BO2 BA . -16.71 -24.63 -7.82
C22 BO2 BA . -17.71 -25.35 -8.70
C23 BO2 BA . -17.86 -26.83 -8.42
C24 BO2 BA . -17.01 -27.23 -7.24
C25 BO2 BA . -19.30 -27.18 -8.18
B26 BO2 BA . -15.25 -24.44 -8.55
O27 BO2 BA . -14.37 -23.55 -7.71
O28 BO2 BA . -15.44 -23.81 -9.89
#